data_5YQ3
#
_entry.id   5YQ3
#
_entity_poly.entity_id   1
_entity_poly.type   'polypeptide(L)'
_entity_poly.pdbx_seq_one_letter_code
;MAVGILEVSLISGKGLKRSDFLGKIDPYVEIQYKGQTRKSSVAKEDGGRNPTWNDKLKWRAEFPGSGADYKLIVKVMDHD
TFSSDDFIGEATVHVKELLEMGVEKGTAELRPTKYNIVDSDLSFVGELLIGVSYSLLQDRGMDGEQFGGWKHSNVDHHHH
HH
;
_entity_poly.pdbx_strand_id   A
#
# COMPACT_ATOMS: atom_id res chain seq x y z
N MET A 1 -14.65 9.44 8.64
CA MET A 1 -14.49 10.41 9.71
C MET A 1 -13.73 9.79 10.89
N ALA A 2 -12.44 9.53 10.67
CA ALA A 2 -11.60 8.95 11.71
C ALA A 2 -10.18 9.51 11.65
N VAL A 3 -9.62 9.82 12.81
CA VAL A 3 -8.27 10.36 12.88
C VAL A 3 -7.33 9.39 13.58
N GLY A 4 -6.43 8.78 12.82
CA GLY A 4 -5.48 7.85 13.39
C GLY A 4 -4.33 7.55 12.45
N ILE A 5 -3.41 6.69 12.90
CA ILE A 5 -2.26 6.33 12.09
C ILE A 5 -2.54 5.09 11.25
N LEU A 6 -2.11 5.12 10.00
CA LEU A 6 -2.32 4.00 9.09
C LEU A 6 -1.12 3.05 9.12
N GLU A 7 -1.36 1.79 8.75
CA GLU A 7 -0.31 0.78 8.73
C GLU A 7 -0.18 0.15 7.36
N VAL A 8 1.06 0.00 6.89
CA VAL A 8 1.32 -0.60 5.59
C VAL A 8 2.39 -1.68 5.68
N SER A 9 2.27 -2.70 4.85
CA SER A 9 3.23 -3.80 4.83
C SER A 9 4.25 -3.62 3.71
N LEU A 10 5.52 -3.72 4.05
CA LEU A 10 6.59 -3.57 3.07
C LEU A 10 6.83 -4.87 2.32
N ILE A 11 5.80 -5.36 1.64
CA ILE A 11 5.91 -6.60 0.89
C ILE A 11 6.60 -6.37 -0.45
N SER A 12 5.88 -5.78 -1.39
CA SER A 12 6.44 -5.51 -2.71
C SER A 12 5.79 -4.27 -3.33
N GLY A 13 6.27 -3.87 -4.50
CA GLY A 13 5.73 -2.71 -5.18
C GLY A 13 6.52 -2.33 -6.42
N LYS A 14 5.82 -1.89 -7.45
CA LYS A 14 6.46 -1.50 -8.69
C LYS A 14 6.39 0.01 -8.90
N GLY A 15 7.54 0.62 -9.17
CA GLY A 15 7.60 2.06 -9.37
C GLY A 15 7.57 2.44 -10.84
N LEU A 16 6.37 2.61 -11.39
CA LEU A 16 6.22 2.98 -12.79
C LEU A 16 6.71 4.40 -13.04
N LYS A 17 6.76 5.20 -11.98
CA LYS A 17 7.22 6.58 -12.08
C LYS A 17 8.69 6.70 -11.70
N ARG A 18 9.28 7.85 -12.01
CA ARG A 18 10.69 8.08 -11.70
C ARG A 18 10.85 9.28 -10.77
N SER A 19 12.09 9.60 -10.42
CA SER A 19 12.38 10.71 -9.53
C SER A 19 13.81 11.22 -9.73
N ASP A 20 14.25 12.10 -8.84
CA ASP A 20 15.59 12.65 -8.92
C ASP A 20 16.64 11.60 -8.57
N PHE A 21 16.99 10.77 -9.55
CA PHE A 21 17.97 9.72 -9.35
C PHE A 21 17.49 8.71 -8.31
N LEU A 22 17.17 7.50 -8.78
CA LEU A 22 16.70 6.44 -7.90
C LEU A 22 17.70 5.29 -7.83
N GLY A 23 18.39 5.18 -6.70
CA GLY A 23 19.37 4.13 -6.53
C GLY A 23 19.18 3.36 -5.23
N LYS A 24 20.29 3.03 -4.58
CA LYS A 24 20.24 2.29 -3.33
C LYS A 24 20.32 3.24 -2.14
N ILE A 25 19.91 4.48 -2.34
CA ILE A 25 19.93 5.49 -1.29
C ILE A 25 18.53 5.99 -0.98
N ASP A 26 17.70 6.10 -2.00
CA ASP A 26 16.33 6.57 -1.84
C ASP A 26 15.54 5.61 -0.96
N PRO A 27 15.41 4.35 -1.41
CA PRO A 27 14.68 3.32 -0.68
C PRO A 27 15.39 2.89 0.60
N TYR A 28 15.10 3.60 1.69
CA TYR A 28 15.72 3.29 2.97
C TYR A 28 14.70 2.70 3.94
N VAL A 29 15.17 1.83 4.84
CA VAL A 29 14.31 1.19 5.81
C VAL A 29 14.21 2.03 7.09
N GLU A 30 13.11 1.85 7.82
CA GLU A 30 12.91 2.59 9.06
C GLU A 30 13.69 1.94 10.21
N ILE A 31 14.91 2.43 10.43
CA ILE A 31 15.75 1.91 11.50
C ILE A 31 16.39 3.04 12.30
N GLN A 32 16.07 3.11 13.58
CA GLN A 32 16.61 4.14 14.46
C GLN A 32 16.54 3.71 15.92
N TYR A 33 17.35 4.35 16.75
CA TYR A 33 17.40 4.03 18.17
C TYR A 33 17.49 5.29 19.02
N LYS A 34 17.02 6.40 18.45
CA LYS A 34 17.05 7.68 19.15
C LYS A 34 15.66 8.06 19.66
N GLY A 35 14.80 8.49 18.73
CA GLY A 35 13.45 8.87 19.10
C GLY A 35 12.52 8.96 17.90
N GLN A 36 13.06 9.44 16.79
CA GLN A 36 12.26 9.57 15.57
C GLN A 36 12.61 8.48 14.56
N THR A 37 11.74 8.26 13.59
CA THR A 37 11.96 7.25 12.56
C THR A 37 11.48 7.73 11.20
N ARG A 38 12.01 7.13 10.14
CA ARG A 38 11.63 7.48 8.78
C ARG A 38 11.13 6.26 8.02
N LYS A 39 10.05 6.45 7.27
CA LYS A 39 9.46 5.38 6.49
C LYS A 39 10.07 5.32 5.09
N SER A 40 10.21 4.11 4.55
CA SER A 40 10.78 3.93 3.22
C SER A 40 9.95 4.66 2.17
N SER A 41 10.59 5.53 1.42
CA SER A 41 9.91 6.29 0.37
C SER A 41 9.37 5.37 -0.72
N VAL A 42 8.93 5.96 -1.81
CA VAL A 42 8.38 5.18 -2.93
C VAL A 42 9.31 4.04 -3.30
N ALA A 43 8.76 3.07 -4.04
CA ALA A 43 9.54 1.91 -4.47
C ALA A 43 10.60 2.32 -5.49
N LYS A 44 11.69 1.54 -5.54
CA LYS A 44 12.77 1.81 -6.47
C LYS A 44 12.64 0.95 -7.73
N GLU A 45 11.45 0.95 -8.32
CA GLU A 45 11.20 0.16 -9.53
C GLU A 45 11.34 -1.33 -9.23
N ASP A 46 10.21 -2.01 -9.08
CA ASP A 46 10.20 -3.44 -8.80
C ASP A 46 11.15 -3.78 -7.65
N GLY A 47 10.63 -3.71 -6.42
CA GLY A 47 11.45 -4.01 -5.27
C GLY A 47 10.82 -5.04 -4.37
N GLY A 48 10.03 -5.94 -4.95
CA GLY A 48 9.37 -6.97 -4.19
C GLY A 48 10.33 -8.05 -3.72
N ARG A 49 11.53 -8.04 -4.28
CA ARG A 49 12.54 -9.03 -3.91
C ARG A 49 12.76 -9.06 -2.41
N ASN A 50 12.50 -7.93 -1.76
CA ASN A 50 12.67 -7.82 -0.32
C ASN A 50 11.50 -8.46 0.42
N PRO A 51 11.74 -8.87 1.68
CA PRO A 51 10.71 -9.50 2.51
C PRO A 51 9.63 -8.51 2.93
N THR A 52 8.72 -8.97 3.80
CA THR A 52 7.63 -8.13 4.28
C THR A 52 7.86 -7.71 5.73
N TRP A 53 8.49 -8.59 6.49
CA TRP A 53 8.77 -8.32 7.90
C TRP A 53 9.93 -7.34 8.05
N ASN A 54 10.53 -6.97 6.92
CA ASN A 54 11.66 -6.04 6.92
C ASN A 54 11.33 -4.79 7.73
N ASP A 55 10.15 -4.22 7.48
CA ASP A 55 9.71 -3.02 8.18
C ASP A 55 8.30 -2.62 7.76
N LYS A 56 7.69 -1.72 8.52
CA LYS A 56 6.34 -1.26 8.22
C LYS A 56 6.32 0.25 8.05
N LEU A 57 5.31 0.75 7.34
CA LEU A 57 5.17 2.18 7.10
C LEU A 57 3.94 2.74 7.82
N LYS A 58 4.10 3.93 8.40
CA LYS A 58 3.00 4.57 9.12
C LYS A 58 2.82 6.01 8.65
N TRP A 59 1.58 6.48 8.70
CA TRP A 59 1.26 7.85 8.28
C TRP A 59 0.10 8.41 9.08
N ARG A 60 0.02 9.74 9.16
CA ARG A 60 -1.05 10.40 9.89
C ARG A 60 -2.30 10.53 9.04
N ALA A 61 -3.44 10.13 9.60
CA ALA A 61 -4.71 10.19 8.89
C ALA A 61 -5.74 10.97 9.69
N GLU A 62 -6.54 11.78 9.00
CA GLU A 62 -7.57 12.58 9.65
C GLU A 62 -8.92 12.38 8.98
N PHE A 63 -9.98 12.73 9.69
CA PHE A 63 -11.34 12.59 9.16
C PHE A 63 -11.45 13.20 7.77
N PRO A 64 -11.80 12.35 6.79
CA PRO A 64 -11.95 12.78 5.39
C PRO A 64 -13.16 13.69 5.19
N GLY A 65 -14.25 13.37 5.86
CA GLY A 65 -15.46 14.16 5.75
C GLY A 65 -16.70 13.31 5.51
N SER A 66 -17.75 13.58 6.27
CA SER A 66 -19.00 12.84 6.14
C SER A 66 -19.41 12.72 4.67
N GLY A 67 -19.65 11.50 4.23
CA GLY A 67 -20.05 11.28 2.85
C GLY A 67 -21.53 10.99 2.71
N ALA A 68 -22.13 10.48 3.79
CA ALA A 68 -23.55 10.17 3.78
C ALA A 68 -23.95 9.41 2.52
N ASP A 69 -23.78 8.09 2.55
CA ASP A 69 -24.10 7.26 1.40
C ASP A 69 -23.24 7.60 0.20
N TYR A 70 -23.60 7.07 -0.96
CA TYR A 70 -22.85 7.32 -2.18
C TYR A 70 -21.44 6.74 -2.09
N LYS A 71 -20.74 6.72 -3.22
CA LYS A 71 -19.38 6.20 -3.26
C LYS A 71 -19.36 4.71 -2.94
N LEU A 72 -19.34 3.87 -3.97
CA LEU A 72 -19.33 2.43 -3.79
C LEU A 72 -17.89 1.92 -3.62
N ILE A 73 -17.10 2.02 -4.69
CA ILE A 73 -15.72 1.58 -4.65
C ILE A 73 -15.63 0.07 -4.42
N VAL A 74 -16.75 -0.62 -4.60
CA VAL A 74 -16.80 -2.07 -4.42
C VAL A 74 -17.06 -2.77 -5.74
N LYS A 75 -17.33 -2.00 -6.79
CA LYS A 75 -17.60 -2.55 -8.10
C LYS A 75 -16.56 -2.08 -9.12
N VAL A 76 -15.30 -2.42 -8.88
CA VAL A 76 -14.21 -2.03 -9.77
C VAL A 76 -13.11 -3.07 -9.77
N MET A 77 -13.48 -4.33 -9.59
CA MET A 77 -12.52 -5.43 -9.58
C MET A 77 -12.69 -6.30 -10.81
N ASP A 78 -12.02 -7.46 -10.82
CA ASP A 78 -12.09 -8.39 -11.93
C ASP A 78 -12.47 -9.79 -11.44
N HIS A 79 -12.92 -10.62 -12.38
CA HIS A 79 -13.32 -11.99 -12.04
C HIS A 79 -14.32 -11.99 -10.89
N ASP A 80 -15.61 -11.87 -11.22
CA ASP A 80 -16.66 -11.86 -10.22
C ASP A 80 -17.78 -12.81 -10.60
N THR A 81 -17.63 -14.08 -10.24
CA THR A 81 -18.64 -15.09 -10.56
C THR A 81 -19.30 -15.62 -9.30
N PHE A 82 -18.57 -15.57 -8.18
CA PHE A 82 -19.08 -16.04 -6.91
C PHE A 82 -18.13 -15.69 -5.77
N SER A 83 -16.84 -15.98 -5.97
CA SER A 83 -15.83 -15.70 -4.96
C SER A 83 -14.43 -15.97 -5.52
N SER A 84 -13.82 -14.93 -6.08
CA SER A 84 -12.48 -15.04 -6.64
C SER A 84 -11.46 -15.38 -5.57
N ASP A 85 -10.35 -15.99 -5.97
CA ASP A 85 -9.29 -16.36 -5.05
C ASP A 85 -8.09 -15.43 -5.18
N ASP A 86 -7.53 -15.36 -6.38
CA ASP A 86 -6.38 -14.51 -6.64
C ASP A 86 -6.71 -13.04 -6.37
N PHE A 87 -5.70 -12.27 -5.98
CA PHE A 87 -5.89 -10.86 -5.69
C PHE A 87 -4.81 -10.01 -6.37
N ILE A 88 -5.19 -8.82 -6.80
CA ILE A 88 -4.26 -7.91 -7.46
C ILE A 88 -3.55 -7.02 -6.45
N GLY A 89 -4.31 -6.12 -5.84
CA GLY A 89 -3.74 -5.21 -4.86
C GLY A 89 -4.56 -3.94 -4.70
N GLU A 90 -3.99 -2.95 -4.01
CA GLU A 90 -4.67 -1.68 -3.79
C GLU A 90 -3.68 -0.53 -3.79
N ALA A 91 -4.07 0.58 -4.43
CA ALA A 91 -3.22 1.76 -4.49
C ALA A 91 -3.95 3.00 -4.00
N THR A 92 -3.23 4.10 -3.92
CA THR A 92 -3.82 5.36 -3.46
C THR A 92 -5.07 5.71 -4.26
N VAL A 93 -6.22 5.25 -3.78
CA VAL A 93 -7.48 5.50 -4.46
C VAL A 93 -8.63 5.63 -3.45
N HIS A 94 -9.69 6.30 -3.86
CA HIS A 94 -10.85 6.49 -2.99
C HIS A 94 -11.14 5.23 -2.18
N VAL A 95 -10.77 5.25 -0.91
CA VAL A 95 -10.99 4.11 -0.03
C VAL A 95 -11.14 4.55 1.42
N LYS A 96 -11.62 5.77 1.61
CA LYS A 96 -11.82 6.32 2.94
C LYS A 96 -12.79 5.47 3.74
N GLU A 97 -13.57 4.65 3.05
CA GLU A 97 -14.54 3.78 3.69
C GLU A 97 -13.86 2.89 4.72
N LEU A 98 -12.57 2.64 4.53
CA LEU A 98 -11.80 1.80 5.44
C LEU A 98 -11.41 2.58 6.70
N LEU A 99 -10.78 3.73 6.49
CA LEU A 99 -10.34 4.57 7.61
C LEU A 99 -11.55 5.15 8.34
N GLU A 100 -12.63 5.38 7.61
CA GLU A 100 -13.84 5.93 8.19
C GLU A 100 -14.53 4.91 9.09
N MET A 101 -14.40 3.64 8.73
CA MET A 101 -15.01 2.55 9.50
C MET A 101 -14.20 2.27 10.76
N GLY A 102 -13.02 2.86 10.85
CA GLY A 102 -12.17 2.65 12.01
C GLY A 102 -12.72 3.29 13.26
N VAL A 103 -13.06 4.57 13.17
CA VAL A 103 -13.62 5.30 14.31
C VAL A 103 -14.85 4.60 14.86
N GLU A 104 -15.47 3.77 14.04
CA GLU A 104 -16.67 3.04 14.44
C GLU A 104 -16.43 2.31 15.76
N LYS A 105 -15.44 1.44 15.77
CA LYS A 105 -15.10 0.67 16.97
C LYS A 105 -13.70 1.01 17.46
N GLY A 106 -13.04 1.92 16.77
CA GLY A 106 -11.69 2.32 17.14
C GLY A 106 -10.64 1.79 16.19
N THR A 107 -11.02 0.80 15.38
CA THR A 107 -10.10 0.21 14.41
C THR A 107 -10.85 -0.31 13.19
N ALA A 108 -10.15 -0.38 12.06
CA ALA A 108 -10.75 -0.86 10.82
C ALA A 108 -9.74 -1.64 10.00
N GLU A 109 -10.24 -2.52 9.13
CA GLU A 109 -9.38 -3.35 8.29
C GLU A 109 -10.09 -3.73 6.99
N LEU A 110 -9.39 -3.57 5.88
CA LEU A 110 -9.96 -3.89 4.57
C LEU A 110 -10.58 -5.28 4.57
N ARG A 111 -11.66 -5.45 3.81
CA ARG A 111 -12.35 -6.72 3.73
C ARG A 111 -11.63 -7.68 2.78
N PRO A 112 -11.91 -8.98 2.92
CA PRO A 112 -11.30 -10.02 2.09
C PRO A 112 -11.79 -9.97 0.64
N THR A 113 -11.23 -9.04 -0.14
CA THR A 113 -11.62 -8.90 -1.53
C THR A 113 -10.50 -8.26 -2.35
N LYS A 114 -10.37 -8.68 -3.60
CA LYS A 114 -9.35 -8.14 -4.48
C LYS A 114 -9.72 -6.76 -5.00
N TYR A 115 -9.29 -5.73 -4.29
CA TYR A 115 -9.59 -4.35 -4.67
C TYR A 115 -9.08 -4.06 -6.08
N ASN A 116 -9.22 -2.80 -6.50
CA ASN A 116 -8.77 -2.39 -7.83
C ASN A 116 -7.41 -1.71 -7.76
N ILE A 117 -6.50 -2.14 -8.61
CA ILE A 117 -5.16 -1.55 -8.65
C ILE A 117 -4.52 -1.72 -10.04
N VAL A 118 -5.36 -1.95 -11.04
CA VAL A 118 -4.89 -2.13 -12.40
C VAL A 118 -5.19 -0.91 -13.26
N ASP A 119 -4.25 -0.53 -14.10
CA ASP A 119 -4.41 0.63 -14.97
C ASP A 119 -5.72 0.55 -15.75
N SER A 120 -6.71 1.32 -15.32
CA SER A 120 -8.01 1.32 -15.97
C SER A 120 -8.62 2.72 -15.97
N ASP A 121 -9.11 3.14 -14.80
CA ASP A 121 -9.71 4.46 -14.67
C ASP A 121 -10.11 4.73 -13.22
N LEU A 122 -9.11 5.02 -12.38
CA LEU A 122 -9.35 5.30 -10.96
C LEU A 122 -8.49 6.45 -10.48
N SER A 123 -7.20 6.17 -10.29
CA SER A 123 -6.27 7.19 -9.82
C SER A 123 -4.83 6.83 -10.21
N PHE A 124 -4.68 6.20 -11.38
CA PHE A 124 -3.36 5.80 -11.86
C PHE A 124 -2.75 4.75 -10.94
N VAL A 125 -3.57 3.79 -10.50
CA VAL A 125 -3.10 2.74 -9.62
C VAL A 125 -1.89 2.02 -10.21
N GLY A 126 -1.31 1.11 -9.43
CA GLY A 126 -0.15 0.37 -9.90
C GLY A 126 -0.02 -0.98 -9.22
N GLU A 127 1.00 -1.14 -8.39
CA GLU A 127 1.23 -2.39 -7.69
C GLU A 127 1.43 -2.15 -6.20
N LEU A 128 0.76 -2.95 -5.38
CA LEU A 128 0.87 -2.82 -3.92
C LEU A 128 0.39 -4.10 -3.23
N LEU A 129 0.69 -4.21 -1.94
CA LEU A 129 0.29 -5.37 -1.16
C LEU A 129 -1.02 -5.12 -0.43
N ILE A 130 -1.81 -6.17 -0.24
CA ILE A 130 -3.08 -6.06 0.44
C ILE A 130 -2.93 -6.35 1.93
N GLY A 131 -3.59 -5.53 2.75
CA GLY A 131 -3.51 -5.70 4.19
C GLY A 131 -3.42 -4.37 4.93
N VAL A 132 -3.16 -3.30 4.19
CA VAL A 132 -3.05 -1.97 4.77
C VAL A 132 -4.34 -1.58 5.49
N SER A 133 -4.38 -1.81 6.81
CA SER A 133 -5.54 -1.48 7.60
C SER A 133 -5.37 -0.15 8.30
N TYR A 134 -6.45 0.37 8.87
CA TYR A 134 -6.41 1.66 9.58
C TYR A 134 -6.92 1.50 11.00
N SER A 135 -6.26 2.21 11.93
CA SER A 135 -6.64 2.16 13.34
C SER A 135 -6.51 3.53 13.98
N LEU A 136 -7.22 3.72 15.09
CA LEU A 136 -7.18 4.99 15.81
C LEU A 136 -5.98 5.06 16.74
N LEU A 137 -5.05 5.97 16.43
CA LEU A 137 -3.84 6.14 17.23
C LEU A 137 -3.02 7.31 16.72
N GLN A 138 -1.97 7.66 17.47
CA GLN A 138 -1.10 8.77 17.10
C GLN A 138 0.26 8.64 17.76
N ASP A 139 0.65 7.41 18.08
CA ASP A 139 1.93 7.14 18.72
C ASP A 139 2.91 6.50 17.75
N ARG A 140 3.30 7.25 16.72
CA ARG A 140 4.22 6.76 15.72
C ARG A 140 5.52 6.28 16.36
N GLY A 141 5.64 4.97 16.52
CA GLY A 141 6.84 4.41 17.14
C GLY A 141 8.01 4.36 16.17
N MET A 142 8.91 3.41 16.39
CA MET A 142 10.09 3.27 15.53
C MET A 142 10.19 1.85 14.98
N ASP A 143 10.59 0.91 15.83
CA ASP A 143 10.73 -0.47 15.43
C ASP A 143 11.60 -0.60 14.18
N GLY A 144 11.63 -1.80 13.60
CA GLY A 144 12.42 -2.03 12.41
C GLY A 144 13.75 -2.70 12.71
N GLU A 145 14.39 -3.22 11.68
CA GLU A 145 15.67 -3.90 11.85
C GLU A 145 16.51 -3.80 10.58
N GLN A 146 17.83 -3.69 10.75
CA GLN A 146 18.74 -3.58 9.62
C GLN A 146 18.47 -4.68 8.59
N PHE A 147 18.51 -4.31 7.31
CA PHE A 147 18.27 -5.27 6.24
C PHE A 147 18.43 -4.61 4.88
N GLY A 148 18.46 -5.42 3.83
CA GLY A 148 18.61 -4.90 2.48
C GLY A 148 18.21 -5.90 1.42
N GLY A 149 18.49 -5.57 0.16
CA GLY A 149 18.15 -6.47 -0.93
C GLY A 149 18.75 -6.02 -2.25
N TRP A 150 18.18 -6.51 -3.35
CA TRP A 150 18.66 -6.16 -4.67
C TRP A 150 17.67 -6.61 -5.75
N LYS A 151 18.02 -6.34 -7.01
CA LYS A 151 17.16 -6.73 -8.12
C LYS A 151 17.91 -6.59 -9.45
N HIS A 152 17.29 -7.04 -10.53
CA HIS A 152 17.89 -6.97 -11.86
C HIS A 152 16.83 -6.75 -12.93
N SER A 153 16.07 -7.79 -13.24
CA SER A 153 15.02 -7.71 -14.24
C SER A 153 14.30 -9.04 -14.39
N ASN A 154 13.37 -9.11 -15.34
CA ASN A 154 12.61 -10.33 -15.58
C ASN A 154 11.64 -10.14 -16.74
N VAL A 155 12.02 -10.64 -17.91
CA VAL A 155 11.18 -10.53 -19.10
C VAL A 155 11.33 -11.76 -19.99
N ASP A 156 10.26 -12.10 -20.69
CA ASP A 156 10.27 -13.25 -21.59
C ASP A 156 8.95 -13.37 -22.35
N HIS A 157 8.99 -14.03 -23.49
CA HIS A 157 7.80 -14.22 -24.32
C HIS A 157 7.58 -15.68 -24.65
N HIS A 158 6.65 -15.95 -25.55
CA HIS A 158 6.36 -17.32 -25.97
C HIS A 158 5.93 -17.36 -27.43
N HIS A 159 6.92 -17.36 -28.32
CA HIS A 159 6.64 -17.40 -29.76
C HIS A 159 7.44 -18.52 -30.43
N HIS A 160 6.73 -19.39 -31.15
CA HIS A 160 7.36 -20.51 -31.84
C HIS A 160 7.04 -20.49 -33.33
N HIS A 161 6.76 -19.29 -33.85
CA HIS A 161 6.42 -19.14 -35.26
C HIS A 161 6.24 -17.67 -35.62
N HIS A 162 5.85 -17.41 -36.86
CA HIS A 162 5.63 -16.04 -37.33
C HIS A 162 4.25 -15.90 -37.95
N MET A 1 -10.99 1.58 10.12
CA MET A 1 -11.13 1.48 11.56
C MET A 1 -10.12 0.50 12.15
N ALA A 2 -8.86 0.66 11.75
CA ALA A 2 -7.79 -0.21 12.24
C ALA A 2 -6.45 0.51 12.21
N VAL A 3 -5.64 0.29 13.24
CA VAL A 3 -4.33 0.92 13.33
C VAL A 3 -3.22 -0.13 13.26
N GLY A 4 -2.50 -0.14 12.14
CA GLY A 4 -1.42 -1.10 11.97
C GLY A 4 -0.49 -0.71 10.84
N ILE A 5 0.74 -1.24 10.88
CA ILE A 5 1.73 -0.94 9.86
C ILE A 5 1.31 -1.50 8.50
N LEU A 6 1.55 -0.72 7.44
CA LEU A 6 1.19 -1.14 6.09
C LEU A 6 2.41 -1.69 5.35
N GLU A 7 2.16 -2.53 4.36
CA GLU A 7 3.24 -3.12 3.57
C GLU A 7 3.02 -2.89 2.09
N VAL A 8 4.05 -2.39 1.41
CA VAL A 8 3.97 -2.12 -0.02
C VAL A 8 5.04 -2.89 -0.78
N SER A 9 4.74 -3.25 -2.02
CA SER A 9 5.66 -4.00 -2.87
C SER A 9 6.43 -3.06 -3.79
N LEU A 10 7.76 -3.18 -3.77
CA LEU A 10 8.62 -2.35 -4.60
C LEU A 10 8.60 -2.83 -6.05
N ILE A 11 7.43 -2.79 -6.67
CA ILE A 11 7.29 -3.22 -8.05
C ILE A 11 7.48 -2.05 -9.02
N SER A 12 6.51 -1.16 -9.05
CA SER A 12 6.58 0.01 -9.94
C SER A 12 5.88 1.21 -9.30
N GLY A 13 5.94 2.35 -9.98
CA GLY A 13 5.31 3.55 -9.47
C GLY A 13 5.86 4.81 -10.10
N LYS A 14 5.02 5.83 -10.22
CA LYS A 14 5.44 7.10 -10.81
C LYS A 14 5.28 8.24 -9.81
N GLY A 15 6.30 9.10 -9.74
CA GLY A 15 6.27 10.23 -8.83
C GLY A 15 5.26 11.29 -9.25
N LEU A 16 3.99 11.07 -8.89
CA LEU A 16 2.94 12.01 -9.24
C LEU A 16 3.18 13.37 -8.60
N LYS A 17 4.00 13.39 -7.55
CA LYS A 17 4.33 14.62 -6.85
C LYS A 17 5.73 15.09 -7.19
N ARG A 18 6.09 16.28 -6.72
CA ARG A 18 7.42 16.84 -6.98
C ARG A 18 7.62 17.06 -8.47
N SER A 19 8.87 17.38 -8.84
CA SER A 19 9.19 17.63 -10.25
C SER A 19 9.19 16.33 -11.05
N ASP A 20 9.48 16.44 -12.35
CA ASP A 20 9.51 15.28 -13.22
C ASP A 20 10.89 15.08 -13.82
N PHE A 21 11.88 14.84 -12.95
CA PHE A 21 13.26 14.64 -13.39
C PHE A 21 13.93 13.53 -12.58
N LEU A 22 15.25 13.52 -12.59
CA LEU A 22 16.02 12.52 -11.86
C LEU A 22 15.74 11.12 -12.40
N GLY A 23 16.64 10.63 -13.25
CA GLY A 23 16.46 9.31 -13.83
C GLY A 23 16.92 8.21 -12.89
N LYS A 24 17.98 7.51 -13.29
CA LYS A 24 18.51 6.41 -12.48
C LYS A 24 19.88 6.79 -11.90
N ILE A 25 20.23 8.06 -12.01
CA ILE A 25 21.50 8.55 -11.50
C ILE A 25 21.64 8.27 -10.00
N ASP A 26 20.52 8.31 -9.30
CA ASP A 26 20.51 8.06 -7.85
C ASP A 26 19.08 8.07 -7.31
N PRO A 27 18.28 7.10 -7.75
CA PRO A 27 16.88 6.97 -7.33
C PRO A 27 16.76 6.54 -5.86
N TYR A 28 15.64 6.89 -5.25
CA TYR A 28 15.41 6.54 -3.85
C TYR A 28 15.12 5.05 -3.70
N VAL A 29 16.18 4.24 -3.71
CA VAL A 29 16.05 2.80 -3.57
C VAL A 29 17.00 2.26 -2.51
N GLU A 30 16.63 1.11 -1.93
CA GLU A 30 17.45 0.49 -0.90
C GLU A 30 18.62 -0.28 -1.51
N ILE A 31 19.76 0.40 -1.66
CA ILE A 31 20.94 -0.22 -2.24
C ILE A 31 22.18 0.12 -1.42
N GLN A 32 22.80 -0.91 -0.84
CA GLN A 32 23.99 -0.72 -0.04
C GLN A 32 24.79 -2.02 0.06
N TYR A 33 26.07 -1.90 0.42
CA TYR A 33 26.94 -3.06 0.55
C TYR A 33 27.87 -2.91 1.75
N LYS A 34 27.45 -2.12 2.72
CA LYS A 34 28.23 -1.90 3.93
C LYS A 34 27.65 -2.65 5.11
N GLY A 35 26.54 -2.14 5.64
CA GLY A 35 25.90 -2.78 6.77
C GLY A 35 24.47 -2.30 6.99
N GLN A 36 24.25 -1.01 6.77
CA GLN A 36 22.92 -0.43 6.93
C GLN A 36 22.27 -0.17 5.58
N THR A 37 20.95 0.01 5.59
CA THR A 37 20.21 0.27 4.37
C THR A 37 19.08 1.26 4.60
N ARG A 38 18.63 1.92 3.54
CA ARG A 38 17.55 2.89 3.63
C ARG A 38 16.30 2.39 2.92
N LYS A 39 15.16 3.02 3.21
CA LYS A 39 13.90 2.64 2.60
C LYS A 39 13.66 3.46 1.33
N SER A 40 13.18 2.78 0.29
CA SER A 40 12.90 3.44 -0.99
C SER A 40 11.79 4.48 -0.83
N SER A 41 12.09 5.71 -1.25
CA SER A 41 11.12 6.79 -1.14
C SER A 41 10.12 6.75 -2.30
N VAL A 42 9.30 7.78 -2.41
CA VAL A 42 8.30 7.86 -3.47
C VAL A 42 8.94 7.68 -4.85
N ALA A 43 8.18 7.15 -5.79
CA ALA A 43 8.67 6.94 -7.14
C ALA A 43 8.99 8.27 -7.82
N LYS A 44 9.72 8.18 -8.94
CA LYS A 44 10.09 9.39 -9.69
C LYS A 44 10.44 9.03 -11.13
N GLU A 45 9.80 9.71 -12.07
CA GLU A 45 10.06 9.47 -13.49
C GLU A 45 9.67 8.04 -13.87
N ASP A 46 8.91 7.39 -13.01
CA ASP A 46 8.46 6.02 -13.25
C ASP A 46 9.66 5.07 -13.31
N GLY A 47 9.81 4.26 -12.27
CA GLY A 47 10.92 3.32 -12.21
C GLY A 47 10.46 1.91 -11.89
N GLY A 48 9.74 1.29 -12.83
CA GLY A 48 9.26 -0.06 -12.62
C GLY A 48 10.37 -1.09 -12.69
N ARG A 49 11.52 -0.68 -13.18
CA ARG A 49 12.67 -1.58 -13.30
C ARG A 49 12.99 -2.24 -11.96
N ASN A 50 12.74 -1.50 -10.88
CA ASN A 50 13.00 -2.02 -9.53
C ASN A 50 12.02 -3.14 -9.18
N PRO A 51 12.57 -4.35 -9.02
CA PRO A 51 11.77 -5.54 -8.68
C PRO A 51 11.23 -5.49 -7.26
N THR A 52 10.20 -6.28 -6.99
CA THR A 52 9.58 -6.32 -5.67
C THR A 52 10.50 -7.02 -4.66
N TRP A 53 11.28 -7.97 -5.16
CA TRP A 53 12.20 -8.72 -4.30
C TRP A 53 13.38 -7.84 -3.88
N ASN A 54 13.47 -6.66 -4.48
CA ASN A 54 14.55 -5.73 -4.16
C ASN A 54 14.46 -5.26 -2.71
N ASP A 55 13.26 -4.88 -2.30
CA ASP A 55 13.04 -4.39 -0.95
C ASP A 55 11.55 -4.12 -0.70
N LYS A 56 11.19 -3.96 0.56
CA LYS A 56 9.80 -3.69 0.93
C LYS A 56 9.69 -2.37 1.70
N LEU A 57 8.58 -1.68 1.53
CA LEU A 57 8.35 -0.41 2.21
C LEU A 57 7.22 -0.54 3.23
N LYS A 58 7.39 0.13 4.37
CA LYS A 58 6.40 0.10 5.42
C LYS A 58 5.98 1.51 5.82
N TRP A 59 4.71 1.65 6.23
CA TRP A 59 4.19 2.95 6.64
C TRP A 59 3.22 2.80 7.81
N ARG A 60 2.95 3.90 8.49
CA ARG A 60 2.04 3.90 9.64
C ARG A 60 0.68 4.48 9.25
N ALA A 61 -0.38 3.75 9.60
CA ALA A 61 -1.74 4.19 9.29
C ALA A 61 -2.68 3.91 10.45
N GLU A 62 -3.54 4.87 10.75
CA GLU A 62 -4.50 4.71 11.85
C GLU A 62 -5.93 4.81 11.33
N PHE A 63 -6.88 4.34 12.14
CA PHE A 63 -8.28 4.37 11.77
C PHE A 63 -8.68 5.73 11.20
N PRO A 64 -9.68 5.73 10.31
CA PRO A 64 -10.16 6.96 9.68
C PRO A 64 -10.91 7.86 10.67
N GLY A 65 -11.33 7.28 11.79
CA GLY A 65 -12.05 8.05 12.80
C GLY A 65 -13.30 8.69 12.24
N SER A 66 -14.35 7.89 12.09
CA SER A 66 -15.62 8.39 11.56
C SER A 66 -15.45 8.88 10.12
N GLY A 67 -16.57 8.97 9.40
CA GLY A 67 -16.53 9.43 8.02
C GLY A 67 -16.46 8.28 7.03
N ALA A 68 -16.06 7.11 7.52
CA ALA A 68 -15.95 5.93 6.66
C ALA A 68 -17.30 5.58 6.04
N ASP A 69 -17.38 4.40 5.43
CA ASP A 69 -18.61 3.94 4.80
C ASP A 69 -18.99 4.85 3.63
N TYR A 70 -20.20 4.66 3.11
CA TYR A 70 -20.68 5.46 1.99
C TYR A 70 -19.85 5.20 0.75
N LYS A 71 -20.05 6.02 -0.28
CA LYS A 71 -19.32 5.89 -1.53
C LYS A 71 -19.63 4.56 -2.21
N LEU A 72 -19.36 4.48 -3.51
CA LEU A 72 -19.60 3.27 -4.27
C LEU A 72 -18.30 2.57 -4.63
N ILE A 73 -18.37 1.26 -4.86
CA ILE A 73 -17.19 0.48 -5.21
C ILE A 73 -17.34 -0.14 -6.60
N VAL A 74 -18.58 -0.42 -6.99
CA VAL A 74 -18.86 -1.01 -8.29
C VAL A 74 -18.37 -0.12 -9.42
N LYS A 75 -18.15 1.16 -9.10
CA LYS A 75 -17.68 2.12 -10.09
C LYS A 75 -16.20 2.42 -9.89
N VAL A 76 -15.35 1.51 -10.38
CA VAL A 76 -13.90 1.68 -10.27
C VAL A 76 -13.18 1.07 -11.45
N MET A 77 -13.60 1.45 -12.66
CA MET A 77 -12.99 0.93 -13.88
C MET A 77 -12.98 1.99 -14.97
N ASP A 78 -12.58 1.59 -16.17
CA ASP A 78 -12.53 2.51 -17.31
C ASP A 78 -12.71 1.76 -18.62
N HIS A 79 -13.53 0.71 -18.60
CA HIS A 79 -13.78 -0.09 -19.79
C HIS A 79 -15.08 -0.88 -19.64
N ASP A 80 -16.01 -0.36 -18.85
CA ASP A 80 -17.29 -1.02 -18.63
C ASP A 80 -18.03 -1.21 -19.95
N THR A 81 -17.74 -0.36 -20.92
CA THR A 81 -18.38 -0.44 -22.23
C THR A 81 -17.57 -1.30 -23.19
N PHE A 82 -17.11 -2.45 -22.70
CA PHE A 82 -16.32 -3.37 -23.51
C PHE A 82 -16.02 -4.65 -22.74
N SER A 83 -15.09 -4.55 -21.79
CA SER A 83 -14.70 -5.70 -20.99
C SER A 83 -13.64 -5.31 -19.96
N SER A 84 -14.08 -5.03 -18.74
CA SER A 84 -13.17 -4.64 -17.67
C SER A 84 -12.64 -5.87 -16.94
N ASP A 85 -11.73 -6.58 -17.60
CA ASP A 85 -11.14 -7.78 -17.02
C ASP A 85 -9.65 -7.57 -16.74
N ASP A 86 -9.03 -6.66 -17.50
CA ASP A 86 -7.62 -6.37 -17.35
C ASP A 86 -7.39 -5.35 -16.24
N PHE A 87 -6.73 -5.79 -15.16
CA PHE A 87 -6.45 -4.90 -14.04
C PHE A 87 -5.34 -3.91 -14.37
N ILE A 88 -5.44 -2.71 -13.82
CA ILE A 88 -4.44 -1.68 -14.06
C ILE A 88 -3.63 -1.40 -12.80
N GLY A 89 -4.27 -0.79 -11.81
CA GLY A 89 -3.59 -0.48 -10.56
C GLY A 89 -4.49 0.22 -9.57
N GLU A 90 -3.94 0.56 -8.40
CA GLU A 90 -4.70 1.23 -7.36
C GLU A 90 -3.81 2.16 -6.54
N ALA A 91 -4.32 3.34 -6.22
CA ALA A 91 -3.57 4.30 -5.43
C ALA A 91 -4.10 4.39 -4.01
N THR A 92 -3.40 5.14 -3.16
CA THR A 92 -3.81 5.31 -1.78
C THR A 92 -5.01 6.24 -1.66
N VAL A 93 -6.14 5.81 -2.21
CA VAL A 93 -7.36 6.61 -2.17
C VAL A 93 -8.60 5.73 -2.03
N HIS A 94 -9.54 6.16 -1.19
CA HIS A 94 -10.76 5.41 -0.96
C HIS A 94 -10.46 3.94 -0.67
N VAL A 95 -9.27 3.68 -0.12
CA VAL A 95 -8.86 2.33 0.20
C VAL A 95 -8.96 2.06 1.70
N LYS A 96 -9.73 2.90 2.38
CA LYS A 96 -9.92 2.76 3.82
C LYS A 96 -10.67 1.47 4.15
N GLU A 97 -11.37 0.94 3.16
CA GLU A 97 -12.14 -0.29 3.34
C GLU A 97 -11.20 -1.48 3.57
N LEU A 98 -9.99 -1.36 3.05
CA LEU A 98 -8.99 -2.43 3.20
C LEU A 98 -8.39 -2.42 4.60
N LEU A 99 -8.04 -1.23 5.08
CA LEU A 99 -7.46 -1.08 6.41
C LEU A 99 -8.52 -1.26 7.49
N GLU A 100 -9.74 -0.84 7.20
CA GLU A 100 -10.84 -0.96 8.15
C GLU A 100 -11.26 -2.42 8.31
N MET A 101 -11.13 -3.19 7.24
CA MET A 101 -11.49 -4.60 7.25
C MET A 101 -10.42 -5.44 7.95
N GLY A 102 -9.27 -4.82 8.19
CA GLY A 102 -8.17 -5.51 8.83
C GLY A 102 -8.46 -5.85 10.29
N VAL A 103 -8.90 -4.83 11.04
CA VAL A 103 -9.22 -5.02 12.45
C VAL A 103 -10.26 -6.11 12.64
N GLU A 104 -11.02 -6.40 11.57
CA GLU A 104 -12.06 -7.42 11.63
C GLU A 104 -11.50 -8.73 12.19
N LYS A 105 -10.48 -9.26 11.52
CA LYS A 105 -9.85 -10.51 11.95
C LYS A 105 -8.39 -10.30 12.29
N GLY A 106 -7.96 -9.04 12.26
CA GLY A 106 -6.57 -8.72 12.57
C GLY A 106 -5.75 -8.44 11.33
N THR A 107 -6.27 -8.83 10.17
CA THR A 107 -5.57 -8.62 8.90
C THR A 107 -6.56 -8.43 7.77
N ALA A 108 -6.10 -7.81 6.69
CA ALA A 108 -6.94 -7.57 5.52
C ALA A 108 -6.11 -7.53 4.24
N GLU A 109 -6.75 -7.80 3.11
CA GLU A 109 -6.07 -7.79 1.82
C GLU A 109 -7.03 -7.41 0.70
N LEU A 110 -6.56 -6.54 -0.20
CA LEU A 110 -7.38 -6.09 -1.32
C LEU A 110 -7.98 -7.28 -2.07
N ARG A 111 -9.20 -7.10 -2.57
CA ARG A 111 -9.88 -8.15 -3.30
C ARG A 111 -9.55 -8.09 -4.79
N PRO A 112 -9.77 -9.21 -5.50
CA PRO A 112 -9.48 -9.31 -6.94
C PRO A 112 -10.45 -8.47 -7.76
N THR A 113 -10.05 -7.24 -8.07
CA THR A 113 -10.88 -6.34 -8.86
C THR A 113 -10.04 -5.29 -9.57
N LYS A 114 -10.39 -4.99 -10.82
CA LYS A 114 -9.66 -4.00 -11.60
C LYS A 114 -10.10 -2.58 -11.25
N TYR A 115 -9.46 -2.00 -10.25
CA TYR A 115 -9.79 -0.64 -9.81
C TYR A 115 -9.37 0.39 -10.86
N ASN A 116 -9.66 1.66 -10.58
CA ASN A 116 -9.31 2.74 -11.50
C ASN A 116 -8.12 3.54 -10.96
N ILE A 117 -7.08 3.65 -11.77
CA ILE A 117 -5.88 4.39 -11.37
C ILE A 117 -5.32 5.17 -12.55
N VAL A 118 -6.09 5.26 -13.63
CA VAL A 118 -5.67 5.99 -14.81
C VAL A 118 -6.82 6.76 -15.43
N ASP A 119 -7.82 7.08 -14.61
CA ASP A 119 -8.99 7.83 -15.07
C ASP A 119 -9.07 9.19 -14.38
N SER A 120 -8.49 9.27 -13.19
CA SER A 120 -8.51 10.52 -12.42
C SER A 120 -9.93 10.90 -12.04
N ASP A 121 -10.75 9.90 -11.73
CA ASP A 121 -12.13 10.14 -11.36
C ASP A 121 -12.38 9.77 -9.90
N LEU A 122 -11.31 9.82 -9.10
CA LEU A 122 -11.40 9.49 -7.68
C LEU A 122 -10.75 10.58 -6.83
N SER A 123 -9.45 10.76 -7.01
CA SER A 123 -8.71 11.76 -6.25
C SER A 123 -7.33 12.00 -6.87
N PHE A 124 -7.29 12.10 -8.19
CA PHE A 124 -6.03 12.33 -8.90
C PHE A 124 -5.08 11.16 -8.71
N VAL A 125 -5.56 9.96 -9.05
CA VAL A 125 -4.75 8.75 -8.91
C VAL A 125 -3.47 8.86 -9.73
N GLY A 126 -2.68 7.78 -9.71
CA GLY A 126 -1.43 7.78 -10.45
C GLY A 126 -1.02 6.38 -10.89
N GLU A 127 0.05 5.88 -10.30
CA GLU A 127 0.55 4.54 -10.63
C GLU A 127 0.99 3.80 -9.38
N LEU A 128 0.59 2.53 -9.28
CA LEU A 128 0.95 1.70 -8.13
C LEU A 128 0.79 0.23 -8.45
N LEU A 129 1.35 -0.62 -7.60
CA LEU A 129 1.27 -2.07 -7.80
C LEU A 129 0.12 -2.67 -6.99
N ILE A 130 -0.48 -3.72 -7.52
CA ILE A 130 -1.58 -4.39 -6.85
C ILE A 130 -1.08 -5.51 -5.94
N GLY A 131 -1.40 -5.41 -4.65
CA GLY A 131 -0.98 -6.42 -3.70
C GLY A 131 -0.73 -5.85 -2.31
N VAL A 132 -0.62 -4.53 -2.24
CA VAL A 132 -0.39 -3.86 -0.95
C VAL A 132 -1.53 -4.13 0.02
N SER A 133 -1.37 -5.15 0.86
CA SER A 133 -2.39 -5.51 1.83
C SER A 133 -2.15 -4.78 3.15
N TYR A 134 -3.14 -4.85 4.04
CA TYR A 134 -3.06 -4.20 5.34
C TYR A 134 -3.23 -5.20 6.48
N SER A 135 -2.36 -5.11 7.47
CA SER A 135 -2.41 -6.02 8.61
C SER A 135 -2.12 -5.27 9.91
N LEU A 136 -2.70 -5.75 11.00
CA LEU A 136 -2.52 -5.13 12.31
C LEU A 136 -1.10 -5.39 12.83
N LEU A 137 -0.25 -4.38 12.73
CA LEU A 137 1.13 -4.49 13.21
C LEU A 137 1.48 -3.38 14.18
N GLN A 138 2.73 -3.33 14.60
CA GLN A 138 3.19 -2.31 15.52
C GLN A 138 3.74 -1.10 14.78
N ASP A 139 3.05 0.03 14.89
CA ASP A 139 3.47 1.26 14.23
C ASP A 139 4.00 2.27 15.23
N ARG A 140 5.30 2.53 15.15
CA ARG A 140 5.94 3.47 16.06
C ARG A 140 6.91 4.39 15.31
N GLY A 141 6.82 5.69 15.58
CA GLY A 141 7.68 6.65 14.92
C GLY A 141 7.40 8.07 15.34
N MET A 142 6.14 8.36 15.66
CA MET A 142 5.74 9.69 16.09
C MET A 142 5.43 9.72 17.57
N ASP A 143 4.86 10.83 18.04
CA ASP A 143 4.51 10.98 19.44
C ASP A 143 3.03 11.32 19.60
N GLY A 144 2.68 12.57 19.29
CA GLY A 144 1.31 12.99 19.40
C GLY A 144 0.44 12.50 18.25
N GLU A 145 -0.56 11.68 18.57
CA GLU A 145 -1.44 11.14 17.56
C GLU A 145 -2.80 10.78 18.16
N GLN A 146 -2.85 9.70 18.93
CA GLN A 146 -4.08 9.27 19.57
C GLN A 146 -3.86 7.99 20.38
N PHE A 147 -4.94 7.44 20.89
CA PHE A 147 -4.87 6.22 21.69
C PHE A 147 -6.10 5.33 21.47
N GLY A 148 -5.91 4.02 21.59
CA GLY A 148 -7.01 3.10 21.40
C GLY A 148 -6.60 1.87 20.61
N GLY A 149 -7.22 0.74 20.93
CA GLY A 149 -6.90 -0.51 20.25
C GLY A 149 -7.18 -1.73 21.10
N TRP A 150 -6.18 -2.16 21.86
CA TRP A 150 -6.33 -3.33 22.71
C TRP A 150 -6.71 -4.56 21.90
N LYS A 151 -5.71 -5.20 21.30
CA LYS A 151 -5.95 -6.39 20.49
C LYS A 151 -4.63 -7.10 20.18
N HIS A 152 -4.73 -8.34 19.71
CA HIS A 152 -3.55 -9.13 19.38
C HIS A 152 -3.95 -10.47 18.77
N SER A 153 -3.04 -11.06 17.99
CA SER A 153 -3.30 -12.34 17.34
C SER A 153 -2.09 -12.78 16.52
N ASN A 154 -1.73 -14.06 16.66
CA ASN A 154 -0.60 -14.62 15.94
C ASN A 154 -0.52 -16.13 16.13
N VAL A 155 -0.09 -16.82 15.08
CA VAL A 155 0.04 -18.28 15.13
C VAL A 155 1.18 -18.76 14.25
N ASP A 156 1.85 -19.83 14.69
CA ASP A 156 2.97 -20.38 13.95
C ASP A 156 3.52 -21.61 14.65
N HIS A 157 4.24 -22.45 13.90
CA HIS A 157 4.82 -23.67 14.45
C HIS A 157 5.66 -24.39 13.41
N HIS A 158 6.94 -24.01 13.32
CA HIS A 158 7.85 -24.62 12.36
C HIS A 158 8.42 -25.93 12.91
N HIS A 159 7.78 -27.04 12.56
CA HIS A 159 8.23 -28.35 13.03
C HIS A 159 8.97 -29.09 11.92
N HIS A 160 9.84 -30.01 12.31
CA HIS A 160 10.61 -30.80 11.35
C HIS A 160 10.65 -32.27 11.75
N HIS A 161 9.62 -32.71 12.44
CA HIS A 161 9.53 -34.10 12.90
C HIS A 161 10.69 -34.44 13.83
N HIS A 162 10.72 -35.68 14.30
CA HIS A 162 11.77 -36.14 15.21
C HIS A 162 12.44 -37.40 14.68
N MET A 1 -1.46 -9.20 10.76
CA MET A 1 -0.71 -9.87 11.81
C MET A 1 0.70 -10.21 11.33
N ALA A 2 1.26 -9.35 10.48
CA ALA A 2 2.60 -9.55 9.95
C ALA A 2 3.43 -8.27 10.04
N VAL A 3 4.71 -8.42 10.32
CA VAL A 3 5.61 -7.28 10.43
C VAL A 3 6.92 -7.53 9.70
N GLY A 4 7.12 -6.81 8.60
CA GLY A 4 8.33 -6.97 7.82
C GLY A 4 8.57 -5.82 6.86
N ILE A 5 9.49 -6.01 5.92
CA ILE A 5 9.82 -4.98 4.94
C ILE A 5 9.09 -5.24 3.63
N LEU A 6 8.57 -4.17 3.02
CA LEU A 6 7.85 -4.29 1.76
C LEU A 6 8.80 -4.09 0.58
N GLU A 7 8.43 -4.62 -0.58
CA GLU A 7 9.24 -4.51 -1.78
C GLU A 7 8.42 -3.95 -2.94
N VAL A 8 9.00 -3.00 -3.65
CA VAL A 8 8.32 -2.38 -4.79
C VAL A 8 9.23 -2.34 -6.01
N SER A 9 8.63 -2.46 -7.19
CA SER A 9 9.39 -2.44 -8.44
C SER A 9 9.37 -1.04 -9.06
N LEU A 10 10.55 -0.53 -9.37
CA LEU A 10 10.68 0.80 -9.97
C LEU A 10 10.32 0.76 -11.46
N ILE A 11 9.08 0.38 -11.76
CA ILE A 11 8.61 0.30 -13.13
C ILE A 11 7.67 1.46 -13.45
N SER A 12 6.61 1.58 -12.67
CA SER A 12 5.63 2.66 -12.88
C SER A 12 5.04 3.12 -11.55
N GLY A 13 4.21 4.15 -11.60
CA GLY A 13 3.59 4.67 -10.40
C GLY A 13 3.85 6.14 -10.20
N LYS A 14 2.81 6.89 -9.86
CA LYS A 14 2.94 8.33 -9.65
C LYS A 14 2.83 8.67 -8.17
N GLY A 15 3.86 9.33 -7.64
CA GLY A 15 3.86 9.71 -6.24
C GLY A 15 2.93 10.87 -5.95
N LEU A 16 1.71 10.55 -5.52
CA LEU A 16 0.72 11.58 -5.21
C LEU A 16 0.82 12.00 -3.75
N LYS A 17 1.85 11.52 -3.06
CA LYS A 17 2.07 11.86 -1.67
C LYS A 17 2.76 13.22 -1.53
N ARG A 18 2.50 13.89 -0.42
CA ARG A 18 3.09 15.21 -0.17
C ARG A 18 4.60 15.16 -0.35
N SER A 19 5.22 16.34 -0.46
CA SER A 19 6.67 16.43 -0.64
C SER A 19 7.28 17.36 0.40
N ASP A 20 7.06 18.66 0.22
CA ASP A 20 7.60 19.66 1.13
C ASP A 20 9.13 19.65 1.12
N PHE A 21 9.70 20.09 0.00
CA PHE A 21 11.15 20.13 -0.15
C PHE A 21 11.59 21.45 -0.77
N LEU A 22 12.81 21.46 -1.30
CA LEU A 22 13.36 22.66 -1.93
C LEU A 22 13.05 22.67 -3.43
N GLY A 23 13.61 21.72 -4.16
CA GLY A 23 13.38 21.64 -5.59
C GLY A 23 14.28 20.64 -6.27
N LYS A 24 13.81 20.08 -7.39
CA LYS A 24 14.58 19.09 -8.13
C LYS A 24 15.08 17.98 -7.21
N ILE A 25 14.32 17.70 -6.17
CA ILE A 25 14.69 16.66 -5.21
C ILE A 25 13.67 15.53 -5.19
N ASP A 26 12.44 15.85 -5.59
CA ASP A 26 11.37 14.87 -5.62
C ASP A 26 11.79 13.62 -6.39
N PRO A 27 12.12 13.81 -7.68
CA PRO A 27 12.55 12.71 -8.54
C PRO A 27 13.93 12.17 -8.17
N TYR A 28 13.94 11.17 -7.30
CA TYR A 28 15.19 10.57 -6.85
C TYR A 28 15.34 9.15 -7.39
N VAL A 29 16.47 8.89 -8.04
CA VAL A 29 16.74 7.57 -8.61
C VAL A 29 18.09 7.04 -8.15
N GLU A 30 18.25 5.72 -8.22
CA GLU A 30 19.51 5.09 -7.81
C GLU A 30 20.56 5.21 -8.91
N ILE A 31 21.33 6.29 -8.87
CA ILE A 31 22.37 6.52 -9.86
C ILE A 31 23.65 7.03 -9.19
N GLN A 32 24.70 6.20 -9.23
CA GLN A 32 25.98 6.57 -8.64
C GLN A 32 27.11 5.75 -9.25
N TYR A 33 28.28 6.37 -9.39
CA TYR A 33 29.44 5.69 -9.95
C TYR A 33 30.29 5.06 -8.85
N LYS A 34 30.05 5.48 -7.62
CA LYS A 34 30.80 4.95 -6.48
C LYS A 34 30.47 3.49 -6.24
N GLY A 35 30.85 2.98 -5.07
CA GLY A 35 30.59 1.59 -4.74
C GLY A 35 29.21 1.39 -4.12
N GLN A 36 28.69 2.44 -3.48
CA GLN A 36 27.38 2.37 -2.85
C GLN A 36 26.35 3.14 -3.66
N THR A 37 25.07 2.87 -3.37
CA THR A 37 23.99 3.54 -4.07
C THR A 37 22.81 3.79 -3.14
N ARG A 38 21.96 4.75 -3.51
CA ARG A 38 20.80 5.10 -2.70
C ARG A 38 19.51 4.61 -3.37
N LYS A 39 18.43 4.58 -2.60
CA LYS A 39 17.13 4.14 -3.11
C LYS A 39 16.35 5.30 -3.68
N SER A 40 15.59 5.04 -4.74
CA SER A 40 14.78 6.08 -5.38
C SER A 40 13.76 6.66 -4.40
N SER A 41 13.27 7.85 -4.71
CA SER A 41 12.29 8.52 -3.85
C SER A 41 10.97 8.72 -4.60
N VAL A 42 10.09 9.52 -4.00
CA VAL A 42 8.79 9.80 -4.61
C VAL A 42 8.94 10.22 -6.06
N ALA A 43 7.95 9.88 -6.88
CA ALA A 43 7.97 10.23 -8.29
C ALA A 43 7.00 11.36 -8.60
N LYS A 44 7.14 11.95 -9.79
CA LYS A 44 6.27 13.05 -10.20
C LYS A 44 5.73 12.81 -11.60
N GLU A 45 6.58 12.31 -12.48
CA GLU A 45 6.19 12.04 -13.87
C GLU A 45 5.79 10.57 -14.04
N ASP A 46 5.57 9.89 -12.92
CA ASP A 46 5.18 8.48 -12.96
C ASP A 46 6.38 7.60 -13.28
N GLY A 47 7.01 7.87 -14.43
CA GLY A 47 8.17 7.08 -14.84
C GLY A 47 7.81 5.64 -15.13
N GLY A 48 6.73 5.44 -15.88
CA GLY A 48 6.30 4.09 -16.22
C GLY A 48 7.21 3.43 -17.23
N ARG A 49 8.09 4.22 -17.85
CA ARG A 49 9.02 3.70 -18.84
C ARG A 49 10.34 3.28 -18.19
N ASN A 50 10.36 3.29 -16.86
CA ASN A 50 11.56 2.92 -16.12
C ASN A 50 11.63 1.40 -15.93
N PRO A 51 12.85 0.87 -16.00
CA PRO A 51 13.10 -0.58 -15.85
C PRO A 51 12.87 -1.04 -14.42
N THR A 52 12.53 -2.32 -14.25
CA THR A 52 12.28 -2.88 -12.93
C THR A 52 13.59 -3.22 -12.23
N TRP A 53 14.61 -3.57 -13.02
CA TRP A 53 15.91 -3.92 -12.47
C TRP A 53 16.67 -2.67 -12.02
N ASN A 54 16.09 -1.50 -12.30
CA ASN A 54 16.70 -0.23 -11.93
C ASN A 54 17.06 -0.22 -10.45
N ASP A 55 16.10 -0.55 -9.61
CA ASP A 55 16.32 -0.58 -8.16
C ASP A 55 15.06 -1.01 -7.43
N LYS A 56 15.21 -1.39 -6.16
CA LYS A 56 14.08 -1.83 -5.35
C LYS A 56 13.80 -0.83 -4.23
N LEU A 57 12.61 -0.90 -3.67
CA LEU A 57 12.21 0.00 -2.58
C LEU A 57 11.84 -0.79 -1.33
N LYS A 58 12.36 -0.35 -0.18
CA LYS A 58 12.08 -1.01 1.08
C LYS A 58 11.28 -0.10 2.00
N TRP A 59 10.27 -0.66 2.65
CA TRP A 59 9.42 0.11 3.57
C TRP A 59 9.02 -0.74 4.77
N ARG A 60 9.04 -0.13 5.95
CA ARG A 60 8.67 -0.83 7.18
C ARG A 60 7.17 -0.78 7.41
N ALA A 61 6.56 -1.95 7.57
CA ALA A 61 5.12 -2.04 7.80
C ALA A 61 4.79 -3.09 8.85
N GLU A 62 3.90 -2.75 9.76
CA GLU A 62 3.50 -3.67 10.83
C GLU A 62 2.02 -4.05 10.70
N PHE A 63 1.63 -5.13 11.36
CA PHE A 63 0.25 -5.61 11.31
C PHE A 63 -0.72 -4.46 11.55
N PRO A 64 -1.95 -4.62 11.05
CA PRO A 64 -3.01 -3.61 11.20
C PRO A 64 -3.49 -3.49 12.64
N GLY A 65 -3.19 -4.51 13.45
CA GLY A 65 -3.62 -4.50 14.83
C GLY A 65 -5.10 -4.80 14.99
N SER A 66 -5.58 -5.80 14.27
CA SER A 66 -6.98 -6.18 14.33
C SER A 66 -7.88 -5.04 13.84
N GLY A 67 -9.14 -5.36 13.56
CA GLY A 67 -10.07 -4.36 13.09
C GLY A 67 -9.63 -3.73 11.78
N ALA A 68 -9.22 -4.55 10.83
CA ALA A 68 -8.77 -4.08 9.54
C ALA A 68 -9.89 -3.36 8.79
N ASP A 69 -10.82 -4.14 8.24
CA ASP A 69 -11.95 -3.57 7.50
C ASP A 69 -12.84 -4.68 6.96
N TYR A 70 -14.01 -4.29 6.45
CA TYR A 70 -14.96 -5.26 5.90
C TYR A 70 -14.34 -6.01 4.72
N LYS A 71 -15.18 -6.76 4.02
CA LYS A 71 -14.72 -7.53 2.86
C LYS A 71 -15.82 -7.66 1.82
N LEU A 72 -15.50 -7.30 0.58
CA LEU A 72 -16.46 -7.36 -0.51
C LEU A 72 -15.93 -8.24 -1.65
N ILE A 73 -14.83 -7.81 -2.25
CA ILE A 73 -14.23 -8.56 -3.35
C ILE A 73 -15.15 -8.61 -4.56
N VAL A 74 -16.16 -7.74 -4.56
CA VAL A 74 -17.12 -7.69 -5.65
C VAL A 74 -17.02 -6.36 -6.39
N LYS A 75 -16.23 -5.44 -5.86
CA LYS A 75 -16.05 -4.13 -6.47
C LYS A 75 -14.58 -3.88 -6.80
N VAL A 76 -13.83 -4.96 -7.00
CA VAL A 76 -12.42 -4.87 -7.34
C VAL A 76 -12.21 -4.47 -8.79
N MET A 77 -12.73 -3.30 -9.16
CA MET A 77 -12.61 -2.80 -10.52
C MET A 77 -13.16 -1.38 -10.64
N ASP A 78 -13.23 -0.88 -11.86
CA ASP A 78 -13.73 0.47 -12.11
C ASP A 78 -14.10 0.65 -13.57
N HIS A 79 -13.08 0.69 -14.44
CA HIS A 79 -13.31 0.87 -15.86
C HIS A 79 -13.14 -0.46 -16.60
N ASP A 80 -13.64 -0.51 -17.83
CA ASP A 80 -13.56 -1.72 -18.65
C ASP A 80 -14.15 -1.49 -20.03
N THR A 81 -13.95 -0.28 -20.55
CA THR A 81 -14.47 0.07 -21.88
C THR A 81 -14.04 -0.96 -22.91
N PHE A 82 -12.88 -1.56 -22.71
CA PHE A 82 -12.37 -2.57 -23.64
C PHE A 82 -12.01 -3.85 -22.91
N SER A 83 -12.86 -4.86 -23.04
CA SER A 83 -12.64 -6.14 -22.38
C SER A 83 -11.46 -6.88 -23.01
N SER A 84 -10.26 -6.58 -22.52
CA SER A 84 -9.05 -7.19 -23.04
C SER A 84 -7.96 -7.25 -21.97
N ASP A 85 -7.54 -6.07 -21.52
CA ASP A 85 -6.50 -5.98 -20.49
C ASP A 85 -7.10 -5.62 -19.15
N ASP A 86 -7.81 -4.50 -19.10
CA ASP A 86 -8.44 -4.04 -17.87
C ASP A 86 -7.41 -3.88 -16.75
N PHE A 87 -6.17 -3.64 -17.13
CA PHE A 87 -5.08 -3.47 -16.17
C PHE A 87 -4.85 -1.99 -15.88
N ILE A 88 -5.01 -1.61 -14.61
CA ILE A 88 -4.82 -0.23 -14.20
C ILE A 88 -3.67 -0.11 -13.20
N GLY A 89 -3.89 -0.62 -12.00
CA GLY A 89 -2.86 -0.58 -10.97
C GLY A 89 -3.43 -0.80 -9.58
N GLU A 90 -2.55 -0.78 -8.58
CA GLU A 90 -2.97 -0.99 -7.19
C GLU A 90 -2.10 -0.18 -6.24
N ALA A 91 -2.74 0.41 -5.23
CA ALA A 91 -2.03 1.22 -4.24
C ALA A 91 -2.04 0.54 -2.88
N THR A 92 -1.28 1.10 -1.94
CA THR A 92 -1.20 0.55 -0.59
C THR A 92 -2.45 0.88 0.21
N VAL A 93 -3.58 0.33 -0.23
CA VAL A 93 -4.86 0.55 0.46
C VAL A 93 -5.73 -0.68 0.40
N HIS A 94 -6.43 -0.96 1.50
CA HIS A 94 -7.32 -2.13 1.57
C HIS A 94 -6.59 -3.39 1.11
N VAL A 95 -5.27 -3.39 1.27
CA VAL A 95 -4.46 -4.55 0.89
C VAL A 95 -3.74 -5.15 2.09
N LYS A 96 -4.32 -4.93 3.28
CA LYS A 96 -3.74 -5.47 4.51
C LYS A 96 -3.78 -6.99 4.52
N GLU A 97 -4.68 -7.56 3.73
CA GLU A 97 -4.82 -9.01 3.65
C GLU A 97 -3.60 -9.63 2.98
N LEU A 98 -2.92 -8.86 2.14
CA LEU A 98 -1.73 -9.34 1.46
C LEU A 98 -0.52 -9.36 2.38
N LEU A 99 -0.36 -8.28 3.15
CA LEU A 99 0.75 -8.18 4.08
C LEU A 99 0.53 -9.06 5.31
N GLU A 100 -0.73 -9.21 5.69
CA GLU A 100 -1.08 -10.03 6.84
C GLU A 100 -0.89 -11.52 6.53
N MET A 101 -1.11 -11.88 5.27
CA MET A 101 -0.96 -13.27 4.84
C MET A 101 0.51 -13.65 4.74
N GLY A 102 1.39 -12.66 4.83
CA GLY A 102 2.81 -12.92 4.75
C GLY A 102 3.33 -13.70 5.94
N VAL A 103 2.97 -13.26 7.14
CA VAL A 103 3.41 -13.92 8.36
C VAL A 103 2.97 -15.38 8.37
N GLU A 104 1.96 -15.70 7.57
CA GLU A 104 1.46 -17.07 7.48
C GLU A 104 2.59 -18.06 7.22
N LYS A 105 3.30 -17.85 6.13
CA LYS A 105 4.42 -18.72 5.76
C LYS A 105 5.73 -17.95 5.75
N GLY A 106 5.66 -16.68 6.11
CA GLY A 106 6.86 -15.84 6.14
C GLY A 106 6.89 -14.84 5.00
N THR A 107 6.11 -15.11 3.95
CA THR A 107 6.05 -14.22 2.80
C THR A 107 4.68 -14.24 2.16
N ALA A 108 4.38 -13.23 1.36
CA ALA A 108 3.09 -13.13 0.68
C ALA A 108 3.23 -12.46 -0.67
N GLU A 109 2.22 -12.60 -1.52
CA GLU A 109 2.23 -12.01 -2.85
C GLU A 109 0.82 -11.72 -3.34
N LEU A 110 0.60 -10.49 -3.78
CA LEU A 110 -0.72 -10.07 -4.26
C LEU A 110 -1.25 -11.06 -5.29
N ARG A 111 -2.57 -11.24 -5.31
CA ARG A 111 -3.21 -12.17 -6.24
C ARG A 111 -3.53 -11.47 -7.56
N PRO A 112 -3.71 -12.27 -8.62
CA PRO A 112 -4.02 -11.74 -9.96
C PRO A 112 -5.43 -11.17 -10.04
N THR A 113 -5.53 -9.85 -9.84
CA THR A 113 -6.82 -9.17 -9.89
C THR A 113 -6.65 -7.69 -10.24
N LYS A 114 -7.49 -7.21 -11.14
CA LYS A 114 -7.43 -5.81 -11.57
C LYS A 114 -8.33 -4.94 -10.69
N TYR A 115 -7.77 -4.44 -9.59
CA TYR A 115 -8.53 -3.60 -8.68
C TYR A 115 -8.69 -2.19 -9.24
N ASN A 116 -9.18 -1.28 -8.40
CA ASN A 116 -9.38 0.10 -8.82
C ASN A 116 -8.33 1.02 -8.21
N ILE A 117 -7.67 1.80 -9.06
CA ILE A 117 -6.63 2.73 -8.60
C ILE A 117 -6.75 4.08 -9.28
N VAL A 118 -7.94 4.36 -9.82
CA VAL A 118 -8.19 5.62 -10.51
C VAL A 118 -7.68 6.80 -9.69
N ASP A 119 -8.41 7.14 -8.63
CA ASP A 119 -8.03 8.26 -7.76
C ASP A 119 -8.96 8.34 -6.56
N SER A 120 -10.24 8.10 -6.79
CA SER A 120 -11.24 8.16 -5.73
C SER A 120 -12.16 6.95 -5.78
N ASP A 121 -11.58 5.77 -5.86
CA ASP A 121 -12.34 4.53 -5.91
C ASP A 121 -12.34 3.83 -4.56
N LEU A 122 -11.23 3.96 -3.83
CA LEU A 122 -11.09 3.33 -2.52
C LEU A 122 -10.86 4.37 -1.44
N SER A 123 -10.20 5.47 -1.81
CA SER A 123 -9.91 6.54 -0.87
C SER A 123 -9.17 7.68 -1.57
N PHE A 124 -7.88 7.45 -1.84
CA PHE A 124 -7.05 8.46 -2.50
C PHE A 124 -5.99 7.79 -3.38
N VAL A 125 -6.37 6.72 -4.04
CA VAL A 125 -5.45 5.99 -4.92
C VAL A 125 -4.89 6.90 -6.00
N GLY A 126 -4.09 6.33 -6.89
CA GLY A 126 -3.50 7.10 -7.97
C GLY A 126 -2.87 6.23 -9.03
N GLU A 127 -1.61 5.88 -8.84
CA GLU A 127 -0.89 5.05 -9.80
C GLU A 127 0.26 4.31 -9.12
N LEU A 128 0.40 3.02 -9.44
CA LEU A 128 1.45 2.20 -8.87
C LEU A 128 1.73 0.97 -9.74
N LEU A 129 2.86 0.32 -9.49
CA LEU A 129 3.23 -0.86 -10.24
C LEU A 129 2.54 -2.10 -9.68
N ILE A 130 2.09 -2.97 -10.58
CA ILE A 130 1.41 -4.20 -10.18
C ILE A 130 2.39 -5.36 -10.07
N GLY A 131 2.62 -5.82 -8.84
CA GLY A 131 3.54 -6.92 -8.61
C GLY A 131 4.20 -6.85 -7.25
N VAL A 132 4.09 -5.70 -6.60
CA VAL A 132 4.69 -5.50 -5.28
C VAL A 132 4.15 -6.52 -4.27
N SER A 133 5.05 -7.24 -3.62
CA SER A 133 4.67 -8.23 -2.63
C SER A 133 5.20 -7.87 -1.25
N TYR A 134 4.72 -8.58 -0.23
CA TYR A 134 5.15 -8.33 1.14
C TYR A 134 5.79 -9.58 1.75
N SER A 135 6.93 -9.39 2.40
CA SER A 135 7.65 -10.50 3.02
C SER A 135 8.11 -10.12 4.43
N LEU A 136 8.40 -11.13 5.24
CA LEU A 136 8.86 -10.91 6.61
C LEU A 136 10.37 -10.72 6.65
N LEU A 137 10.79 -9.54 7.08
CA LEU A 137 12.22 -9.22 7.18
C LEU A 137 12.43 -7.83 7.76
N GLN A 138 11.63 -7.49 8.76
CA GLN A 138 11.74 -6.20 9.42
C GLN A 138 13.08 -6.04 10.10
N ASP A 139 13.88 -5.10 9.62
CA ASP A 139 15.20 -4.84 10.19
C ASP A 139 15.11 -4.65 11.70
N ARG A 140 14.04 -4.01 12.15
CA ARG A 140 13.84 -3.76 13.57
C ARG A 140 13.11 -4.93 14.23
N GLY A 141 12.68 -4.73 15.47
CA GLY A 141 11.96 -5.76 16.19
C GLY A 141 10.60 -6.04 15.61
N MET A 142 9.58 -6.13 16.47
CA MET A 142 8.22 -6.40 16.02
C MET A 142 7.24 -6.30 17.19
N ASP A 143 7.68 -6.75 18.36
CA ASP A 143 6.84 -6.72 19.56
C ASP A 143 6.31 -5.31 19.80
N GLY A 144 5.16 -5.22 20.46
CA GLY A 144 4.56 -3.93 20.75
C GLY A 144 3.90 -3.89 22.11
N GLU A 145 2.75 -3.24 22.19
CA GLU A 145 2.02 -3.13 23.44
C GLU A 145 0.58 -3.62 23.29
N GLN A 146 0.13 -4.44 24.23
CA GLN A 146 -1.22 -4.99 24.20
C GLN A 146 -2.24 -3.87 24.03
N PHE A 147 -3.44 -4.25 23.59
CA PHE A 147 -4.51 -3.28 23.38
C PHE A 147 -5.83 -3.80 23.95
N GLY A 148 -6.75 -2.87 24.22
CA GLY A 148 -8.04 -3.25 24.77
C GLY A 148 -9.08 -2.17 24.59
N GLY A 149 -10.24 -2.35 25.24
CA GLY A 149 -11.30 -1.36 25.13
C GLY A 149 -12.25 -1.41 26.31
N TRP A 150 -13.42 -0.79 26.16
CA TRP A 150 -14.40 -0.75 27.23
C TRP A 150 -15.82 -0.65 26.66
N LYS A 151 -16.80 -0.48 27.53
CA LYS A 151 -18.18 -0.37 27.12
C LYS A 151 -18.93 0.66 27.97
N HIS A 152 -20.25 0.70 27.82
CA HIS A 152 -21.08 1.65 28.57
C HIS A 152 -22.55 1.27 28.47
N SER A 153 -23.41 2.12 29.01
CA SER A 153 -24.85 1.88 28.99
C SER A 153 -25.62 3.16 28.69
N ASN A 154 -26.94 3.07 28.71
CA ASN A 154 -27.79 4.23 28.43
C ASN A 154 -29.13 4.08 29.14
N VAL A 155 -30.05 5.02 28.86
CA VAL A 155 -31.38 4.99 29.47
C VAL A 155 -32.39 5.73 28.60
N ASP A 156 -33.64 5.32 28.67
CA ASP A 156 -34.71 5.94 27.90
C ASP A 156 -35.76 6.57 28.81
N HIS A 157 -36.84 7.06 28.22
CA HIS A 157 -37.91 7.69 28.98
C HIS A 157 -39.27 7.13 28.58
N HIS A 158 -40.33 7.69 29.15
CA HIS A 158 -41.69 7.25 28.85
C HIS A 158 -42.61 8.45 28.60
N HIS A 159 -42.71 8.87 27.35
CA HIS A 159 -43.55 9.99 26.98
C HIS A 159 -44.69 9.55 26.06
N HIS A 160 -45.91 9.92 26.42
CA HIS A 160 -47.08 9.56 25.63
C HIS A 160 -47.86 10.81 25.21
N HIS A 161 -47.15 11.93 25.09
CA HIS A 161 -47.77 13.19 24.69
C HIS A 161 -48.98 13.50 25.58
N HIS A 162 -49.76 14.51 25.19
CA HIS A 162 -50.93 14.91 25.94
C HIS A 162 -51.86 13.71 26.18
N MET A 1 -14.09 7.42 9.46
CA MET A 1 -14.37 8.08 10.72
C MET A 1 -13.50 7.51 11.84
N ALA A 2 -12.24 7.25 11.51
CA ALA A 2 -11.31 6.69 12.49
C ALA A 2 -9.94 7.38 12.39
N VAL A 3 -9.36 7.68 13.54
CA VAL A 3 -8.05 8.33 13.58
C VAL A 3 -7.00 7.42 14.21
N GLY A 4 -6.08 6.94 13.38
CA GLY A 4 -5.03 6.06 13.87
C GLY A 4 -3.88 5.94 12.89
N ILE A 5 -2.92 5.07 13.21
CA ILE A 5 -1.77 4.86 12.35
C ILE A 5 -1.97 3.68 11.42
N LEU A 6 -1.47 3.80 10.20
CA LEU A 6 -1.61 2.73 9.21
C LEU A 6 -0.35 1.86 9.17
N GLU A 7 -0.52 0.62 8.73
CA GLU A 7 0.60 -0.32 8.65
C GLU A 7 0.58 -1.06 7.33
N VAL A 8 1.76 -1.20 6.73
CA VAL A 8 1.89 -1.90 5.45
C VAL A 8 2.97 -2.98 5.51
N SER A 9 2.74 -4.08 4.79
CA SER A 9 3.69 -5.19 4.78
C SER A 9 4.74 -4.98 3.70
N LEU A 10 6.00 -4.98 4.10
CA LEU A 10 7.11 -4.80 3.17
C LEU A 10 7.43 -6.09 2.45
N ILE A 11 6.47 -6.60 1.70
CA ILE A 11 6.65 -7.84 0.95
C ILE A 11 6.91 -7.56 -0.53
N SER A 12 5.98 -6.85 -1.16
CA SER A 12 6.11 -6.51 -2.58
C SER A 12 5.51 -5.14 -2.87
N GLY A 13 5.64 -4.68 -4.10
CA GLY A 13 5.09 -3.40 -4.50
C GLY A 13 5.98 -2.67 -5.50
N LYS A 14 5.37 -2.19 -6.58
CA LYS A 14 6.10 -1.47 -7.60
C LYS A 14 5.76 0.01 -7.59
N GLY A 15 6.78 0.86 -7.44
CA GLY A 15 6.56 2.28 -7.40
C GLY A 15 6.86 2.95 -8.73
N LEU A 16 5.85 3.06 -9.58
CA LEU A 16 6.01 3.68 -10.89
C LEU A 16 6.44 5.13 -10.76
N LYS A 17 6.21 5.71 -9.58
CA LYS A 17 6.59 7.10 -9.32
C LYS A 17 7.67 7.18 -8.26
N ARG A 18 8.59 8.13 -8.45
CA ARG A 18 9.69 8.30 -7.52
C ARG A 18 10.59 9.46 -7.94
N SER A 19 11.68 9.68 -7.21
CA SER A 19 12.61 10.75 -7.51
C SER A 19 13.28 10.52 -8.87
N ASP A 20 14.31 11.31 -9.15
CA ASP A 20 15.04 11.19 -10.41
C ASP A 20 16.48 10.77 -10.16
N PHE A 21 16.68 9.94 -9.14
CA PHE A 21 18.01 9.46 -8.79
C PHE A 21 18.91 10.61 -8.37
N LEU A 22 19.25 10.65 -7.08
CA LEU A 22 20.11 11.70 -6.55
C LEU A 22 21.46 11.13 -6.13
N GLY A 23 21.48 10.38 -5.03
CA GLY A 23 22.72 9.79 -4.55
C GLY A 23 22.48 8.70 -3.53
N LYS A 24 22.31 7.47 -4.01
CA LYS A 24 22.08 6.33 -3.14
C LYS A 24 20.99 6.65 -2.10
N ILE A 25 20.00 7.42 -2.54
CA ILE A 25 18.89 7.80 -1.66
C ILE A 25 17.57 7.23 -2.16
N ASP A 26 17.52 6.92 -3.45
CA ASP A 26 16.31 6.38 -4.06
C ASP A 26 15.82 5.16 -3.28
N PRO A 27 16.67 4.12 -3.20
CA PRO A 27 16.34 2.89 -2.48
C PRO A 27 16.28 3.09 -0.98
N TYR A 28 15.18 3.66 -0.50
CA TYR A 28 15.00 3.91 0.92
C TYR A 28 14.54 2.65 1.64
N VAL A 29 15.49 1.96 2.27
CA VAL A 29 15.18 0.73 3.00
C VAL A 29 15.73 0.78 4.43
N GLU A 30 15.11 0.01 5.32
CA GLU A 30 15.55 -0.03 6.72
C GLU A 30 16.76 -0.94 6.88
N ILE A 31 17.95 -0.36 6.77
CA ILE A 31 19.18 -1.12 6.92
C ILE A 31 20.18 -0.38 7.80
N GLN A 32 20.50 -0.99 8.94
CA GLN A 32 21.44 -0.40 9.89
C GLN A 32 22.04 -1.45 10.80
N TYR A 33 23.17 -1.13 11.43
CA TYR A 33 23.83 -2.05 12.34
C TYR A 33 24.40 -1.31 13.54
N LYS A 34 23.80 -0.18 13.88
CA LYS A 34 24.23 0.62 15.02
C LYS A 34 23.25 0.49 16.18
N GLY A 35 22.10 1.15 16.05
CA GLY A 35 21.10 1.10 17.11
C GLY A 35 19.74 1.56 16.62
N GLN A 36 19.72 2.59 15.78
CA GLN A 36 18.48 3.13 15.25
C GLN A 36 18.26 2.67 13.81
N THR A 37 17.02 2.79 13.34
CA THR A 37 16.68 2.39 11.99
C THR A 37 15.64 3.34 11.37
N ARG A 38 15.59 3.37 10.05
CA ARG A 38 14.65 4.23 9.35
C ARG A 38 13.62 3.41 8.58
N LYS A 39 12.46 4.00 8.33
CA LYS A 39 11.39 3.32 7.60
C LYS A 39 11.52 3.55 6.10
N SER A 40 11.30 2.50 5.32
CA SER A 40 11.38 2.60 3.87
C SER A 40 10.32 3.55 3.32
N SER A 41 10.76 4.48 2.47
CA SER A 41 9.86 5.45 1.88
C SER A 41 8.96 4.80 0.84
N VAL A 42 8.23 5.63 0.10
CA VAL A 42 7.32 5.12 -0.94
C VAL A 42 8.03 4.13 -1.86
N ALA A 43 7.24 3.44 -2.68
CA ALA A 43 7.80 2.47 -3.61
C ALA A 43 8.66 3.14 -4.66
N LYS A 44 9.44 2.34 -5.38
CA LYS A 44 10.31 2.86 -6.43
C LYS A 44 10.79 1.74 -7.35
N GLU A 45 11.06 0.58 -6.76
CA GLU A 45 11.53 -0.57 -7.53
C GLU A 45 10.82 -1.85 -7.08
N ASP A 46 10.01 -2.41 -7.97
CA ASP A 46 9.28 -3.64 -7.66
C ASP A 46 10.20 -4.69 -7.04
N GLY A 47 10.14 -4.82 -5.72
CA GLY A 47 10.97 -5.78 -5.03
C GLY A 47 10.16 -6.72 -4.15
N GLY A 48 9.56 -7.74 -4.76
CA GLY A 48 8.77 -8.68 -4.01
C GLY A 48 9.62 -9.62 -3.16
N ARG A 49 10.92 -9.62 -3.42
CA ARG A 49 11.85 -10.48 -2.68
C ARG A 49 11.99 -10.00 -1.24
N ASN A 50 11.90 -8.69 -1.05
CA ASN A 50 12.03 -8.10 0.28
C ASN A 50 10.94 -8.63 1.22
N PRO A 51 11.36 -9.26 2.32
CA PRO A 51 10.44 -9.82 3.31
C PRO A 51 9.70 -8.74 4.09
N THR A 52 8.50 -9.08 4.57
CA THR A 52 7.69 -8.14 5.33
C THR A 52 8.44 -7.62 6.55
N TRP A 53 9.38 -8.43 7.05
CA TRP A 53 10.17 -8.06 8.22
C TRP A 53 11.20 -6.99 7.86
N ASN A 54 11.33 -6.72 6.57
CA ASN A 54 12.29 -5.73 6.09
C ASN A 54 12.10 -4.40 6.81
N ASP A 55 10.86 -3.94 6.88
CA ASP A 55 10.54 -2.68 7.54
C ASP A 55 9.04 -2.47 7.64
N LYS A 56 8.62 -1.59 8.54
CA LYS A 56 7.20 -1.30 8.73
C LYS A 56 6.89 0.15 8.37
N LEU A 57 5.88 0.34 7.53
CA LEU A 57 5.47 1.67 7.10
C LEU A 57 4.35 2.21 7.99
N LYS A 58 4.61 3.34 8.65
CA LYS A 58 3.61 3.95 9.52
C LYS A 58 3.20 5.32 8.99
N TRP A 59 1.90 5.58 8.99
CA TRP A 59 1.36 6.85 8.51
C TRP A 59 0.19 7.31 9.36
N ARG A 60 0.06 8.62 9.53
CA ARG A 60 -1.02 9.19 10.33
C ARG A 60 -2.27 9.40 9.48
N ALA A 61 -3.39 8.85 9.94
CA ALA A 61 -4.65 8.98 9.22
C ALA A 61 -5.77 9.44 10.16
N GLU A 62 -6.56 10.41 9.68
CA GLU A 62 -7.66 10.94 10.48
C GLU A 62 -8.99 10.76 9.76
N PHE A 63 -10.08 10.85 10.50
CA PHE A 63 -11.42 10.70 9.94
C PHE A 63 -11.58 11.56 8.68
N PRO A 64 -12.41 11.08 7.74
CA PRO A 64 -12.66 11.78 6.48
C PRO A 64 -13.48 13.06 6.69
N GLY A 65 -14.15 13.15 7.83
CA GLY A 65 -14.95 14.32 8.13
C GLY A 65 -16.18 14.41 7.25
N SER A 66 -17.28 13.79 7.71
CA SER A 66 -18.52 13.81 6.95
C SER A 66 -18.35 13.09 5.61
N GLY A 67 -19.48 12.67 5.03
CA GLY A 67 -19.44 11.98 3.76
C GLY A 67 -20.26 10.72 3.76
N ALA A 68 -21.51 10.83 3.32
CA ALA A 68 -22.41 9.68 3.27
C ALA A 68 -21.87 8.59 2.36
N ASP A 69 -22.70 7.60 2.07
CA ASP A 69 -22.29 6.49 1.21
C ASP A 69 -23.46 5.54 0.95
N TYR A 70 -23.18 4.39 0.35
CA TYR A 70 -24.20 3.41 0.06
C TYR A 70 -23.58 2.05 -0.23
N LYS A 71 -22.45 1.76 0.40
CA LYS A 71 -21.76 0.50 0.22
C LYS A 71 -21.28 0.35 -1.22
N LEU A 72 -19.98 0.48 -1.42
CA LEU A 72 -19.37 0.36 -2.75
C LEU A 72 -18.45 -0.84 -2.82
N ILE A 73 -18.83 -1.93 -2.17
CA ILE A 73 -18.04 -3.15 -2.16
C ILE A 73 -18.10 -3.85 -3.51
N VAL A 74 -19.10 -3.49 -4.31
CA VAL A 74 -19.26 -4.08 -5.63
C VAL A 74 -18.37 -3.40 -6.66
N LYS A 75 -17.73 -2.32 -6.24
CA LYS A 75 -16.83 -1.57 -7.13
C LYS A 75 -15.40 -1.62 -6.62
N VAL A 76 -14.82 -2.81 -6.60
CA VAL A 76 -13.44 -3.00 -6.14
C VAL A 76 -12.80 -4.21 -6.79
N MET A 77 -12.79 -4.23 -8.12
CA MET A 77 -12.21 -5.34 -8.86
C MET A 77 -12.00 -4.97 -10.33
N ASP A 78 -11.66 -5.97 -11.14
CA ASP A 78 -11.44 -5.74 -12.57
C ASP A 78 -11.64 -7.03 -13.36
N HIS A 79 -12.78 -7.13 -14.05
CA HIS A 79 -13.08 -8.30 -14.85
C HIS A 79 -13.20 -9.54 -13.96
N ASP A 80 -14.43 -9.97 -13.69
CA ASP A 80 -14.67 -11.14 -12.87
C ASP A 80 -15.89 -11.92 -13.37
N THR A 81 -15.71 -13.22 -13.57
CA THR A 81 -16.78 -14.08 -14.05
C THR A 81 -17.89 -14.20 -13.02
N PHE A 82 -17.52 -14.09 -11.74
CA PHE A 82 -18.48 -14.18 -10.65
C PHE A 82 -17.84 -13.80 -9.33
N SER A 83 -16.93 -14.63 -8.84
CA SER A 83 -16.25 -14.38 -7.58
C SER A 83 -15.00 -15.24 -7.45
N SER A 84 -13.84 -14.66 -7.76
CA SER A 84 -12.58 -15.37 -7.68
C SER A 84 -12.01 -15.33 -6.26
N ASP A 85 -10.86 -15.94 -6.08
CA ASP A 85 -10.21 -15.98 -4.76
C ASP A 85 -8.88 -15.22 -4.81
N ASP A 86 -8.24 -15.23 -5.96
CA ASP A 86 -6.95 -14.56 -6.12
C ASP A 86 -7.08 -13.07 -5.80
N PHE A 87 -5.95 -12.41 -5.59
CA PHE A 87 -5.94 -10.99 -5.27
C PHE A 87 -4.79 -10.28 -5.98
N ILE A 88 -5.02 -9.04 -6.37
CA ILE A 88 -4.01 -8.25 -7.06
C ILE A 88 -3.26 -7.34 -6.09
N GLY A 89 -3.95 -6.34 -5.57
CA GLY A 89 -3.33 -5.42 -4.64
C GLY A 89 -4.19 -4.19 -4.37
N GLU A 90 -3.63 -3.24 -3.63
CA GLU A 90 -4.36 -2.02 -3.30
C GLU A 90 -3.42 -0.82 -3.24
N ALA A 91 -3.87 0.30 -3.79
CA ALA A 91 -3.06 1.52 -3.81
C ALA A 91 -3.83 2.69 -3.20
N THR A 92 -3.15 3.83 -3.06
CA THR A 92 -3.77 5.02 -2.49
C THR A 92 -5.02 5.41 -3.26
N VAL A 93 -6.16 4.88 -2.85
CA VAL A 93 -7.43 5.18 -3.51
C VAL A 93 -8.58 5.20 -2.51
N HIS A 94 -9.66 5.89 -2.87
CA HIS A 94 -10.82 5.99 -1.99
C HIS A 94 -11.08 4.65 -1.29
N VAL A 95 -10.78 4.61 0.00
CA VAL A 95 -10.98 3.40 0.80
C VAL A 95 -11.23 3.74 2.26
N LYS A 96 -11.80 4.91 2.50
CA LYS A 96 -12.09 5.36 3.86
C LYS A 96 -13.03 4.37 4.56
N GLU A 97 -13.73 3.56 3.78
CA GLU A 97 -14.66 2.58 4.33
C GLU A 97 -13.91 1.57 5.21
N LEU A 98 -12.62 1.39 4.93
CA LEU A 98 -11.80 0.46 5.69
C LEU A 98 -11.41 1.05 7.04
N LEU A 99 -10.82 2.24 7.00
CA LEU A 99 -10.39 2.92 8.22
C LEU A 99 -11.60 3.32 9.07
N GLU A 100 -12.62 3.84 8.41
CA GLU A 100 -13.84 4.26 9.10
C GLU A 100 -14.43 3.12 9.90
N MET A 101 -14.27 1.89 9.41
CA MET A 101 -14.80 0.71 10.08
C MET A 101 -13.88 0.30 11.23
N GLY A 102 -12.69 0.90 11.28
CA GLY A 102 -11.75 0.58 12.33
C GLY A 102 -12.19 1.08 13.70
N VAL A 103 -12.53 2.37 13.75
CA VAL A 103 -12.98 2.98 15.01
C VAL A 103 -14.16 2.21 15.60
N GLU A 104 -14.86 1.46 14.75
CA GLU A 104 -16.01 0.68 15.19
C GLU A 104 -15.67 -0.16 16.41
N LYS A 105 -14.65 -1.01 16.26
CA LYS A 105 -14.22 -1.88 17.35
C LYS A 105 -12.77 -1.60 17.72
N GLY A 106 -12.19 -0.59 17.10
CA GLY A 106 -10.81 -0.23 17.38
C GLY A 106 -9.86 -0.64 16.26
N THR A 107 -10.28 -1.60 15.45
CA THR A 107 -9.46 -2.08 14.36
C THR A 107 -10.32 -2.46 13.16
N ALA A 108 -9.72 -2.46 11.97
CA ALA A 108 -10.42 -2.80 10.75
C ALA A 108 -9.52 -3.56 9.78
N GLU A 109 -10.13 -4.27 8.84
CA GLU A 109 -9.37 -5.03 7.85
C GLU A 109 -10.16 -5.16 6.54
N LEU A 110 -9.47 -4.98 5.42
CA LEU A 110 -10.10 -5.08 4.12
C LEU A 110 -10.87 -6.40 3.98
N ARG A 111 -11.70 -6.49 2.95
CA ARG A 111 -12.48 -7.69 2.70
C ARG A 111 -11.71 -8.69 1.84
N PRO A 112 -12.03 -9.98 1.99
CA PRO A 112 -11.38 -11.06 1.24
C PRO A 112 -11.75 -11.04 -0.24
N THR A 113 -11.24 -10.06 -0.96
CA THR A 113 -11.52 -9.93 -2.39
C THR A 113 -10.42 -9.15 -3.10
N LYS A 114 -10.26 -9.41 -4.39
CA LYS A 114 -9.24 -8.73 -5.19
C LYS A 114 -9.57 -7.26 -5.36
N TYR A 115 -8.88 -6.41 -4.61
CA TYR A 115 -9.10 -4.97 -4.68
C TYR A 115 -8.94 -4.46 -6.11
N ASN A 116 -9.11 -3.15 -6.29
CA ASN A 116 -8.98 -2.54 -7.60
C ASN A 116 -7.65 -1.79 -7.72
N ILE A 117 -6.63 -2.49 -8.20
CA ILE A 117 -5.31 -1.88 -8.36
C ILE A 117 -4.75 -2.15 -9.76
N VAL A 118 -5.61 -2.65 -10.65
CA VAL A 118 -5.21 -2.95 -12.02
C VAL A 118 -6.03 -2.15 -13.02
N ASP A 119 -6.58 -1.04 -12.57
CA ASP A 119 -7.39 -0.18 -13.44
C ASP A 119 -6.53 0.86 -14.13
N SER A 120 -5.72 1.58 -13.36
CA SER A 120 -4.85 2.60 -13.91
C SER A 120 -5.66 3.72 -14.56
N ASP A 121 -6.78 4.08 -13.92
CA ASP A 121 -7.64 5.14 -14.42
C ASP A 121 -8.17 6.01 -13.28
N LEU A 122 -8.57 5.36 -12.20
CA LEU A 122 -9.10 6.07 -11.03
C LEU A 122 -8.13 7.17 -10.59
N SER A 123 -7.04 6.77 -9.95
CA SER A 123 -6.04 7.72 -9.48
C SER A 123 -4.68 7.43 -10.09
N PHE A 124 -4.03 6.37 -9.60
CA PHE A 124 -2.72 5.98 -10.10
C PHE A 124 -2.30 4.63 -9.52
N VAL A 125 -3.27 3.78 -9.26
CA VAL A 125 -3.01 2.45 -8.71
C VAL A 125 -1.97 1.71 -9.54
N GLY A 126 -1.40 0.66 -8.96
CA GLY A 126 -0.39 -0.11 -9.66
C GLY A 126 -0.19 -1.49 -9.05
N GLU A 127 0.77 -1.60 -8.14
CA GLU A 127 1.06 -2.86 -7.47
C GLU A 127 1.35 -2.66 -5.99
N LEU A 128 0.79 -3.53 -5.16
CA LEU A 128 0.99 -3.45 -3.72
C LEU A 128 0.69 -4.78 -3.05
N LEU A 129 1.11 -4.92 -1.79
CA LEU A 129 0.88 -6.14 -1.04
C LEU A 129 -0.53 -6.18 -0.47
N ILE A 130 -1.14 -7.36 -0.49
CA ILE A 130 -2.50 -7.53 0.02
C ILE A 130 -2.47 -7.93 1.50
N GLY A 131 -3.10 -7.10 2.34
CA GLY A 131 -3.14 -7.39 3.76
C GLY A 131 -3.03 -6.14 4.60
N VAL A 132 -2.71 -5.02 3.96
CA VAL A 132 -2.57 -3.75 4.66
C VAL A 132 -3.88 -3.35 5.33
N SER A 133 -4.00 -3.68 6.61
CA SER A 133 -5.20 -3.37 7.38
C SER A 133 -5.03 -2.05 8.13
N TYR A 134 -6.14 -1.55 8.67
CA TYR A 134 -6.11 -0.29 9.41
C TYR A 134 -6.55 -0.51 10.86
N SER A 135 -5.74 0.00 11.80
CA SER A 135 -6.03 -0.15 13.22
C SER A 135 -5.80 1.17 13.96
N LEU A 136 -6.58 1.40 15.00
CA LEU A 136 -6.46 2.62 15.79
C LEU A 136 -5.15 2.65 16.55
N LEU A 137 -4.24 3.52 16.14
CA LEU A 137 -2.94 3.64 16.78
C LEU A 137 -2.57 5.11 17.00
N GLN A 138 -1.41 5.34 17.61
CA GLN A 138 -0.95 6.70 17.88
C GLN A 138 0.53 6.72 18.23
N ASP A 139 1.36 7.17 17.29
CA ASP A 139 2.80 7.23 17.51
C ASP A 139 3.35 5.85 17.86
N ARG A 140 2.66 4.81 17.41
CA ARG A 140 3.08 3.45 17.68
C ARG A 140 3.89 2.88 16.51
N GLY A 141 4.87 2.03 16.82
CA GLY A 141 5.69 1.45 15.78
C GLY A 141 6.98 0.86 16.34
N MET A 142 7.58 -0.05 15.58
CA MET A 142 8.82 -0.70 16.00
C MET A 142 9.83 -0.72 14.86
N ASP A 143 10.93 -1.46 15.06
CA ASP A 143 11.97 -1.55 14.05
C ASP A 143 11.86 -2.88 13.29
N GLY A 144 12.85 -3.15 12.44
CA GLY A 144 12.84 -4.39 11.67
C GLY A 144 14.23 -4.94 11.45
N GLU A 145 14.37 -5.82 10.48
CA GLU A 145 15.67 -6.44 10.18
C GLU A 145 15.74 -6.86 8.71
N GLN A 146 16.84 -7.50 8.33
CA GLN A 146 17.03 -7.96 6.97
C GLN A 146 17.07 -6.78 6.00
N PHE A 147 17.53 -7.04 4.78
CA PHE A 147 17.62 -5.99 3.76
C PHE A 147 17.04 -6.48 2.44
N GLY A 148 17.25 -5.68 1.38
CA GLY A 148 16.73 -6.05 0.08
C GLY A 148 17.09 -5.03 -0.99
N GLY A 149 17.15 -5.48 -2.24
CA GLY A 149 17.48 -4.58 -3.33
C GLY A 149 16.89 -5.04 -4.65
N TRP A 150 16.54 -4.08 -5.49
CA TRP A 150 15.96 -4.39 -6.81
C TRP A 150 15.92 -3.16 -7.69
N LYS A 151 15.41 -3.31 -8.91
CA LYS A 151 15.31 -2.20 -9.85
C LYS A 151 14.26 -2.50 -10.91
N HIS A 152 13.72 -1.44 -11.50
CA HIS A 152 12.70 -1.58 -12.54
C HIS A 152 12.25 -0.21 -13.05
N SER A 153 11.70 -0.18 -14.26
CA SER A 153 11.25 1.06 -14.87
C SER A 153 10.24 0.78 -15.99
N ASN A 154 10.75 0.30 -17.12
CA ASN A 154 9.90 0.00 -18.27
C ASN A 154 9.22 1.25 -18.79
N VAL A 155 8.74 1.18 -20.03
CA VAL A 155 8.06 2.31 -20.65
C VAL A 155 7.49 1.93 -22.01
N ASP A 156 6.41 2.60 -22.41
CA ASP A 156 5.77 2.34 -23.69
C ASP A 156 4.99 3.56 -24.17
N HIS A 157 4.44 3.47 -25.38
CA HIS A 157 3.66 4.56 -25.95
C HIS A 157 2.43 4.04 -26.66
N HIS A 158 1.69 4.94 -27.30
CA HIS A 158 0.47 4.56 -28.02
C HIS A 158 0.32 5.39 -29.29
N HIS A 159 1.03 4.99 -30.34
CA HIS A 159 0.96 5.70 -31.61
C HIS A 159 0.35 4.82 -32.70
N HIS A 160 1.11 3.80 -33.12
CA HIS A 160 0.65 2.88 -34.15
C HIS A 160 0.17 3.65 -35.39
N HIS A 161 0.78 4.80 -35.65
CA HIS A 161 0.41 5.63 -36.78
C HIS A 161 1.27 6.88 -36.86
N HIS A 162 1.38 7.45 -38.06
CA HIS A 162 2.18 8.66 -38.25
C HIS A 162 1.34 9.75 -38.90
N MET A 1 -8.64 -11.14 6.34
CA MET A 1 -7.66 -11.04 7.43
C MET A 1 -6.40 -11.80 7.08
N ALA A 2 -5.44 -11.12 6.47
CA ALA A 2 -4.18 -11.73 6.08
C ALA A 2 -2.99 -10.88 6.53
N VAL A 3 -1.98 -11.54 7.07
CA VAL A 3 -0.78 -10.84 7.54
C VAL A 3 0.45 -11.28 6.76
N GLY A 4 0.96 -10.40 5.92
CA GLY A 4 2.14 -10.70 5.12
C GLY A 4 2.74 -9.47 4.50
N ILE A 5 3.91 -9.64 3.88
CA ILE A 5 4.61 -8.53 3.23
C ILE A 5 4.06 -8.28 1.83
N LEU A 6 3.89 -7.01 1.49
CA LEU A 6 3.37 -6.64 0.18
C LEU A 6 4.51 -6.43 -0.82
N GLU A 7 4.20 -6.60 -2.09
CA GLU A 7 5.19 -6.43 -3.16
C GLU A 7 4.74 -5.39 -4.18
N VAL A 8 5.64 -4.48 -4.53
CA VAL A 8 5.34 -3.45 -5.50
C VAL A 8 6.34 -3.45 -6.66
N SER A 9 5.86 -3.12 -7.84
CA SER A 9 6.71 -3.09 -9.03
C SER A 9 7.26 -1.68 -9.27
N LEU A 10 8.58 -1.56 -9.22
CA LEU A 10 9.24 -0.27 -9.43
C LEU A 10 9.26 0.09 -10.91
N ILE A 11 8.07 0.22 -11.50
CA ILE A 11 7.95 0.57 -12.91
C ILE A 11 7.56 2.03 -13.08
N SER A 12 6.46 2.42 -12.44
CA SER A 12 5.97 3.79 -12.52
C SER A 12 5.33 4.22 -11.20
N GLY A 13 4.93 5.48 -11.13
CA GLY A 13 4.31 6.00 -9.93
C GLY A 13 4.73 7.42 -9.61
N LYS A 14 3.77 8.31 -9.48
CA LYS A 14 4.05 9.72 -9.18
C LYS A 14 3.66 10.05 -7.75
N GLY A 15 4.63 10.52 -6.97
CA GLY A 15 4.37 10.87 -5.58
C GLY A 15 3.73 12.24 -5.45
N LEU A 16 2.40 12.27 -5.48
CA LEU A 16 1.66 13.52 -5.36
C LEU A 16 1.93 14.18 -4.01
N LYS A 17 2.34 13.38 -3.03
CA LYS A 17 2.63 13.88 -1.70
C LYS A 17 4.01 14.53 -1.66
N ARG A 18 4.13 15.60 -0.89
CA ARG A 18 5.41 16.32 -0.76
C ARG A 18 5.96 16.18 0.65
N SER A 19 7.26 15.95 0.75
CA SER A 19 7.92 15.80 2.04
C SER A 19 9.41 15.54 1.87
N ASP A 20 9.76 14.83 0.80
CA ASP A 20 11.15 14.53 0.52
C ASP A 20 11.62 15.21 -0.76
N PHE A 21 12.67 14.66 -1.37
CA PHE A 21 13.21 15.23 -2.61
C PHE A 21 13.82 16.60 -2.35
N LEU A 22 15.09 16.75 -2.70
CA LEU A 22 15.80 18.02 -2.51
C LEU A 22 16.26 18.59 -3.85
N GLY A 23 16.54 17.70 -4.81
CA GLY A 23 16.99 18.13 -6.12
C GLY A 23 17.67 17.02 -6.90
N LYS A 24 18.78 16.52 -6.36
CA LYS A 24 19.52 15.45 -7.01
C LYS A 24 19.80 14.31 -6.03
N ILE A 25 20.11 14.66 -4.79
CA ILE A 25 20.40 13.67 -3.76
C ILE A 25 19.11 13.16 -3.12
N ASP A 26 18.54 12.11 -3.70
CA ASP A 26 17.32 11.52 -3.18
C ASP A 26 16.87 10.35 -4.04
N PRO A 27 16.60 10.62 -5.33
CA PRO A 27 16.16 9.59 -6.28
C PRO A 27 17.28 8.61 -6.62
N TYR A 28 17.57 7.70 -5.70
CA TYR A 28 18.62 6.71 -5.91
C TYR A 28 18.02 5.31 -6.04
N VAL A 29 18.62 4.51 -6.93
CA VAL A 29 18.14 3.15 -7.15
C VAL A 29 18.90 2.15 -6.29
N GLU A 30 18.30 0.99 -6.05
CA GLU A 30 18.92 -0.05 -5.24
C GLU A 30 19.95 -0.83 -6.05
N ILE A 31 21.20 -0.37 -6.02
CA ILE A 31 22.27 -1.03 -6.76
C ILE A 31 23.52 -1.16 -5.89
N GLN A 32 23.92 -2.40 -5.62
CA GLN A 32 25.10 -2.67 -4.82
C GLN A 32 25.64 -4.07 -5.08
N TYR A 33 26.89 -4.29 -4.71
CA TYR A 33 27.54 -5.58 -4.92
C TYR A 33 28.41 -5.96 -3.72
N LYS A 34 28.10 -5.38 -2.57
CA LYS A 34 28.86 -5.65 -1.35
C LYS A 34 28.08 -6.60 -0.43
N GLY A 35 27.06 -6.07 0.23
CA GLY A 35 26.26 -6.89 1.12
C GLY A 35 24.93 -6.25 1.45
N GLN A 36 24.93 -4.93 1.63
CA GLN A 36 23.73 -4.20 1.97
C GLN A 36 23.19 -3.45 0.75
N THR A 37 21.91 -3.07 0.81
CA THR A 37 21.28 -2.34 -0.29
C THR A 37 20.31 -1.30 0.23
N ARG A 38 20.03 -0.30 -0.61
CA ARG A 38 19.12 0.78 -0.23
C ARG A 38 17.95 0.86 -1.20
N LYS A 39 16.76 1.10 -0.68
CA LYS A 39 15.56 1.21 -1.50
C LYS A 39 15.34 2.65 -1.96
N SER A 40 14.75 2.81 -3.13
CA SER A 40 14.48 4.13 -3.69
C SER A 40 13.56 4.92 -2.76
N SER A 41 13.98 6.15 -2.45
CA SER A 41 13.20 7.01 -1.57
C SER A 41 11.82 7.30 -2.16
N VAL A 42 11.12 8.27 -1.58
CA VAL A 42 9.79 8.63 -2.06
C VAL A 42 9.77 8.80 -3.57
N ALA A 43 8.62 8.53 -4.18
CA ALA A 43 8.48 8.66 -5.63
C ALA A 43 8.66 10.10 -6.08
N LYS A 44 9.19 10.28 -7.28
CA LYS A 44 9.42 11.61 -7.83
C LYS A 44 9.59 11.55 -9.34
N GLU A 45 9.04 12.55 -10.04
CA GLU A 45 9.14 12.61 -11.49
C GLU A 45 8.45 11.41 -12.13
N ASP A 46 7.63 10.72 -11.34
CA ASP A 46 6.91 9.55 -11.83
C ASP A 46 7.85 8.36 -12.00
N GLY A 47 8.85 8.51 -12.86
CA GLY A 47 9.81 7.44 -13.09
C GLY A 47 9.17 6.23 -13.75
N GLY A 48 8.24 6.48 -14.68
CA GLY A 48 7.57 5.39 -15.36
C GLY A 48 8.47 4.70 -16.38
N ARG A 49 9.61 5.33 -16.68
CA ARG A 49 10.55 4.78 -17.63
C ARG A 49 11.61 3.95 -16.93
N ASN A 50 11.43 3.73 -15.63
CA ASN A 50 12.38 2.95 -14.85
C ASN A 50 11.91 1.50 -14.72
N PRO A 51 12.87 0.57 -14.80
CA PRO A 51 12.57 -0.87 -14.70
C PRO A 51 12.18 -1.28 -13.28
N THR A 52 11.40 -2.35 -13.18
CA THR A 52 10.95 -2.84 -11.88
C THR A 52 12.10 -3.47 -11.11
N TRP A 53 13.14 -3.88 -11.82
CA TRP A 53 14.30 -4.50 -11.20
C TRP A 53 15.16 -3.46 -10.49
N ASN A 54 14.84 -2.20 -10.69
CA ASN A 54 15.58 -1.10 -10.07
C ASN A 54 15.66 -1.28 -8.56
N ASP A 55 14.52 -1.56 -7.94
CA ASP A 55 14.45 -1.75 -6.50
C ASP A 55 13.08 -2.28 -6.08
N LYS A 56 13.08 -3.31 -5.23
CA LYS A 56 11.85 -3.91 -4.76
C LYS A 56 11.36 -3.21 -3.49
N LEU A 57 10.05 -2.98 -3.43
CA LEU A 57 9.45 -2.32 -2.27
C LEU A 57 8.60 -3.30 -1.46
N LYS A 58 8.92 -3.43 -0.17
CA LYS A 58 8.20 -4.34 0.71
C LYS A 58 7.54 -3.57 1.84
N TRP A 59 6.29 -3.92 2.16
CA TRP A 59 5.56 -3.26 3.22
C TRP A 59 4.84 -4.28 4.11
N ARG A 60 4.70 -3.96 5.39
CA ARG A 60 4.04 -4.86 6.33
C ARG A 60 2.55 -4.54 6.42
N ALA A 61 1.73 -5.58 6.32
CA ALA A 61 0.27 -5.41 6.39
C ALA A 61 -0.37 -6.55 7.17
N GLU A 62 -1.29 -6.19 8.07
CA GLU A 62 -1.97 -7.17 8.89
C GLU A 62 -3.48 -7.08 8.71
N PHE A 63 -4.19 -8.13 9.11
CA PHE A 63 -5.65 -8.16 8.99
C PHE A 63 -6.27 -6.87 9.50
N PRO A 64 -7.45 -6.54 8.96
CA PRO A 64 -8.17 -5.32 9.34
C PRO A 64 -8.73 -5.40 10.76
N GLY A 65 -8.81 -6.61 11.29
CA GLY A 65 -9.33 -6.80 12.63
C GLY A 65 -10.82 -7.07 12.66
N SER A 66 -11.55 -6.37 11.79
CA SER A 66 -13.00 -6.54 11.71
C SER A 66 -13.60 -5.58 10.68
N GLY A 67 -14.83 -5.87 10.25
CA GLY A 67 -15.49 -5.02 9.28
C GLY A 67 -15.42 -5.60 7.87
N ALA A 68 -16.40 -6.41 7.52
CA ALA A 68 -16.46 -7.03 6.20
C ALA A 68 -16.68 -5.99 5.12
N ASP A 69 -15.61 -5.59 4.44
CA ASP A 69 -15.70 -4.59 3.38
C ASP A 69 -16.78 -4.97 2.38
N TYR A 70 -17.11 -4.03 1.50
CA TYR A 70 -18.14 -4.25 0.48
C TYR A 70 -17.81 -5.48 -0.36
N LYS A 71 -18.69 -5.78 -1.31
CA LYS A 71 -18.50 -6.93 -2.20
C LYS A 71 -18.88 -6.58 -3.63
N LEU A 72 -18.02 -5.83 -4.31
CA LEU A 72 -18.28 -5.44 -5.69
C LEU A 72 -17.02 -5.56 -6.54
N ILE A 73 -16.10 -4.61 -6.35
CA ILE A 73 -14.85 -4.61 -7.09
C ILE A 73 -15.10 -4.40 -8.58
N VAL A 74 -16.30 -3.96 -8.93
CA VAL A 74 -16.66 -3.72 -10.32
C VAL A 74 -17.19 -2.31 -10.51
N LYS A 75 -17.12 -1.51 -9.45
CA LYS A 75 -17.59 -0.13 -9.50
C LYS A 75 -16.50 0.83 -9.04
N VAL A 76 -15.25 0.51 -9.35
CA VAL A 76 -14.12 1.34 -8.98
C VAL A 76 -13.43 1.92 -10.20
N MET A 77 -14.22 2.30 -11.19
CA MET A 77 -13.68 2.87 -12.43
C MET A 77 -13.90 4.38 -12.48
N ASP A 78 -13.66 4.97 -13.64
CA ASP A 78 -13.84 6.41 -13.82
C ASP A 78 -13.75 6.79 -15.30
N HIS A 79 -14.14 5.86 -16.16
CA HIS A 79 -14.09 6.10 -17.61
C HIS A 79 -14.62 4.89 -18.37
N ASP A 80 -15.47 5.13 -19.35
CA ASP A 80 -16.04 4.06 -20.17
C ASP A 80 -16.78 3.06 -19.29
N THR A 81 -18.10 3.23 -19.18
CA THR A 81 -18.93 2.35 -18.38
C THR A 81 -18.80 0.90 -18.84
N PHE A 82 -19.36 0.60 -20.00
CA PHE A 82 -19.31 -0.75 -20.56
C PHE A 82 -18.48 -0.78 -21.83
N SER A 83 -17.61 0.22 -22.00
CA SER A 83 -16.77 0.31 -23.17
C SER A 83 -15.42 -0.37 -22.93
N SER A 84 -14.88 -0.18 -21.74
CA SER A 84 -13.59 -0.78 -21.38
C SER A 84 -12.47 -0.22 -22.27
N ASP A 85 -11.67 0.67 -21.70
CA ASP A 85 -10.56 1.27 -22.43
C ASP A 85 -9.23 0.61 -22.05
N ASP A 86 -8.91 0.64 -20.76
CA ASP A 86 -7.68 0.05 -20.26
C ASP A 86 -7.56 0.21 -18.76
N PHE A 87 -6.40 -0.11 -18.22
CA PHE A 87 -6.15 0.00 -16.79
C PHE A 87 -5.40 1.27 -16.44
N ILE A 88 -5.70 1.86 -15.29
CA ILE A 88 -5.05 3.08 -14.85
C ILE A 88 -4.04 2.80 -13.74
N GLY A 89 -4.53 2.43 -12.57
CA GLY A 89 -3.66 2.13 -11.45
C GLY A 89 -4.42 2.03 -10.14
N GLU A 90 -3.68 1.87 -9.04
CA GLU A 90 -4.29 1.77 -7.72
C GLU A 90 -3.42 2.45 -6.67
N ALA A 91 -4.07 3.16 -5.75
CA ALA A 91 -3.36 3.86 -4.68
C ALA A 91 -3.88 3.45 -3.31
N THR A 92 -3.23 3.94 -2.26
CA THR A 92 -3.62 3.62 -0.90
C THR A 92 -5.09 3.93 -0.67
N VAL A 93 -5.95 2.94 -0.91
CA VAL A 93 -7.38 3.11 -0.73
C VAL A 93 -8.04 1.81 -0.26
N HIS A 94 -9.19 1.93 0.38
CA HIS A 94 -9.92 0.77 0.87
C HIS A 94 -9.82 -0.39 -0.11
N VAL A 95 -8.99 -1.38 0.22
CA VAL A 95 -8.81 -2.54 -0.63
C VAL A 95 -8.45 -3.77 0.19
N LYS A 96 -8.91 -3.81 1.43
CA LYS A 96 -8.64 -4.93 2.32
C LYS A 96 -9.15 -6.24 1.72
N GLU A 97 -10.09 -6.12 0.79
CA GLU A 97 -10.66 -7.30 0.14
C GLU A 97 -9.59 -8.08 -0.62
N LEU A 98 -8.54 -7.37 -1.04
CA LEU A 98 -7.45 -8.00 -1.77
C LEU A 98 -6.54 -8.78 -0.84
N LEU A 99 -6.06 -8.12 0.21
CA LEU A 99 -5.17 -8.76 1.18
C LEU A 99 -5.92 -9.84 1.96
N GLU A 100 -7.14 -9.53 2.36
CA GLU A 100 -7.96 -10.47 3.12
C GLU A 100 -8.13 -11.78 2.36
N MET A 101 -8.16 -11.68 1.03
CA MET A 101 -8.31 -12.85 0.19
C MET A 101 -6.99 -13.60 0.04
N GLY A 102 -5.92 -12.97 0.49
CA GLY A 102 -4.60 -13.58 0.39
C GLY A 102 -4.44 -14.76 1.34
N VAL A 103 -4.87 -14.58 2.58
CA VAL A 103 -4.78 -15.64 3.58
C VAL A 103 -5.63 -16.83 3.20
N GLU A 104 -6.62 -16.60 2.35
CA GLU A 104 -7.52 -17.66 1.91
C GLU A 104 -6.73 -18.85 1.38
N LYS A 105 -5.91 -18.60 0.36
CA LYS A 105 -5.10 -19.66 -0.24
C LYS A 105 -3.61 -19.37 -0.06
N GLY A 106 -3.31 -18.32 0.70
CA GLY A 106 -1.93 -17.96 0.94
C GLY A 106 -1.47 -16.78 0.09
N THR A 107 -2.17 -16.55 -1.01
CA THR A 107 -1.84 -15.45 -1.91
C THR A 107 -3.09 -14.83 -2.51
N ALA A 108 -2.98 -13.58 -2.95
CA ALA A 108 -4.11 -12.87 -3.54
C ALA A 108 -3.64 -11.90 -4.62
N GLU A 109 -4.56 -11.51 -5.50
CA GLU A 109 -4.23 -10.59 -6.59
C GLU A 109 -5.46 -9.79 -7.00
N LEU A 110 -5.27 -8.50 -7.23
CA LEU A 110 -6.36 -7.62 -7.63
C LEU A 110 -7.14 -8.22 -8.79
N ARG A 111 -8.46 -8.20 -8.69
CA ARG A 111 -9.33 -8.74 -9.73
C ARG A 111 -9.05 -8.08 -11.08
N PRO A 112 -9.42 -8.76 -12.17
CA PRO A 112 -9.22 -8.25 -13.53
C PRO A 112 -10.11 -7.05 -13.84
N THR A 113 -9.80 -5.91 -13.25
CA THR A 113 -10.57 -4.69 -13.46
C THR A 113 -9.73 -3.45 -13.20
N LYS A 114 -10.02 -2.38 -13.93
CA LYS A 114 -9.30 -1.12 -13.77
C LYS A 114 -9.68 -0.43 -12.47
N TYR A 115 -8.86 -0.63 -11.44
CA TYR A 115 -9.12 -0.04 -10.13
C TYR A 115 -9.26 1.48 -10.25
N ASN A 116 -9.53 2.13 -9.12
CA ASN A 116 -9.69 3.58 -9.10
C ASN A 116 -8.43 4.25 -8.55
N ILE A 117 -7.93 5.24 -9.30
CA ILE A 117 -6.73 5.96 -8.89
C ILE A 117 -6.68 7.35 -9.54
N VAL A 118 -7.83 7.83 -9.98
CA VAL A 118 -7.91 9.14 -10.62
C VAL A 118 -8.68 10.12 -9.74
N ASP A 119 -9.55 9.60 -8.89
CA ASP A 119 -10.35 10.44 -8.00
C ASP A 119 -9.46 11.12 -6.96
N SER A 120 -10.08 11.74 -5.98
CA SER A 120 -9.36 12.44 -4.92
C SER A 120 -10.19 12.54 -3.65
N ASP A 121 -11.11 11.61 -3.48
CA ASP A 121 -11.97 11.59 -2.30
C ASP A 121 -11.68 10.39 -1.42
N LEU A 122 -11.49 9.23 -2.04
CA LEU A 122 -11.20 8.00 -1.31
C LEU A 122 -10.01 8.19 -0.38
N SER A 123 -8.86 8.56 -0.96
CA SER A 123 -7.66 8.78 -0.18
C SER A 123 -6.66 9.63 -0.95
N PHE A 124 -7.17 10.45 -1.87
CA PHE A 124 -6.32 11.31 -2.67
C PHE A 124 -5.39 10.50 -3.56
N VAL A 125 -5.96 9.49 -4.24
CA VAL A 125 -5.19 8.64 -5.13
C VAL A 125 -4.38 9.46 -6.13
N GLY A 126 -3.50 8.80 -6.87
CA GLY A 126 -2.68 9.49 -7.85
C GLY A 126 -2.27 8.58 -8.99
N GLU A 127 -1.02 8.14 -8.97
CA GLU A 127 -0.50 7.26 -10.02
C GLU A 127 0.31 6.12 -9.41
N LEU A 128 0.09 4.91 -9.91
CA LEU A 128 0.80 3.73 -9.43
C LEU A 128 0.84 2.65 -10.50
N LEU A 129 1.72 1.67 -10.30
CA LEU A 129 1.87 0.57 -11.25
C LEU A 129 0.79 -0.48 -11.04
N ILE A 130 0.29 -1.04 -12.14
CA ILE A 130 -0.75 -2.05 -12.08
C ILE A 130 -0.16 -3.45 -12.00
N GLY A 131 -0.37 -4.12 -10.87
CA GLY A 131 0.16 -5.46 -10.69
C GLY A 131 0.51 -5.76 -9.24
N VAL A 132 0.53 -4.71 -8.42
CA VAL A 132 0.85 -4.87 -7.00
C VAL A 132 -0.12 -5.81 -6.31
N SER A 133 0.26 -7.08 -6.19
CA SER A 133 -0.59 -8.08 -5.56
C SER A 133 -0.17 -8.30 -4.11
N TYR A 134 -1.00 -9.02 -3.36
CA TYR A 134 -0.72 -9.31 -1.97
C TYR A 134 -0.56 -10.81 -1.73
N SER A 135 0.55 -11.18 -1.08
CA SER A 135 0.83 -12.58 -0.80
C SER A 135 1.40 -12.75 0.61
N LEU A 136 1.03 -13.85 1.26
CA LEU A 136 1.50 -14.13 2.61
C LEU A 136 3.00 -14.36 2.62
N LEU A 137 3.75 -13.35 3.06
CA LEU A 137 5.20 -13.45 3.14
C LEU A 137 5.69 -13.41 4.58
N GLN A 138 6.98 -13.18 4.76
CA GLN A 138 7.57 -13.12 6.10
C GLN A 138 6.74 -12.24 7.02
N ASP A 139 6.90 -10.93 6.89
CA ASP A 139 6.16 -9.97 7.70
C ASP A 139 6.35 -10.28 9.19
N ARG A 140 7.57 -10.12 9.68
CA ARG A 140 7.88 -10.39 11.08
C ARG A 140 7.43 -9.21 11.96
N GLY A 141 6.96 -9.53 13.16
CA GLY A 141 6.52 -8.49 14.08
C GLY A 141 5.41 -8.97 15.01
N MET A 142 4.75 -10.06 14.62
CA MET A 142 3.67 -10.61 15.43
C MET A 142 4.23 -11.42 16.60
N ASP A 143 3.33 -12.01 17.38
CA ASP A 143 3.74 -12.81 18.54
C ASP A 143 4.45 -11.94 19.57
N GLY A 144 4.53 -12.44 20.80
CA GLY A 144 5.19 -11.70 21.85
C GLY A 144 4.22 -11.14 22.87
N GLU A 145 4.30 -11.62 24.10
CA GLU A 145 3.41 -11.18 25.17
C GLU A 145 4.20 -10.48 26.27
N GLN A 146 3.54 -9.59 27.00
CA GLN A 146 4.17 -8.87 28.09
C GLN A 146 3.20 -7.90 28.75
N PHE A 147 3.68 -7.17 29.75
CA PHE A 147 2.84 -6.20 30.45
C PHE A 147 3.69 -5.02 30.96
N GLY A 148 3.20 -3.81 30.69
CA GLY A 148 3.92 -2.63 31.13
C GLY A 148 3.19 -1.87 32.21
N GLY A 149 3.65 -0.66 32.52
CA GLY A 149 3.02 0.14 33.54
C GLY A 149 3.63 1.52 33.65
N TRP A 150 2.90 2.45 34.25
CA TRP A 150 3.38 3.82 34.42
C TRP A 150 2.61 4.53 35.53
N LYS A 151 2.96 5.79 35.77
CA LYS A 151 2.30 6.58 36.81
C LYS A 151 1.12 7.36 36.22
N HIS A 152 0.57 8.27 37.00
CA HIS A 152 -0.55 9.09 36.57
C HIS A 152 -0.46 10.50 37.13
N SER A 153 -1.31 11.39 36.63
CA SER A 153 -1.31 12.78 37.08
C SER A 153 -2.59 13.10 37.85
N ASN A 154 -2.77 14.36 38.20
CA ASN A 154 -3.94 14.80 38.95
C ASN A 154 -4.65 15.93 38.23
N VAL A 155 -5.99 15.90 38.23
CA VAL A 155 -6.78 16.93 37.57
C VAL A 155 -8.25 16.78 37.93
N ASP A 156 -8.91 17.91 38.17
CA ASP A 156 -10.33 17.92 38.52
C ASP A 156 -11.17 17.31 37.40
N HIS A 157 -12.32 16.74 37.76
CA HIS A 157 -13.21 16.14 36.78
C HIS A 157 -14.48 16.96 36.62
N HIS A 158 -15.37 16.50 35.75
CA HIS A 158 -16.63 17.18 35.50
C HIS A 158 -17.82 16.29 35.83
N HIS A 159 -17.81 15.73 37.04
CA HIS A 159 -18.90 14.85 37.49
C HIS A 159 -19.00 13.62 36.59
N HIS A 160 -19.84 12.68 36.99
CA HIS A 160 -20.03 11.45 36.21
C HIS A 160 -21.41 11.43 35.57
N HIS A 161 -21.91 12.61 35.19
CA HIS A 161 -23.22 12.71 34.56
C HIS A 161 -24.31 12.18 35.49
N HIS A 162 -25.52 12.05 34.94
CA HIS A 162 -26.66 11.55 35.71
C HIS A 162 -26.75 10.03 35.61
N MET A 1 -13.76 2.27 9.10
CA MET A 1 -14.05 2.01 10.50
C MET A 1 -13.33 0.74 10.96
N ALA A 2 -12.08 0.60 10.54
CA ALA A 2 -11.28 -0.57 10.91
C ALA A 2 -9.83 -0.17 11.17
N VAL A 3 -9.25 -0.73 12.23
CA VAL A 3 -7.87 -0.44 12.60
C VAL A 3 -6.99 -1.68 12.46
N GLY A 4 -6.08 -1.65 11.50
CA GLY A 4 -5.19 -2.79 11.28
C GLY A 4 -4.04 -2.44 10.36
N ILE A 5 -3.15 -3.41 10.16
CA ILE A 5 -1.99 -3.22 9.29
C ILE A 5 -2.35 -3.50 7.83
N LEU A 6 -1.79 -2.70 6.93
CA LEU A 6 -2.05 -2.86 5.50
C LEU A 6 -0.94 -3.67 4.84
N GLU A 7 -1.26 -4.31 3.73
CA GLU A 7 -0.29 -5.11 2.99
C GLU A 7 -0.29 -4.75 1.51
N VAL A 8 0.91 -4.60 0.96
CA VAL A 8 1.06 -4.26 -0.46
C VAL A 8 1.90 -5.29 -1.20
N SER A 9 1.63 -5.44 -2.48
CA SER A 9 2.36 -6.41 -3.30
C SER A 9 3.43 -5.72 -4.14
N LEU A 10 4.65 -6.25 -4.09
CA LEU A 10 5.76 -5.69 -4.83
C LEU A 10 5.75 -6.19 -6.28
N ILE A 11 4.68 -5.88 -6.99
CA ILE A 11 4.54 -6.29 -8.39
C ILE A 11 5.04 -5.19 -9.32
N SER A 12 4.44 -4.00 -9.21
CA SER A 12 4.82 -2.88 -10.05
C SER A 12 4.68 -1.56 -9.29
N GLY A 13 5.05 -0.46 -9.93
CA GLY A 13 4.96 0.84 -9.30
C GLY A 13 5.96 1.83 -9.86
N LYS A 14 5.50 3.04 -10.15
CA LYS A 14 6.36 4.08 -10.69
C LYS A 14 6.64 5.16 -9.65
N GLY A 15 7.92 5.40 -9.37
CA GLY A 15 8.29 6.41 -8.40
C GLY A 15 7.99 7.82 -8.87
N LEU A 16 6.75 8.27 -8.66
CA LEU A 16 6.34 9.60 -9.07
C LEU A 16 7.17 10.67 -8.36
N LYS A 17 7.77 10.30 -7.23
CA LYS A 17 8.59 11.22 -6.47
C LYS A 17 9.86 11.60 -7.23
N ARG A 18 10.28 12.84 -7.10
CA ARG A 18 11.48 13.33 -7.77
C ARG A 18 12.30 14.22 -6.86
N SER A 19 13.62 14.08 -6.93
CA SER A 19 14.53 14.87 -6.10
C SER A 19 15.98 14.51 -6.39
N ASP A 20 16.23 13.24 -6.69
CA ASP A 20 17.57 12.77 -6.99
C ASP A 20 17.55 11.33 -7.46
N PHE A 21 18.20 11.07 -8.60
CA PHE A 21 18.26 9.73 -9.16
C PHE A 21 19.69 9.32 -9.48
N LEU A 22 19.85 8.36 -10.37
CA LEU A 22 21.18 7.88 -10.76
C LEU A 22 21.82 7.09 -9.63
N GLY A 23 22.19 7.78 -8.55
CA GLY A 23 22.80 7.11 -7.42
C GLY A 23 21.86 6.18 -6.71
N LYS A 24 21.97 6.10 -5.38
CA LYS A 24 21.13 5.24 -4.58
C LYS A 24 20.38 6.03 -3.52
N ILE A 25 20.25 7.34 -3.74
CA ILE A 25 19.56 8.21 -2.80
C ILE A 25 18.11 8.41 -3.21
N ASP A 26 17.42 7.32 -3.54
CA ASP A 26 16.03 7.37 -3.94
C ASP A 26 15.49 5.98 -4.24
N PRO A 27 16.10 5.32 -5.24
CA PRO A 27 15.69 3.97 -5.65
C PRO A 27 16.05 2.91 -4.61
N TYR A 28 15.17 2.74 -3.63
CA TYR A 28 15.38 1.77 -2.56
C TYR A 28 14.41 0.61 -2.68
N VAL A 29 14.92 -0.61 -2.61
CA VAL A 29 14.10 -1.80 -2.70
C VAL A 29 14.40 -2.78 -1.57
N GLU A 30 13.43 -3.62 -1.24
CA GLU A 30 13.60 -4.60 -0.18
C GLU A 30 14.37 -5.81 -0.66
N ILE A 31 15.69 -5.78 -0.49
CA ILE A 31 16.54 -6.88 -0.91
C ILE A 31 17.56 -7.23 0.17
N GLN A 32 17.48 -8.47 0.65
CA GLN A 32 18.39 -8.93 1.69
C GLN A 32 18.48 -10.46 1.68
N TYR A 33 19.62 -10.97 2.14
CA TYR A 33 19.84 -12.42 2.19
C TYR A 33 20.01 -12.91 3.62
N LYS A 34 20.41 -11.99 4.50
CA LYS A 34 20.61 -12.33 5.91
C LYS A 34 19.39 -13.02 6.49
N GLY A 35 18.33 -12.24 6.74
CA GLY A 35 17.12 -12.80 7.29
C GLY A 35 15.97 -11.80 7.31
N GLN A 36 16.24 -10.61 7.84
CA GLN A 36 15.22 -9.57 7.91
C GLN A 36 15.22 -8.72 6.64
N THR A 37 14.13 -7.99 6.43
CA THR A 37 14.01 -7.13 5.25
C THR A 37 13.28 -5.84 5.59
N ARG A 38 13.51 -4.81 4.77
CA ARG A 38 12.87 -3.52 4.99
C ARG A 38 11.78 -3.26 3.94
N LYS A 39 11.20 -2.07 3.99
CA LYS A 39 10.14 -1.71 3.06
C LYS A 39 10.71 -0.99 1.84
N SER A 40 10.39 -1.50 0.65
CA SER A 40 10.88 -0.91 -0.59
C SER A 40 10.41 0.54 -0.72
N SER A 41 11.36 1.45 -0.90
CA SER A 41 11.05 2.86 -1.04
C SER A 41 10.83 3.23 -2.50
N VAL A 42 10.73 4.52 -2.77
CA VAL A 42 10.53 5.01 -4.13
C VAL A 42 11.54 4.39 -5.10
N ALA A 43 11.12 4.22 -6.35
CA ALA A 43 12.00 3.64 -7.36
C ALA A 43 12.49 4.71 -8.33
N LYS A 44 13.50 4.37 -9.12
CA LYS A 44 14.06 5.30 -10.09
C LYS A 44 13.12 5.49 -11.27
N GLU A 45 12.48 4.40 -11.69
CA GLU A 45 11.55 4.45 -12.81
C GLU A 45 10.93 3.08 -13.07
N ASP A 46 9.72 2.87 -12.56
CA ASP A 46 9.03 1.61 -12.74
C ASP A 46 9.93 0.43 -12.39
N GLY A 47 9.96 0.06 -11.10
CA GLY A 47 10.80 -1.04 -10.66
C GLY A 47 10.00 -2.30 -10.42
N GLY A 48 9.01 -2.55 -11.28
CA GLY A 48 8.19 -3.74 -11.14
C GLY A 48 8.93 -5.01 -11.52
N ARG A 49 10.08 -4.84 -12.16
CA ARG A 49 10.88 -5.99 -12.59
C ARG A 49 11.15 -6.93 -11.43
N ASN A 50 11.16 -6.38 -10.22
CA ASN A 50 11.40 -7.19 -9.02
C ASN A 50 10.17 -8.03 -8.66
N PRO A 51 10.39 -9.07 -7.87
CA PRO A 51 9.32 -9.98 -7.43
C PRO A 51 8.36 -9.30 -6.46
N THR A 52 7.18 -9.90 -6.28
CA THR A 52 6.18 -9.37 -5.37
C THR A 52 6.07 -10.22 -4.10
N TRP A 53 6.06 -11.53 -4.27
CA TRP A 53 5.96 -12.44 -3.14
C TRP A 53 7.28 -12.49 -2.37
N ASN A 54 8.30 -11.82 -2.89
CA ASN A 54 9.60 -11.78 -2.25
C ASN A 54 9.66 -10.67 -1.20
N ASP A 55 9.14 -9.50 -1.56
CA ASP A 55 9.13 -8.36 -0.65
C ASP A 55 7.72 -7.81 -0.47
N LYS A 56 7.40 -7.37 0.73
CA LYS A 56 6.08 -6.82 1.03
C LYS A 56 6.20 -5.56 1.88
N LEU A 57 5.17 -4.72 1.83
CA LEU A 57 5.16 -3.48 2.59
C LEU A 57 4.03 -3.49 3.62
N LYS A 58 4.31 -2.93 4.79
CA LYS A 58 3.32 -2.86 5.86
C LYS A 58 3.11 -1.42 6.34
N TRP A 59 1.88 -1.09 6.69
CA TRP A 59 1.56 0.25 7.16
C TRP A 59 0.43 0.21 8.19
N ARG A 60 0.40 1.22 9.06
CA ARG A 60 -0.62 1.30 10.10
C ARG A 60 -1.75 2.23 9.69
N ALA A 61 -2.98 1.74 9.79
CA ALA A 61 -4.15 2.53 9.43
C ALA A 61 -5.25 2.39 10.46
N GLU A 62 -5.86 3.51 10.83
CA GLU A 62 -6.93 3.50 11.82
C GLU A 62 -8.25 3.98 11.21
N PHE A 63 -9.35 3.67 11.87
CA PHE A 63 -10.67 4.08 11.39
C PHE A 63 -10.69 5.56 11.02
N PRO A 64 -11.55 5.92 10.06
CA PRO A 64 -11.69 7.30 9.60
C PRO A 64 -12.33 8.21 10.64
N GLY A 65 -13.00 7.59 11.62
CA GLY A 65 -13.64 8.36 12.67
C GLY A 65 -15.06 8.77 12.30
N SER A 66 -15.21 9.33 11.11
CA SER A 66 -16.52 9.77 10.63
C SER A 66 -16.42 10.43 9.27
N GLY A 67 -17.55 10.52 8.57
CA GLY A 67 -17.56 11.14 7.26
C GLY A 67 -18.09 10.21 6.19
N ALA A 68 -17.57 8.99 6.15
CA ALA A 68 -17.99 8.00 5.17
C ALA A 68 -19.51 7.86 5.15
N ASP A 69 -20.13 8.29 4.05
CA ASP A 69 -21.58 8.21 3.91
C ASP A 69 -21.97 7.95 2.45
N TYR A 70 -20.99 7.54 1.66
CA TYR A 70 -21.23 7.25 0.25
C TYR A 70 -19.95 6.76 -0.44
N LYS A 71 -20.11 6.17 -1.61
CA LYS A 71 -18.97 5.66 -2.37
C LYS A 71 -19.26 5.69 -3.87
N LEU A 72 -18.24 5.96 -4.66
CA LEU A 72 -18.38 6.01 -6.11
C LEU A 72 -17.26 5.23 -6.80
N ILE A 73 -16.70 4.25 -6.09
CA ILE A 73 -15.62 3.44 -6.62
C ILE A 73 -16.05 2.74 -7.91
N VAL A 74 -17.37 2.59 -8.09
CA VAL A 74 -17.91 1.95 -9.28
C VAL A 74 -17.94 2.91 -10.46
N LYS A 75 -17.97 4.21 -10.17
CA LYS A 75 -18.00 5.23 -11.20
C LYS A 75 -16.69 6.02 -11.21
N VAL A 76 -15.58 5.32 -11.42
CA VAL A 76 -14.27 5.96 -11.46
C VAL A 76 -13.29 5.15 -12.30
N MET A 77 -13.66 4.89 -13.54
CA MET A 77 -12.81 4.13 -14.46
C MET A 77 -12.21 5.04 -15.52
N ASP A 78 -11.58 4.42 -16.52
CA ASP A 78 -10.96 5.17 -17.62
C ASP A 78 -12.03 5.86 -18.47
N HIS A 79 -12.85 5.07 -19.15
CA HIS A 79 -13.90 5.60 -20.00
C HIS A 79 -14.78 4.48 -20.55
N ASP A 80 -16.09 4.63 -20.42
CA ASP A 80 -17.03 3.63 -20.92
C ASP A 80 -16.85 2.31 -20.17
N THR A 81 -17.69 2.08 -19.17
CA THR A 81 -17.63 0.86 -18.38
C THR A 81 -17.65 -0.37 -19.28
N PHE A 82 -18.43 -0.30 -20.35
CA PHE A 82 -18.54 -1.41 -21.29
C PHE A 82 -17.19 -1.75 -21.91
N SER A 83 -16.47 -0.71 -22.34
CA SER A 83 -15.17 -0.89 -22.95
C SER A 83 -14.12 -1.30 -21.91
N SER A 84 -13.87 -0.41 -20.95
CA SER A 84 -12.89 -0.69 -19.91
C SER A 84 -13.25 -1.98 -19.16
N ASP A 85 -12.44 -3.01 -19.38
CA ASP A 85 -12.66 -4.30 -18.73
C ASP A 85 -11.53 -4.61 -17.75
N ASP A 86 -10.31 -4.64 -18.26
CA ASP A 86 -9.14 -4.93 -17.43
C ASP A 86 -9.02 -3.92 -16.29
N PHE A 87 -8.04 -4.14 -15.43
CA PHE A 87 -7.82 -3.25 -14.29
C PHE A 87 -6.48 -2.52 -14.43
N ILE A 88 -6.45 -1.28 -13.95
CA ILE A 88 -5.23 -0.47 -14.02
C ILE A 88 -4.46 -0.53 -12.70
N GLY A 89 -5.04 0.06 -11.66
CA GLY A 89 -4.39 0.07 -10.36
C GLY A 89 -5.09 0.98 -9.36
N GLU A 90 -4.48 1.16 -8.20
CA GLU A 90 -5.05 2.01 -7.16
C GLU A 90 -4.00 2.95 -6.58
N ALA A 91 -4.40 4.19 -6.33
CA ALA A 91 -3.50 5.19 -5.77
C ALA A 91 -4.09 5.83 -4.52
N THR A 92 -3.30 6.66 -3.85
CA THR A 92 -3.74 7.33 -2.63
C THR A 92 -4.94 8.22 -2.91
N VAL A 93 -6.12 7.63 -2.85
CA VAL A 93 -7.36 8.37 -3.09
C VAL A 93 -8.50 7.86 -2.21
N HIS A 94 -9.49 8.71 -1.98
CA HIS A 94 -10.64 8.33 -1.15
C HIS A 94 -11.07 6.90 -1.44
N VAL A 95 -10.71 5.99 -0.53
CA VAL A 95 -11.06 4.58 -0.69
C VAL A 95 -11.18 3.89 0.66
N LYS A 96 -11.50 4.67 1.69
CA LYS A 96 -11.66 4.13 3.03
C LYS A 96 -12.73 3.05 3.08
N GLU A 97 -13.62 3.07 2.09
CA GLU A 97 -14.70 2.10 2.02
C GLU A 97 -14.15 0.68 2.04
N LEU A 98 -12.90 0.52 1.61
CA LEU A 98 -12.26 -0.79 1.59
C LEU A 98 -11.79 -1.19 2.98
N LEU A 99 -11.01 -0.32 3.61
CA LEU A 99 -10.50 -0.58 4.95
C LEU A 99 -11.62 -0.62 5.96
N GLU A 100 -12.67 0.15 5.71
CA GLU A 100 -13.82 0.20 6.60
C GLU A 100 -14.60 -1.11 6.56
N MET A 101 -14.61 -1.75 5.39
CA MET A 101 -15.31 -3.01 5.22
C MET A 101 -14.53 -4.16 5.85
N GLY A 102 -13.29 -3.89 6.23
CA GLY A 102 -12.46 -4.91 6.84
C GLY A 102 -12.97 -5.34 8.20
N VAL A 103 -13.24 -4.36 9.06
CA VAL A 103 -13.73 -4.64 10.40
C VAL A 103 -15.01 -5.47 10.36
N GLU A 104 -15.69 -5.44 9.22
CA GLU A 104 -16.93 -6.19 9.05
C GLU A 104 -16.75 -7.65 9.47
N LYS A 105 -15.80 -8.33 8.83
CA LYS A 105 -15.52 -9.73 9.15
C LYS A 105 -14.07 -9.91 9.58
N GLY A 106 -13.35 -8.80 9.70
CA GLY A 106 -11.96 -8.86 10.11
C GLY A 106 -11.01 -8.60 8.95
N THR A 107 -11.50 -8.77 7.74
CA THR A 107 -10.69 -8.55 6.54
C THR A 107 -11.51 -7.96 5.41
N ALA A 108 -10.84 -7.31 4.47
CA ALA A 108 -11.52 -6.70 3.33
C ALA A 108 -10.66 -6.80 2.07
N GLU A 109 -11.30 -6.61 0.91
CA GLU A 109 -10.59 -6.69 -0.36
C GLU A 109 -11.28 -5.80 -1.40
N LEU A 110 -10.48 -5.05 -2.15
CA LEU A 110 -11.01 -4.17 -3.19
C LEU A 110 -11.98 -4.93 -4.10
N ARG A 111 -13.07 -4.26 -4.46
CA ARG A 111 -14.08 -4.87 -5.31
C ARG A 111 -13.54 -5.08 -6.72
N PRO A 112 -14.15 -6.02 -7.47
CA PRO A 112 -13.74 -6.33 -8.83
C PRO A 112 -14.07 -5.22 -9.81
N THR A 113 -13.27 -4.15 -9.79
CA THR A 113 -13.48 -3.02 -10.68
C THR A 113 -12.18 -2.25 -10.90
N LYS A 114 -12.05 -1.63 -12.07
CA LYS A 114 -10.87 -0.86 -12.41
C LYS A 114 -10.86 0.48 -11.68
N TYR A 115 -10.07 0.57 -10.62
CA TYR A 115 -9.97 1.79 -9.83
C TYR A 115 -9.56 2.97 -10.71
N ASN A 116 -9.41 4.14 -10.10
CA ASN A 116 -9.02 5.34 -10.82
C ASN A 116 -7.57 5.71 -10.53
N ILE A 117 -6.66 5.20 -11.34
CA ILE A 117 -5.24 5.48 -11.17
C ILE A 117 -4.61 5.96 -12.47
N VAL A 118 -5.45 6.31 -13.44
CA VAL A 118 -4.98 6.78 -14.73
C VAL A 118 -5.68 8.07 -15.13
N ASP A 119 -4.92 9.14 -15.26
CA ASP A 119 -5.47 10.44 -15.64
C ASP A 119 -6.65 10.81 -14.74
N SER A 120 -6.35 11.09 -13.48
CA SER A 120 -7.40 11.45 -12.51
C SER A 120 -7.35 12.94 -12.21
N ASP A 121 -6.14 13.46 -12.00
CA ASP A 121 -5.97 14.87 -11.69
C ASP A 121 -6.78 15.27 -10.47
N LEU A 122 -7.06 14.30 -9.61
CA LEU A 122 -7.84 14.56 -8.40
C LEU A 122 -7.02 14.22 -7.16
N SER A 123 -6.38 13.06 -7.18
CA SER A 123 -5.56 12.61 -6.04
C SER A 123 -4.12 12.36 -6.47
N PHE A 124 -3.74 12.94 -7.62
CA PHE A 124 -2.39 12.78 -8.13
C PHE A 124 -2.01 11.30 -8.21
N VAL A 125 -2.92 10.49 -8.76
CA VAL A 125 -2.67 9.05 -8.89
C VAL A 125 -1.39 8.78 -9.69
N GLY A 126 -1.08 7.51 -9.88
CA GLY A 126 0.11 7.13 -10.62
C GLY A 126 0.06 5.71 -11.12
N GLU A 127 0.82 4.83 -10.48
CA GLU A 127 0.85 3.42 -10.88
C GLU A 127 0.92 2.51 -9.66
N LEU A 128 0.17 1.41 -9.70
CA LEU A 128 0.14 0.46 -8.60
C LEU A 128 -0.38 -0.90 -9.07
N LEU A 129 -0.21 -1.91 -8.23
CA LEU A 129 -0.68 -3.26 -8.56
C LEU A 129 -2.04 -3.53 -7.94
N ILE A 130 -2.83 -4.36 -8.61
CA ILE A 130 -4.16 -4.70 -8.13
C ILE A 130 -4.12 -5.95 -7.23
N GLY A 131 -4.46 -5.76 -5.96
CA GLY A 131 -4.46 -6.87 -5.03
C GLY A 131 -4.25 -6.42 -3.59
N VAL A 132 -3.74 -5.21 -3.43
CA VAL A 132 -3.49 -4.66 -2.10
C VAL A 132 -4.79 -4.54 -1.30
N SER A 133 -5.09 -5.57 -0.51
CA SER A 133 -6.30 -5.58 0.30
C SER A 133 -6.00 -5.11 1.72
N TYR A 134 -7.07 -4.86 2.48
CA TYR A 134 -6.92 -4.40 3.86
C TYR A 134 -7.45 -5.44 4.84
N SER A 135 -6.60 -5.85 5.78
CA SER A 135 -6.99 -6.84 6.77
C SER A 135 -6.61 -6.37 8.18
N LEU A 136 -7.44 -6.73 9.15
CA LEU A 136 -7.21 -6.35 10.54
C LEU A 136 -5.92 -6.99 11.07
N LEU A 137 -5.11 -6.19 11.75
CA LEU A 137 -3.86 -6.68 12.31
C LEU A 137 -3.37 -5.77 13.44
N GLN A 138 -2.37 -6.23 14.17
CA GLN A 138 -1.82 -5.47 15.29
C GLN A 138 -0.31 -5.66 15.39
N ASP A 139 0.44 -4.61 15.08
CA ASP A 139 1.90 -4.68 15.14
C ASP A 139 2.46 -3.52 15.95
N ARG A 140 2.01 -3.41 17.20
CA ARG A 140 2.46 -2.35 18.09
C ARG A 140 2.49 -2.81 19.53
N GLY A 141 3.02 -1.97 20.41
CA GLY A 141 3.11 -2.32 21.82
C GLY A 141 1.79 -2.17 22.54
N MET A 142 1.62 -1.04 23.22
CA MET A 142 0.38 -0.77 23.95
C MET A 142 -0.83 -0.92 23.05
N ASP A 143 -1.78 -1.76 23.46
CA ASP A 143 -2.99 -1.99 22.68
C ASP A 143 -3.99 -2.82 23.47
N GLY A 144 -5.26 -2.72 23.11
CA GLY A 144 -6.29 -3.47 23.79
C GLY A 144 -6.86 -4.60 22.95
N GLU A 145 -5.98 -5.38 22.35
CA GLU A 145 -6.40 -6.49 21.50
C GLU A 145 -5.85 -7.81 22.03
N GLN A 146 -6.38 -8.92 21.50
CA GLN A 146 -5.94 -10.24 21.92
C GLN A 146 -4.43 -10.36 21.87
N PHE A 147 -3.89 -10.39 20.66
CA PHE A 147 -2.45 -10.49 20.47
C PHE A 147 -1.82 -9.13 20.20
N GLY A 148 -0.52 -9.13 19.91
CA GLY A 148 0.17 -7.88 19.64
C GLY A 148 1.56 -8.10 19.06
N GLY A 149 2.49 -7.25 19.44
CA GLY A 149 3.86 -7.38 18.94
C GLY A 149 4.89 -6.91 19.95
N TRP A 150 6.17 -7.06 19.61
CA TRP A 150 7.25 -6.67 20.49
C TRP A 150 8.60 -6.90 19.83
N LYS A 151 8.77 -8.08 19.22
CA LYS A 151 10.02 -8.42 18.55
C LYS A 151 11.19 -8.37 19.53
N HIS A 152 12.38 -8.73 19.04
CA HIS A 152 13.58 -8.72 19.86
C HIS A 152 14.82 -8.93 19.01
N SER A 153 15.22 -7.89 18.28
CA SER A 153 16.40 -7.96 17.42
C SER A 153 16.68 -6.61 16.78
N ASN A 154 17.95 -6.23 16.75
CA ASN A 154 18.36 -4.96 16.17
C ASN A 154 19.88 -4.89 16.00
N VAL A 155 20.35 -3.80 15.43
CA VAL A 155 21.79 -3.61 15.21
C VAL A 155 22.15 -2.12 15.15
N ASP A 156 23.24 -1.77 15.81
CA ASP A 156 23.69 -0.37 15.82
C ASP A 156 25.20 -0.30 16.08
N HIS A 157 25.81 0.79 15.63
CA HIS A 157 27.24 0.99 15.80
C HIS A 157 27.56 2.44 16.15
N HIS A 158 26.62 3.10 16.82
CA HIS A 158 26.79 4.49 17.21
C HIS A 158 27.18 5.35 16.01
N HIS A 159 26.18 5.71 15.21
CA HIS A 159 26.42 6.53 14.03
C HIS A 159 27.05 7.87 14.42
N HIS A 160 26.32 8.66 15.20
CA HIS A 160 26.80 9.96 15.63
C HIS A 160 27.15 10.85 14.43
N HIS A 161 26.39 10.69 13.36
CA HIS A 161 26.61 11.47 12.14
C HIS A 161 28.03 11.25 11.61
N HIS A 162 28.38 12.00 10.57
CA HIS A 162 29.71 11.89 9.97
C HIS A 162 30.80 12.06 11.01
N MET A 1 -8.05 -2.43 13.08
CA MET A 1 -6.98 -1.71 13.77
C MET A 1 -5.75 -2.60 13.95
N ALA A 2 -4.72 -2.35 13.15
CA ALA A 2 -3.49 -3.13 13.21
C ALA A 2 -2.27 -2.24 13.04
N VAL A 3 -1.26 -2.46 13.87
CA VAL A 3 -0.03 -1.68 13.82
C VAL A 3 1.17 -2.54 13.43
N GLY A 4 1.76 -2.25 12.28
CA GLY A 4 2.90 -3.01 11.82
C GLY A 4 3.64 -2.33 10.68
N ILE A 5 4.49 -3.07 10.00
CA ILE A 5 5.26 -2.53 8.89
C ILE A 5 4.64 -2.93 7.55
N LEU A 6 4.58 -1.97 6.63
CA LEU A 6 4.00 -2.22 5.32
C LEU A 6 5.08 -2.72 4.35
N GLU A 7 4.64 -3.43 3.31
CA GLU A 7 5.56 -3.96 2.31
C GLU A 7 5.13 -3.57 0.91
N VAL A 8 6.09 -3.15 0.09
CA VAL A 8 5.81 -2.73 -1.28
C VAL A 8 6.89 -3.24 -2.23
N SER A 9 6.49 -3.56 -3.46
CA SER A 9 7.42 -4.06 -4.47
C SER A 9 7.91 -2.91 -5.36
N LEU A 10 9.23 -2.81 -5.49
CA LEU A 10 9.82 -1.76 -6.31
C LEU A 10 9.72 -2.12 -7.79
N ILE A 11 8.49 -2.26 -8.28
CA ILE A 11 8.26 -2.59 -9.68
C ILE A 11 8.14 -1.32 -10.53
N SER A 12 7.07 -0.58 -10.32
CA SER A 12 6.84 0.65 -11.07
C SER A 12 6.11 1.69 -10.22
N GLY A 13 5.92 2.87 -10.78
CA GLY A 13 5.24 3.93 -10.05
C GLY A 13 5.56 5.31 -10.58
N LYS A 14 4.57 6.19 -10.61
CA LYS A 14 4.76 7.54 -11.10
C LYS A 14 4.71 8.55 -9.96
N GLY A 15 5.78 9.34 -9.83
CA GLY A 15 5.84 10.32 -8.76
C GLY A 15 5.29 11.67 -9.19
N LEU A 16 3.98 11.81 -9.16
CA LEU A 16 3.32 13.05 -9.56
C LEU A 16 3.58 14.16 -8.53
N LYS A 17 3.91 13.74 -7.31
CA LYS A 17 4.19 14.69 -6.23
C LYS A 17 5.63 15.18 -6.29
N ARG A 18 5.86 16.39 -5.78
CA ARG A 18 7.19 16.98 -5.78
C ARG A 18 7.70 17.16 -4.36
N SER A 19 9.02 17.24 -4.21
CA SER A 19 9.64 17.41 -2.90
C SER A 19 11.14 17.63 -3.02
N ASP A 20 11.76 16.92 -3.96
CA ASP A 20 13.19 17.03 -4.20
C ASP A 20 13.63 16.13 -5.34
N PHE A 21 14.39 16.69 -6.28
CA PHE A 21 14.87 15.94 -7.43
C PHE A 21 16.17 16.54 -7.96
N LEU A 22 17.27 15.79 -7.79
CA LEU A 22 18.57 16.25 -8.25
C LEU A 22 19.25 15.18 -9.11
N GLY A 23 19.10 13.92 -8.70
CA GLY A 23 19.70 12.83 -9.45
C GLY A 23 19.61 11.51 -8.71
N LYS A 24 19.99 11.51 -7.44
CA LYS A 24 19.96 10.30 -6.62
C LYS A 24 19.35 10.59 -5.25
N ILE A 25 18.03 10.67 -5.19
CA ILE A 25 17.35 10.94 -3.93
C ILE A 25 16.04 10.15 -3.84
N ASP A 26 15.07 10.51 -4.66
CA ASP A 26 13.78 9.83 -4.67
C ASP A 26 13.92 8.41 -5.20
N PRO A 27 14.38 8.29 -6.46
CA PRO A 27 14.57 6.98 -7.11
C PRO A 27 15.73 6.20 -6.50
N TYR A 28 16.48 6.85 -5.62
CA TYR A 28 17.61 6.21 -4.97
C TYR A 28 17.22 4.87 -4.36
N VAL A 29 18.07 3.87 -4.52
CA VAL A 29 17.81 2.53 -3.99
C VAL A 29 18.34 2.40 -2.56
N GLU A 30 17.74 1.49 -1.80
CA GLU A 30 18.16 1.25 -0.42
C GLU A 30 19.40 0.37 -0.37
N ILE A 31 20.57 1.00 -0.37
CA ILE A 31 21.83 0.28 -0.31
C ILE A 31 22.79 0.91 0.69
N GLN A 32 23.12 0.16 1.74
CA GLN A 32 24.02 0.65 2.77
C GLN A 32 24.67 -0.51 3.53
N TYR A 33 25.74 -0.21 4.25
CA TYR A 33 26.45 -1.24 5.01
C TYR A 33 27.01 -0.64 6.30
N LYS A 34 26.25 0.25 6.92
CA LYS A 34 26.67 0.88 8.17
C LYS A 34 25.73 0.49 9.31
N GLY A 35 24.47 0.91 9.21
CA GLY A 35 23.49 0.59 10.24
C GLY A 35 22.10 1.00 9.86
N GLN A 36 21.98 2.12 9.14
CA GLN A 36 20.68 2.62 8.71
C GLN A 36 20.51 2.47 7.20
N THR A 37 19.26 2.55 6.74
CA THR A 37 18.97 2.43 5.32
C THR A 37 17.84 3.37 4.91
N ARG A 38 17.78 3.69 3.62
CA ARG A 38 16.74 4.57 3.10
C ARG A 38 15.94 3.90 2.01
N LYS A 39 14.62 3.91 2.16
CA LYS A 39 13.73 3.29 1.18
C LYS A 39 13.34 4.28 0.09
N SER A 40 13.36 3.82 -1.16
CA SER A 40 13.01 4.67 -2.29
C SER A 40 11.54 5.06 -2.24
N SER A 41 11.28 6.37 -2.27
CA SER A 41 9.92 6.88 -2.22
C SER A 41 9.11 6.37 -3.42
N VAL A 42 7.84 6.08 -3.18
CA VAL A 42 6.96 5.59 -4.24
C VAL A 42 6.92 6.55 -5.41
N ALA A 43 7.24 7.82 -5.14
CA ALA A 43 7.24 8.85 -6.17
C ALA A 43 8.66 9.14 -6.65
N LYS A 44 9.01 8.57 -7.80
CA LYS A 44 10.34 8.77 -8.37
C LYS A 44 10.30 8.75 -9.89
N GLU A 45 9.31 9.45 -10.46
CA GLU A 45 9.16 9.51 -11.91
C GLU A 45 8.77 8.15 -12.47
N ASP A 46 7.73 8.13 -13.30
CA ASP A 46 7.26 6.89 -13.90
C ASP A 46 8.41 6.12 -14.54
N GLY A 47 8.90 5.10 -13.83
CA GLY A 47 9.99 4.30 -14.33
C GLY A 47 9.87 2.84 -13.92
N GLY A 48 8.85 2.17 -14.45
CA GLY A 48 8.65 0.77 -14.13
C GLY A 48 9.66 -0.14 -14.81
N ARG A 49 10.41 0.41 -15.76
CA ARG A 49 11.42 -0.35 -16.48
C ARG A 49 12.39 -1.01 -15.51
N ASN A 50 12.56 -0.41 -14.33
CA ASN A 50 13.45 -0.95 -13.32
C ASN A 50 12.94 -2.28 -12.78
N PRO A 51 13.86 -3.12 -12.29
CA PRO A 51 13.52 -4.43 -11.74
C PRO A 51 12.77 -4.33 -10.41
N THR A 52 12.22 -5.45 -9.97
CA THR A 52 11.48 -5.49 -8.71
C THR A 52 12.35 -5.99 -7.57
N TRP A 53 13.30 -6.86 -7.89
CA TRP A 53 14.19 -7.42 -6.89
C TRP A 53 15.24 -6.40 -6.48
N ASN A 54 15.26 -5.26 -7.15
CA ASN A 54 16.21 -4.20 -6.86
C ASN A 54 16.22 -3.88 -5.37
N ASP A 55 15.04 -3.72 -4.79
CA ASP A 55 14.91 -3.41 -3.37
C ASP A 55 13.43 -3.37 -2.96
N LYS A 56 13.20 -3.38 -1.65
CA LYS A 56 11.85 -3.35 -1.12
C LYS A 56 11.62 -2.09 -0.27
N LEU A 57 10.37 -1.68 -0.14
CA LEU A 57 10.02 -0.51 0.64
C LEU A 57 9.25 -0.90 1.91
N LYS A 58 9.63 -0.31 3.04
CA LYS A 58 8.97 -0.60 4.31
C LYS A 58 8.61 0.69 5.04
N TRP A 59 7.46 0.70 5.68
CA TRP A 59 7.00 1.87 6.42
C TRP A 59 6.17 1.46 7.63
N ARG A 60 6.11 2.34 8.62
CA ARG A 60 5.34 2.07 9.83
C ARG A 60 3.88 2.47 9.65
N ALA A 61 2.98 1.52 9.91
CA ALA A 61 1.55 1.77 9.77
C ALA A 61 0.82 1.51 11.08
N GLU A 62 -0.20 2.31 11.35
CA GLU A 62 -0.98 2.16 12.58
C GLU A 62 -2.48 2.11 12.27
N PHE A 63 -3.25 1.61 13.23
CA PHE A 63 -4.69 1.50 13.06
C PHE A 63 -5.29 2.83 12.61
N PRO A 64 -6.46 2.77 11.95
CA PRO A 64 -7.16 3.96 11.46
C PRO A 64 -7.73 4.81 12.58
N GLY A 65 -7.84 4.21 13.77
CA GLY A 65 -8.38 4.93 14.92
C GLY A 65 -9.86 5.22 14.77
N SER A 66 -10.69 4.24 15.07
CA SER A 66 -12.14 4.39 14.97
C SER A 66 -12.57 4.54 13.51
N GLY A 67 -11.63 4.31 12.60
CA GLY A 67 -11.92 4.41 11.18
C GLY A 67 -12.34 3.08 10.57
N ALA A 68 -12.99 2.24 11.36
CA ALA A 68 -13.44 0.93 10.90
C ALA A 68 -14.64 1.07 9.97
N ASP A 69 -15.27 -0.05 9.65
CA ASP A 69 -16.43 -0.07 8.77
C ASP A 69 -16.05 0.39 7.37
N TYR A 70 -17.03 0.36 6.47
CA TYR A 70 -16.79 0.78 5.08
C TYR A 70 -15.82 -0.16 4.38
N LYS A 71 -16.27 -0.71 3.25
CA LYS A 71 -15.44 -1.64 2.48
C LYS A 71 -16.17 -2.09 1.22
N LEU A 72 -16.68 -1.12 0.46
CA LEU A 72 -17.39 -1.43 -0.77
C LEU A 72 -16.66 -0.86 -1.99
N ILE A 73 -15.79 0.11 -1.74
CA ILE A 73 -15.02 0.73 -2.81
C ILE A 73 -15.93 1.48 -3.78
N VAL A 74 -17.18 1.69 -3.37
CA VAL A 74 -18.15 2.39 -4.21
C VAL A 74 -18.18 1.82 -5.62
N LYS A 75 -17.91 0.53 -5.72
CA LYS A 75 -17.91 -0.15 -7.01
C LYS A 75 -17.04 0.59 -8.02
N VAL A 76 -15.92 1.13 -7.54
CA VAL A 76 -14.99 1.86 -8.39
C VAL A 76 -13.93 0.93 -8.97
N MET A 77 -14.36 0.02 -9.84
CA MET A 77 -13.45 -0.93 -10.46
C MET A 77 -13.70 -1.03 -11.96
N ASP A 78 -13.08 -2.01 -12.60
CA ASP A 78 -13.25 -2.22 -14.04
C ASP A 78 -14.54 -2.95 -14.33
N HIS A 79 -14.56 -4.25 -14.05
CA HIS A 79 -15.75 -5.08 -14.29
C HIS A 79 -15.51 -6.51 -13.82
N ASP A 80 -15.22 -6.67 -12.53
CA ASP A 80 -14.98 -7.98 -11.96
C ASP A 80 -16.29 -8.64 -11.53
N THR A 81 -17.19 -8.82 -12.50
CA THR A 81 -18.49 -9.44 -12.22
C THR A 81 -18.40 -10.96 -12.28
N PHE A 82 -17.54 -11.46 -13.16
CA PHE A 82 -17.36 -12.89 -13.31
C PHE A 82 -15.97 -13.21 -13.86
N SER A 83 -15.04 -12.27 -13.67
CA SER A 83 -13.67 -12.45 -14.15
C SER A 83 -12.67 -12.13 -13.05
N SER A 84 -12.51 -10.85 -12.75
CA SER A 84 -11.58 -10.40 -11.72
C SER A 84 -10.16 -10.88 -12.02
N ASP A 85 -9.71 -10.63 -13.25
CA ASP A 85 -8.38 -11.03 -13.67
C ASP A 85 -7.50 -9.81 -13.94
N ASP A 86 -7.96 -8.93 -14.83
CA ASP A 86 -7.22 -7.73 -15.17
C ASP A 86 -7.13 -6.79 -13.96
N PHE A 87 -5.92 -6.59 -13.47
CA PHE A 87 -5.69 -5.72 -12.32
C PHE A 87 -4.94 -4.45 -12.74
N ILE A 88 -5.26 -3.34 -12.08
CA ILE A 88 -4.62 -2.06 -12.38
C ILE A 88 -3.55 -1.73 -11.34
N GLY A 89 -4.00 -1.44 -10.11
CA GLY A 89 -3.07 -1.10 -9.05
C GLY A 89 -3.76 -0.51 -7.84
N GLU A 90 -2.97 -0.05 -6.88
CA GLU A 90 -3.52 0.54 -5.66
C GLU A 90 -2.85 1.87 -5.35
N ALA A 91 -3.65 2.84 -4.91
CA ALA A 91 -3.13 4.16 -4.58
C ALA A 91 -3.50 4.55 -3.15
N THR A 92 -2.97 5.68 -2.70
CA THR A 92 -3.24 6.17 -1.34
C THR A 92 -4.71 6.47 -1.15
N VAL A 93 -5.50 5.43 -0.83
CA VAL A 93 -6.93 5.60 -0.62
C VAL A 93 -7.43 4.68 0.49
N HIS A 94 -8.57 5.02 1.07
CA HIS A 94 -9.16 4.24 2.14
C HIS A 94 -8.96 2.75 1.88
N VAL A 95 -8.04 2.14 2.62
CA VAL A 95 -7.76 0.71 2.47
C VAL A 95 -7.34 0.09 3.80
N LYS A 96 -7.76 0.71 4.89
CA LYS A 96 -7.44 0.21 6.23
C LYS A 96 -7.94 -1.21 6.42
N GLU A 97 -8.89 -1.61 5.60
CA GLU A 97 -9.46 -2.96 5.68
C GLU A 97 -8.38 -4.02 5.47
N LEU A 98 -7.32 -3.64 4.75
CA LEU A 98 -6.23 -4.56 4.48
C LEU A 98 -5.33 -4.72 5.71
N LEU A 99 -4.85 -3.59 6.22
CA LEU A 99 -3.98 -3.61 7.39
C LEU A 99 -4.74 -4.07 8.63
N GLU A 100 -5.97 -3.60 8.78
CA GLU A 100 -6.81 -3.97 9.92
C GLU A 100 -6.99 -5.49 9.98
N MET A 101 -7.00 -6.12 8.82
CA MET A 101 -7.16 -7.57 8.75
C MET A 101 -5.85 -8.28 9.06
N GLY A 102 -4.77 -7.52 9.13
CA GLY A 102 -3.47 -8.09 9.42
C GLY A 102 -3.36 -8.57 10.86
N VAL A 103 -3.72 -7.71 11.80
CA VAL A 103 -3.66 -8.06 13.21
C VAL A 103 -4.49 -9.30 13.51
N GLU A 104 -5.43 -9.60 12.62
CA GLU A 104 -6.29 -10.77 12.79
C GLU A 104 -5.46 -12.02 13.06
N LYS A 105 -4.56 -12.34 12.14
CA LYS A 105 -3.71 -13.51 12.28
C LYS A 105 -2.24 -13.11 12.33
N GLY A 106 -1.98 -11.81 12.28
CA GLY A 106 -0.61 -11.32 12.32
C GLY A 106 -0.15 -10.79 10.98
N THR A 107 -0.88 -11.14 9.92
CA THR A 107 -0.54 -10.69 8.57
C THR A 107 -1.79 -10.57 7.70
N ALA A 108 -1.68 -9.79 6.64
CA ALA A 108 -2.81 -9.59 5.73
C ALA A 108 -2.32 -9.40 4.29
N GLU A 109 -3.23 -9.53 3.34
CA GLU A 109 -2.89 -9.38 1.93
C GLU A 109 -4.10 -8.88 1.13
N LEU A 110 -3.84 -8.02 0.16
CA LEU A 110 -4.91 -7.46 -0.68
C LEU A 110 -5.79 -8.58 -1.23
N ARG A 111 -7.09 -8.34 -1.24
CA ARG A 111 -8.05 -9.32 -1.74
C ARG A 111 -8.12 -9.28 -3.27
N PRO A 112 -8.60 -10.38 -3.87
CA PRO A 112 -8.73 -10.49 -5.31
C PRO A 112 -9.82 -9.59 -5.88
N THR A 113 -9.47 -8.32 -6.10
CA THR A 113 -10.42 -7.36 -6.63
C THR A 113 -9.70 -6.21 -7.33
N LYS A 114 -10.34 -5.65 -8.36
CA LYS A 114 -9.77 -4.54 -9.12
C LYS A 114 -9.86 -3.24 -8.33
N TYR A 115 -8.75 -2.85 -7.70
CA TYR A 115 -8.71 -1.62 -6.92
C TYR A 115 -9.08 -0.42 -7.77
N ASN A 116 -9.01 0.76 -7.17
CA ASN A 116 -9.34 2.00 -7.88
C ASN A 116 -8.10 2.86 -8.06
N ILE A 117 -7.43 2.69 -9.19
CA ILE A 117 -6.23 3.46 -9.50
C ILE A 117 -6.19 3.87 -10.96
N VAL A 118 -5.40 4.89 -11.27
CA VAL A 118 -5.27 5.38 -12.64
C VAL A 118 -6.61 5.84 -13.18
N ASP A 119 -6.89 7.13 -13.03
CA ASP A 119 -8.14 7.71 -13.51
C ASP A 119 -8.16 9.21 -13.30
N SER A 120 -7.70 9.65 -12.13
CA SER A 120 -7.67 11.07 -11.81
C SER A 120 -9.08 11.64 -11.75
N ASP A 121 -9.81 11.31 -10.70
CA ASP A 121 -11.18 11.79 -10.53
C ASP A 121 -11.72 11.44 -9.15
N LEU A 122 -11.41 10.22 -8.70
CA LEU A 122 -11.86 9.76 -7.39
C LEU A 122 -11.34 10.66 -6.28
N SER A 123 -10.05 10.53 -5.99
CA SER A 123 -9.43 11.34 -4.94
C SER A 123 -8.11 11.94 -5.44
N PHE A 124 -7.14 11.07 -5.71
CA PHE A 124 -5.83 11.52 -6.18
C PHE A 124 -4.91 10.33 -6.43
N VAL A 125 -5.49 9.22 -6.89
CA VAL A 125 -4.73 8.01 -7.17
C VAL A 125 -3.70 8.26 -8.27
N GLY A 126 -2.85 7.26 -8.51
CA GLY A 126 -1.84 7.39 -9.54
C GLY A 126 -1.48 6.06 -10.18
N GLU A 127 -0.31 5.54 -9.85
CA GLU A 127 0.14 4.27 -10.39
C GLU A 127 0.91 3.46 -9.36
N LEU A 128 0.69 2.16 -9.33
CA LEU A 128 1.36 1.28 -8.38
C LEU A 128 1.35 -0.17 -8.86
N LEU A 129 2.16 -1.00 -8.24
CA LEU A 129 2.24 -2.42 -8.61
C LEU A 129 1.31 -3.26 -7.73
N ILE A 130 0.78 -4.34 -8.30
CA ILE A 130 -0.11 -5.23 -7.57
C ILE A 130 0.66 -6.34 -6.88
N GLY A 131 0.38 -6.56 -5.60
CA GLY A 131 1.06 -7.59 -4.85
C GLY A 131 1.45 -7.15 -3.46
N VAL A 132 1.44 -5.84 -3.23
CA VAL A 132 1.80 -5.27 -1.94
C VAL A 132 0.85 -5.76 -0.85
N SER A 133 1.42 -6.31 0.22
CA SER A 133 0.62 -6.81 1.33
C SER A 133 1.04 -6.17 2.65
N TYR A 134 0.23 -6.37 3.69
CA TYR A 134 0.52 -5.80 5.00
C TYR A 134 0.80 -6.90 6.02
N SER A 135 1.69 -6.62 6.96
CA SER A 135 2.05 -7.59 7.99
C SER A 135 2.43 -6.89 9.29
N LEU A 136 2.26 -7.58 10.41
CA LEU A 136 2.58 -7.01 11.72
C LEU A 136 4.10 -7.00 11.94
N LEU A 137 4.58 -5.92 12.54
CA LEU A 137 6.01 -5.79 12.81
C LEU A 137 6.27 -4.64 13.79
N GLN A 138 5.92 -3.42 13.36
CA GLN A 138 6.11 -2.24 14.19
C GLN A 138 7.58 -2.07 14.56
N ASP A 139 8.31 -1.32 13.75
CA ASP A 139 9.72 -1.07 13.99
C ASP A 139 10.11 0.35 13.58
N ARG A 140 9.48 1.34 14.22
CA ARG A 140 9.76 2.74 13.91
C ARG A 140 9.04 3.66 14.88
N GLY A 141 9.07 4.95 14.60
CA GLY A 141 8.41 5.92 15.46
C GLY A 141 7.74 7.04 14.68
N MET A 142 6.42 7.06 14.70
CA MET A 142 5.66 8.07 13.98
C MET A 142 4.17 7.96 14.28
N ASP A 143 3.80 8.17 15.53
CA ASP A 143 2.40 8.09 15.96
C ASP A 143 1.52 8.95 15.06
N GLY A 144 0.26 8.55 14.92
CA GLY A 144 -0.67 9.30 14.09
C GLY A 144 -2.05 9.40 14.71
N GLU A 145 -2.59 10.61 14.74
CA GLU A 145 -3.91 10.83 15.32
C GLU A 145 -4.90 11.30 14.25
N GLN A 146 -4.38 11.95 13.22
CA GLN A 146 -5.22 12.45 12.12
C GLN A 146 -6.12 11.33 11.59
N PHE A 147 -5.61 10.11 11.59
CA PHE A 147 -6.37 8.96 11.11
C PHE A 147 -7.70 8.84 11.83
N GLY A 148 -8.77 8.66 11.07
CA GLY A 148 -10.10 8.53 11.65
C GLY A 148 -11.14 8.17 10.63
N GLY A 149 -12.38 7.97 11.09
CA GLY A 149 -13.47 7.62 10.20
C GLY A 149 -14.74 7.25 10.94
N TRP A 150 -15.35 6.14 10.55
CA TRP A 150 -16.57 5.68 11.18
C TRP A 150 -16.31 4.49 12.09
N LYS A 151 -16.90 4.51 13.27
CA LYS A 151 -16.73 3.43 14.23
C LYS A 151 -17.80 2.35 14.04
N HIS A 152 -17.38 1.09 14.11
CA HIS A 152 -18.30 -0.03 13.94
C HIS A 152 -17.57 -1.36 14.11
N SER A 153 -18.27 -2.45 13.81
CA SER A 153 -17.69 -3.79 13.93
C SER A 153 -17.29 -4.33 12.56
N ASN A 154 -16.40 -5.32 12.58
CA ASN A 154 -15.93 -5.93 11.33
C ASN A 154 -15.59 -7.40 11.55
N VAL A 155 -15.80 -8.22 10.52
CA VAL A 155 -15.51 -9.64 10.60
C VAL A 155 -15.11 -10.19 9.23
N ASP A 156 -14.17 -11.14 9.24
CA ASP A 156 -13.70 -11.75 8.00
C ASP A 156 -12.91 -13.02 8.29
N HIS A 157 -12.92 -13.95 7.33
CA HIS A 157 -12.20 -15.21 7.49
C HIS A 157 -12.34 -16.06 6.23
N HIS A 158 -11.21 -16.36 5.60
CA HIS A 158 -11.19 -17.17 4.38
C HIS A 158 -9.89 -17.95 4.26
N HIS A 159 -8.78 -17.28 4.56
CA HIS A 159 -7.47 -17.91 4.47
C HIS A 159 -7.16 -18.34 3.05
N HIS A 160 -6.35 -17.53 2.35
CA HIS A 160 -5.99 -17.83 0.97
C HIS A 160 -4.49 -18.09 0.86
N HIS A 161 -3.90 -18.64 1.93
CA HIS A 161 -2.48 -18.94 1.94
C HIS A 161 -1.65 -17.66 1.81
N HIS A 162 -0.33 -17.80 1.77
CA HIS A 162 0.56 -16.66 1.65
C HIS A 162 1.07 -16.52 0.22
N MET A 1 -6.82 -4.27 14.33
CA MET A 1 -6.42 -4.40 15.73
C MET A 1 -5.10 -5.16 15.85
N ALA A 2 -4.05 -4.63 15.23
CA ALA A 2 -2.73 -5.25 15.26
C ALA A 2 -1.62 -4.21 15.25
N VAL A 3 -0.62 -4.40 16.09
CA VAL A 3 0.50 -3.46 16.18
C VAL A 3 1.80 -4.14 15.76
N GLY A 4 2.33 -3.73 14.61
CA GLY A 4 3.57 -4.30 14.12
C GLY A 4 4.18 -3.47 13.00
N ILE A 5 5.27 -3.98 12.41
CA ILE A 5 5.94 -3.28 11.33
C ILE A 5 5.42 -3.73 9.97
N LEU A 6 5.22 -2.78 9.08
CA LEU A 6 4.71 -3.07 7.74
C LEU A 6 5.87 -3.30 6.76
N GLU A 7 5.59 -4.03 5.69
CA GLU A 7 6.60 -4.32 4.68
C GLU A 7 6.12 -3.91 3.29
N VAL A 8 7.00 -3.23 2.55
CA VAL A 8 6.66 -2.78 1.20
C VAL A 8 7.75 -3.17 0.21
N SER A 9 7.35 -3.47 -1.02
CA SER A 9 8.29 -3.86 -2.06
C SER A 9 8.77 -2.64 -2.84
N LEU A 10 10.08 -2.41 -2.81
CA LEU A 10 10.67 -1.26 -3.51
C LEU A 10 10.74 -1.54 -5.01
N ILE A 11 9.60 -1.76 -5.63
CA ILE A 11 9.53 -2.02 -7.06
C ILE A 11 9.55 -0.73 -7.86
N SER A 12 8.45 0.01 -7.81
CA SER A 12 8.33 1.27 -8.54
C SER A 12 6.98 1.93 -8.27
N GLY A 13 6.80 3.14 -8.81
CA GLY A 13 5.55 3.85 -8.62
C GLY A 13 5.29 4.86 -9.73
N LYS A 14 4.82 6.04 -9.35
CA LYS A 14 4.52 7.09 -10.32
C LYS A 14 4.56 8.46 -9.65
N GLY A 15 5.13 9.44 -10.36
CA GLY A 15 5.22 10.78 -9.81
C GLY A 15 3.93 11.57 -9.99
N LEU A 16 3.10 11.56 -8.96
CA LEU A 16 1.82 12.27 -8.99
C LEU A 16 2.06 13.77 -9.18
N LYS A 17 3.16 14.27 -8.64
CA LYS A 17 3.49 15.68 -8.75
C LYS A 17 4.51 15.92 -9.86
N ARG A 18 4.36 17.04 -10.57
CA ARG A 18 5.27 17.37 -11.65
C ARG A 18 6.73 17.35 -11.18
N SER A 19 7.65 17.46 -12.12
CA SER A 19 9.07 17.45 -11.79
C SER A 19 9.87 18.24 -12.83
N ASP A 20 11.20 18.13 -12.74
CA ASP A 20 12.08 18.84 -13.66
C ASP A 20 13.40 18.09 -13.84
N PHE A 21 13.31 16.85 -14.28
CA PHE A 21 14.50 16.01 -14.48
C PHE A 21 14.25 14.97 -15.55
N LEU A 22 14.92 15.12 -16.69
CA LEU A 22 14.77 14.19 -17.80
C LEU A 22 15.57 12.91 -17.55
N GLY A 23 14.93 11.92 -16.94
CA GLY A 23 15.59 10.67 -16.65
C GLY A 23 15.84 10.47 -15.18
N LYS A 24 15.91 9.21 -14.74
CA LYS A 24 16.15 8.89 -13.35
C LYS A 24 17.62 9.07 -13.00
N ILE A 25 18.13 10.29 -13.17
CA ILE A 25 19.53 10.58 -12.87
C ILE A 25 19.82 10.39 -11.39
N ASP A 26 18.80 10.61 -10.55
CA ASP A 26 18.95 10.45 -9.11
C ASP A 26 17.61 10.64 -8.40
N PRO A 27 16.69 9.70 -8.63
CA PRO A 27 15.35 9.74 -8.02
C PRO A 27 15.40 9.49 -6.52
N TYR A 28 14.21 9.31 -5.92
CA TYR A 28 14.11 9.06 -4.49
C TYR A 28 14.57 7.65 -4.16
N VAL A 29 15.88 7.45 -4.12
CA VAL A 29 16.45 6.14 -3.80
C VAL A 29 17.53 6.25 -2.72
N GLU A 30 17.73 5.17 -1.98
CA GLU A 30 18.72 5.15 -0.92
C GLU A 30 20.07 4.69 -1.45
N ILE A 31 21.01 5.62 -1.55
CA ILE A 31 22.35 5.32 -2.05
C ILE A 31 23.42 5.99 -1.21
N GLN A 32 24.27 5.19 -0.57
CA GLN A 32 25.33 5.72 0.27
C GLN A 32 26.50 4.74 0.35
N TYR A 33 27.72 5.25 0.23
CA TYR A 33 28.91 4.42 0.29
C TYR A 33 29.16 3.93 1.72
N LYS A 34 28.56 4.62 2.69
CA LYS A 34 28.71 4.25 4.08
C LYS A 34 28.19 2.85 4.35
N GLY A 35 28.04 2.51 5.63
CA GLY A 35 27.54 1.19 5.99
C GLY A 35 26.03 1.14 6.08
N GLN A 36 25.41 2.28 6.39
CA GLN A 36 23.97 2.36 6.50
C GLN A 36 23.37 3.12 5.32
N THR A 37 22.06 2.98 5.14
CA THR A 37 21.36 3.66 4.05
C THR A 37 19.98 4.13 4.48
N ARG A 38 19.45 5.11 3.78
CA ARG A 38 18.12 5.65 4.09
C ARG A 38 17.03 4.82 3.42
N LYS A 39 15.79 5.29 3.52
CA LYS A 39 14.66 4.60 2.92
C LYS A 39 14.22 5.28 1.63
N SER A 40 14.20 4.52 0.55
CA SER A 40 13.81 5.05 -0.76
C SER A 40 12.31 5.36 -0.78
N SER A 41 11.93 6.32 -1.62
CA SER A 41 10.53 6.72 -1.74
C SER A 41 9.95 6.27 -3.07
N VAL A 42 8.67 6.54 -3.28
CA VAL A 42 7.99 6.16 -4.51
C VAL A 42 8.69 6.75 -5.73
N ALA A 43 8.62 6.03 -6.84
CA ALA A 43 9.24 6.48 -8.09
C ALA A 43 8.50 7.69 -8.66
N LYS A 44 9.14 8.37 -9.61
CA LYS A 44 8.55 9.54 -10.24
C LYS A 44 8.52 9.38 -11.76
N GLU A 45 7.49 9.95 -12.39
CA GLU A 45 7.35 9.87 -13.84
C GLU A 45 7.18 8.42 -14.29
N ASP A 46 6.84 7.55 -13.35
CA ASP A 46 6.65 6.14 -13.65
C ASP A 46 7.95 5.49 -14.10
N GLY A 47 8.51 4.62 -13.27
CA GLY A 47 9.74 3.95 -13.60
C GLY A 47 9.77 2.52 -13.12
N GLY A 48 9.11 1.64 -13.86
CA GLY A 48 9.08 0.23 -13.49
C GLY A 48 10.40 -0.47 -13.74
N ARG A 49 11.29 0.19 -14.48
CA ARG A 49 12.60 -0.37 -14.78
C ARG A 49 13.45 -0.51 -13.51
N ASN A 50 13.00 0.14 -12.44
CA ASN A 50 13.72 0.09 -11.17
C ASN A 50 13.65 -1.30 -10.56
N PRO A 51 14.75 -1.71 -9.90
CA PRO A 51 14.83 -3.02 -9.25
C PRO A 51 13.93 -3.13 -8.03
N THR A 52 13.61 -4.37 -7.64
CA THR A 52 12.76 -4.60 -6.48
C THR A 52 13.57 -5.13 -5.30
N TRP A 53 14.57 -5.94 -5.59
CA TRP A 53 15.42 -6.52 -4.55
C TRP A 53 16.40 -5.48 -4.01
N ASN A 54 16.38 -4.29 -4.61
CA ASN A 54 17.27 -3.21 -4.19
C ASN A 54 17.20 -3.01 -2.68
N ASP A 55 15.98 -2.95 -2.15
CA ASP A 55 15.79 -2.76 -0.71
C ASP A 55 14.31 -2.80 -0.36
N LYS A 56 14.01 -2.90 0.94
CA LYS A 56 12.64 -2.96 1.41
C LYS A 56 12.34 -1.81 2.37
N LEU A 57 11.09 -1.39 2.42
CA LEU A 57 10.67 -0.30 3.29
C LEU A 57 9.88 -0.83 4.49
N LYS A 58 10.21 -0.34 5.67
CA LYS A 58 9.52 -0.77 6.88
C LYS A 58 9.06 0.45 7.70
N TRP A 59 7.90 0.32 8.33
CA TRP A 59 7.35 1.41 9.14
C TRP A 59 6.55 0.85 10.30
N ARG A 60 6.38 1.68 11.34
CA ARG A 60 5.63 1.27 12.52
C ARG A 60 4.13 1.38 12.28
N ALA A 61 3.39 0.36 12.68
CA ALA A 61 1.94 0.35 12.51
C ALA A 61 1.24 0.00 13.82
N GLU A 62 0.07 0.60 14.04
CA GLU A 62 -0.69 0.35 15.26
C GLU A 62 -2.16 0.06 14.92
N PHE A 63 -2.86 -0.54 15.86
CA PHE A 63 -4.27 -0.87 15.68
C PHE A 63 -5.05 0.34 15.19
N PRO A 64 -6.14 0.09 14.43
CA PRO A 64 -6.99 1.15 13.89
C PRO A 64 -7.80 1.85 14.98
N GLY A 65 -7.92 1.19 16.12
CA GLY A 65 -8.67 1.77 17.23
C GLY A 65 -10.16 1.86 16.94
N SER A 66 -10.97 1.49 17.91
CA SER A 66 -12.42 1.53 17.75
C SER A 66 -12.88 0.56 16.66
N GLY A 67 -14.14 0.66 16.27
CA GLY A 67 -14.67 -0.21 15.23
C GLY A 67 -15.81 0.44 14.46
N ALA A 68 -15.46 1.35 13.57
CA ALA A 68 -16.46 2.06 12.76
C ALA A 68 -17.09 1.11 11.75
N ASP A 69 -18.11 0.37 12.18
CA ASP A 69 -18.80 -0.57 11.30
C ASP A 69 -19.24 0.11 10.01
N TYR A 70 -19.72 -0.69 9.06
CA TYR A 70 -20.17 -0.15 7.78
C TYR A 70 -19.02 0.49 7.02
N LYS A 71 -19.35 1.18 5.93
CA LYS A 71 -18.34 1.84 5.12
C LYS A 71 -17.39 0.83 4.49
N LEU A 72 -17.62 0.51 3.22
CA LEU A 72 -16.79 -0.44 2.51
C LEU A 72 -15.57 0.24 1.91
N ILE A 73 -15.79 1.05 0.88
CA ILE A 73 -14.70 1.77 0.22
C ILE A 73 -13.72 0.80 -0.44
N VAL A 74 -14.15 -0.45 -0.60
CA VAL A 74 -13.32 -1.47 -1.23
C VAL A 74 -13.85 -1.83 -2.60
N LYS A 75 -15.02 -1.32 -2.94
CA LYS A 75 -15.65 -1.59 -4.23
C LYS A 75 -15.37 -0.46 -5.21
N VAL A 76 -14.18 0.13 -5.13
CA VAL A 76 -13.80 1.23 -6.01
C VAL A 76 -13.16 0.70 -7.29
N MET A 77 -12.63 -0.52 -7.22
CA MET A 77 -11.99 -1.13 -8.39
C MET A 77 -12.98 -1.25 -9.55
N ASP A 78 -12.55 -1.95 -10.60
CA ASP A 78 -13.39 -2.13 -11.78
C ASP A 78 -13.67 -3.61 -12.02
N HIS A 79 -14.67 -3.89 -12.85
CA HIS A 79 -15.03 -5.27 -13.16
C HIS A 79 -13.81 -6.06 -13.64
N ASP A 80 -13.99 -7.37 -13.77
CA ASP A 80 -12.90 -8.24 -14.22
C ASP A 80 -12.57 -7.98 -15.69
N THR A 81 -13.43 -7.23 -16.36
CA THR A 81 -13.23 -6.90 -17.77
C THR A 81 -12.63 -8.08 -18.52
N PHE A 82 -13.15 -9.28 -18.27
CA PHE A 82 -12.66 -10.49 -18.92
C PHE A 82 -11.26 -10.85 -18.42
N SER A 83 -10.27 -10.10 -18.89
CA SER A 83 -8.89 -10.33 -18.50
C SER A 83 -7.96 -9.25 -19.05
N SER A 84 -8.15 -8.01 -18.58
CA SER A 84 -7.35 -6.89 -19.02
C SER A 84 -7.20 -5.85 -17.92
N ASP A 85 -7.45 -6.26 -16.69
CA ASP A 85 -7.35 -5.37 -15.54
C ASP A 85 -6.24 -5.83 -14.59
N ASP A 86 -6.35 -7.07 -14.11
CA ASP A 86 -5.37 -7.62 -13.19
C ASP A 86 -5.14 -6.69 -12.01
N PHE A 87 -4.13 -7.00 -11.20
CA PHE A 87 -3.81 -6.19 -10.02
C PHE A 87 -3.30 -4.81 -10.45
N ILE A 88 -3.62 -3.81 -9.65
CA ILE A 88 -3.19 -2.44 -9.94
C ILE A 88 -2.14 -1.97 -8.93
N GLY A 89 -2.57 -1.80 -7.69
CA GLY A 89 -1.66 -1.35 -6.64
C GLY A 89 -2.38 -0.98 -5.37
N GLU A 90 -1.63 -0.45 -4.39
CA GLU A 90 -2.21 -0.04 -3.12
C GLU A 90 -1.63 1.29 -2.66
N ALA A 91 -2.49 2.14 -2.10
CA ALA A 91 -2.07 3.45 -1.62
C ALA A 91 -2.60 3.70 -0.21
N THR A 92 -2.18 4.82 0.38
CA THR A 92 -2.60 5.18 1.73
C THR A 92 -4.11 5.39 1.79
N VAL A 93 -4.85 4.30 1.96
CA VAL A 93 -6.30 4.38 2.04
C VAL A 93 -6.86 3.34 3.01
N HIS A 94 -8.08 3.58 3.49
CA HIS A 94 -8.71 2.66 4.43
C HIS A 94 -8.44 1.21 4.05
N VAL A 95 -7.52 0.58 4.79
CA VAL A 95 -7.17 -0.82 4.52
C VAL A 95 -6.68 -1.50 5.79
N LYS A 96 -7.19 -1.05 6.93
CA LYS A 96 -6.80 -1.63 8.22
C LYS A 96 -7.19 -3.11 8.28
N GLU A 97 -8.12 -3.51 7.44
CA GLU A 97 -8.57 -4.90 7.41
C GLU A 97 -7.39 -5.84 7.21
N LEU A 98 -6.35 -5.37 6.54
CA LEU A 98 -5.17 -6.17 6.28
C LEU A 98 -4.41 -6.44 7.58
N LEU A 99 -4.07 -5.38 8.29
CA LEU A 99 -3.35 -5.51 9.56
C LEU A 99 -4.23 -6.12 10.64
N GLU A 100 -5.54 -5.85 10.54
CA GLU A 100 -6.49 -6.37 11.51
C GLU A 100 -6.48 -7.90 11.53
N MET A 101 -6.23 -8.50 10.37
CA MET A 101 -6.18 -9.95 10.26
C MET A 101 -4.79 -10.48 10.60
N GLY A 102 -3.83 -9.56 10.74
CA GLY A 102 -2.47 -9.97 11.06
C GLY A 102 -2.35 -10.50 12.47
N VAL A 103 -2.84 -9.73 13.44
CA VAL A 103 -2.79 -10.13 14.84
C VAL A 103 -3.44 -11.49 15.05
N GLU A 104 -4.29 -11.88 14.12
CA GLU A 104 -4.99 -13.16 14.20
C GLU A 104 -3.98 -14.30 14.44
N LYS A 105 -3.03 -14.44 13.53
CA LYS A 105 -2.01 -15.48 13.63
C LYS A 105 -0.62 -14.87 13.78
N GLY A 106 -0.56 -13.54 13.77
CA GLY A 106 0.71 -12.87 13.91
C GLY A 106 1.17 -12.23 12.61
N THR A 107 0.53 -12.60 11.51
CA THR A 107 0.88 -12.07 10.20
C THR A 107 -0.35 -12.03 9.28
N ALA A 108 -0.34 -11.10 8.34
CA ALA A 108 -1.44 -10.95 7.40
C ALA A 108 -0.94 -10.61 6.00
N GLU A 109 -1.78 -10.83 5.00
CA GLU A 109 -1.41 -10.55 3.62
C GLU A 109 -2.64 -10.20 2.78
N LEU A 110 -2.52 -9.22 1.91
CA LEU A 110 -3.61 -8.79 1.06
C LEU A 110 -4.25 -9.98 0.35
N ARG A 111 -5.50 -9.83 -0.05
CA ARG A 111 -6.22 -10.89 -0.75
C ARG A 111 -5.99 -10.82 -2.26
N PRO A 112 -6.15 -11.97 -2.93
CA PRO A 112 -5.96 -12.06 -4.38
C PRO A 112 -7.06 -11.33 -5.15
N THR A 113 -6.99 -10.01 -5.18
CA THR A 113 -7.97 -9.20 -5.88
C THR A 113 -7.39 -7.84 -6.27
N LYS A 114 -7.95 -7.25 -7.33
CA LYS A 114 -7.49 -5.95 -7.81
C LYS A 114 -7.83 -4.86 -6.79
N TYR A 115 -6.81 -4.41 -6.06
CA TYR A 115 -7.00 -3.36 -5.06
C TYR A 115 -7.63 -2.12 -5.69
N ASN A 116 -7.86 -1.10 -4.86
CA ASN A 116 -8.46 0.14 -5.33
C ASN A 116 -7.44 1.28 -5.30
N ILE A 117 -6.74 1.46 -6.40
CA ILE A 117 -5.73 2.52 -6.50
C ILE A 117 -5.81 3.22 -7.86
N VAL A 118 -6.90 2.98 -8.58
CA VAL A 118 -7.09 3.60 -9.89
C VAL A 118 -7.42 5.09 -9.76
N ASP A 119 -6.57 5.93 -10.34
CA ASP A 119 -6.76 7.36 -10.29
C ASP A 119 -8.17 7.74 -10.75
N SER A 120 -8.82 8.60 -9.98
CA SER A 120 -10.19 9.04 -10.30
C SER A 120 -10.64 10.15 -9.36
N ASP A 121 -10.95 9.78 -8.13
CA ASP A 121 -11.39 10.75 -7.13
C ASP A 121 -11.11 10.25 -5.72
N LEU A 122 -10.10 9.39 -5.59
CA LEU A 122 -9.74 8.83 -4.30
C LEU A 122 -8.58 9.61 -3.68
N SER A 123 -8.62 10.93 -3.82
CA SER A 123 -7.57 11.79 -3.27
C SER A 123 -6.23 11.50 -3.95
N PHE A 124 -6.28 11.19 -5.24
CA PHE A 124 -5.08 10.89 -6.00
C PHE A 124 -4.23 9.83 -5.29
N VAL A 125 -4.77 8.63 -5.18
CA VAL A 125 -4.06 7.53 -4.52
C VAL A 125 -2.64 7.40 -5.05
N GLY A 126 -2.50 7.44 -6.37
CA GLY A 126 -1.18 7.33 -6.99
C GLY A 126 -0.95 5.96 -7.60
N GLU A 127 0.22 5.38 -7.32
CA GLU A 127 0.55 4.07 -7.85
C GLU A 127 1.50 3.33 -6.91
N LEU A 128 1.40 2.01 -6.91
CA LEU A 128 2.24 1.18 -6.05
C LEU A 128 2.27 -0.27 -6.55
N LEU A 129 3.21 -1.05 -6.04
CA LEU A 129 3.35 -2.45 -6.42
C LEU A 129 2.45 -3.34 -5.56
N ILE A 130 1.98 -4.43 -6.16
CA ILE A 130 1.12 -5.36 -5.44
C ILE A 130 1.93 -6.46 -4.77
N GLY A 131 1.59 -6.78 -3.52
CA GLY A 131 2.29 -7.80 -2.80
C GLY A 131 2.64 -7.38 -1.38
N VAL A 132 2.50 -6.09 -1.10
CA VAL A 132 2.80 -5.56 0.22
C VAL A 132 1.90 -6.19 1.28
N SER A 133 2.53 -6.88 2.24
CA SER A 133 1.78 -7.53 3.31
C SER A 133 2.18 -6.96 4.67
N TYR A 134 1.41 -7.30 5.70
CA TYR A 134 1.67 -6.83 7.05
C TYR A 134 1.97 -7.98 7.99
N SER A 135 2.83 -7.73 8.96
CA SER A 135 3.21 -8.75 9.93
C SER A 135 3.52 -8.14 11.29
N LEU A 136 3.29 -8.89 12.36
CA LEU A 136 3.55 -8.41 13.71
C LEU A 136 5.05 -8.35 13.99
N LEU A 137 5.59 -7.14 14.04
CA LEU A 137 7.01 -6.95 14.30
C LEU A 137 7.23 -5.87 15.35
N GLN A 138 8.48 -5.70 15.77
CA GLN A 138 8.82 -4.70 16.77
C GLN A 138 10.13 -3.99 16.42
N ASP A 139 10.06 -3.08 15.46
CA ASP A 139 11.25 -2.34 15.03
C ASP A 139 11.10 -0.85 15.33
N ARG A 140 9.86 -0.40 15.44
CA ARG A 140 9.57 1.00 15.73
C ARG A 140 10.06 1.89 14.59
N GLY A 141 9.52 3.11 14.52
CA GLY A 141 9.92 4.03 13.47
C GLY A 141 9.04 5.26 13.42
N MET A 142 8.12 5.30 12.45
CA MET A 142 7.21 6.43 12.30
C MET A 142 6.24 6.18 11.15
N ASP A 143 4.97 6.46 11.40
CA ASP A 143 3.93 6.27 10.39
C ASP A 143 2.56 6.70 10.91
N GLY A 144 1.57 6.72 10.03
CA GLY A 144 0.23 7.11 10.43
C GLY A 144 -0.58 7.66 9.26
N GLU A 145 -1.79 7.14 9.10
CA GLU A 145 -2.66 7.57 8.02
C GLU A 145 -4.04 7.97 8.56
N GLN A 146 -4.90 8.47 7.67
CA GLN A 146 -6.23 8.87 8.06
C GLN A 146 -7.02 9.41 6.85
N PHE A 147 -8.33 9.40 6.96
CA PHE A 147 -9.19 9.89 5.88
C PHE A 147 -10.64 9.98 6.34
N GLY A 148 -11.51 10.42 5.43
CA GLY A 148 -12.93 10.56 5.76
C GLY A 148 -13.72 9.30 5.44
N GLY A 149 -15.02 9.47 5.24
CA GLY A 149 -15.87 8.34 4.92
C GLY A 149 -16.44 8.41 3.52
N TRP A 150 -17.18 7.38 3.13
CA TRP A 150 -17.78 7.33 1.80
C TRP A 150 -19.27 7.01 1.89
N LYS A 151 -19.93 6.94 0.74
CA LYS A 151 -21.35 6.63 0.69
C LYS A 151 -21.62 5.23 1.21
N HIS A 152 -22.86 4.76 1.02
CA HIS A 152 -23.25 3.43 1.49
C HIS A 152 -22.82 2.36 0.48
N SER A 153 -23.20 1.12 0.76
CA SER A 153 -22.85 0.01 -0.12
C SER A 153 -23.90 -1.10 -0.04
N ASN A 154 -23.58 -2.24 -0.65
CA ASN A 154 -24.49 -3.38 -0.64
C ASN A 154 -23.77 -4.66 -1.04
N VAL A 155 -23.44 -5.48 -0.04
CA VAL A 155 -22.75 -6.75 -0.30
C VAL A 155 -22.60 -7.55 0.99
N ASP A 156 -22.56 -8.88 0.85
CA ASP A 156 -22.43 -9.77 1.99
C ASP A 156 -21.60 -10.98 1.63
N HIS A 157 -20.50 -11.18 2.35
CA HIS A 157 -19.62 -12.32 2.11
C HIS A 157 -19.38 -13.11 3.39
N HIS A 158 -19.25 -12.40 4.51
CA HIS A 158 -19.02 -13.04 5.80
C HIS A 158 -17.62 -13.61 5.88
N HIS A 159 -17.38 -14.68 5.12
CA HIS A 159 -16.06 -15.33 5.11
C HIS A 159 -16.05 -16.50 4.14
N HIS A 160 -14.94 -17.23 4.10
CA HIS A 160 -14.79 -18.37 3.22
C HIS A 160 -13.81 -19.39 3.80
N HIS A 161 -13.73 -19.43 5.13
CA HIS A 161 -12.82 -20.35 5.80
C HIS A 161 -11.37 -20.05 5.45
N HIS A 162 -10.45 -20.75 6.10
CA HIS A 162 -9.02 -20.56 5.86
C HIS A 162 -8.38 -21.83 5.35
N MET A 1 -12.31 8.70 15.62
CA MET A 1 -12.99 7.46 15.21
C MET A 1 -12.02 6.53 14.49
N ALA A 2 -11.68 5.42 15.14
CA ALA A 2 -10.76 4.44 14.57
C ALA A 2 -9.36 5.02 14.45
N VAL A 3 -9.13 6.17 15.06
CA VAL A 3 -7.83 6.83 15.01
C VAL A 3 -6.73 5.89 15.51
N GLY A 4 -5.90 5.42 14.58
CA GLY A 4 -4.83 4.53 14.94
C GLY A 4 -3.68 4.57 13.94
N ILE A 5 -2.90 3.50 13.90
CA ILE A 5 -1.76 3.42 12.99
C ILE A 5 -2.05 2.46 11.84
N LEU A 6 -1.54 2.81 10.65
CA LEU A 6 -1.75 1.97 9.47
C LEU A 6 -0.62 0.97 9.31
N GLU A 7 -0.90 -0.13 8.62
CA GLU A 7 0.10 -1.17 8.39
C GLU A 7 0.21 -1.50 6.90
N VAL A 8 1.44 -1.61 6.42
CA VAL A 8 1.68 -1.94 5.01
C VAL A 8 2.75 -3.02 4.88
N SER A 9 2.58 -3.87 3.86
CA SER A 9 3.52 -4.95 3.62
C SER A 9 4.54 -4.56 2.55
N LEU A 10 5.82 -4.60 2.92
CA LEU A 10 6.90 -4.25 2.00
C LEU A 10 7.15 -5.38 1.01
N ILE A 11 6.14 -5.71 0.22
CA ILE A 11 6.27 -6.77 -0.77
C ILE A 11 6.87 -6.24 -2.07
N SER A 12 6.06 -5.51 -2.83
CA SER A 12 6.51 -4.94 -4.10
C SER A 12 5.75 -3.66 -4.42
N GLY A 13 6.14 -3.01 -5.52
CA GLY A 13 5.48 -1.78 -5.92
C GLY A 13 6.17 -1.11 -7.10
N LYS A 14 5.39 -0.47 -7.95
CA LYS A 14 5.94 0.22 -9.12
C LYS A 14 5.86 1.73 -8.95
N GLY A 15 7.01 2.39 -9.05
CA GLY A 15 7.04 3.84 -8.90
C GLY A 15 6.70 4.55 -10.20
N LEU A 16 5.44 4.93 -10.35
CA LEU A 16 4.99 5.63 -11.55
C LEU A 16 5.52 7.06 -11.58
N LYS A 17 5.66 7.66 -10.40
CA LYS A 17 6.16 9.02 -10.29
C LYS A 17 7.46 9.06 -9.49
N ARG A 18 8.38 9.94 -9.91
CA ARG A 18 9.67 10.07 -9.25
C ARG A 18 10.00 11.54 -9.00
N SER A 19 11.19 11.79 -8.47
CA SER A 19 11.63 13.15 -8.18
C SER A 19 12.66 13.62 -9.19
N ASP A 20 13.36 12.67 -9.80
CA ASP A 20 14.37 12.97 -10.79
C ASP A 20 15.52 13.77 -10.17
N PHE A 21 16.32 13.08 -9.35
CA PHE A 21 17.45 13.73 -8.69
C PHE A 21 18.71 12.86 -8.80
N LEU A 22 19.72 13.19 -8.01
CA LEU A 22 20.97 12.45 -8.03
C LEU A 22 20.98 11.37 -6.95
N GLY A 23 20.42 11.69 -5.80
CA GLY A 23 20.37 10.72 -4.71
C GLY A 23 19.22 9.74 -4.86
N LYS A 24 18.69 9.29 -3.73
CA LYS A 24 17.58 8.34 -3.74
C LYS A 24 16.23 9.06 -3.62
N ILE A 25 15.88 9.45 -2.40
CA ILE A 25 14.63 10.15 -2.15
C ILE A 25 13.44 9.21 -2.29
N ASP A 26 13.17 8.79 -3.52
CA ASP A 26 12.05 7.88 -3.79
C ASP A 26 12.25 6.55 -3.07
N PRO A 27 13.32 5.82 -3.43
CA PRO A 27 13.63 4.52 -2.84
C PRO A 27 14.10 4.66 -1.39
N TYR A 28 13.15 4.63 -0.47
CA TYR A 28 13.47 4.75 0.95
C TYR A 28 13.21 3.43 1.68
N VAL A 29 14.25 2.91 2.32
CA VAL A 29 14.13 1.65 3.06
C VAL A 29 14.70 1.79 4.46
N GLU A 30 14.22 0.94 5.37
CA GLU A 30 14.69 0.96 6.76
C GLU A 30 16.02 0.24 6.90
N ILE A 31 17.11 1.00 6.78
CA ILE A 31 18.44 0.43 6.89
C ILE A 31 19.34 1.29 7.78
N GLN A 32 19.77 0.73 8.90
CA GLN A 32 20.63 1.45 9.84
C GLN A 32 21.41 0.48 10.72
N TYR A 33 22.50 0.96 11.31
CA TYR A 33 23.32 0.13 12.18
C TYR A 33 23.75 0.91 13.42
N LYS A 34 22.96 1.92 13.78
CA LYS A 34 23.25 2.74 14.94
C LYS A 34 22.34 2.36 16.12
N GLY A 35 21.08 2.78 16.03
CA GLY A 35 20.13 2.46 17.09
C GLY A 35 18.70 2.70 16.66
N GLN A 36 18.47 3.78 15.91
CA GLN A 36 17.13 4.12 15.45
C GLN A 36 16.95 3.73 13.97
N THR A 37 15.71 3.64 13.54
CA THR A 37 15.41 3.29 12.16
C THR A 37 14.19 4.05 11.64
N ARG A 38 14.09 4.17 10.33
CA ARG A 38 12.98 4.88 9.70
C ARG A 38 12.09 3.91 8.93
N LYS A 39 10.96 4.42 8.44
CA LYS A 39 10.01 3.62 7.68
C LYS A 39 10.32 3.68 6.19
N SER A 40 10.19 2.54 5.51
CA SER A 40 10.45 2.47 4.09
C SER A 40 9.34 3.15 3.29
N SER A 41 9.74 4.07 2.41
CA SER A 41 8.79 4.80 1.59
C SER A 41 8.58 4.12 0.24
N VAL A 42 7.89 4.80 -0.67
CA VAL A 42 7.63 4.26 -2.00
C VAL A 42 8.91 3.75 -2.64
N ALA A 43 8.77 2.99 -3.72
CA ALA A 43 9.91 2.44 -4.44
C ALA A 43 10.35 3.37 -5.57
N LYS A 44 11.55 3.12 -6.09
CA LYS A 44 12.09 3.92 -7.18
C LYS A 44 11.54 3.46 -8.53
N GLU A 45 11.45 2.14 -8.70
CA GLU A 45 10.94 1.57 -9.94
C GLU A 45 10.84 0.05 -9.84
N ASP A 46 9.61 -0.44 -9.68
CA ASP A 46 9.38 -1.88 -9.57
C ASP A 46 10.47 -2.54 -8.72
N GLY A 47 10.32 -2.46 -7.40
CA GLY A 47 11.29 -3.06 -6.51
C GLY A 47 10.70 -4.18 -5.68
N GLY A 48 10.09 -5.15 -6.35
CA GLY A 48 9.49 -6.27 -5.66
C GLY A 48 10.52 -7.24 -5.11
N ARG A 49 11.77 -7.08 -5.56
CA ARG A 49 12.85 -7.94 -5.11
C ARG A 49 12.94 -7.97 -3.58
N ASN A 50 12.47 -6.89 -2.96
CA ASN A 50 12.50 -6.79 -1.50
C ASN A 50 11.36 -7.60 -0.88
N PRO A 51 11.70 -8.46 0.08
CA PRO A 51 10.72 -9.30 0.78
C PRO A 51 9.81 -8.49 1.69
N THR A 52 8.68 -9.09 2.06
CA THR A 52 7.72 -8.43 2.93
C THR A 52 8.24 -8.34 4.37
N TRP A 53 8.98 -9.35 4.79
CA TRP A 53 9.54 -9.39 6.12
C TRP A 53 10.69 -8.40 6.26
N ASN A 54 11.08 -7.80 5.15
CA ASN A 54 12.17 -6.82 5.15
C ASN A 54 11.93 -5.74 6.19
N ASP A 55 10.70 -5.21 6.21
CA ASP A 55 10.35 -4.16 7.15
C ASP A 55 8.88 -3.79 7.01
N LYS A 56 8.30 -3.24 8.08
CA LYS A 56 6.91 -2.83 8.08
C LYS A 56 6.78 -1.32 8.00
N LEU A 57 5.58 -0.85 7.65
CA LEU A 57 5.32 0.59 7.53
C LEU A 57 4.22 1.01 8.50
N LYS A 58 4.44 2.14 9.17
CA LYS A 58 3.46 2.66 10.12
C LYS A 58 3.14 4.13 9.81
N TRP A 59 1.86 4.47 9.85
CA TRP A 59 1.43 5.83 9.58
C TRP A 59 0.19 6.18 10.41
N ARG A 60 0.20 7.38 11.00
CA ARG A 60 -0.91 7.83 11.82
C ARG A 60 -2.14 8.16 10.96
N ALA A 61 -3.26 7.53 11.29
CA ALA A 61 -4.49 7.75 10.54
C ALA A 61 -5.64 8.12 11.48
N GLU A 62 -6.44 9.10 11.08
CA GLU A 62 -7.58 9.54 11.89
C GLU A 62 -8.88 9.38 11.13
N PHE A 63 -10.00 9.38 11.85
CA PHE A 63 -11.31 9.23 11.25
C PHE A 63 -11.46 10.16 10.05
N PRO A 64 -12.25 9.72 9.05
CA PRO A 64 -12.50 10.50 7.84
C PRO A 64 -13.35 11.73 8.10
N GLY A 65 -14.07 11.72 9.22
CA GLY A 65 -14.91 12.85 9.57
C GLY A 65 -15.92 13.17 8.48
N SER A 66 -16.69 12.17 8.07
CA SER A 66 -17.70 12.36 7.04
C SER A 66 -18.41 11.03 6.72
N GLY A 67 -19.33 11.07 5.77
CA GLY A 67 -20.06 9.88 5.39
C GLY A 67 -20.60 9.95 3.98
N ALA A 68 -19.71 9.86 3.00
CA ALA A 68 -20.11 9.91 1.60
C ALA A 68 -21.05 8.76 1.24
N ASP A 69 -21.87 8.97 0.22
CA ASP A 69 -22.81 7.94 -0.22
C ASP A 69 -22.10 6.60 -0.41
N TYR A 70 -22.75 5.54 0.05
CA TYR A 70 -22.19 4.19 -0.08
C TYR A 70 -21.82 3.88 -1.53
N LYS A 71 -21.02 2.84 -1.72
CA LYS A 71 -20.60 2.44 -3.05
C LYS A 71 -19.82 1.13 -2.99
N LEU A 72 -20.12 0.23 -3.94
CA LEU A 72 -19.44 -1.07 -4.00
C LEU A 72 -18.31 -1.04 -5.02
N ILE A 73 -17.55 0.05 -5.03
CA ILE A 73 -16.44 0.20 -5.97
C ILE A 73 -16.93 0.25 -7.41
N VAL A 74 -18.24 0.44 -7.57
CA VAL A 74 -18.84 0.51 -8.90
C VAL A 74 -18.43 -0.68 -9.75
N LYS A 75 -18.13 -1.79 -9.10
CA LYS A 75 -17.72 -3.01 -9.80
C LYS A 75 -16.49 -2.76 -10.65
N VAL A 76 -15.69 -1.77 -10.25
CA VAL A 76 -14.47 -1.43 -10.97
C VAL A 76 -13.34 -2.41 -10.65
N MET A 77 -13.51 -3.66 -11.06
CA MET A 77 -12.50 -4.68 -10.81
C MET A 77 -12.41 -5.64 -11.99
N ASP A 78 -11.67 -6.73 -11.80
CA ASP A 78 -11.48 -7.73 -12.85
C ASP A 78 -11.68 -9.14 -12.31
N HIS A 79 -12.78 -9.34 -11.57
CA HIS A 79 -13.08 -10.64 -10.99
C HIS A 79 -14.59 -10.89 -10.98
N ASP A 80 -14.97 -12.15 -11.18
CA ASP A 80 -16.38 -12.52 -11.19
C ASP A 80 -16.55 -14.00 -10.82
N THR A 81 -17.76 -14.52 -11.02
CA THR A 81 -18.06 -15.90 -10.70
C THR A 81 -17.98 -16.78 -11.94
N PHE A 82 -17.00 -16.52 -12.79
CA PHE A 82 -16.81 -17.28 -14.01
C PHE A 82 -15.34 -17.30 -14.43
N SER A 83 -14.69 -16.16 -14.32
CA SER A 83 -13.28 -16.04 -14.69
C SER A 83 -12.40 -16.13 -13.46
N SER A 84 -12.36 -15.04 -12.68
CA SER A 84 -11.54 -15.00 -11.47
C SER A 84 -10.10 -15.41 -11.78
N ASP A 85 -9.28 -14.44 -12.16
CA ASP A 85 -7.89 -14.70 -12.48
C ASP A 85 -7.00 -14.56 -11.23
N ASP A 86 -7.05 -13.38 -10.62
CA ASP A 86 -6.26 -13.12 -9.42
C ASP A 86 -6.49 -11.69 -8.92
N PHE A 87 -5.67 -11.26 -7.96
CA PHE A 87 -5.80 -9.93 -7.40
C PHE A 87 -4.70 -9.01 -7.94
N ILE A 88 -5.04 -7.73 -8.10
CA ILE A 88 -4.07 -6.75 -8.61
C ILE A 88 -3.40 -6.01 -7.46
N GLY A 89 -4.17 -5.19 -6.75
CA GLY A 89 -3.62 -4.44 -5.64
C GLY A 89 -4.50 -3.27 -5.24
N GLU A 90 -3.98 -2.42 -4.35
CA GLU A 90 -4.74 -1.26 -3.90
C GLU A 90 -3.85 -0.01 -3.88
N ALA A 91 -4.43 1.11 -4.29
CA ALA A 91 -3.70 2.38 -4.32
C ALA A 91 -4.41 3.44 -3.51
N THR A 92 -3.76 4.60 -3.36
CA THR A 92 -4.33 5.71 -2.60
C THR A 92 -5.63 6.18 -3.22
N VAL A 93 -6.74 5.55 -2.83
CA VAL A 93 -8.05 5.91 -3.35
C VAL A 93 -9.13 5.76 -2.29
N HIS A 94 -10.23 6.48 -2.46
CA HIS A 94 -11.34 6.43 -1.51
C HIS A 94 -11.56 5.00 -1.01
N VAL A 95 -11.11 4.74 0.23
CA VAL A 95 -11.26 3.42 0.82
C VAL A 95 -11.36 3.51 2.34
N LYS A 96 -11.86 4.64 2.83
CA LYS A 96 -12.02 4.85 4.26
C LYS A 96 -12.90 3.78 4.88
N GLU A 97 -13.72 3.13 4.05
CA GLU A 97 -14.61 2.08 4.52
C GLU A 97 -13.84 1.01 5.29
N LEU A 98 -12.56 0.86 4.95
CA LEU A 98 -11.72 -0.13 5.62
C LEU A 98 -11.34 0.33 7.02
N LEU A 99 -10.80 1.52 7.13
CA LEU A 99 -10.41 2.08 8.42
C LEU A 99 -11.62 2.37 9.29
N GLU A 100 -12.74 2.69 8.65
CA GLU A 100 -13.98 2.99 9.36
C GLU A 100 -14.50 1.74 10.06
N MET A 101 -14.28 0.58 9.47
CA MET A 101 -14.72 -0.68 10.05
C MET A 101 -13.79 -1.14 11.16
N GLY A 102 -12.65 -0.47 11.28
CA GLY A 102 -11.68 -0.81 12.30
C GLY A 102 -12.19 -0.53 13.70
N VAL A 103 -12.69 0.70 13.90
CA VAL A 103 -13.20 1.10 15.21
C VAL A 103 -14.29 0.15 15.68
N GLU A 104 -14.89 -0.58 14.74
CA GLU A 104 -15.96 -1.53 15.07
C GLU A 104 -15.51 -2.46 16.20
N LYS A 105 -14.41 -3.16 15.98
CA LYS A 105 -13.89 -4.09 16.98
C LYS A 105 -12.46 -3.74 17.35
N GLY A 106 -11.97 -2.62 16.82
CA GLY A 106 -10.62 -2.19 17.11
C GLY A 106 -9.66 -2.49 15.97
N THR A 107 -10.09 -3.32 15.04
CA THR A 107 -9.27 -3.70 13.90
C THR A 107 -10.11 -3.92 12.65
N ALA A 108 -9.49 -3.77 11.49
CA ALA A 108 -10.19 -3.95 10.22
C ALA A 108 -9.27 -4.57 9.18
N GLU A 109 -9.88 -5.15 8.13
CA GLU A 109 -9.10 -5.78 7.06
C GLU A 109 -9.87 -5.72 5.74
N LEU A 110 -9.15 -5.43 4.67
CA LEU A 110 -9.75 -5.34 3.34
C LEU A 110 -10.60 -6.58 3.04
N ARG A 111 -11.76 -6.37 2.45
CA ARG A 111 -12.65 -7.47 2.10
C ARG A 111 -12.09 -8.29 0.95
N PRO A 112 -12.57 -9.53 0.81
CA PRO A 112 -12.14 -10.44 -0.25
C PRO A 112 -12.62 -10.00 -1.63
N THR A 113 -11.96 -8.99 -2.19
CA THR A 113 -12.31 -8.48 -3.51
C THR A 113 -11.13 -7.80 -4.18
N LYS A 114 -11.09 -7.84 -5.50
CA LYS A 114 -10.02 -7.23 -6.26
C LYS A 114 -10.19 -5.71 -6.32
N TYR A 115 -9.42 -5.00 -5.52
CA TYR A 115 -9.48 -3.54 -5.49
C TYR A 115 -9.27 -2.96 -6.88
N ASN A 116 -9.37 -1.63 -6.98
CA ASN A 116 -9.19 -0.95 -8.26
C ASN A 116 -7.84 -0.25 -8.31
N ILE A 117 -6.83 -0.96 -8.82
CA ILE A 117 -5.48 -0.40 -8.93
C ILE A 117 -4.94 -0.54 -10.35
N VAL A 118 -5.83 -0.88 -11.28
CA VAL A 118 -5.44 -1.05 -12.67
C VAL A 118 -4.99 0.27 -13.28
N ASP A 119 -3.69 0.40 -13.51
CA ASP A 119 -3.13 1.62 -14.09
C ASP A 119 -3.86 2.00 -15.37
N SER A 120 -4.37 3.22 -15.42
CA SER A 120 -5.10 3.70 -16.58
C SER A 120 -5.51 5.16 -16.40
N ASP A 121 -6.52 5.38 -15.56
CA ASP A 121 -7.02 6.72 -15.29
C ASP A 121 -8.14 6.69 -14.26
N LEU A 122 -8.02 5.79 -13.29
CA LEU A 122 -9.04 5.66 -12.25
C LEU A 122 -8.82 6.69 -11.15
N SER A 123 -7.80 6.46 -10.32
CA SER A 123 -7.49 7.37 -9.22
C SER A 123 -5.98 7.44 -9.00
N PHE A 124 -5.24 7.64 -10.08
CA PHE A 124 -3.78 7.74 -10.01
C PHE A 124 -3.19 6.47 -9.41
N VAL A 125 -3.91 5.36 -9.55
CA VAL A 125 -3.46 4.08 -9.02
C VAL A 125 -2.16 3.64 -9.70
N GLY A 126 -1.69 2.45 -9.34
CA GLY A 126 -0.46 1.93 -9.92
C GLY A 126 -0.24 0.47 -9.59
N GLU A 127 0.61 0.21 -8.60
CA GLU A 127 0.90 -1.16 -8.20
C GLU A 127 1.13 -1.24 -6.69
N LEU A 128 0.58 -2.28 -6.07
CA LEU A 128 0.71 -2.48 -4.64
C LEU A 128 0.41 -3.92 -4.25
N LEU A 129 0.76 -4.29 -3.03
CA LEU A 129 0.53 -5.64 -2.53
C LEU A 129 -0.80 -5.71 -1.76
N ILE A 130 -1.44 -6.88 -1.84
CA ILE A 130 -2.71 -7.08 -1.15
C ILE A 130 -2.49 -7.64 0.25
N GLY A 131 -3.22 -7.09 1.22
CA GLY A 131 -3.09 -7.54 2.60
C GLY A 131 -2.99 -6.40 3.58
N VAL A 132 -2.72 -5.20 3.06
CA VAL A 132 -2.59 -4.02 3.90
C VAL A 132 -3.87 -3.74 4.68
N SER A 133 -3.93 -4.23 5.92
CA SER A 133 -5.11 -4.04 6.76
C SER A 133 -4.89 -2.89 7.74
N TYR A 134 -5.97 -2.47 8.39
CA TYR A 134 -5.91 -1.37 9.34
C TYR A 134 -6.24 -1.87 10.76
N SER A 135 -5.63 -1.23 11.74
CA SER A 135 -5.85 -1.60 13.14
C SER A 135 -5.71 -0.39 14.06
N LEU A 136 -6.32 -0.47 15.23
CA LEU A 136 -6.26 0.62 16.20
C LEU A 136 -5.03 0.50 17.09
N LEU A 137 -4.20 1.55 17.08
CA LEU A 137 -2.99 1.56 17.88
C LEU A 137 -2.25 2.89 17.75
N GLN A 138 -1.12 3.02 18.43
CA GLN A 138 -0.33 4.24 18.39
C GLN A 138 1.09 3.99 18.89
N ASP A 139 1.99 3.68 17.98
CA ASP A 139 3.38 3.43 18.33
C ASP A 139 4.32 3.96 17.25
N ARG A 140 3.96 5.10 16.68
CA ARG A 140 4.77 5.72 15.63
C ARG A 140 5.92 6.52 16.24
N GLY A 141 6.81 7.02 15.38
CA GLY A 141 7.94 7.80 15.85
C GLY A 141 9.19 7.54 15.04
N MET A 142 9.99 6.58 15.48
CA MET A 142 11.23 6.23 14.79
C MET A 142 11.78 4.90 15.29
N ASP A 143 10.96 3.86 15.22
CA ASP A 143 11.37 2.53 15.65
C ASP A 143 11.73 1.65 14.47
N GLY A 144 12.08 0.40 14.75
CA GLY A 144 12.45 -0.53 13.69
C GLY A 144 13.50 -1.52 14.12
N GLU A 145 14.24 -1.18 15.17
CA GLU A 145 15.29 -2.05 15.68
C GLU A 145 16.45 -2.14 14.71
N GLN A 146 16.25 -2.90 13.63
CA GLN A 146 17.28 -3.07 12.62
C GLN A 146 16.80 -3.99 11.50
N PHE A 147 17.37 -3.84 10.32
CA PHE A 147 17.00 -4.66 9.16
C PHE A 147 17.83 -4.28 7.94
N GLY A 148 17.75 -5.12 6.91
CA GLY A 148 18.50 -4.86 5.69
C GLY A 148 17.61 -4.53 4.51
N GLY A 149 18.17 -4.58 3.31
CA GLY A 149 17.40 -4.29 2.12
C GLY A 149 18.24 -4.38 0.86
N TRP A 150 17.57 -4.40 -0.29
CA TRP A 150 18.26 -4.48 -1.57
C TRP A 150 17.62 -3.54 -2.60
N LYS A 151 18.04 -3.68 -3.85
CA LYS A 151 17.52 -2.84 -4.92
C LYS A 151 17.62 -3.56 -6.27
N HIS A 152 16.87 -3.05 -7.26
CA HIS A 152 16.88 -3.64 -8.59
C HIS A 152 16.29 -2.68 -9.62
N SER A 153 16.11 -3.16 -10.84
CA SER A 153 15.55 -2.34 -11.92
C SER A 153 14.92 -3.22 -12.99
N ASN A 154 13.86 -2.72 -13.62
CA ASN A 154 13.17 -3.45 -14.66
C ASN A 154 12.07 -2.59 -15.30
N VAL A 155 11.52 -3.08 -16.41
CA VAL A 155 10.46 -2.35 -17.11
C VAL A 155 9.91 -3.18 -18.26
N ASP A 156 8.62 -3.04 -18.52
CA ASP A 156 7.96 -3.78 -19.59
C ASP A 156 6.48 -3.40 -19.69
N HIS A 157 5.86 -3.76 -20.80
CA HIS A 157 4.44 -3.47 -21.01
C HIS A 157 3.71 -4.69 -21.55
N HIS A 158 2.44 -4.51 -21.90
CA HIS A 158 1.62 -5.60 -22.43
C HIS A 158 0.43 -5.06 -23.20
N HIS A 159 0.57 -3.85 -23.73
CA HIS A 159 -0.51 -3.21 -24.49
C HIS A 159 -1.80 -3.21 -23.70
N HIS A 160 -2.90 -2.85 -24.37
CA HIS A 160 -4.21 -2.81 -23.72
C HIS A 160 -5.14 -3.86 -24.32
N HIS A 161 -4.55 -4.92 -24.85
CA HIS A 161 -5.33 -6.01 -25.45
C HIS A 161 -6.23 -5.47 -26.57
N HIS A 162 -7.01 -6.36 -27.17
CA HIS A 162 -7.90 -5.98 -28.26
C HIS A 162 -9.23 -6.74 -28.15
N MET A 1 -13.43 13.16 11.62
CA MET A 1 -13.47 11.73 11.40
C MET A 1 -12.34 11.02 12.15
N ALA A 2 -12.10 9.76 11.83
CA ALA A 2 -11.06 8.99 12.48
C ALA A 2 -9.68 9.57 12.18
N VAL A 3 -8.85 9.69 13.23
CA VAL A 3 -7.52 10.23 13.08
C VAL A 3 -6.49 9.35 13.78
N GLY A 4 -5.67 8.66 12.98
CA GLY A 4 -4.65 7.79 13.54
C GLY A 4 -3.59 7.42 12.52
N ILE A 5 -2.61 6.63 12.95
CA ILE A 5 -1.52 6.20 12.07
C ILE A 5 -1.93 4.98 11.26
N LEU A 6 -1.57 4.98 9.98
CA LEU A 6 -1.89 3.87 9.09
C LEU A 6 -0.79 2.82 9.12
N GLU A 7 -1.15 1.59 8.75
CA GLU A 7 -0.18 0.49 8.73
C GLU A 7 -0.13 -0.16 7.36
N VAL A 8 1.08 -0.34 6.84
CA VAL A 8 1.27 -0.95 5.53
C VAL A 8 2.26 -2.11 5.60
N SER A 9 2.04 -3.13 4.78
CA SER A 9 2.92 -4.29 4.75
C SER A 9 3.96 -4.16 3.64
N LEU A 10 5.21 -4.39 3.99
CA LEU A 10 6.31 -4.30 3.03
C LEU A 10 6.33 -5.52 2.12
N ILE A 11 5.25 -5.72 1.38
CA ILE A 11 5.15 -6.86 0.47
C ILE A 11 5.62 -6.48 -0.93
N SER A 12 4.81 -5.68 -1.62
CA SER A 12 5.14 -5.24 -2.97
C SER A 12 4.61 -3.83 -3.23
N GLY A 13 4.93 -3.29 -4.40
CA GLY A 13 4.48 -1.95 -4.75
C GLY A 13 5.34 -1.32 -5.83
N LYS A 14 4.70 -0.71 -6.81
CA LYS A 14 5.41 -0.05 -7.90
C LYS A 14 5.30 1.47 -7.79
N GLY A 15 6.44 2.15 -7.78
CA GLY A 15 6.45 3.59 -7.68
C GLY A 15 6.19 4.26 -9.02
N LEU A 16 4.94 4.61 -9.29
CA LEU A 16 4.57 5.26 -10.54
C LEU A 16 5.29 6.60 -10.68
N LYS A 17 5.55 7.26 -9.55
CA LYS A 17 6.23 8.55 -9.57
C LYS A 17 7.71 8.37 -9.27
N ARG A 18 8.53 9.18 -9.94
CA ARG A 18 9.98 9.11 -9.75
C ARG A 18 10.41 9.91 -8.52
N SER A 19 11.71 9.94 -8.26
CA SER A 19 12.25 10.65 -7.11
C SER A 19 13.76 10.79 -7.22
N ASP A 20 14.39 11.26 -6.14
CA ASP A 20 15.83 11.44 -6.11
C ASP A 20 16.50 10.34 -5.27
N PHE A 21 16.51 9.13 -5.81
CA PHE A 21 17.11 8.00 -5.11
C PHE A 21 17.62 6.95 -6.11
N LEU A 22 18.93 6.81 -6.19
CA LEU A 22 19.54 5.84 -7.10
C LEU A 22 20.37 4.82 -6.34
N GLY A 23 19.90 3.59 -6.29
CA GLY A 23 20.62 2.54 -5.59
C GLY A 23 20.42 2.60 -4.10
N LYS A 24 19.99 1.48 -3.51
CA LYS A 24 19.76 1.42 -2.07
C LYS A 24 18.95 2.61 -1.60
N ILE A 25 18.97 2.85 -0.29
CA ILE A 25 18.22 3.96 0.30
C ILE A 25 16.72 3.70 0.27
N ASP A 26 16.15 3.72 -0.94
CA ASP A 26 14.73 3.50 -1.11
C ASP A 26 14.32 2.15 -0.52
N PRO A 27 14.89 1.06 -1.05
CA PRO A 27 14.60 -0.30 -0.60
C PRO A 27 15.17 -0.58 0.79
N TYR A 28 15.97 0.36 1.30
CA TYR A 28 16.57 0.21 2.61
C TYR A 28 15.52 -0.12 3.66
N VAL A 29 15.86 -1.05 4.56
CA VAL A 29 14.95 -1.47 5.61
C VAL A 29 15.23 -0.71 6.91
N GLU A 30 14.21 -0.61 7.75
CA GLU A 30 14.34 0.09 9.02
C GLU A 30 15.00 -0.80 10.07
N ILE A 31 16.32 -0.72 10.15
CA ILE A 31 17.08 -1.52 11.11
C ILE A 31 18.14 -0.68 11.81
N GLN A 32 17.99 -0.52 13.12
CA GLN A 32 18.94 0.25 13.91
C GLN A 32 18.90 -0.15 15.38
N TYR A 33 19.92 0.24 16.12
CA TYR A 33 20.00 -0.09 17.55
C TYR A 33 20.62 1.06 18.34
N LYS A 34 20.48 2.28 17.80
CA LYS A 34 21.01 3.46 18.45
C LYS A 34 19.91 4.25 19.14
N GLY A 35 19.12 4.97 18.34
CA GLY A 35 18.03 5.75 18.89
C GLY A 35 17.00 6.13 17.84
N GLN A 36 17.47 6.44 16.64
CA GLN A 36 16.58 6.81 15.54
C GLN A 36 16.47 5.69 14.52
N THR A 37 15.42 5.75 13.70
CA THR A 37 15.20 4.73 12.67
C THR A 37 14.61 5.35 11.41
N ARG A 38 14.78 4.66 10.28
CA ARG A 38 14.27 5.14 9.02
C ARG A 38 13.50 4.04 8.29
N LYS A 39 12.34 4.39 7.75
CA LYS A 39 11.50 3.43 7.02
C LYS A 39 11.87 3.41 5.54
N SER A 40 11.48 2.34 4.86
CA SER A 40 11.76 2.19 3.44
C SER A 40 10.97 3.20 2.62
N SER A 41 11.68 3.93 1.75
CA SER A 41 11.04 4.93 0.91
C SER A 41 9.98 4.30 0.01
N VAL A 42 9.50 5.08 -0.96
CA VAL A 42 8.49 4.59 -1.89
C VAL A 42 8.87 3.23 -2.46
N ALA A 43 7.85 2.43 -2.78
CA ALA A 43 8.08 1.10 -3.33
C ALA A 43 8.77 1.18 -4.69
N LYS A 44 9.88 0.47 -4.82
CA LYS A 44 10.64 0.46 -6.07
C LYS A 44 10.75 -0.96 -6.63
N GLU A 45 10.99 -1.06 -7.93
CA GLU A 45 11.12 -2.35 -8.59
C GLU A 45 9.82 -3.15 -8.50
N ASP A 46 8.74 -2.45 -8.16
CA ASP A 46 7.42 -3.08 -8.04
C ASP A 46 7.42 -4.08 -6.89
N GLY A 47 8.43 -4.02 -6.05
CA GLY A 47 8.51 -4.92 -4.92
C GLY A 47 8.32 -6.37 -5.32
N GLY A 48 9.33 -6.94 -5.97
CA GLY A 48 9.25 -8.32 -6.41
C GLY A 48 9.37 -9.30 -5.26
N ARG A 49 10.50 -9.23 -4.54
CA ARG A 49 10.73 -10.12 -3.41
C ARG A 49 10.69 -9.35 -2.10
N ASN A 50 10.28 -8.08 -2.17
CA ASN A 50 10.18 -7.24 -0.98
C ASN A 50 9.50 -7.98 0.17
N PRO A 51 10.30 -8.38 1.17
CA PRO A 51 9.79 -9.11 2.34
C PRO A 51 8.94 -8.22 3.24
N THR A 52 7.80 -8.75 3.67
CA THR A 52 6.90 -8.01 4.54
C THR A 52 7.33 -8.10 6.01
N TRP A 53 7.89 -9.25 6.37
CA TRP A 53 8.34 -9.46 7.74
C TRP A 53 9.60 -8.64 8.04
N ASN A 54 10.15 -8.03 7.00
CA ASN A 54 11.34 -7.21 7.13
C ASN A 54 11.05 -5.95 7.93
N ASP A 55 9.95 -5.28 7.59
CA ASP A 55 9.55 -4.06 8.27
C ASP A 55 8.17 -3.59 7.79
N LYS A 56 7.59 -2.65 8.53
CA LYS A 56 6.28 -2.12 8.18
C LYS A 56 6.34 -0.61 7.97
N LEU A 57 5.48 -0.09 7.11
CA LEU A 57 5.43 1.34 6.82
C LEU A 57 4.19 1.98 7.43
N LYS A 58 4.38 3.11 8.10
CA LYS A 58 3.27 3.83 8.72
C LYS A 58 3.23 5.28 8.26
N TRP A 59 2.04 5.86 8.23
CA TRP A 59 1.86 7.24 7.81
C TRP A 59 0.75 7.91 8.60
N ARG A 60 0.83 9.24 8.72
CA ARG A 60 -0.17 10.00 9.45
C ARG A 60 -1.46 10.11 8.67
N ALA A 61 -2.59 9.87 9.34
CA ALA A 61 -3.89 9.94 8.71
C ALA A 61 -4.86 10.80 9.53
N GLU A 62 -5.60 11.66 8.84
CA GLU A 62 -6.57 12.54 9.51
C GLU A 62 -7.89 12.56 8.74
N PHE A 63 -8.94 13.03 9.42
CA PHE A 63 -10.26 13.11 8.81
C PHE A 63 -10.18 13.73 7.42
N PRO A 64 -10.84 13.07 6.44
CA PRO A 64 -10.86 13.54 5.06
C PRO A 64 -11.68 14.82 4.89
N GLY A 65 -12.72 14.97 5.71
CA GLY A 65 -13.56 16.14 5.63
C GLY A 65 -14.88 15.87 4.93
N SER A 66 -15.96 16.41 5.47
CA SER A 66 -17.28 16.23 4.88
C SER A 66 -17.26 16.47 3.38
N GLY A 67 -17.73 15.49 2.62
CA GLY A 67 -17.76 15.62 1.17
C GLY A 67 -17.74 14.28 0.47
N ALA A 68 -18.47 13.31 1.02
CA ALA A 68 -18.52 11.98 0.44
C ALA A 68 -19.18 12.00 -0.93
N ASP A 69 -19.07 10.90 -1.66
CA ASP A 69 -19.66 10.79 -2.99
C ASP A 69 -19.35 9.44 -3.62
N TYR A 70 -19.65 9.31 -4.90
CA TYR A 70 -19.40 8.07 -5.63
C TYR A 70 -20.25 6.93 -5.05
N LYS A 71 -20.42 5.88 -5.84
CA LYS A 71 -21.20 4.72 -5.42
C LYS A 71 -20.81 3.47 -6.21
N LEU A 72 -21.61 2.42 -6.06
CA LEU A 72 -21.34 1.17 -6.77
C LEU A 72 -20.05 0.52 -6.27
N ILE A 73 -20.18 -0.63 -5.63
CA ILE A 73 -19.02 -1.35 -5.10
C ILE A 73 -18.85 -2.70 -5.79
N VAL A 74 -19.93 -3.18 -6.41
CA VAL A 74 -19.90 -4.46 -7.11
C VAL A 74 -19.41 -4.29 -8.54
N LYS A 75 -19.11 -3.05 -8.91
CA LYS A 75 -18.63 -2.76 -10.27
C LYS A 75 -17.23 -2.16 -10.22
N VAL A 76 -16.27 -2.95 -9.77
CA VAL A 76 -14.88 -2.49 -9.68
C VAL A 76 -13.90 -3.66 -9.74
N MET A 77 -14.02 -4.46 -10.80
CA MET A 77 -13.14 -5.62 -10.97
C MET A 77 -13.12 -6.06 -12.43
N ASP A 78 -12.53 -7.23 -12.68
CA ASP A 78 -12.43 -7.75 -14.04
C ASP A 78 -13.65 -8.60 -14.37
N HIS A 79 -14.01 -8.64 -15.66
CA HIS A 79 -15.17 -9.41 -16.10
C HIS A 79 -14.95 -10.90 -15.85
N ASP A 80 -15.79 -11.49 -15.03
CA ASP A 80 -15.69 -12.91 -14.70
C ASP A 80 -16.90 -13.37 -13.87
N THR A 81 -17.52 -14.45 -14.30
CA THR A 81 -18.69 -14.98 -13.59
C THR A 81 -18.26 -15.79 -12.38
N PHE A 82 -19.23 -16.10 -11.51
CA PHE A 82 -18.94 -16.88 -10.30
C PHE A 82 -17.98 -16.13 -9.40
N SER A 83 -17.91 -14.81 -9.57
CA SER A 83 -17.02 -13.98 -8.76
C SER A 83 -15.56 -14.40 -8.94
N SER A 84 -14.87 -13.72 -9.84
CA SER A 84 -13.47 -14.03 -10.12
C SER A 84 -12.66 -14.03 -8.82
N ASP A 85 -12.27 -15.22 -8.38
CA ASP A 85 -11.49 -15.37 -7.16
C ASP A 85 -10.13 -14.69 -7.30
N ASP A 86 -9.66 -14.57 -8.54
CA ASP A 86 -8.38 -13.94 -8.81
C ASP A 86 -8.33 -12.53 -8.25
N PHE A 87 -7.28 -12.23 -7.49
CA PHE A 87 -7.12 -10.90 -6.88
C PHE A 87 -5.93 -10.17 -7.49
N ILE A 88 -6.07 -8.85 -7.62
CA ILE A 88 -5.00 -8.03 -8.19
C ILE A 88 -4.36 -7.15 -7.11
N GLY A 89 -5.11 -6.17 -6.63
CA GLY A 89 -4.59 -5.28 -5.60
C GLY A 89 -5.50 -4.09 -5.36
N GLU A 90 -5.13 -3.25 -4.40
CA GLU A 90 -5.92 -2.07 -4.07
C GLU A 90 -5.02 -0.94 -3.58
N ALA A 91 -5.33 0.28 -4.02
CA ALA A 91 -4.56 1.45 -3.63
C ALA A 91 -5.38 2.38 -2.75
N THR A 92 -4.73 3.41 -2.21
CA THR A 92 -5.40 4.37 -1.35
C THR A 92 -6.32 5.29 -2.15
N VAL A 93 -7.42 4.73 -2.66
CA VAL A 93 -8.37 5.48 -3.44
C VAL A 93 -9.80 5.01 -3.19
N HIS A 94 -10.75 5.94 -3.14
CA HIS A 94 -12.14 5.61 -2.92
C HIS A 94 -12.29 4.69 -1.70
N VAL A 95 -11.36 4.80 -0.76
CA VAL A 95 -11.39 4.00 0.45
C VAL A 95 -11.27 4.86 1.69
N LYS A 96 -11.72 6.10 1.59
CA LYS A 96 -11.68 7.03 2.72
C LYS A 96 -12.61 6.58 3.84
N GLU A 97 -13.59 5.76 3.49
CA GLU A 97 -14.55 5.25 4.47
C GLU A 97 -13.91 4.18 5.36
N LEU A 98 -12.90 3.50 4.82
CA LEU A 98 -12.20 2.46 5.57
C LEU A 98 -11.56 3.04 6.83
N LEU A 99 -10.79 4.11 6.67
CA LEU A 99 -10.12 4.75 7.78
C LEU A 99 -11.12 5.50 8.67
N GLU A 100 -12.07 6.18 8.03
CA GLU A 100 -13.08 6.93 8.75
C GLU A 100 -13.85 6.02 9.72
N MET A 101 -13.99 4.76 9.35
CA MET A 101 -14.69 3.80 10.19
C MET A 101 -13.81 3.33 11.33
N GLY A 102 -12.51 3.58 11.22
CA GLY A 102 -11.57 3.17 12.25
C GLY A 102 -11.93 3.74 13.61
N VAL A 103 -12.51 4.94 13.62
CA VAL A 103 -12.90 5.59 14.86
C VAL A 103 -14.12 4.91 15.48
N GLU A 104 -14.86 4.17 14.66
CA GLU A 104 -16.05 3.48 15.13
C GLU A 104 -15.73 2.62 16.35
N LYS A 105 -14.78 1.69 16.19
CA LYS A 105 -14.38 0.80 17.28
C LYS A 105 -12.90 0.99 17.60
N GLY A 106 -12.27 1.97 16.96
CA GLY A 106 -10.87 2.23 17.21
C GLY A 106 -9.97 1.59 16.16
N THR A 107 -10.55 0.72 15.34
CA THR A 107 -9.80 0.03 14.30
C THR A 107 -10.69 -0.31 13.11
N ALA A 108 -10.08 -0.39 11.93
CA ALA A 108 -10.82 -0.70 10.72
C ALA A 108 -10.00 -1.58 9.78
N GLU A 109 -10.67 -2.22 8.83
CA GLU A 109 -10.00 -3.09 7.87
C GLU A 109 -10.77 -3.15 6.55
N LEU A 110 -10.06 -2.93 5.46
CA LEU A 110 -10.68 -2.96 4.13
C LEU A 110 -11.47 -4.24 3.93
N ARG A 111 -12.61 -4.13 3.26
CA ARG A 111 -13.47 -5.28 3.00
C ARG A 111 -12.89 -6.15 1.88
N PRO A 112 -13.25 -7.44 1.88
CA PRO A 112 -12.78 -8.39 0.87
C PRO A 112 -13.39 -8.13 -0.51
N THR A 113 -12.66 -7.38 -1.33
CA THR A 113 -13.12 -7.06 -2.68
C THR A 113 -11.96 -6.75 -3.61
N LYS A 114 -12.02 -7.29 -4.81
CA LYS A 114 -10.97 -7.07 -5.80
C LYS A 114 -11.21 -5.78 -6.59
N TYR A 115 -10.70 -4.67 -6.07
CA TYR A 115 -10.86 -3.37 -6.71
C TYR A 115 -10.04 -3.30 -7.99
N ASN A 116 -10.16 -2.19 -8.70
CA ASN A 116 -9.43 -1.98 -9.95
C ASN A 116 -8.14 -1.18 -9.71
N ILE A 117 -7.05 -1.90 -9.47
CA ILE A 117 -5.76 -1.26 -9.22
C ILE A 117 -4.88 -1.31 -10.46
N VAL A 118 -5.47 -1.70 -11.59
CA VAL A 118 -4.73 -1.78 -12.84
C VAL A 118 -4.97 -0.55 -13.71
N ASP A 119 -6.09 0.11 -13.49
CA ASP A 119 -6.44 1.30 -14.24
C ASP A 119 -7.78 1.88 -13.78
N SER A 120 -7.73 2.75 -12.77
CA SER A 120 -8.94 3.36 -12.23
C SER A 120 -9.24 4.66 -12.95
N ASP A 121 -8.20 5.41 -13.29
CA ASP A 121 -8.37 6.68 -13.99
C ASP A 121 -9.12 7.68 -13.13
N LEU A 122 -9.19 7.39 -11.83
CA LEU A 122 -9.89 8.27 -10.90
C LEU A 122 -8.90 9.09 -10.07
N SER A 123 -8.02 8.40 -9.36
CA SER A 123 -7.02 9.05 -8.53
C SER A 123 -5.61 8.68 -8.98
N PHE A 124 -5.18 7.48 -8.62
CA PHE A 124 -3.85 7.00 -8.99
C PHE A 124 -3.61 5.60 -8.43
N VAL A 125 -3.93 4.58 -9.22
CA VAL A 125 -3.74 3.20 -8.80
C VAL A 125 -2.62 2.54 -9.60
N GLY A 126 -2.09 1.43 -9.06
CA GLY A 126 -1.02 0.72 -9.74
C GLY A 126 -0.79 -0.66 -9.15
N GLU A 127 -0.07 -0.72 -8.04
CA GLU A 127 0.22 -1.99 -7.39
C GLU A 127 0.31 -1.83 -5.88
N LEU A 128 -0.29 -2.76 -5.14
CA LEU A 128 -0.28 -2.71 -3.68
C LEU A 128 -0.60 -4.08 -3.09
N LEU A 129 -0.34 -4.24 -1.80
CA LEU A 129 -0.61 -5.50 -1.12
C LEU A 129 -1.93 -5.44 -0.37
N ILE A 130 -2.59 -6.59 -0.25
CA ILE A 130 -3.88 -6.66 0.45
C ILE A 130 -3.67 -6.92 1.93
N GLY A 131 -4.07 -5.94 2.75
CA GLY A 131 -3.92 -6.08 4.19
C GLY A 131 -3.77 -4.74 4.89
N VAL A 132 -3.43 -3.71 4.12
CA VAL A 132 -3.25 -2.37 4.67
C VAL A 132 -4.53 -1.86 5.30
N SER A 133 -4.61 -1.94 6.62
CA SER A 133 -5.79 -1.49 7.34
C SER A 133 -5.50 -0.21 8.12
N TYR A 134 -6.55 0.43 8.63
CA TYR A 134 -6.40 1.66 9.39
C TYR A 134 -6.86 1.48 10.83
N SER A 135 -5.94 1.68 11.76
CA SER A 135 -6.24 1.53 13.19
C SER A 135 -5.80 2.75 13.97
N LEU A 136 -6.62 3.17 14.93
CA LEU A 136 -6.31 4.33 15.76
C LEU A 136 -5.08 4.07 16.63
N LEU A 137 -3.94 4.62 16.22
CA LEU A 137 -2.69 4.45 16.96
C LEU A 137 -2.45 5.64 17.89
N GLN A 138 -1.82 6.68 17.37
CA GLN A 138 -1.52 7.87 18.16
C GLN A 138 -0.60 8.81 17.40
N ASP A 139 0.30 8.24 16.60
CA ASP A 139 1.25 9.03 15.82
C ASP A 139 2.25 9.73 16.73
N ARG A 140 3.23 8.98 17.21
CA ARG A 140 4.26 9.53 18.10
C ARG A 140 5.33 8.50 18.40
N GLY A 141 6.31 8.40 17.50
CA GLY A 141 7.39 7.45 17.68
C GLY A 141 7.31 6.28 16.71
N MET A 142 8.29 5.39 16.78
CA MET A 142 8.33 4.23 15.89
C MET A 142 9.42 3.26 16.31
N ASP A 143 9.59 2.19 15.54
CA ASP A 143 10.60 1.18 15.85
C ASP A 143 10.95 0.38 14.60
N GLY A 144 11.78 -0.64 14.77
CA GLY A 144 12.19 -1.48 13.65
C GLY A 144 11.73 -2.91 13.80
N GLU A 145 12.27 -3.79 12.97
CA GLU A 145 11.92 -5.20 13.01
C GLU A 145 13.15 -6.08 12.80
N GLN A 146 13.60 -6.16 11.55
CA GLN A 146 14.78 -6.97 11.23
C GLN A 146 15.08 -6.89 9.73
N PHE A 147 16.34 -7.13 9.38
CA PHE A 147 16.76 -7.09 7.98
C PHE A 147 16.32 -8.34 7.23
N GLY A 148 16.65 -8.41 5.95
CA GLY A 148 16.27 -9.56 5.15
C GLY A 148 17.21 -9.77 3.98
N GLY A 149 16.70 -9.53 2.76
CA GLY A 149 17.51 -9.70 1.57
C GLY A 149 17.24 -8.64 0.53
N TRP A 150 17.43 -9.00 -0.73
CA TRP A 150 17.22 -8.06 -1.84
C TRP A 150 16.09 -8.55 -2.75
N LYS A 151 15.93 -7.89 -3.89
CA LYS A 151 14.91 -8.26 -4.85
C LYS A 151 15.41 -8.10 -6.28
N HIS A 152 14.51 -8.27 -7.24
CA HIS A 152 14.87 -8.14 -8.65
C HIS A 152 13.65 -8.35 -9.54
N SER A 153 13.69 -7.76 -10.74
CA SER A 153 12.58 -7.87 -11.68
C SER A 153 12.96 -7.27 -13.03
N ASN A 154 12.09 -7.45 -14.02
CA ASN A 154 12.32 -6.93 -15.36
C ASN A 154 11.16 -7.26 -16.29
N VAL A 155 10.87 -6.34 -17.21
CA VAL A 155 9.78 -6.54 -18.16
C VAL A 155 10.08 -5.84 -19.49
N ASP A 156 9.99 -6.59 -20.57
CA ASP A 156 10.24 -6.05 -21.91
C ASP A 156 9.97 -7.09 -22.98
N HIS A 157 9.98 -6.66 -24.23
CA HIS A 157 9.72 -7.55 -25.36
C HIS A 157 11.03 -7.96 -26.05
N HIS A 158 10.92 -8.80 -27.07
CA HIS A 158 12.09 -9.27 -27.80
C HIS A 158 11.71 -9.67 -29.22
N HIS A 159 10.77 -8.94 -29.81
CA HIS A 159 10.32 -9.23 -31.17
C HIS A 159 10.23 -7.95 -32.00
N HIS A 160 11.38 -7.46 -32.45
CA HIS A 160 11.43 -6.24 -33.25
C HIS A 160 11.89 -6.54 -34.68
N HIS A 161 11.65 -7.78 -35.12
CA HIS A 161 12.04 -8.19 -36.46
C HIS A 161 13.53 -7.95 -36.71
N HIS A 162 13.97 -8.16 -37.93
CA HIS A 162 15.37 -7.96 -38.29
C HIS A 162 15.54 -7.94 -39.80
N MET A 1 -15.15 9.09 12.44
CA MET A 1 -14.01 9.62 13.17
C MET A 1 -13.16 8.50 13.75
N ALA A 2 -12.17 8.05 12.97
CA ALA A 2 -11.28 6.98 13.41
C ALA A 2 -9.83 7.42 13.38
N VAL A 3 -9.13 7.20 14.50
CA VAL A 3 -7.72 7.57 14.59
C VAL A 3 -6.90 6.47 15.24
N GLY A 4 -5.95 5.92 14.49
CA GLY A 4 -5.11 4.86 15.01
C GLY A 4 -4.04 4.43 14.03
N ILE A 5 -3.19 3.50 14.45
CA ILE A 5 -2.11 3.01 13.61
C ILE A 5 -2.59 1.86 12.72
N LEU A 6 -2.06 1.78 11.51
CA LEU A 6 -2.42 0.73 10.57
C LEU A 6 -1.25 -0.21 10.31
N GLU A 7 -1.55 -1.44 9.93
CA GLU A 7 -0.51 -2.43 9.65
C GLU A 7 -0.50 -2.81 8.17
N VAL A 8 0.69 -2.84 7.57
CA VAL A 8 0.83 -3.19 6.16
C VAL A 8 1.78 -4.36 5.99
N SER A 9 1.57 -5.14 4.92
CA SER A 9 2.41 -6.29 4.64
C SER A 9 3.38 -5.99 3.50
N LEU A 10 4.66 -6.25 3.74
CA LEU A 10 5.69 -6.00 2.75
C LEU A 10 5.80 -7.16 1.78
N ILE A 11 4.70 -7.46 1.07
CA ILE A 11 4.67 -8.54 0.11
C ILE A 11 5.17 -8.09 -1.25
N SER A 12 4.50 -7.09 -1.81
CA SER A 12 4.87 -6.56 -3.12
C SER A 12 4.59 -5.06 -3.20
N GLY A 13 4.97 -4.44 -4.32
CA GLY A 13 4.75 -3.03 -4.49
C GLY A 13 5.76 -2.40 -5.44
N LYS A 14 5.27 -1.61 -6.39
CA LYS A 14 6.13 -0.95 -7.36
C LYS A 14 6.21 0.55 -7.10
N GLY A 15 7.42 1.07 -6.96
CA GLY A 15 7.60 2.49 -6.70
C GLY A 15 7.15 3.35 -7.86
N LEU A 16 5.89 3.79 -7.81
CA LEU A 16 5.34 4.63 -8.87
C LEU A 16 5.36 6.10 -8.47
N LYS A 17 5.47 6.35 -7.17
CA LYS A 17 5.51 7.72 -6.66
C LYS A 17 6.92 8.11 -6.25
N ARG A 18 7.24 9.39 -6.38
CA ARG A 18 8.57 9.89 -6.02
C ARG A 18 8.54 10.57 -4.66
N SER A 19 9.63 11.25 -4.32
CA SER A 19 9.74 11.94 -3.04
C SER A 19 11.09 12.64 -2.91
N ASP A 20 12.12 12.03 -3.47
CA ASP A 20 13.46 12.59 -3.42
C ASP A 20 14.46 11.71 -4.18
N PHE A 21 15.27 12.34 -5.02
CA PHE A 21 16.27 11.61 -5.80
C PHE A 21 17.68 12.06 -5.43
N LEU A 22 18.30 11.34 -4.50
CA LEU A 22 19.65 11.66 -4.05
C LEU A 22 20.57 10.46 -4.24
N GLY A 23 20.28 9.38 -3.52
CA GLY A 23 21.10 8.19 -3.62
C GLY A 23 20.57 7.05 -2.77
N LYS A 24 20.03 6.02 -3.42
CA LYS A 24 19.49 4.87 -2.71
C LYS A 24 18.57 5.31 -1.58
N ILE A 25 17.75 6.32 -1.84
CA ILE A 25 16.83 6.84 -0.83
C ILE A 25 15.38 6.66 -1.28
N ASP A 26 15.17 6.56 -2.59
CA ASP A 26 13.84 6.38 -3.15
C ASP A 26 13.13 5.20 -2.48
N PRO A 27 13.72 4.00 -2.61
CA PRO A 27 13.17 2.78 -2.03
C PRO A 27 13.25 2.77 -0.50
N TYR A 28 12.32 3.47 0.14
CA TYR A 28 12.29 3.55 1.60
C TYR A 28 12.03 2.17 2.20
N VAL A 29 13.06 1.58 2.81
CA VAL A 29 12.94 0.27 3.43
C VAL A 29 13.51 0.28 4.85
N GLU A 30 13.07 -0.67 5.66
CA GLU A 30 13.52 -0.76 7.04
C GLU A 30 14.89 -1.44 7.11
N ILE A 31 15.95 -0.64 7.05
CA ILE A 31 17.31 -1.16 7.12
C ILE A 31 18.17 -0.33 8.06
N GLN A 32 18.63 -0.96 9.14
CA GLN A 32 19.46 -0.28 10.13
C GLN A 32 20.28 -1.29 10.93
N TYR A 33 21.51 -0.92 11.24
CA TYR A 33 22.40 -1.79 12.00
C TYR A 33 22.24 -1.56 13.50
N LYS A 34 21.57 -0.47 13.86
CA LYS A 34 21.35 -0.14 15.26
C LYS A 34 20.37 -1.12 15.89
N GLY A 35 19.90 -0.78 17.10
CA GLY A 35 18.96 -1.64 17.79
C GLY A 35 17.53 -1.44 17.33
N GLN A 36 17.21 -0.21 16.95
CA GLN A 36 15.86 0.12 16.48
C GLN A 36 15.82 0.18 14.96
N THR A 37 14.61 0.17 14.41
CA THR A 37 14.43 0.22 12.97
C THR A 37 13.20 1.05 12.60
N ARG A 38 13.17 1.55 11.37
CA ARG A 38 12.05 2.35 10.89
C ARG A 38 11.08 1.49 10.08
N LYS A 39 10.06 2.14 9.52
CA LYS A 39 9.06 1.45 8.72
C LYS A 39 9.46 1.43 7.25
N SER A 40 9.31 0.28 6.61
CA SER A 40 9.66 0.12 5.20
C SER A 40 8.54 0.67 4.31
N SER A 41 8.64 0.40 3.01
CA SER A 41 7.65 0.86 2.05
C SER A 41 7.90 0.25 0.68
N VAL A 42 7.05 0.60 -0.28
CA VAL A 42 7.18 0.09 -1.64
C VAL A 42 8.55 0.44 -2.24
N ALA A 43 9.14 -0.52 -2.94
CA ALA A 43 10.45 -0.32 -3.56
C ALA A 43 10.31 -0.18 -5.07
N LYS A 44 11.38 0.30 -5.71
CA LYS A 44 11.39 0.48 -7.15
C LYS A 44 11.65 -0.84 -7.87
N GLU A 45 11.29 -0.89 -9.15
CA GLU A 45 11.49 -2.10 -9.94
C GLU A 45 10.67 -3.26 -9.38
N ASP A 46 9.68 -2.94 -8.56
CA ASP A 46 8.83 -3.95 -7.95
C ASP A 46 9.66 -5.15 -7.51
N GLY A 47 10.27 -5.04 -6.33
CA GLY A 47 11.08 -6.13 -5.82
C GLY A 47 10.44 -6.82 -4.62
N GLY A 48 9.44 -7.65 -4.89
CA GLY A 48 8.76 -8.36 -3.83
C GLY A 48 9.59 -9.46 -3.23
N ARG A 49 10.69 -9.80 -3.91
CA ARG A 49 11.58 -10.87 -3.44
C ARG A 49 12.64 -10.30 -2.50
N ASN A 50 12.48 -9.04 -2.11
CA ASN A 50 13.41 -8.39 -1.21
C ASN A 50 13.70 -9.26 0.00
N PRO A 51 14.92 -9.13 0.54
CA PRO A 51 15.36 -9.90 1.71
C PRO A 51 14.64 -9.48 2.98
N THR A 52 14.59 -8.18 3.23
CA THR A 52 13.92 -7.64 4.41
C THR A 52 12.46 -7.36 4.13
N TRP A 53 11.94 -7.93 3.06
CA TRP A 53 10.54 -7.73 2.69
C TRP A 53 9.61 -8.49 3.64
N ASN A 54 10.20 -9.28 4.53
CA ASN A 54 9.43 -10.05 5.49
C ASN A 54 9.17 -9.24 6.76
N ASP A 55 9.11 -7.93 6.61
CA ASP A 55 8.87 -7.03 7.73
C ASP A 55 7.50 -6.36 7.62
N LYS A 56 7.01 -5.82 8.72
CA LYS A 56 5.72 -5.15 8.75
C LYS A 56 5.89 -3.63 8.79
N LEU A 57 4.83 -2.91 8.46
CA LEU A 57 4.86 -1.46 8.47
C LEU A 57 3.80 -0.89 9.41
N LYS A 58 4.05 0.31 9.93
CA LYS A 58 3.11 0.96 10.83
C LYS A 58 3.06 2.46 10.57
N TRP A 59 1.85 3.00 10.49
CA TRP A 59 1.66 4.42 10.24
C TRP A 59 0.37 4.93 10.89
N ARG A 60 0.36 6.20 11.26
CA ARG A 60 -0.81 6.80 11.90
C ARG A 60 -1.73 7.42 10.85
N ALA A 61 -3.02 7.17 11.00
CA ALA A 61 -4.02 7.71 10.07
C ALA A 61 -5.26 8.20 10.82
N GLU A 62 -5.80 9.33 10.38
CA GLU A 62 -6.99 9.90 11.01
C GLU A 62 -8.14 9.97 10.01
N PHE A 63 -9.35 10.14 10.53
CA PHE A 63 -10.55 10.22 9.69
C PHE A 63 -10.31 11.18 8.53
N PRO A 64 -10.71 10.75 7.32
CA PRO A 64 -10.56 11.54 6.10
C PRO A 64 -11.49 12.75 6.08
N GLY A 65 -12.65 12.61 6.71
CA GLY A 65 -13.61 13.70 6.76
C GLY A 65 -14.70 13.54 5.71
N SER A 66 -14.66 14.40 4.69
CA SER A 66 -15.66 14.37 3.62
C SER A 66 -15.83 12.94 3.10
N GLY A 67 -16.90 12.73 2.34
CA GLY A 67 -17.17 11.42 1.78
C GLY A 67 -17.86 11.48 0.43
N ALA A 68 -18.96 12.22 0.37
CA ALA A 68 -19.71 12.37 -0.87
C ALA A 68 -19.90 11.02 -1.56
N ASP A 69 -20.17 9.99 -0.77
CA ASP A 69 -20.38 8.65 -1.32
C ASP A 69 -21.40 8.66 -2.44
N TYR A 70 -21.52 7.54 -3.15
CA TYR A 70 -22.45 7.43 -4.25
C TYR A 70 -22.51 5.99 -4.77
N LYS A 71 -22.31 5.04 -3.87
CA LYS A 71 -22.35 3.62 -4.22
C LYS A 71 -21.43 3.35 -5.42
N LEU A 72 -20.16 3.06 -5.14
CA LEU A 72 -19.19 2.77 -6.19
C LEU A 72 -18.80 1.29 -6.18
N ILE A 73 -19.79 0.43 -5.96
CA ILE A 73 -19.55 -1.00 -5.94
C ILE A 73 -19.30 -1.55 -7.34
N VAL A 74 -19.59 -0.74 -8.34
CA VAL A 74 -19.39 -1.13 -9.73
C VAL A 74 -17.97 -0.87 -10.18
N LYS A 75 -17.19 -0.22 -9.32
CA LYS A 75 -15.80 0.10 -9.62
C LYS A 75 -14.86 -0.68 -8.70
N VAL A 76 -14.82 -2.00 -8.87
CA VAL A 76 -13.96 -2.85 -8.07
C VAL A 76 -13.59 -4.12 -8.81
N MET A 77 -13.00 -3.97 -10.00
CA MET A 77 -12.61 -5.11 -10.81
C MET A 77 -11.84 -4.66 -12.05
N ASP A 78 -11.63 -5.59 -12.97
CA ASP A 78 -10.90 -5.28 -14.20
C ASP A 78 -11.52 -6.01 -15.39
N HIS A 79 -12.43 -5.33 -16.09
CA HIS A 79 -13.10 -5.91 -17.25
C HIS A 79 -13.89 -7.15 -16.85
N ASP A 80 -15.15 -6.96 -16.49
CA ASP A 80 -16.02 -8.06 -16.08
C ASP A 80 -16.95 -8.47 -17.23
N THR A 81 -16.57 -9.54 -17.93
CA THR A 81 -17.37 -10.04 -19.04
C THR A 81 -18.14 -11.29 -18.66
N PHE A 82 -17.62 -12.02 -17.67
CA PHE A 82 -18.26 -13.24 -17.20
C PHE A 82 -18.18 -13.36 -15.68
N SER A 83 -17.99 -12.22 -15.02
CA SER A 83 -17.89 -12.20 -13.56
C SER A 83 -16.67 -12.98 -13.09
N SER A 84 -15.54 -12.28 -12.95
CA SER A 84 -14.31 -12.92 -12.51
C SER A 84 -14.22 -12.94 -10.98
N ASP A 85 -13.55 -13.95 -10.46
CA ASP A 85 -13.39 -14.09 -9.01
C ASP A 85 -11.93 -13.87 -8.60
N ASP A 86 -11.02 -14.13 -9.53
CA ASP A 86 -9.59 -13.97 -9.26
C ASP A 86 -9.30 -12.60 -8.68
N PHE A 87 -8.38 -12.55 -7.72
CA PHE A 87 -8.01 -11.30 -7.08
C PHE A 87 -6.64 -10.83 -7.56
N ILE A 88 -6.53 -9.52 -7.80
CA ILE A 88 -5.27 -8.94 -8.27
C ILE A 88 -4.60 -8.13 -7.16
N GLY A 89 -5.20 -6.99 -6.81
CA GLY A 89 -4.64 -6.14 -5.78
C GLY A 89 -5.44 -4.88 -5.57
N GLU A 90 -5.00 -4.04 -4.64
CA GLU A 90 -5.69 -2.79 -4.35
C GLU A 90 -4.71 -1.73 -3.85
N ALA A 91 -4.89 -0.51 -4.32
CA ALA A 91 -4.02 0.60 -3.91
C ALA A 91 -4.70 1.48 -2.87
N THR A 92 -3.94 2.43 -2.33
CA THR A 92 -4.46 3.34 -1.32
C THR A 92 -5.38 4.38 -1.95
N VAL A 93 -6.49 3.93 -2.52
CA VAL A 93 -7.44 4.83 -3.15
C VAL A 93 -8.88 4.34 -2.95
N HIS A 94 -9.78 5.27 -2.67
CA HIS A 94 -11.19 4.94 -2.46
C HIS A 94 -11.33 3.79 -1.47
N VAL A 95 -10.35 3.67 -0.58
CA VAL A 95 -10.37 2.61 0.44
C VAL A 95 -10.49 3.19 1.83
N LYS A 96 -10.76 4.49 1.91
CA LYS A 96 -10.89 5.17 3.20
C LYS A 96 -11.97 4.49 4.05
N GLU A 97 -12.96 3.91 3.39
CA GLU A 97 -14.05 3.24 4.09
C GLU A 97 -13.51 2.17 5.04
N LEU A 98 -12.35 1.62 4.71
CA LEU A 98 -11.73 0.59 5.54
C LEU A 98 -11.26 1.18 6.87
N LEU A 99 -10.47 2.24 6.80
CA LEU A 99 -9.96 2.90 8.01
C LEU A 99 -11.08 3.64 8.73
N GLU A 100 -12.04 4.13 7.96
CA GLU A 100 -13.17 4.87 8.53
C GLU A 100 -14.10 3.94 9.30
N MET A 101 -14.19 2.69 8.83
CA MET A 101 -15.05 1.70 9.46
C MET A 101 -14.39 1.13 10.71
N GLY A 102 -13.10 1.42 10.87
CA GLY A 102 -12.38 0.92 12.04
C GLY A 102 -12.95 1.43 13.34
N VAL A 103 -13.41 2.67 13.34
CA VAL A 103 -13.99 3.28 14.53
C VAL A 103 -15.32 2.62 14.90
N GLU A 104 -15.93 1.96 13.92
CA GLU A 104 -17.21 1.29 14.15
C GLU A 104 -17.14 0.37 15.36
N LYS A 105 -16.19 -0.57 15.34
CA LYS A 105 -16.01 -1.50 16.45
C LYS A 105 -14.59 -1.42 17.01
N GLY A 106 -13.82 -0.46 16.51
CA GLY A 106 -12.46 -0.28 16.97
C GLY A 106 -11.44 -0.88 16.03
N THR A 107 -11.90 -1.74 15.13
CA THR A 107 -11.02 -2.38 14.17
C THR A 107 -11.72 -2.59 12.83
N ALA A 108 -10.95 -2.65 11.75
CA ALA A 108 -11.50 -2.83 10.42
C ALA A 108 -10.52 -3.58 9.52
N GLU A 109 -11.05 -4.34 8.57
CA GLU A 109 -10.22 -5.11 7.64
C GLU A 109 -10.91 -5.26 6.29
N LEU A 110 -10.15 -5.04 5.22
CA LEU A 110 -10.69 -5.15 3.87
C LEU A 110 -11.44 -6.46 3.69
N ARG A 111 -12.50 -6.43 2.89
CA ARG A 111 -13.29 -7.62 2.63
C ARG A 111 -12.75 -8.40 1.45
N PRO A 112 -13.11 -9.69 1.35
CA PRO A 112 -12.66 -10.57 0.27
C PRO A 112 -13.29 -10.20 -1.06
N THR A 113 -12.59 -9.36 -1.83
CA THR A 113 -13.09 -8.93 -3.13
C THR A 113 -11.94 -8.51 -4.04
N LYS A 114 -12.04 -8.86 -5.32
CA LYS A 114 -11.01 -8.51 -6.29
C LYS A 114 -11.15 -7.06 -6.73
N TYR A 115 -10.51 -6.15 -6.01
CA TYR A 115 -10.56 -4.74 -6.33
C TYR A 115 -9.90 -4.45 -7.67
N ASN A 116 -9.78 -3.18 -8.02
CA ASN A 116 -9.16 -2.77 -9.27
C ASN A 116 -7.75 -2.25 -9.04
N ILE A 117 -6.80 -2.76 -9.82
CA ILE A 117 -5.41 -2.35 -9.70
C ILE A 117 -4.60 -2.80 -10.91
N VAL A 118 -3.40 -2.23 -11.06
CA VAL A 118 -2.53 -2.58 -12.17
C VAL A 118 -3.20 -2.29 -13.51
N ASP A 119 -2.92 -1.12 -14.08
CA ASP A 119 -3.50 -0.73 -15.35
C ASP A 119 -5.02 -0.81 -15.31
N SER A 120 -5.63 0.04 -14.47
CA SER A 120 -7.08 0.06 -14.33
C SER A 120 -7.65 1.40 -14.80
N ASP A 121 -6.82 2.44 -14.73
CA ASP A 121 -7.24 3.77 -15.14
C ASP A 121 -8.36 4.29 -14.25
N LEU A 122 -8.43 3.77 -13.03
CA LEU A 122 -9.45 4.17 -12.07
C LEU A 122 -9.02 5.42 -11.31
N SER A 123 -7.74 5.49 -10.98
CA SER A 123 -7.19 6.63 -10.24
C SER A 123 -5.67 6.56 -10.20
N PHE A 124 -5.07 6.11 -11.29
CA PHE A 124 -3.61 5.99 -11.37
C PHE A 124 -3.09 5.00 -10.35
N VAL A 125 -3.83 3.92 -10.14
CA VAL A 125 -3.43 2.89 -9.18
C VAL A 125 -2.06 2.32 -9.53
N GLY A 126 -1.62 1.33 -8.75
CA GLY A 126 -0.33 0.71 -8.99
C GLY A 126 -0.30 -0.74 -8.58
N GLU A 127 0.56 -1.07 -7.62
CA GLU A 127 0.68 -2.44 -7.14
C GLU A 127 0.73 -2.47 -5.62
N LEU A 128 -0.05 -3.38 -5.03
CA LEU A 128 -0.09 -3.52 -3.58
C LEU A 128 -0.61 -4.91 -3.19
N LEU A 129 -0.45 -5.24 -1.91
CA LEU A 129 -0.91 -6.54 -1.40
C LEU A 129 -2.25 -6.41 -0.70
N ILE A 130 -3.08 -7.45 -0.80
CA ILE A 130 -4.39 -7.44 -0.17
C ILE A 130 -4.33 -8.04 1.23
N GLY A 131 -4.66 -7.22 2.23
CA GLY A 131 -4.64 -7.69 3.60
C GLY A 131 -4.38 -6.57 4.59
N VAL A 132 -3.86 -5.46 4.10
CA VAL A 132 -3.56 -4.31 4.94
C VAL A 132 -4.82 -3.77 5.60
N SER A 133 -5.09 -4.22 6.83
CA SER A 133 -6.27 -3.79 7.56
C SER A 133 -5.95 -2.58 8.44
N TYR A 134 -6.99 -1.95 8.96
CA TYR A 134 -6.82 -0.78 9.82
C TYR A 134 -7.49 -1.00 11.17
N SER A 135 -6.70 -0.89 12.24
CA SER A 135 -7.21 -1.07 13.60
C SER A 135 -6.84 0.11 14.48
N LEU A 136 -7.73 0.47 15.38
CA LEU A 136 -7.51 1.59 16.29
C LEU A 136 -6.33 1.29 17.23
N LEU A 137 -5.18 1.89 16.92
CA LEU A 137 -3.99 1.69 17.74
C LEU A 137 -3.41 3.03 18.19
N GLN A 138 -2.21 2.99 18.75
CA GLN A 138 -1.55 4.20 19.23
C GLN A 138 -0.06 3.97 19.43
N ASP A 139 0.29 2.77 19.90
CA ASP A 139 1.69 2.42 20.14
C ASP A 139 2.32 1.83 18.88
N ARG A 140 2.63 2.70 17.92
CA ARG A 140 3.24 2.26 16.67
C ARG A 140 4.47 1.40 16.93
N GLY A 141 4.34 0.10 16.66
CA GLY A 141 5.45 -0.81 16.88
C GLY A 141 6.73 -0.34 16.21
N MET A 142 7.84 -0.98 16.55
CA MET A 142 9.14 -0.62 15.99
C MET A 142 10.10 -1.80 16.05
N ASP A 143 11.38 -1.53 15.76
CA ASP A 143 12.39 -2.56 15.78
C ASP A 143 12.11 -3.64 14.72
N GLY A 144 13.09 -4.49 14.48
CA GLY A 144 12.93 -5.54 13.49
C GLY A 144 14.12 -6.48 13.43
N GLU A 145 14.63 -6.71 12.22
CA GLU A 145 15.78 -7.59 12.03
C GLU A 145 17.00 -6.80 11.58
N GLN A 146 18.04 -6.79 12.43
CA GLN A 146 19.27 -6.07 12.11
C GLN A 146 19.77 -6.44 10.72
N PHE A 147 20.72 -5.65 10.21
CA PHE A 147 21.29 -5.88 8.89
C PHE A 147 20.21 -5.76 7.81
N GLY A 148 20.65 -5.74 6.56
CA GLY A 148 19.71 -5.63 5.45
C GLY A 148 20.16 -4.63 4.41
N GLY A 149 19.58 -4.72 3.21
CA GLY A 149 19.94 -3.80 2.15
C GLY A 149 19.22 -4.10 0.86
N TRP A 150 19.49 -3.31 -0.17
CA TRP A 150 18.85 -3.50 -1.47
C TRP A 150 19.58 -2.73 -2.56
N LYS A 151 19.64 -3.30 -3.76
CA LYS A 151 20.32 -2.67 -4.88
C LYS A 151 19.48 -1.52 -5.43
N HIS A 152 19.91 -0.99 -6.58
CA HIS A 152 19.20 0.11 -7.22
C HIS A 152 19.31 0.03 -8.73
N SER A 153 18.32 0.56 -9.44
CA SER A 153 18.31 0.55 -10.90
C SER A 153 17.10 1.29 -11.44
N ASN A 154 17.20 1.76 -12.68
CA ASN A 154 16.11 2.48 -13.32
C ASN A 154 16.22 2.39 -14.85
N VAL A 155 15.07 2.33 -15.50
CA VAL A 155 15.03 2.25 -16.96
C VAL A 155 13.80 2.96 -17.52
N ASP A 156 13.96 3.56 -18.70
CA ASP A 156 12.86 4.28 -19.34
C ASP A 156 12.98 4.20 -20.86
N HIS A 157 11.90 4.54 -21.56
CA HIS A 157 11.89 4.51 -23.01
C HIS A 157 10.86 5.49 -23.56
N HIS A 158 10.73 5.52 -24.88
CA HIS A 158 9.78 6.42 -25.54
C HIS A 158 9.00 5.68 -26.63
N HIS A 159 7.88 5.09 -26.24
CA HIS A 159 7.04 4.36 -27.18
C HIS A 159 6.41 5.31 -28.20
N HIS A 160 5.51 6.16 -27.74
CA HIS A 160 4.83 7.12 -28.61
C HIS A 160 4.00 6.39 -29.67
N HIS A 161 3.54 5.19 -29.33
CA HIS A 161 2.73 4.40 -30.25
C HIS A 161 3.57 3.91 -31.43
N HIS A 162 3.85 4.81 -32.36
CA HIS A 162 4.65 4.49 -33.54
C HIS A 162 5.12 5.75 -34.25
N MET A 1 -11.47 -7.73 13.78
CA MET A 1 -10.42 -6.89 14.35
C MET A 1 -9.06 -7.55 14.19
N ALA A 2 -8.16 -6.89 13.47
CA ALA A 2 -6.81 -7.42 13.25
C ALA A 2 -5.76 -6.35 13.51
N VAL A 3 -4.66 -6.76 14.14
CA VAL A 3 -3.57 -5.84 14.46
C VAL A 3 -2.22 -6.48 14.17
N GLY A 4 -1.54 -5.96 13.14
CA GLY A 4 -0.24 -6.49 12.78
C GLY A 4 0.51 -5.59 11.81
N ILE A 5 1.74 -5.96 11.48
CA ILE A 5 2.55 -5.16 10.57
C ILE A 5 2.22 -5.50 9.11
N LEU A 6 2.22 -4.48 8.26
CA LEU A 6 1.92 -4.66 6.85
C LEU A 6 3.20 -4.86 6.05
N GLU A 7 3.07 -5.52 4.91
CA GLU A 7 4.22 -5.78 4.05
C GLU A 7 3.94 -5.32 2.61
N VAL A 8 4.87 -4.55 2.05
CA VAL A 8 4.73 -4.04 0.70
C VAL A 8 5.96 -4.37 -0.15
N SER A 9 5.75 -4.63 -1.43
CA SER A 9 6.84 -4.95 -2.34
C SER A 9 7.35 -3.70 -3.05
N LEU A 10 8.65 -3.46 -2.95
CA LEU A 10 9.26 -2.29 -3.58
C LEU A 10 9.50 -2.55 -5.06
N ILE A 11 8.42 -2.82 -5.80
CA ILE A 11 8.51 -3.07 -7.23
C ILE A 11 8.66 -1.78 -8.01
N SER A 12 7.56 -1.04 -8.13
CA SER A 12 7.56 0.23 -8.85
C SER A 12 6.19 0.90 -8.77
N GLY A 13 6.09 2.10 -9.33
CA GLY A 13 4.84 2.83 -9.31
C GLY A 13 4.84 4.02 -10.25
N LYS A 14 4.48 5.18 -9.73
CA LYS A 14 4.44 6.41 -10.53
C LYS A 14 4.17 7.62 -9.65
N GLY A 15 4.96 8.67 -9.84
CA GLY A 15 4.80 9.89 -9.06
C GLY A 15 3.45 10.53 -9.28
N LEU A 16 2.49 10.22 -8.40
CA LEU A 16 1.16 10.78 -8.51
C LEU A 16 1.16 12.28 -8.23
N LYS A 17 2.21 12.74 -7.54
CA LYS A 17 2.33 14.15 -7.22
C LYS A 17 3.52 14.78 -7.95
N ARG A 18 3.37 16.03 -8.36
CA ARG A 18 4.43 16.74 -9.07
C ARG A 18 5.76 16.65 -8.30
N SER A 19 6.85 16.95 -8.98
CA SER A 19 8.17 16.90 -8.37
C SER A 19 9.18 17.70 -9.20
N ASP A 20 10.44 17.62 -8.80
CA ASP A 20 11.51 18.33 -9.50
C ASP A 20 12.85 17.60 -9.35
N PHE A 21 12.82 16.28 -9.52
CA PHE A 21 14.02 15.47 -9.40
C PHE A 21 13.92 14.21 -10.27
N LEU A 22 14.73 14.15 -11.32
CA LEU A 22 14.74 13.01 -12.23
C LEU A 22 15.99 12.17 -12.04
N GLY A 23 15.91 11.16 -11.17
CA GLY A 23 17.04 10.30 -10.92
C GLY A 23 16.95 9.60 -9.58
N LYS A 24 18.04 9.67 -8.80
CA LYS A 24 18.07 9.04 -7.49
C LYS A 24 17.97 10.09 -6.39
N ILE A 25 17.39 11.24 -6.71
CA ILE A 25 17.22 12.32 -5.74
C ILE A 25 15.77 12.41 -5.27
N ASP A 26 15.29 11.35 -4.62
CA ASP A 26 13.93 11.32 -4.12
C ASP A 26 13.64 9.99 -3.43
N PRO A 27 13.74 8.89 -4.20
CA PRO A 27 13.48 7.55 -3.68
C PRO A 27 14.56 7.08 -2.72
N TYR A 28 14.20 6.98 -1.43
CA TYR A 28 15.15 6.56 -0.42
C TYR A 28 14.79 5.16 0.11
N VAL A 29 15.81 4.33 0.30
CA VAL A 29 15.61 2.98 0.79
C VAL A 29 15.63 2.93 2.31
N GLU A 30 14.98 1.93 2.89
CA GLU A 30 14.94 1.78 4.34
C GLU A 30 16.22 1.13 4.86
N ILE A 31 17.19 1.95 5.20
CA ILE A 31 18.46 1.45 5.71
C ILE A 31 18.92 2.24 6.93
N GLN A 32 18.99 1.57 8.08
CA GLN A 32 19.40 2.21 9.32
C GLN A 32 19.90 1.18 10.33
N TYR A 33 20.67 1.63 11.30
CA TYR A 33 21.21 0.75 12.34
C TYR A 33 21.17 1.42 13.70
N LYS A 34 20.24 2.35 13.87
CA LYS A 34 20.09 3.06 15.13
C LYS A 34 18.85 2.60 15.88
N GLY A 35 17.68 3.03 15.41
CA GLY A 35 16.43 2.65 16.04
C GLY A 35 15.23 2.87 15.14
N GLN A 36 15.26 3.96 14.39
CA GLN A 36 14.16 4.28 13.49
C GLN A 36 14.54 3.99 12.03
N THR A 37 13.53 3.89 11.18
CA THR A 37 13.76 3.61 9.76
C THR A 37 12.78 4.39 8.89
N ARG A 38 13.16 4.57 7.62
CA ARG A 38 12.32 5.30 6.68
C ARG A 38 11.79 4.37 5.59
N LYS A 39 10.52 4.52 5.25
CA LYS A 39 9.90 3.70 4.22
C LYS A 39 10.04 4.34 2.85
N SER A 40 10.55 3.58 1.89
CA SER A 40 10.74 4.08 0.53
C SER A 40 9.40 4.44 -0.11
N SER A 41 9.28 5.68 -0.56
CA SER A 41 8.05 6.15 -1.19
C SER A 41 7.88 5.54 -2.57
N VAL A 42 6.67 5.65 -3.13
CA VAL A 42 6.38 5.11 -4.45
C VAL A 42 7.42 5.56 -5.47
N ALA A 43 7.47 4.87 -6.60
CA ALA A 43 8.41 5.19 -7.66
C ALA A 43 7.95 6.43 -8.44
N LYS A 44 8.62 7.55 -8.18
CA LYS A 44 8.28 8.81 -8.85
C LYS A 44 8.73 8.77 -10.31
N GLU A 45 7.97 9.44 -11.18
CA GLU A 45 8.29 9.48 -12.60
C GLU A 45 8.20 8.10 -13.23
N ASP A 46 7.57 7.18 -12.50
CA ASP A 46 7.41 5.80 -12.99
C ASP A 46 8.76 5.12 -13.14
N GLY A 47 9.03 4.16 -12.25
CA GLY A 47 10.28 3.44 -12.30
C GLY A 47 10.10 1.93 -12.30
N GLY A 48 9.65 1.39 -13.43
CA GLY A 48 9.44 -0.03 -13.53
C GLY A 48 10.73 -0.82 -13.44
N ARG A 49 11.85 -0.13 -13.54
CA ARG A 49 13.16 -0.77 -13.47
C ARG A 49 13.62 -0.93 -12.04
N ASN A 50 12.73 -0.61 -11.10
CA ASN A 50 13.04 -0.72 -9.67
C ASN A 50 12.87 -2.16 -9.18
N PRO A 51 13.95 -2.72 -8.62
CA PRO A 51 13.94 -4.08 -8.10
C PRO A 51 13.09 -4.23 -6.85
N THR A 52 12.42 -5.38 -6.72
CA THR A 52 11.56 -5.62 -5.56
C THR A 52 12.38 -6.13 -4.37
N TRP A 53 13.39 -6.94 -4.66
CA TRP A 53 14.25 -7.49 -3.61
C TRP A 53 15.09 -6.39 -2.97
N ASN A 54 15.09 -5.21 -3.59
CA ASN A 54 15.85 -4.08 -3.07
C ASN A 54 15.57 -3.86 -1.60
N ASP A 55 14.29 -3.86 -1.24
CA ASP A 55 13.87 -3.65 0.15
C ASP A 55 12.37 -3.78 0.29
N LYS A 56 11.90 -3.90 1.54
CA LYS A 56 10.47 -4.04 1.80
C LYS A 56 10.00 -2.92 2.73
N LEU A 57 8.73 -2.55 2.59
CA LEU A 57 8.15 -1.50 3.41
C LEU A 57 7.23 -2.08 4.48
N LYS A 58 7.41 -1.63 5.72
CA LYS A 58 6.60 -2.11 6.83
C LYS A 58 5.83 -0.96 7.47
N TRP A 59 4.62 -1.26 7.95
CA TRP A 59 3.78 -0.25 8.59
C TRP A 59 2.95 -0.86 9.71
N ARG A 60 2.43 -0.02 10.59
CA ARG A 60 1.62 -0.48 11.72
C ARG A 60 0.15 -0.16 11.49
N ALA A 61 -0.70 -1.18 11.62
CA ALA A 61 -2.13 -1.01 11.43
C ALA A 61 -2.92 -1.81 12.46
N GLU A 62 -4.00 -1.23 12.96
CA GLU A 62 -4.84 -1.89 13.96
C GLU A 62 -6.28 -1.98 13.48
N PHE A 63 -7.06 -2.86 14.11
CA PHE A 63 -8.46 -3.04 13.75
C PHE A 63 -9.17 -1.69 13.61
N PRO A 64 -10.22 -1.65 12.78
CA PRO A 64 -11.00 -0.44 12.54
C PRO A 64 -11.82 -0.04 13.76
N GLY A 65 -12.02 -0.98 14.68
CA GLY A 65 -12.79 -0.69 15.88
C GLY A 65 -14.22 -1.20 15.78
N SER A 66 -14.40 -2.32 15.09
CA SER A 66 -15.73 -2.89 14.91
C SER A 66 -16.60 -2.01 14.03
N GLY A 67 -15.98 -0.99 13.42
CA GLY A 67 -16.71 -0.08 12.56
C GLY A 67 -16.34 -0.25 11.10
N ALA A 68 -16.04 -1.48 10.70
CA ALA A 68 -15.68 -1.78 9.33
C ALA A 68 -16.76 -1.31 8.36
N ASP A 69 -16.46 -0.27 7.60
CA ASP A 69 -17.40 0.28 6.62
C ASP A 69 -17.98 -0.84 5.74
N TYR A 70 -19.05 -0.52 5.02
CA TYR A 70 -19.69 -1.49 4.15
C TYR A 70 -18.69 -2.09 3.17
N LYS A 71 -19.14 -3.10 2.43
CA LYS A 71 -18.28 -3.77 1.46
C LYS A 71 -18.60 -3.30 0.04
N LEU A 72 -17.55 -2.97 -0.72
CA LEU A 72 -17.72 -2.50 -2.09
C LEU A 72 -17.09 -3.48 -3.07
N ILE A 73 -17.74 -4.63 -3.26
CA ILE A 73 -17.23 -5.65 -4.17
C ILE A 73 -17.57 -5.30 -5.62
N VAL A 74 -18.59 -4.46 -5.80
CA VAL A 74 -19.00 -4.05 -7.14
C VAL A 74 -18.19 -2.86 -7.62
N LYS A 75 -17.63 -2.11 -6.67
CA LYS A 75 -16.83 -0.93 -7.01
C LYS A 75 -15.34 -1.24 -6.83
N VAL A 76 -14.78 -1.98 -7.78
CA VAL A 76 -13.37 -2.34 -7.74
C VAL A 76 -12.82 -2.60 -9.14
N MET A 77 -12.96 -1.61 -10.01
CA MET A 77 -12.49 -1.73 -11.39
C MET A 77 -12.33 -0.36 -12.03
N ASP A 78 -12.09 -0.35 -13.34
CA ASP A 78 -11.92 0.91 -14.06
C ASP A 78 -12.39 0.77 -15.51
N HIS A 79 -13.71 0.80 -15.71
CA HIS A 79 -14.29 0.67 -17.03
C HIS A 79 -13.81 -0.61 -17.72
N ASP A 80 -14.19 -0.78 -18.98
CA ASP A 80 -13.79 -1.96 -19.74
C ASP A 80 -14.06 -1.76 -21.23
N THR A 81 -13.10 -1.16 -21.93
CA THR A 81 -13.23 -0.91 -23.36
C THR A 81 -13.61 -2.18 -24.10
N PHE A 82 -13.18 -3.33 -23.58
CA PHE A 82 -13.47 -4.61 -24.20
C PHE A 82 -12.94 -5.76 -23.35
N SER A 83 -11.62 -5.91 -23.32
CA SER A 83 -10.99 -6.98 -22.55
C SER A 83 -9.47 -6.89 -22.65
N SER A 84 -8.90 -5.92 -21.96
CA SER A 84 -7.44 -5.72 -21.97
C SER A 84 -7.01 -4.82 -20.82
N ASP A 85 -7.44 -5.16 -19.61
CA ASP A 85 -7.09 -4.38 -18.43
C ASP A 85 -6.11 -5.15 -17.54
N ASP A 86 -6.50 -6.34 -17.12
CA ASP A 86 -5.65 -7.17 -16.27
C ASP A 86 -5.37 -6.48 -14.93
N PHE A 87 -4.78 -7.22 -14.00
CA PHE A 87 -4.47 -6.68 -12.69
C PHE A 87 -3.69 -5.37 -12.80
N ILE A 88 -4.33 -4.28 -12.39
CA ILE A 88 -3.69 -2.96 -12.44
C ILE A 88 -2.85 -2.71 -11.20
N GLY A 89 -3.52 -2.53 -10.06
CA GLY A 89 -2.82 -2.28 -8.81
C GLY A 89 -3.74 -1.82 -7.71
N GLU A 90 -3.18 -1.48 -6.56
CA GLU A 90 -3.95 -1.02 -5.42
C GLU A 90 -3.24 0.10 -4.68
N ALA A 91 -3.98 1.12 -4.28
CA ALA A 91 -3.42 2.25 -3.56
C ALA A 91 -4.13 2.48 -2.23
N THR A 92 -3.63 3.42 -1.44
CA THR A 92 -4.23 3.73 -0.15
C THR A 92 -5.70 4.05 -0.28
N VAL A 93 -6.55 3.03 -0.21
CA VAL A 93 -7.98 3.21 -0.32
C VAL A 93 -8.74 2.21 0.55
N HIS A 94 -9.98 2.55 0.89
CA HIS A 94 -10.80 1.68 1.73
C HIS A 94 -10.57 0.22 1.38
N VAL A 95 -9.89 -0.50 2.27
CA VAL A 95 -9.60 -1.92 2.06
C VAL A 95 -9.45 -2.65 3.38
N LYS A 96 -10.10 -2.15 4.42
CA LYS A 96 -10.03 -2.76 5.74
C LYS A 96 -10.49 -4.20 5.69
N GLU A 97 -11.26 -4.55 4.66
CA GLU A 97 -11.76 -5.91 4.51
C GLU A 97 -10.61 -6.90 4.35
N LEU A 98 -9.48 -6.41 3.85
CA LEU A 98 -8.31 -7.25 3.64
C LEU A 98 -7.60 -7.53 4.97
N LEU A 99 -7.28 -6.46 5.69
CA LEU A 99 -6.61 -6.59 6.98
C LEU A 99 -7.51 -7.26 8.01
N GLU A 100 -8.78 -6.84 8.03
CA GLU A 100 -9.75 -7.39 8.96
C GLU A 100 -9.86 -8.91 8.80
N MET A 101 -9.67 -9.39 7.57
CA MET A 101 -9.75 -10.81 7.28
C MET A 101 -8.49 -11.52 7.74
N GLY A 102 -7.47 -10.74 8.09
CA GLY A 102 -6.22 -11.32 8.55
C GLY A 102 -6.34 -12.01 9.88
N VAL A 103 -6.95 -11.33 10.86
CA VAL A 103 -7.13 -11.88 12.19
C VAL A 103 -7.91 -13.18 12.13
N GLU A 104 -8.64 -13.39 11.04
CA GLU A 104 -9.43 -14.61 10.87
C GLU A 104 -8.59 -15.85 11.13
N LYS A 105 -7.50 -15.99 10.37
CA LYS A 105 -6.61 -17.13 10.52
C LYS A 105 -5.19 -16.68 10.85
N GLY A 106 -5.03 -15.38 11.05
CA GLY A 106 -3.72 -14.83 11.38
C GLY A 106 -3.10 -14.09 10.22
N THR A 107 -3.57 -14.38 9.02
CA THR A 107 -3.05 -13.73 7.82
C THR A 107 -4.15 -13.51 6.79
N ALA A 108 -3.91 -12.58 5.87
CA ALA A 108 -4.88 -12.27 4.82
C ALA A 108 -4.18 -11.95 3.50
N GLU A 109 -4.94 -11.99 2.41
CA GLU A 109 -4.39 -11.70 1.09
C GLU A 109 -5.43 -11.01 0.21
N LEU A 110 -5.03 -9.93 -0.44
CA LEU A 110 -5.93 -9.17 -1.30
C LEU A 110 -6.63 -10.11 -2.30
N ARG A 111 -7.91 -9.85 -2.53
CA ARG A 111 -8.69 -10.66 -3.46
C ARG A 111 -8.04 -10.69 -4.84
N PRO A 112 -7.94 -11.90 -5.42
CA PRO A 112 -7.34 -12.10 -6.74
C PRO A 112 -8.20 -11.51 -7.86
N THR A 113 -8.22 -10.19 -7.96
CA THR A 113 -8.99 -9.50 -8.98
C THR A 113 -8.42 -8.12 -9.26
N LYS A 114 -8.78 -7.57 -10.42
CA LYS A 114 -8.32 -6.25 -10.81
C LYS A 114 -8.91 -5.17 -9.91
N TYR A 115 -8.24 -4.88 -8.81
CA TYR A 115 -8.71 -3.87 -7.86
C TYR A 115 -8.84 -2.51 -8.54
N ASN A 116 -9.15 -1.49 -7.75
CA ASN A 116 -9.31 -0.14 -8.28
C ASN A 116 -8.14 0.75 -7.87
N ILE A 117 -7.46 1.33 -8.86
CA ILE A 117 -6.33 2.20 -8.60
C ILE A 117 -6.09 3.15 -9.76
N VAL A 118 -7.14 3.38 -10.56
CA VAL A 118 -7.05 4.28 -11.70
C VAL A 118 -7.42 5.70 -11.32
N ASP A 119 -8.72 5.96 -11.23
CA ASP A 119 -9.22 7.29 -10.87
C ASP A 119 -10.74 7.30 -10.82
N SER A 120 -11.29 7.97 -9.81
CA SER A 120 -12.74 8.05 -9.65
C SER A 120 -13.09 8.92 -8.45
N ASP A 121 -12.93 8.38 -7.25
CA ASP A 121 -13.23 9.10 -6.03
C ASP A 121 -12.56 8.45 -4.82
N LEU A 122 -11.46 7.74 -5.08
CA LEU A 122 -10.73 7.06 -4.02
C LEU A 122 -9.47 7.84 -3.64
N SER A 123 -9.62 9.15 -3.50
CA SER A 123 -8.50 10.01 -3.15
C SER A 123 -7.49 10.09 -4.28
N PHE A 124 -8.00 10.07 -5.52
CA PHE A 124 -7.14 10.14 -6.70
C PHE A 124 -6.01 9.10 -6.61
N VAL A 125 -6.39 7.83 -6.62
CA VAL A 125 -5.42 6.74 -6.55
C VAL A 125 -4.30 6.94 -7.56
N GLY A 126 -3.23 6.16 -7.42
CA GLY A 126 -2.11 6.26 -8.34
C GLY A 126 -1.71 4.92 -8.92
N GLU A 127 -0.45 4.52 -8.70
CA GLU A 127 0.06 3.26 -9.22
C GLU A 127 0.82 2.51 -8.14
N LEU A 128 0.60 1.20 -8.06
CA LEU A 128 1.27 0.36 -7.07
C LEU A 128 1.36 -1.08 -7.55
N LEU A 129 2.20 -1.87 -6.89
CA LEU A 129 2.37 -3.27 -7.25
C LEU A 129 1.36 -4.15 -6.53
N ILE A 130 0.97 -5.25 -7.16
CA ILE A 130 0.01 -6.17 -6.57
C ILE A 130 0.71 -7.26 -5.78
N GLY A 131 0.19 -7.54 -4.58
CA GLY A 131 0.78 -8.57 -3.74
C GLY A 131 0.85 -8.16 -2.29
N VAL A 132 0.70 -6.85 -2.04
CA VAL A 132 0.74 -6.33 -0.68
C VAL A 132 -0.36 -6.93 0.19
N SER A 133 -0.02 -8.00 0.92
CA SER A 133 -0.99 -8.66 1.77
C SER A 133 -0.85 -8.18 3.22
N TYR A 134 -1.81 -8.55 4.05
CA TYR A 134 -1.81 -8.15 5.45
C TYR A 134 -1.73 -9.38 6.37
N SER A 135 -0.70 -9.43 7.19
CA SER A 135 -0.51 -10.55 8.11
C SER A 135 -0.32 -10.07 9.54
N LEU A 136 -0.68 -10.90 10.50
CA LEU A 136 -0.55 -10.56 11.91
C LEU A 136 0.89 -10.72 12.39
N LEU A 137 1.47 -9.62 12.85
CA LEU A 137 2.86 -9.65 13.33
C LEU A 137 3.24 -8.29 13.92
N GLN A 138 4.38 -8.26 14.62
CA GLN A 138 4.87 -7.03 15.22
C GLN A 138 6.25 -7.23 15.84
N ASP A 139 7.23 -7.53 14.98
CA ASP A 139 8.60 -7.75 15.44
C ASP A 139 9.54 -6.69 14.88
N ARG A 140 9.11 -6.04 13.81
CA ARG A 140 9.92 -5.00 13.17
C ARG A 140 11.21 -5.59 12.61
N GLY A 141 11.95 -4.77 11.88
CA GLY A 141 13.21 -5.22 11.29
C GLY A 141 14.35 -4.29 11.58
N MET A 142 15.43 -4.41 10.82
CA MET A 142 16.60 -3.56 11.00
C MET A 142 17.15 -3.08 9.67
N ASP A 143 17.17 -3.98 8.68
CA ASP A 143 17.65 -3.64 7.35
C ASP A 143 19.13 -3.28 7.39
N GLY A 144 19.65 -2.80 6.27
CA GLY A 144 21.05 -2.43 6.18
C GLY A 144 21.44 -1.44 7.28
N GLU A 145 22.73 -1.11 7.33
CA GLU A 145 23.24 -0.18 8.33
C GLU A 145 23.80 1.08 7.67
N GLN A 146 23.16 2.22 7.93
CA GLN A 146 23.59 3.49 7.36
C GLN A 146 22.69 4.63 7.82
N PHE A 147 22.86 5.79 7.20
CA PHE A 147 22.05 6.96 7.53
C PHE A 147 20.63 6.82 6.99
N GLY A 148 19.67 7.38 7.71
CA GLY A 148 18.28 7.31 7.28
C GLY A 148 17.43 8.37 7.92
N GLY A 149 16.11 8.21 7.83
CA GLY A 149 15.19 9.17 8.40
C GLY A 149 13.93 8.54 8.93
N TRP A 150 12.81 9.25 8.83
CA TRP A 150 11.54 8.74 9.31
C TRP A 150 10.37 9.53 8.72
N LYS A 151 9.23 8.87 8.56
CA LYS A 151 8.04 9.51 8.01
C LYS A 151 6.83 8.59 8.09
N HIS A 152 5.74 9.11 8.65
CA HIS A 152 4.51 8.32 8.78
C HIS A 152 3.29 9.24 8.84
N SER A 153 2.12 8.67 8.58
CA SER A 153 0.88 9.43 8.59
C SER A 153 -0.33 8.49 8.51
N ASN A 154 -1.51 9.08 8.53
CA ASN A 154 -2.75 8.31 8.45
C ASN A 154 -3.93 9.20 8.05
N VAL A 155 -4.85 8.63 7.28
CA VAL A 155 -6.03 9.37 6.83
C VAL A 155 -7.21 8.45 6.63
N ASP A 156 -8.41 8.94 6.93
CA ASP A 156 -9.62 8.16 6.78
C ASP A 156 -10.66 8.91 5.96
N HIS A 157 -11.82 8.30 5.78
CA HIS A 157 -12.90 8.91 5.00
C HIS A 157 -14.26 8.36 5.42
N HIS A 158 -15.32 8.96 4.90
CA HIS A 158 -16.68 8.54 5.23
C HIS A 158 -17.42 8.06 3.98
N HIS A 159 -17.46 6.75 3.79
CA HIS A 159 -18.13 6.17 2.63
C HIS A 159 -19.56 6.70 2.50
N HIS A 160 -20.21 6.39 1.38
CA HIS A 160 -21.58 6.84 1.15
C HIS A 160 -22.43 5.69 0.60
N HIS A 161 -22.14 4.48 1.05
CA HIS A 161 -22.88 3.31 0.61
C HIS A 161 -23.96 2.93 1.62
N HIS A 162 -24.74 1.91 1.30
CA HIS A 162 -25.80 1.44 2.18
C HIS A 162 -25.23 0.82 3.45
N MET A 1 -7.41 -12.44 4.12
CA MET A 1 -7.24 -13.57 5.02
C MET A 1 -6.06 -14.44 4.60
N ALA A 2 -4.96 -13.78 4.22
CA ALA A 2 -3.76 -14.48 3.80
C ALA A 2 -2.51 -13.79 4.33
N VAL A 3 -1.56 -14.59 4.81
CA VAL A 3 -0.31 -14.05 5.34
C VAL A 3 0.88 -14.46 4.48
N GLY A 4 1.46 -13.47 3.79
CA GLY A 4 2.60 -13.75 2.92
C GLY A 4 3.21 -12.48 2.37
N ILE A 5 4.38 -12.62 1.74
CA ILE A 5 5.07 -11.48 1.16
C ILE A 5 4.48 -11.10 -0.20
N LEU A 6 4.49 -9.82 -0.50
CA LEU A 6 3.96 -9.33 -1.77
C LEU A 6 5.06 -8.72 -2.63
N GLU A 7 4.85 -8.71 -3.95
CA GLU A 7 5.83 -8.16 -4.87
C GLU A 7 5.24 -6.98 -5.64
N VAL A 8 6.02 -5.91 -5.76
CA VAL A 8 5.58 -4.71 -6.47
C VAL A 8 6.45 -4.44 -7.69
N SER A 9 5.86 -3.81 -8.70
CA SER A 9 6.59 -3.50 -9.93
C SER A 9 6.99 -2.03 -9.97
N LEU A 10 8.26 -1.78 -10.28
CA LEU A 10 8.77 -0.42 -10.34
C LEU A 10 8.56 0.18 -11.73
N ILE A 11 7.30 0.27 -12.15
CA ILE A 11 6.96 0.82 -13.45
C ILE A 11 6.79 2.34 -13.38
N SER A 12 5.69 2.78 -12.78
CA SER A 12 5.42 4.21 -12.64
C SER A 12 4.66 4.50 -11.36
N GLY A 13 4.91 5.67 -10.78
CA GLY A 13 4.23 6.04 -9.55
C GLY A 13 4.56 7.47 -9.12
N LYS A 14 3.56 8.14 -8.56
CA LYS A 14 3.74 9.52 -8.10
C LYS A 14 3.77 9.60 -6.58
N GLY A 15 4.84 10.20 -6.04
CA GLY A 15 4.95 10.32 -4.60
C GLY A 15 3.83 11.14 -3.99
N LEU A 16 2.80 10.47 -3.51
CA LEU A 16 1.66 11.15 -2.91
C LEU A 16 2.07 11.84 -1.62
N LYS A 17 3.20 11.43 -1.06
CA LYS A 17 3.71 12.03 0.18
C LYS A 17 4.98 12.83 -0.09
N ARG A 18 5.12 13.95 0.61
CA ARG A 18 6.28 14.81 0.46
C ARG A 18 6.21 16.02 1.39
N SER A 19 7.20 16.90 1.30
CA SER A 19 7.24 18.09 2.13
C SER A 19 8.09 19.17 1.48
N ASP A 20 8.11 20.35 2.10
CA ASP A 20 8.88 21.48 1.59
C ASP A 20 10.31 21.43 2.10
N PHE A 21 11.13 20.59 1.48
CA PHE A 21 12.53 20.45 1.88
C PHE A 21 13.44 20.48 0.66
N LEU A 22 14.70 20.08 0.86
CA LEU A 22 15.68 20.07 -0.22
C LEU A 22 16.78 19.05 0.06
N GLY A 23 16.76 17.94 -0.67
CA GLY A 23 17.77 16.91 -0.48
C GLY A 23 17.33 15.57 -1.05
N LYS A 24 18.30 14.77 -1.48
CA LYS A 24 18.02 13.46 -2.05
C LYS A 24 17.72 12.44 -0.95
N ILE A 25 16.70 12.72 -0.14
CA ILE A 25 16.33 11.83 0.94
C ILE A 25 14.95 11.21 0.69
N ASP A 26 14.07 11.97 0.06
CA ASP A 26 12.73 11.50 -0.24
C ASP A 26 12.75 10.51 -1.41
N PRO A 27 13.24 10.98 -2.56
CA PRO A 27 13.33 10.16 -3.78
C PRO A 27 14.38 9.06 -3.66
N TYR A 28 13.99 7.92 -3.09
CA TYR A 28 14.89 6.79 -2.90
C TYR A 28 14.55 5.67 -3.88
N VAL A 29 15.59 5.07 -4.46
CA VAL A 29 15.41 3.98 -5.40
C VAL A 29 16.29 2.79 -5.05
N GLU A 30 15.90 1.61 -5.51
CA GLU A 30 16.65 0.38 -5.24
C GLU A 30 17.86 0.28 -6.17
N ILE A 31 18.99 0.81 -5.73
CA ILE A 31 20.21 0.77 -6.52
C ILE A 31 21.41 0.39 -5.66
N GLN A 32 21.99 -0.78 -5.95
CA GLN A 32 23.14 -1.26 -5.20
C GLN A 32 23.99 -2.21 -6.05
N TYR A 33 25.30 -2.05 -5.99
CA TYR A 33 26.21 -2.89 -6.75
C TYR A 33 26.41 -4.24 -6.07
N LYS A 34 26.14 -4.28 -4.77
CA LYS A 34 26.29 -5.52 -4.01
C LYS A 34 25.35 -6.60 -4.53
N GLY A 35 25.20 -7.68 -3.75
CA GLY A 35 24.33 -8.76 -4.16
C GLY A 35 22.90 -8.58 -3.68
N GLN A 36 22.73 -7.74 -2.66
CA GLN A 36 21.40 -7.48 -2.10
C GLN A 36 20.91 -6.10 -2.50
N THR A 37 19.61 -5.87 -2.34
CA THR A 37 19.01 -4.59 -2.69
C THR A 37 17.89 -4.23 -1.72
N ARG A 38 17.58 -2.94 -1.64
CA ARG A 38 16.53 -2.47 -0.74
C ARG A 38 15.28 -2.07 -1.53
N LYS A 39 14.25 -1.65 -0.82
CA LYS A 39 12.99 -1.25 -1.45
C LYS A 39 12.99 0.25 -1.75
N SER A 40 12.69 0.60 -3.00
CA SER A 40 12.65 2.00 -3.42
C SER A 40 11.60 2.77 -2.62
N SER A 41 12.04 3.85 -1.97
CA SER A 41 11.14 4.67 -1.18
C SER A 41 10.35 5.63 -2.07
N VAL A 42 9.59 6.52 -1.44
CA VAL A 42 8.78 7.48 -2.17
C VAL A 42 9.62 8.22 -3.21
N ALA A 43 8.95 8.79 -4.21
CA ALA A 43 9.63 9.52 -5.27
C ALA A 43 9.43 11.03 -5.11
N LYS A 44 10.27 11.80 -5.78
CA LYS A 44 10.18 13.26 -5.72
C LYS A 44 9.01 13.78 -6.56
N GLU A 45 8.78 13.13 -7.70
CA GLU A 45 7.69 13.52 -8.58
C GLU A 45 7.65 12.62 -9.81
N ASP A 46 6.78 11.61 -9.77
CA ASP A 46 6.64 10.68 -10.88
C ASP A 46 8.00 10.15 -11.33
N GLY A 47 8.44 9.07 -10.70
CA GLY A 47 9.73 8.49 -11.05
C GLY A 47 9.59 7.20 -11.84
N GLY A 48 8.62 7.17 -12.74
CA GLY A 48 8.40 5.98 -13.55
C GLY A 48 9.47 5.78 -14.60
N ARG A 49 10.29 6.82 -14.81
CA ARG A 49 11.36 6.75 -15.80
C ARG A 49 12.25 5.53 -15.56
N ASN A 50 12.28 5.07 -14.32
CA ASN A 50 13.10 3.91 -13.96
C ASN A 50 12.41 2.62 -14.36
N PRO A 51 13.20 1.56 -14.54
CA PRO A 51 12.68 0.24 -14.93
C PRO A 51 11.89 -0.43 -13.80
N THR A 52 11.09 -1.44 -14.16
CA THR A 52 10.28 -2.15 -13.19
C THR A 52 10.86 -3.53 -12.91
N TRP A 53 11.32 -4.20 -13.95
CA TRP A 53 11.91 -5.53 -13.82
C TRP A 53 13.30 -5.46 -13.21
N ASN A 54 13.80 -4.24 -13.02
CA ASN A 54 15.13 -4.03 -12.45
C ASN A 54 15.05 -3.94 -10.93
N ASP A 55 14.09 -3.16 -10.44
CA ASP A 55 13.90 -2.98 -9.00
C ASP A 55 12.57 -3.55 -8.55
N LYS A 56 12.60 -4.31 -7.45
CA LYS A 56 11.39 -4.92 -6.91
C LYS A 56 11.19 -4.54 -5.45
N LEU A 57 9.99 -4.75 -4.94
CA LEU A 57 9.67 -4.43 -3.56
C LEU A 57 9.02 -5.62 -2.86
N LYS A 58 9.42 -5.86 -1.61
CA LYS A 58 8.87 -6.96 -0.83
C LYS A 58 8.38 -6.48 0.54
N TRP A 59 7.20 -6.94 0.93
CA TRP A 59 6.63 -6.55 2.21
C TRP A 59 5.78 -7.68 2.79
N ARG A 60 5.88 -7.87 4.11
CA ARG A 60 5.12 -8.92 4.78
C ARG A 60 3.72 -8.44 5.14
N ALA A 61 2.71 -9.18 4.68
CA ALA A 61 1.33 -8.83 4.95
C ALA A 61 0.61 -9.95 5.68
N GLU A 62 -0.36 -9.59 6.52
CA GLU A 62 -1.13 -10.58 7.28
C GLU A 62 -2.63 -10.37 7.07
N PHE A 63 -3.41 -11.40 7.41
CA PHE A 63 -4.86 -11.33 7.27
C PHE A 63 -5.40 -10.03 7.84
N PRO A 64 -6.54 -9.57 7.29
CA PRO A 64 -7.18 -8.33 7.72
C PRO A 64 -7.79 -8.46 9.12
N GLY A 65 -7.98 -9.69 9.56
CA GLY A 65 -8.55 -9.93 10.88
C GLY A 65 -10.03 -9.57 10.94
N SER A 66 -10.82 -10.46 11.53
CA SER A 66 -12.26 -10.23 11.65
C SER A 66 -12.92 -10.17 10.27
N GLY A 67 -14.18 -9.76 10.25
CA GLY A 67 -14.90 -9.67 8.99
C GLY A 67 -15.22 -8.23 8.61
N ALA A 68 -14.43 -7.29 9.14
CA ALA A 68 -14.63 -5.88 8.84
C ALA A 68 -14.04 -5.50 7.50
N ASP A 69 -14.81 -4.80 6.68
CA ASP A 69 -14.35 -4.37 5.37
C ASP A 69 -15.43 -3.58 4.64
N TYR A 70 -15.06 -2.93 3.55
CA TYR A 70 -16.00 -2.14 2.76
C TYR A 70 -17.11 -3.01 2.20
N LYS A 71 -17.91 -2.45 1.30
CA LYS A 71 -19.01 -3.18 0.68
C LYS A 71 -19.33 -2.61 -0.70
N LEU A 72 -20.44 -3.04 -1.26
CA LEU A 72 -20.87 -2.58 -2.58
C LEU A 72 -19.98 -3.17 -3.68
N ILE A 73 -18.74 -2.72 -3.72
CA ILE A 73 -17.78 -3.22 -4.72
C ILE A 73 -18.25 -2.86 -6.14
N VAL A 74 -19.19 -1.94 -6.24
CA VAL A 74 -19.72 -1.51 -7.53
C VAL A 74 -19.46 -0.02 -7.76
N LYS A 75 -18.87 0.63 -6.76
CA LYS A 75 -18.57 2.05 -6.86
C LYS A 75 -17.07 2.31 -6.82
N VAL A 76 -16.31 1.40 -7.44
CA VAL A 76 -14.86 1.53 -7.47
C VAL A 76 -14.38 1.84 -8.89
N MET A 77 -14.75 3.02 -9.38
CA MET A 77 -14.34 3.44 -10.72
C MET A 77 -14.77 4.88 -10.99
N ASP A 78 -14.64 5.31 -12.24
CA ASP A 78 -15.02 6.66 -12.62
C ASP A 78 -16.45 6.71 -13.14
N HIS A 79 -17.12 7.84 -12.94
CA HIS A 79 -18.49 8.01 -13.39
C HIS A 79 -18.62 7.70 -14.88
N ASP A 80 -19.86 7.66 -15.36
CA ASP A 80 -20.12 7.37 -16.77
C ASP A 80 -20.32 8.66 -17.55
N THR A 81 -19.69 9.74 -17.08
CA THR A 81 -19.80 11.03 -17.74
C THR A 81 -18.96 11.08 -19.01
N PHE A 82 -17.90 10.29 -19.03
CA PHE A 82 -17.00 10.23 -20.19
C PHE A 82 -16.71 8.79 -20.57
N SER A 83 -15.78 8.61 -21.52
CA SER A 83 -15.41 7.29 -21.98
C SER A 83 -14.74 6.49 -20.87
N SER A 84 -15.51 5.60 -20.25
CA SER A 84 -14.99 4.78 -19.16
C SER A 84 -14.44 3.46 -19.69
N ASP A 85 -13.41 3.55 -20.52
CA ASP A 85 -12.79 2.36 -21.11
C ASP A 85 -11.37 2.17 -20.57
N ASP A 86 -10.54 3.19 -20.79
CA ASP A 86 -9.14 3.14 -20.33
C ASP A 86 -9.07 2.85 -18.84
N PHE A 87 -7.92 2.36 -18.39
CA PHE A 87 -7.73 2.03 -16.98
C PHE A 87 -6.80 3.05 -16.31
N ILE A 88 -7.06 3.33 -15.04
CA ILE A 88 -6.25 4.29 -14.29
C ILE A 88 -5.18 3.57 -13.47
N GLY A 89 -5.63 2.85 -12.43
CA GLY A 89 -4.70 2.13 -11.58
C GLY A 89 -5.28 1.83 -10.21
N GLU A 90 -4.48 1.21 -9.36
CA GLU A 90 -4.92 0.86 -8.00
C GLU A 90 -3.80 1.09 -7.00
N ALA A 91 -4.16 1.66 -5.84
CA ALA A 91 -3.18 1.92 -4.79
C ALA A 91 -3.29 0.88 -3.69
N THR A 92 -2.36 0.94 -2.73
CA THR A 92 -2.33 0.01 -1.61
C THR A 92 -3.43 0.32 -0.61
N VAL A 93 -4.68 0.26 -1.07
CA VAL A 93 -5.83 0.54 -0.21
C VAL A 93 -7.01 -0.36 -0.57
N HIS A 94 -7.69 -0.86 0.45
CA HIS A 94 -8.85 -1.73 0.25
C HIS A 94 -8.53 -2.84 -0.75
N VAL A 95 -7.25 -3.20 -0.83
CA VAL A 95 -6.81 -4.25 -1.74
C VAL A 95 -6.75 -5.60 -1.04
N LYS A 96 -7.48 -5.72 0.07
CA LYS A 96 -7.52 -6.96 0.83
C LYS A 96 -8.09 -8.10 -0.01
N GLU A 97 -8.83 -7.74 -1.06
CA GLU A 97 -9.43 -8.74 -1.93
C GLU A 97 -8.35 -9.55 -2.67
N LEU A 98 -7.20 -8.93 -2.85
CA LEU A 98 -6.08 -9.59 -3.53
C LEU A 98 -5.44 -10.64 -2.64
N LEU A 99 -5.10 -10.24 -1.42
CA LEU A 99 -4.47 -11.14 -0.46
C LEU A 99 -5.47 -12.19 0.02
N GLU A 100 -6.68 -11.74 0.35
CA GLU A 100 -7.72 -12.65 0.83
C GLU A 100 -7.97 -13.77 -0.17
N MET A 101 -7.78 -13.47 -1.46
CA MET A 101 -7.97 -14.46 -2.51
C MET A 101 -6.72 -15.32 -2.69
N GLY A 102 -5.61 -14.87 -2.12
CA GLY A 102 -4.37 -15.60 -2.23
C GLY A 102 -4.39 -16.89 -1.43
N VAL A 103 -4.74 -16.81 -0.15
CA VAL A 103 -4.79 -17.98 0.71
C VAL A 103 -5.70 -19.05 0.13
N GLU A 104 -6.60 -18.63 -0.76
CA GLU A 104 -7.53 -19.56 -1.39
C GLU A 104 -6.80 -20.75 -1.99
N LYS A 105 -5.87 -20.46 -2.90
CA LYS A 105 -5.08 -21.50 -3.55
C LYS A 105 -3.60 -21.35 -3.24
N GLY A 106 -3.28 -20.39 -2.36
CA GLY A 106 -1.90 -20.17 -1.99
C GLY A 106 -1.30 -18.96 -2.68
N THR A 107 -1.95 -18.52 -3.77
CA THR A 107 -1.48 -17.37 -4.52
C THR A 107 -2.64 -16.58 -5.10
N ALA A 108 -2.41 -15.31 -5.39
CA ALA A 108 -3.44 -14.45 -5.97
C ALA A 108 -2.82 -13.39 -6.88
N GLU A 109 -3.64 -12.86 -7.79
CA GLU A 109 -3.18 -11.84 -8.72
C GLU A 109 -4.32 -10.91 -9.11
N LEU A 110 -4.06 -9.60 -9.03
CA LEU A 110 -5.07 -8.61 -9.39
C LEU A 110 -5.66 -8.90 -10.76
N ARG A 111 -6.97 -8.66 -10.90
CA ARG A 111 -7.66 -8.90 -12.17
C ARG A 111 -7.61 -7.65 -13.05
N PRO A 112 -7.84 -7.84 -14.36
CA PRO A 112 -7.83 -6.74 -15.34
C PRO A 112 -9.02 -5.80 -15.16
N THR A 113 -8.86 -4.81 -14.29
CA THR A 113 -9.92 -3.84 -14.03
C THR A 113 -9.35 -2.52 -13.51
N LYS A 114 -10.08 -1.44 -13.75
CA LYS A 114 -9.65 -0.12 -13.30
C LYS A 114 -10.44 0.32 -12.07
N TYR A 115 -9.73 0.76 -11.04
CA TYR A 115 -10.36 1.22 -9.81
C TYR A 115 -10.23 2.73 -9.65
N ASN A 116 -10.63 3.23 -8.49
CA ASN A 116 -10.55 4.65 -8.20
C ASN A 116 -9.22 5.01 -7.55
N ILE A 117 -8.24 5.37 -8.37
CA ILE A 117 -6.91 5.74 -7.88
C ILE A 117 -6.57 7.17 -8.22
N VAL A 118 -7.32 7.74 -9.17
CA VAL A 118 -7.10 9.12 -9.59
C VAL A 118 -7.45 10.10 -8.47
N ASP A 119 -8.47 9.76 -7.69
CA ASP A 119 -8.91 10.60 -6.59
C ASP A 119 -10.08 9.95 -5.84
N SER A 120 -9.83 9.59 -4.58
CA SER A 120 -10.85 8.95 -3.77
C SER A 120 -10.76 9.42 -2.32
N ASP A 121 -11.65 8.92 -1.47
CA ASP A 121 -11.67 9.28 -0.07
C ASP A 121 -11.42 8.06 0.83
N LEU A 122 -10.60 7.15 0.33
CA LEU A 122 -10.27 5.94 1.08
C LEU A 122 -9.00 6.12 1.89
N SER A 123 -7.93 6.52 1.21
CA SER A 123 -6.64 6.74 1.87
C SER A 123 -5.74 7.64 1.04
N PHE A 124 -6.36 8.51 0.25
CA PHE A 124 -5.62 9.43 -0.60
C PHE A 124 -4.82 8.67 -1.65
N VAL A 125 -5.52 8.02 -2.58
CA VAL A 125 -4.87 7.27 -3.64
C VAL A 125 -3.92 8.14 -4.45
N GLY A 126 -3.30 7.55 -5.47
CA GLY A 126 -2.38 8.30 -6.32
C GLY A 126 -2.17 7.64 -7.66
N GLU A 127 -1.02 7.01 -7.84
CA GLU A 127 -0.71 6.34 -9.10
C GLU A 127 0.11 5.07 -8.85
N LEU A 128 -0.31 3.98 -9.48
CA LEU A 128 0.38 2.70 -9.34
C LEU A 128 0.30 1.89 -10.62
N LEU A 129 1.12 0.85 -10.70
CA LEU A 129 1.14 -0.02 -11.89
C LEU A 129 0.31 -1.26 -11.66
N ILE A 130 -0.28 -1.79 -12.74
CA ILE A 130 -1.10 -2.99 -12.66
C ILE A 130 -0.26 -4.24 -12.87
N GLY A 131 -0.25 -5.11 -11.86
CA GLY A 131 0.52 -6.33 -11.95
C GLY A 131 0.98 -6.84 -10.59
N VAL A 132 0.94 -5.95 -9.60
CA VAL A 132 1.36 -6.31 -8.24
C VAL A 132 0.51 -7.44 -7.68
N SER A 133 0.99 -8.67 -7.85
CA SER A 133 0.27 -9.84 -7.36
C SER A 133 0.66 -10.15 -5.91
N TYR A 134 -0.10 -11.04 -5.28
CA TYR A 134 0.16 -11.42 -3.91
C TYR A 134 0.19 -12.94 -3.75
N SER A 135 1.32 -13.47 -3.29
CA SER A 135 1.48 -14.91 -3.10
C SER A 135 1.89 -15.23 -1.68
N LEU A 136 1.52 -16.41 -1.21
CA LEU A 136 1.86 -16.85 0.15
C LEU A 136 3.33 -17.22 0.25
N LEU A 137 4.07 -16.50 1.08
CA LEU A 137 5.49 -16.76 1.26
C LEU A 137 6.06 -15.87 2.36
N GLN A 138 7.29 -16.18 2.79
CA GLN A 138 7.95 -15.40 3.83
C GLN A 138 9.40 -15.14 3.48
N ASP A 139 9.82 -13.89 3.59
CA ASP A 139 11.19 -13.50 3.27
C ASP A 139 11.52 -12.14 3.88
N ARG A 140 11.47 -12.06 5.20
CA ARG A 140 11.76 -10.82 5.91
C ARG A 140 12.30 -11.10 7.31
N GLY A 141 13.04 -10.14 7.87
CA GLY A 141 13.60 -10.30 9.19
C GLY A 141 12.54 -10.28 10.28
N MET A 142 11.38 -9.72 9.96
CA MET A 142 10.29 -9.63 10.92
C MET A 142 10.69 -8.78 12.13
N ASP A 143 9.68 -8.36 12.90
CA ASP A 143 9.94 -7.54 14.08
C ASP A 143 9.56 -8.31 15.36
N GLY A 144 9.66 -7.63 16.49
CA GLY A 144 9.33 -8.26 17.77
C GLY A 144 9.26 -7.26 18.90
N GLU A 145 10.15 -6.29 18.89
CA GLU A 145 10.18 -5.27 19.93
C GLU A 145 8.88 -4.49 19.97
N GLN A 146 8.32 -4.30 21.16
CA GLN A 146 7.07 -3.57 21.33
C GLN A 146 7.14 -2.22 20.62
N PHE A 147 5.99 -1.76 20.14
CA PHE A 147 5.91 -0.48 19.44
C PHE A 147 4.62 0.26 19.79
N GLY A 148 4.71 1.16 20.75
CA GLY A 148 3.55 1.93 21.17
C GLY A 148 3.65 2.39 22.60
N GLY A 149 2.75 1.90 23.46
CA GLY A 149 2.77 2.30 24.85
C GLY A 149 1.76 3.40 25.15
N TRP A 150 0.96 3.19 26.18
CA TRP A 150 -0.05 4.18 26.56
C TRP A 150 -0.41 4.04 28.05
N LYS A 151 -0.84 5.14 28.66
CA LYS A 151 -1.21 5.14 30.06
C LYS A 151 -1.97 6.42 30.42
N HIS A 152 -2.75 6.36 31.48
CA HIS A 152 -3.52 7.51 31.94
C HIS A 152 -4.21 7.21 33.28
N SER A 153 -4.53 8.27 34.01
CA SER A 153 -5.19 8.13 35.30
C SER A 153 -5.63 9.48 35.85
N ASN A 154 -6.40 9.46 36.93
CA ASN A 154 -6.89 10.69 37.56
C ASN A 154 -7.68 10.38 38.82
N VAL A 155 -7.81 11.39 39.68
CA VAL A 155 -8.54 11.23 40.93
C VAL A 155 -8.79 12.58 41.60
N ASP A 156 -9.96 12.73 42.20
CA ASP A 156 -10.32 13.96 42.87
C ASP A 156 -11.70 13.85 43.53
N HIS A 157 -11.89 14.58 44.62
CA HIS A 157 -13.17 14.55 45.35
C HIS A 157 -13.57 15.96 45.78
N HIS A 158 -14.84 16.28 45.61
CA HIS A 158 -15.36 17.59 45.99
C HIS A 158 -15.53 17.70 47.50
N HIS A 159 -15.73 16.56 48.15
CA HIS A 159 -15.90 16.53 49.60
C HIS A 159 -17.23 17.16 50.00
N HIS A 160 -17.27 18.49 49.96
CA HIS A 160 -18.49 19.23 50.32
C HIS A 160 -18.34 20.71 50.00
N HIS A 161 -18.26 21.03 48.72
CA HIS A 161 -18.12 22.42 48.29
C HIS A 161 -19.30 23.26 48.75
N HIS A 162 -19.07 24.11 49.74
CA HIS A 162 -20.12 24.97 50.28
C HIS A 162 -19.57 26.35 50.64
N MET A 1 -14.90 -3.68 12.31
CA MET A 1 -14.14 -3.92 13.54
C MET A 1 -12.96 -4.85 13.27
N ALA A 2 -11.97 -4.33 12.53
CA ALA A 2 -10.78 -5.12 12.21
C ALA A 2 -9.51 -4.33 12.52
N VAL A 3 -8.49 -5.03 12.98
CA VAL A 3 -7.21 -4.39 13.31
C VAL A 3 -6.05 -5.35 13.11
N GLY A 4 -5.16 -5.03 12.18
CA GLY A 4 -4.02 -5.87 11.91
C GLY A 4 -3.00 -5.19 11.02
N ILE A 5 -1.93 -5.90 10.69
CA ILE A 5 -0.87 -5.37 9.85
C ILE A 5 -1.16 -5.65 8.37
N LEU A 6 -0.73 -4.73 7.51
CA LEU A 6 -0.94 -4.87 6.07
C LEU A 6 0.36 -5.27 5.38
N GLU A 7 0.23 -5.90 4.21
CA GLU A 7 1.39 -6.33 3.45
C GLU A 7 1.29 -5.86 2.00
N VAL A 8 2.36 -5.25 1.51
CA VAL A 8 2.41 -4.75 0.14
C VAL A 8 3.54 -5.39 -0.65
N SER A 9 3.30 -5.63 -1.94
CA SER A 9 4.30 -6.24 -2.80
C SER A 9 5.07 -5.18 -3.58
N LEU A 10 6.37 -5.08 -3.33
CA LEU A 10 7.21 -4.11 -4.01
C LEU A 10 7.52 -4.56 -5.43
N ILE A 11 6.47 -4.68 -6.25
CA ILE A 11 6.64 -5.11 -7.64
C ILE A 11 6.63 -3.90 -8.58
N SER A 12 5.59 -3.09 -8.48
CA SER A 12 5.46 -1.90 -9.31
C SER A 12 4.78 -0.77 -8.56
N GLY A 13 4.69 0.39 -9.20
CA GLY A 13 4.06 1.54 -8.58
C GLY A 13 4.76 2.84 -8.91
N LYS A 14 3.97 3.84 -9.32
CA LYS A 14 4.52 5.14 -9.67
C LYS A 14 4.18 6.18 -8.62
N GLY A 15 5.21 6.87 -8.12
CA GLY A 15 5.00 7.88 -7.09
C GLY A 15 4.84 9.27 -7.69
N LEU A 16 3.60 9.66 -7.96
CA LEU A 16 3.32 10.98 -8.54
C LEU A 16 3.79 12.09 -7.60
N LYS A 17 3.92 11.76 -6.32
CA LYS A 17 4.37 12.73 -5.32
C LYS A 17 5.81 13.15 -5.57
N ARG A 18 6.31 14.08 -4.76
CA ARG A 18 7.68 14.56 -4.89
C ARG A 18 8.66 13.40 -4.91
N SER A 19 9.91 13.69 -5.26
CA SER A 19 10.94 12.66 -5.33
C SER A 19 12.32 13.30 -5.48
N ASP A 20 12.39 14.37 -6.27
CA ASP A 20 13.65 15.07 -6.51
C ASP A 20 14.65 14.17 -7.22
N PHE A 21 14.88 14.45 -8.49
CA PHE A 21 15.81 13.66 -9.29
C PHE A 21 17.23 14.21 -9.18
N LEU A 22 17.92 13.87 -8.09
CA LEU A 22 19.28 14.34 -7.87
C LEU A 22 20.28 13.21 -8.05
N GLY A 23 19.85 11.99 -7.73
CA GLY A 23 20.73 10.84 -7.86
C GLY A 23 20.00 9.53 -7.68
N LYS A 24 20.61 8.61 -6.94
CA LYS A 24 20.01 7.31 -6.69
C LYS A 24 19.29 7.29 -5.34
N ILE A 25 18.90 8.46 -4.88
CA ILE A 25 18.20 8.60 -3.60
C ILE A 25 16.72 8.28 -3.76
N ASP A 26 16.19 8.52 -4.95
CA ASP A 26 14.78 8.26 -5.23
C ASP A 26 14.41 6.83 -4.86
N PRO A 27 15.07 5.85 -5.51
CA PRO A 27 14.82 4.43 -5.27
C PRO A 27 15.32 3.99 -3.89
N TYR A 28 14.39 3.88 -2.94
CA TYR A 28 14.73 3.47 -1.59
C TYR A 28 14.17 2.09 -1.28
N VAL A 29 14.86 1.35 -0.43
CA VAL A 29 14.43 0.01 -0.05
C VAL A 29 14.46 -0.17 1.47
N GLU A 30 13.70 -1.16 1.96
CA GLU A 30 13.64 -1.43 3.38
C GLU A 30 14.86 -2.21 3.84
N ILE A 31 15.91 -1.48 4.23
CA ILE A 31 17.14 -2.11 4.70
C ILE A 31 17.68 -1.41 5.95
N GLN A 32 17.73 -2.15 7.05
CA GLN A 32 18.22 -1.60 8.31
C GLN A 32 18.70 -2.72 9.24
N TYR A 33 19.76 -2.43 9.99
CA TYR A 33 20.32 -3.41 10.91
C TYR A 33 19.64 -3.33 12.27
N LYS A 34 20.23 -3.99 13.26
CA LYS A 34 19.68 -4.00 14.61
C LYS A 34 18.40 -4.82 14.67
N GLY A 35 17.33 -4.28 14.08
CA GLY A 35 16.05 -4.97 14.08
C GLY A 35 15.01 -4.25 13.24
N GLN A 36 14.48 -3.15 13.77
CA GLN A 36 13.47 -2.37 13.07
C GLN A 36 13.92 -2.05 11.65
N THR A 37 12.96 -1.72 10.78
CA THR A 37 13.27 -1.38 9.40
C THR A 37 12.33 -0.28 8.88
N ARG A 38 12.78 0.41 7.84
CA ARG A 38 11.99 1.48 7.25
C ARG A 38 11.33 1.03 5.94
N LYS A 39 10.31 1.75 5.52
CA LYS A 39 9.60 1.43 4.29
C LYS A 39 10.23 2.15 3.10
N SER A 40 10.20 1.49 1.94
CA SER A 40 10.78 2.08 0.73
C SER A 40 10.07 3.39 0.37
N SER A 41 10.86 4.45 0.22
CA SER A 41 10.32 5.76 -0.10
C SER A 41 9.75 5.77 -1.52
N VAL A 42 9.42 6.97 -2.01
CA VAL A 42 8.87 7.12 -3.35
C VAL A 42 9.73 6.40 -4.39
N ALA A 43 9.08 5.80 -5.38
CA ALA A 43 9.78 5.09 -6.43
C ALA A 43 9.76 5.87 -7.75
N LYS A 44 10.68 5.54 -8.64
CA LYS A 44 10.76 6.21 -9.94
C LYS A 44 10.59 5.22 -11.08
N GLU A 45 10.16 5.72 -12.23
CA GLU A 45 9.96 4.87 -13.41
C GLU A 45 8.89 3.82 -13.14
N ASP A 46 8.09 4.04 -12.10
CA ASP A 46 7.03 3.12 -11.73
C ASP A 46 7.61 1.81 -11.20
N GLY A 47 8.91 1.81 -10.93
CA GLY A 47 9.56 0.62 -10.42
C GLY A 47 9.25 -0.61 -11.24
N GLY A 48 9.38 -0.51 -12.55
CA GLY A 48 9.11 -1.63 -13.42
C GLY A 48 10.17 -2.71 -13.34
N ARG A 49 11.33 -2.36 -12.80
CA ARG A 49 12.43 -3.30 -12.67
C ARG A 49 12.65 -3.67 -11.21
N ASN A 50 11.74 -3.24 -10.34
CA ASN A 50 11.86 -3.52 -8.91
C ASN A 50 10.78 -4.52 -8.48
N PRO A 51 11.08 -5.81 -8.62
CA PRO A 51 10.16 -6.89 -8.25
C PRO A 51 9.98 -7.00 -6.75
N THR A 52 8.91 -7.67 -6.33
CA THR A 52 8.62 -7.85 -4.91
C THR A 52 9.81 -8.47 -4.18
N TRP A 53 10.63 -9.20 -4.93
CA TRP A 53 11.81 -9.85 -4.36
C TRP A 53 12.75 -8.82 -3.75
N ASN A 54 12.58 -7.56 -4.13
CA ASN A 54 13.41 -6.48 -3.63
C ASN A 54 13.21 -6.29 -2.13
N ASP A 55 11.95 -6.21 -1.71
CA ASP A 55 11.63 -6.03 -0.30
C ASP A 55 10.11 -5.98 -0.10
N LYS A 56 9.68 -6.08 1.15
CA LYS A 56 8.26 -6.06 1.48
C LYS A 56 7.94 -4.88 2.40
N LEU A 57 6.68 -4.47 2.40
CA LEU A 57 6.24 -3.35 3.23
C LEU A 57 5.19 -3.80 4.24
N LYS A 58 5.36 -3.37 5.49
CA LYS A 58 4.43 -3.73 6.55
C LYS A 58 4.10 -2.52 7.42
N TRP A 59 2.88 -2.48 7.95
CA TRP A 59 2.45 -1.37 8.80
C TRP A 59 1.12 -1.69 9.47
N ARG A 60 0.95 -1.21 10.70
CA ARG A 60 -0.28 -1.45 11.45
C ARG A 60 -1.35 -0.45 11.06
N ALA A 61 -2.58 -0.94 10.88
CA ALA A 61 -3.69 -0.08 10.51
C ALA A 61 -4.98 -0.50 11.22
N GLU A 62 -5.70 0.47 11.76
CA GLU A 62 -6.94 0.20 12.48
C GLU A 62 -8.04 1.17 12.05
N PHE A 63 -8.87 0.74 11.11
CA PHE A 63 -9.96 1.58 10.61
C PHE A 63 -10.87 0.78 9.68
N PRO A 64 -11.80 0.02 10.28
CA PRO A 64 -12.76 -0.80 9.52
C PRO A 64 -13.78 0.05 8.77
N GLY A 65 -13.99 1.27 9.23
CA GLY A 65 -14.94 2.16 8.59
C GLY A 65 -16.13 2.47 9.47
N SER A 66 -16.22 1.78 10.61
CA SER A 66 -17.33 1.98 11.53
C SER A 66 -18.66 1.58 10.90
N GLY A 67 -19.76 1.94 11.57
CA GLY A 67 -21.07 1.60 11.06
C GLY A 67 -21.65 2.70 10.19
N ALA A 68 -20.80 3.32 9.38
CA ALA A 68 -21.23 4.40 8.50
C ALA A 68 -22.04 3.85 7.33
N ASP A 69 -21.77 2.61 6.96
CA ASP A 69 -22.47 1.97 5.85
C ASP A 69 -22.33 2.78 4.57
N TYR A 70 -23.10 2.42 3.55
CA TYR A 70 -23.05 3.12 2.27
C TYR A 70 -21.67 2.98 1.62
N LYS A 71 -21.52 3.58 0.44
CA LYS A 71 -20.26 3.52 -0.28
C LYS A 71 -19.92 2.09 -0.68
N LEU A 72 -20.08 1.79 -1.97
CA LEU A 72 -19.80 0.45 -2.48
C LEU A 72 -18.36 0.37 -2.99
N ILE A 73 -17.89 -0.86 -3.20
CA ILE A 73 -16.54 -1.09 -3.69
C ILE A 73 -16.56 -1.77 -5.06
N VAL A 74 -17.67 -2.42 -5.37
CA VAL A 74 -17.82 -3.11 -6.65
C VAL A 74 -18.25 -2.14 -7.74
N LYS A 75 -18.37 -0.86 -7.39
CA LYS A 75 -18.78 0.16 -8.35
C LYS A 75 -17.72 1.26 -8.45
N VAL A 76 -16.49 0.86 -8.76
CA VAL A 76 -15.39 1.81 -8.89
C VAL A 76 -14.31 1.26 -9.82
N MET A 77 -14.70 0.90 -11.03
CA MET A 77 -13.76 0.37 -12.02
C MET A 77 -13.79 1.20 -13.30
N ASP A 78 -13.13 0.71 -14.33
CA ASP A 78 -13.07 1.41 -15.61
C ASP A 78 -13.82 0.64 -16.69
N HIS A 79 -13.28 -0.52 -17.06
CA HIS A 79 -13.90 -1.36 -18.09
C HIS A 79 -13.10 -2.63 -18.31
N ASP A 80 -13.45 -3.38 -19.36
CA ASP A 80 -12.77 -4.62 -19.66
C ASP A 80 -12.66 -4.82 -21.18
N THR A 81 -12.39 -3.74 -21.89
CA THR A 81 -12.27 -3.79 -23.35
C THR A 81 -10.83 -4.03 -23.77
N PHE A 82 -10.65 -4.84 -24.81
CA PHE A 82 -9.32 -5.15 -25.32
C PHE A 82 -8.50 -5.87 -24.25
N SER A 83 -9.18 -6.49 -23.30
CA SER A 83 -8.52 -7.22 -22.23
C SER A 83 -9.51 -8.09 -21.46
N SER A 84 -9.04 -8.72 -20.39
CA SER A 84 -9.88 -9.57 -19.57
C SER A 84 -10.14 -8.96 -18.21
N ASP A 85 -9.13 -9.00 -17.35
CA ASP A 85 -9.25 -8.43 -16.01
C ASP A 85 -9.21 -6.91 -16.05
N ASP A 86 -8.30 -6.37 -16.85
CA ASP A 86 -8.17 -4.92 -16.99
C ASP A 86 -7.79 -4.28 -15.65
N PHE A 87 -7.17 -5.07 -14.78
CA PHE A 87 -6.76 -4.59 -13.47
C PHE A 87 -5.76 -3.44 -13.60
N ILE A 88 -5.95 -2.41 -12.78
CA ILE A 88 -5.06 -1.25 -12.81
C ILE A 88 -4.21 -1.18 -11.54
N GLY A 89 -4.87 -1.03 -10.40
CA GLY A 89 -4.16 -0.96 -9.14
C GLY A 89 -5.00 -0.37 -8.03
N GLU A 90 -4.38 -0.10 -6.89
CA GLU A 90 -5.10 0.46 -5.74
C GLU A 90 -4.31 1.62 -5.14
N ALA A 91 -5.02 2.67 -4.75
CA ALA A 91 -4.38 3.85 -4.16
C ALA A 91 -5.05 4.21 -2.83
N THR A 92 -4.47 5.18 -2.13
CA THR A 92 -5.00 5.63 -0.85
C THR A 92 -6.39 6.23 -1.01
N VAL A 93 -7.40 5.36 -1.03
CA VAL A 93 -8.78 5.80 -1.18
C VAL A 93 -9.73 4.92 -0.36
N HIS A 94 -10.92 5.45 -0.08
CA HIS A 94 -11.91 4.71 0.70
C HIS A 94 -11.95 3.25 0.27
N VAL A 95 -11.36 2.39 1.09
CA VAL A 95 -11.33 0.96 0.79
C VAL A 95 -11.20 0.14 2.08
N LYS A 96 -11.55 0.75 3.21
CA LYS A 96 -11.48 0.09 4.50
C LYS A 96 -12.34 -1.17 4.51
N GLU A 97 -13.30 -1.23 3.59
CA GLU A 97 -14.19 -2.38 3.49
C GLU A 97 -13.40 -3.67 3.33
N LEU A 98 -12.21 -3.55 2.77
CA LEU A 98 -11.35 -4.71 2.55
C LEU A 98 -10.67 -5.15 3.85
N LEU A 99 -10.00 -4.20 4.50
CA LEU A 99 -9.31 -4.49 5.76
C LEU A 99 -10.31 -4.81 6.87
N GLU A 100 -11.48 -4.19 6.80
CA GLU A 100 -12.52 -4.39 7.79
C GLU A 100 -13.13 -5.79 7.64
N MET A 101 -13.17 -6.29 6.42
CA MET A 101 -13.72 -7.60 6.13
C MET A 101 -12.77 -8.70 6.59
N GLY A 102 -11.55 -8.31 6.94
CA GLY A 102 -10.56 -9.28 7.38
C GLY A 102 -10.92 -9.92 8.70
N VAL A 103 -11.26 -9.09 9.68
CA VAL A 103 -11.63 -9.59 11.01
C VAL A 103 -12.76 -10.61 10.91
N GLU A 104 -13.51 -10.56 9.82
CA GLU A 104 -14.61 -11.49 9.61
C GLU A 104 -14.16 -12.94 9.82
N LYS A 105 -13.08 -13.30 9.15
CA LYS A 105 -12.54 -14.66 9.26
C LYS A 105 -11.08 -14.63 9.69
N GLY A 106 -10.57 -13.43 9.95
CA GLY A 106 -9.18 -13.29 10.38
C GLY A 106 -8.29 -12.72 9.29
N THR A 107 -8.77 -12.79 8.05
CA THR A 107 -8.02 -12.29 6.91
C THR A 107 -8.94 -11.82 5.80
N ALA A 108 -8.46 -10.88 4.98
CA ALA A 108 -9.25 -10.35 3.87
C ALA A 108 -8.38 -10.17 2.63
N GLU A 109 -9.03 -10.04 1.48
CA GLU A 109 -8.33 -9.86 0.21
C GLU A 109 -9.19 -9.09 -0.79
N LEU A 110 -8.57 -8.16 -1.50
CA LEU A 110 -9.28 -7.35 -2.49
C LEU A 110 -10.11 -8.23 -3.41
N ARG A 111 -11.36 -7.84 -3.62
CA ARG A 111 -12.26 -8.60 -4.48
C ARG A 111 -11.79 -8.56 -5.92
N PRO A 112 -12.25 -9.54 -6.72
CA PRO A 112 -11.88 -9.64 -8.14
C PRO A 112 -12.51 -8.52 -8.98
N THR A 113 -11.96 -7.31 -8.85
CA THR A 113 -12.46 -6.17 -9.60
C THR A 113 -11.39 -5.10 -9.75
N LYS A 114 -11.47 -4.35 -10.85
CA LYS A 114 -10.50 -3.29 -11.11
C LYS A 114 -10.77 -2.07 -10.24
N TYR A 115 -9.96 -1.90 -9.20
CA TYR A 115 -10.11 -0.77 -8.30
C TYR A 115 -10.06 0.55 -9.04
N ASN A 116 -10.20 1.65 -8.32
CA ASN A 116 -10.17 2.98 -8.91
C ASN A 116 -8.82 3.65 -8.68
N ILE A 117 -7.92 3.52 -9.64
CA ILE A 117 -6.59 4.12 -9.54
C ILE A 117 -6.16 4.74 -10.86
N VAL A 118 -7.10 4.83 -11.80
CA VAL A 118 -6.82 5.41 -13.11
C VAL A 118 -6.70 6.93 -13.03
N ASP A 119 -7.51 7.53 -12.17
CA ASP A 119 -7.49 8.98 -11.99
C ASP A 119 -8.50 9.40 -10.93
N SER A 120 -8.02 10.16 -9.95
CA SER A 120 -8.88 10.63 -8.86
C SER A 120 -8.09 11.47 -7.87
N ASP A 121 -8.07 12.78 -8.10
CA ASP A 121 -7.36 13.70 -7.23
C ASP A 121 -7.83 13.56 -5.78
N LEU A 122 -9.06 13.10 -5.61
CA LEU A 122 -9.63 12.93 -4.28
C LEU A 122 -8.74 12.04 -3.41
N SER A 123 -7.98 11.16 -4.08
CA SER A 123 -7.08 10.26 -3.36
C SER A 123 -5.68 10.28 -3.97
N PHE A 124 -5.47 11.22 -4.90
CA PHE A 124 -4.18 11.36 -5.56
C PHE A 124 -3.72 10.02 -6.14
N VAL A 125 -4.68 9.20 -6.55
CA VAL A 125 -4.37 7.89 -7.11
C VAL A 125 -3.35 8.00 -8.23
N GLY A 126 -2.83 6.86 -8.67
CA GLY A 126 -1.85 6.85 -9.74
C GLY A 126 -1.55 5.46 -10.24
N GLU A 127 -0.67 4.75 -9.54
CA GLU A 127 -0.29 3.39 -9.93
C GLU A 127 0.17 2.59 -8.72
N LEU A 128 -0.20 1.31 -8.68
CA LEU A 128 0.18 0.43 -7.58
C LEU A 128 0.08 -1.03 -7.99
N LEU A 129 0.66 -1.90 -7.19
CA LEU A 129 0.63 -3.34 -7.46
C LEU A 129 -0.69 -3.95 -7.00
N ILE A 130 -1.24 -4.85 -7.82
CA ILE A 130 -2.49 -5.51 -7.49
C ILE A 130 -2.25 -6.82 -6.75
N GLY A 131 -2.72 -6.89 -5.51
CA GLY A 131 -2.55 -8.09 -4.72
C GLY A 131 -2.38 -7.79 -3.24
N VAL A 132 -2.16 -6.52 -2.91
CA VAL A 132 -1.98 -6.10 -1.54
C VAL A 132 -3.21 -6.42 -0.70
N SER A 133 -3.19 -7.57 -0.03
CA SER A 133 -4.30 -7.99 0.80
C SER A 133 -4.07 -7.61 2.26
N TYR A 134 -5.11 -7.75 3.07
CA TYR A 134 -5.02 -7.42 4.49
C TYR A 134 -5.30 -8.64 5.35
N SER A 135 -4.64 -8.70 6.51
CA SER A 135 -4.82 -9.83 7.43
C SER A 135 -4.66 -9.37 8.87
N LEU A 136 -5.22 -10.15 9.79
CA LEU A 136 -5.15 -9.83 11.22
C LEU A 136 -3.82 -10.31 11.81
N LEU A 137 -3.02 -9.36 12.28
CA LEU A 137 -1.73 -9.68 12.87
C LEU A 137 -1.08 -8.43 13.48
N GLN A 138 0.09 -8.61 14.08
CA GLN A 138 0.81 -7.50 14.69
C GLN A 138 2.32 -7.72 14.62
N ASP A 139 3.04 -6.68 14.24
CA ASP A 139 4.49 -6.77 14.14
C ASP A 139 5.10 -7.34 15.41
N ARG A 140 5.15 -6.53 16.46
CA ARG A 140 5.72 -6.95 17.74
C ARG A 140 7.10 -7.57 17.55
N GLY A 141 7.61 -8.20 18.60
CA GLY A 141 8.92 -8.83 18.53
C GLY A 141 10.05 -7.82 18.58
N MET A 142 10.18 -7.02 17.52
CA MET A 142 11.22 -5.99 17.45
C MET A 142 12.60 -6.64 17.45
N ASP A 143 13.63 -5.82 17.34
CA ASP A 143 15.01 -6.30 17.33
C ASP A 143 15.19 -7.39 16.29
N GLY A 144 16.35 -8.06 16.31
CA GLY A 144 16.61 -9.12 15.36
C GLY A 144 17.90 -8.88 14.59
N GLU A 145 17.86 -9.16 13.28
CA GLU A 145 19.03 -8.98 12.43
C GLU A 145 18.60 -8.77 10.97
N GLN A 146 19.53 -8.24 10.17
CA GLN A 146 19.25 -7.99 8.76
C GLN A 146 20.47 -7.39 8.07
N PHE A 147 20.80 -7.92 6.90
CA PHE A 147 21.95 -7.43 6.13
C PHE A 147 21.50 -6.41 5.09
N GLY A 148 22.38 -5.44 4.81
CA GLY A 148 22.06 -4.41 3.83
C GLY A 148 22.93 -3.18 3.98
N GLY A 149 22.57 -2.31 4.93
CA GLY A 149 23.33 -1.10 5.14
C GLY A 149 22.83 -0.32 6.35
N TRP A 150 22.49 0.94 6.12
CA TRP A 150 22.00 1.81 7.19
C TRP A 150 21.49 3.13 6.64
N LYS A 151 20.42 3.63 7.22
CA LYS A 151 19.81 4.89 6.79
C LYS A 151 18.65 5.28 7.69
N HIS A 152 18.26 6.55 7.63
CA HIS A 152 17.15 7.05 8.43
C HIS A 152 15.83 6.87 7.70
N SER A 153 15.59 7.70 6.70
CA SER A 153 14.36 7.63 5.92
C SER A 153 13.14 7.89 6.80
N ASN A 154 11.95 7.65 6.25
CA ASN A 154 10.72 7.87 6.98
C ASN A 154 10.55 9.34 7.36
N VAL A 155 9.65 10.02 6.66
CA VAL A 155 9.39 11.43 6.92
C VAL A 155 7.92 11.67 7.29
N ASP A 156 7.63 11.54 8.58
CA ASP A 156 6.27 11.74 9.07
C ASP A 156 5.71 13.07 8.59
N HIS A 157 4.39 13.12 8.42
CA HIS A 157 3.72 14.33 7.95
C HIS A 157 2.21 14.15 7.95
N HIS A 158 1.74 13.11 7.27
CA HIS A 158 0.32 12.82 7.18
C HIS A 158 -0.44 14.02 6.62
N HIS A 159 0.25 14.85 5.84
CA HIS A 159 -0.36 16.03 5.25
C HIS A 159 -1.04 16.88 6.31
N HIS A 160 -1.81 17.88 5.86
CA HIS A 160 -2.51 18.76 6.78
C HIS A 160 -4.02 18.69 6.55
N HIS A 161 -4.48 17.55 6.04
CA HIS A 161 -5.89 17.35 5.76
C HIS A 161 -6.72 17.44 7.05
N HIS A 162 -8.00 17.76 6.91
CA HIS A 162 -8.88 17.88 8.06
C HIS A 162 -9.24 16.51 8.61
N MET A 1 -5.11 -0.60 12.44
CA MET A 1 -4.89 -0.72 13.87
C MET A 1 -3.50 -1.28 14.16
N ALA A 2 -2.55 -0.99 13.27
CA ALA A 2 -1.19 -1.47 13.42
C ALA A 2 -0.19 -0.34 13.29
N VAL A 3 0.81 -0.33 14.17
CA VAL A 3 1.84 0.71 14.14
C VAL A 3 3.21 0.13 13.80
N GLY A 4 3.67 0.42 12.59
CA GLY A 4 4.97 -0.10 12.16
C GLY A 4 5.49 0.62 10.93
N ILE A 5 6.78 0.48 10.66
CA ILE A 5 7.40 1.12 9.51
C ILE A 5 7.01 0.41 8.21
N LEU A 6 6.60 1.21 7.23
CA LEU A 6 6.20 0.66 5.94
C LEU A 6 7.41 0.48 5.02
N GLU A 7 7.27 -0.42 4.04
CA GLU A 7 8.35 -0.69 3.10
C GLU A 7 7.83 -0.71 1.67
N VAL A 8 8.51 0.02 0.79
CA VAL A 8 8.12 0.09 -0.62
C VAL A 8 9.29 -0.22 -1.54
N SER A 9 8.99 -0.80 -2.70
CA SER A 9 10.02 -1.16 -3.66
C SER A 9 10.18 -0.08 -4.73
N LEU A 10 11.41 0.36 -4.95
CA LEU A 10 11.69 1.39 -5.95
C LEU A 10 11.82 0.79 -7.34
N ILE A 11 10.76 0.14 -7.79
CA ILE A 11 10.76 -0.48 -9.12
C ILE A 11 10.59 0.56 -10.21
N SER A 12 9.36 1.06 -10.36
CA SER A 12 9.07 2.06 -11.37
C SER A 12 7.61 2.49 -11.31
N GLY A 13 7.30 3.64 -11.91
CA GLY A 13 5.94 4.14 -11.90
C GLY A 13 5.63 5.02 -13.09
N LYS A 14 4.35 5.29 -13.33
CA LYS A 14 3.94 6.13 -14.44
C LYS A 14 3.49 7.50 -13.95
N GLY A 15 4.13 8.54 -14.48
CA GLY A 15 3.78 9.90 -14.08
C GLY A 15 2.75 10.52 -15.01
N LEU A 16 1.49 10.42 -14.66
CA LEU A 16 0.41 10.97 -15.47
C LEU A 16 0.55 12.49 -15.58
N LYS A 17 1.31 13.08 -14.66
CA LYS A 17 1.52 14.53 -14.67
C LYS A 17 2.90 14.87 -15.21
N ARG A 18 2.99 15.96 -15.96
CA ARG A 18 4.24 16.40 -16.54
C ARG A 18 4.69 17.72 -15.93
N SER A 19 5.97 18.05 -16.12
CA SER A 19 6.53 19.29 -15.58
C SER A 19 7.98 19.45 -16.02
N ASP A 20 8.87 18.68 -15.40
CA ASP A 20 10.29 18.75 -15.73
C ASP A 20 11.09 17.74 -14.90
N PHE A 21 11.55 16.68 -15.55
CA PHE A 21 12.33 15.65 -14.87
C PHE A 21 13.28 14.95 -15.84
N LEU A 22 14.57 15.16 -15.65
CA LEU A 22 15.58 14.56 -16.50
C LEU A 22 16.39 13.51 -15.74
N GLY A 23 17.29 13.99 -14.87
CA GLY A 23 18.10 13.08 -14.09
C GLY A 23 18.83 13.79 -12.96
N LYS A 24 19.36 14.98 -13.25
CA LYS A 24 20.08 15.76 -12.24
C LYS A 24 19.28 17.00 -11.85
N ILE A 25 19.03 17.15 -10.56
CA ILE A 25 18.27 18.29 -10.05
C ILE A 25 16.85 18.28 -10.57
N ASP A 26 16.08 17.28 -10.18
CA ASP A 26 14.68 17.16 -10.61
C ASP A 26 14.04 15.91 -10.01
N PRO A 27 14.59 14.74 -10.34
CA PRO A 27 14.08 13.46 -9.86
C PRO A 27 14.33 13.26 -8.36
N TYR A 28 13.51 12.43 -7.73
CA TYR A 28 13.65 12.16 -6.31
C TYR A 28 14.17 10.75 -6.07
N VAL A 29 15.48 10.57 -6.26
CA VAL A 29 16.11 9.27 -6.06
C VAL A 29 17.34 9.39 -5.17
N GLU A 30 17.70 8.28 -4.53
CA GLU A 30 18.87 8.26 -3.64
C GLU A 30 20.15 8.12 -4.45
N ILE A 31 20.75 9.25 -4.82
CA ILE A 31 21.98 9.25 -5.59
C ILE A 31 22.98 10.26 -5.04
N GLN A 32 24.10 9.75 -4.52
CA GLN A 32 25.14 10.62 -3.96
C GLN A 32 26.48 9.91 -3.95
N TYR A 33 27.56 10.68 -3.80
CA TYR A 33 28.90 10.13 -3.79
C TYR A 33 29.77 10.85 -2.75
N LYS A 34 29.12 11.40 -1.74
CA LYS A 34 29.83 12.11 -0.67
C LYS A 34 29.88 11.28 0.60
N GLY A 35 28.75 11.20 1.30
CA GLY A 35 28.69 10.43 2.53
C GLY A 35 27.27 10.15 2.96
N GLN A 36 26.39 11.14 2.82
CA GLN A 36 24.99 10.99 3.21
C GLN A 36 24.12 10.77 1.98
N THR A 37 22.92 10.26 2.22
CA THR A 37 21.97 9.99 1.13
C THR A 37 20.54 10.27 1.56
N ARG A 38 19.66 10.51 0.59
CA ARG A 38 18.27 10.80 0.86
C ARG A 38 17.38 9.66 0.38
N LYS A 39 16.09 9.74 0.71
CA LYS A 39 15.13 8.72 0.31
C LYS A 39 14.49 9.08 -1.02
N SER A 40 14.29 8.07 -1.86
CA SER A 40 13.69 8.27 -3.17
C SER A 40 12.21 8.66 -3.04
N SER A 41 11.50 8.66 -4.16
CA SER A 41 10.08 9.01 -4.17
C SER A 41 9.40 8.47 -5.42
N VAL A 42 8.15 8.88 -5.64
CA VAL A 42 7.39 8.45 -6.79
C VAL A 42 8.19 8.63 -8.08
N ALA A 43 7.74 7.96 -9.14
CA ALA A 43 8.41 8.05 -10.43
C ALA A 43 8.13 9.40 -11.10
N LYS A 44 8.91 9.71 -12.13
CA LYS A 44 8.74 10.96 -12.86
C LYS A 44 8.00 10.73 -14.17
N GLU A 45 8.27 9.60 -14.81
CA GLU A 45 7.62 9.27 -16.08
C GLU A 45 8.04 7.87 -16.54
N ASP A 46 7.18 6.89 -16.29
CA ASP A 46 7.45 5.51 -16.69
C ASP A 46 8.60 4.94 -15.87
N GLY A 47 9.83 5.33 -16.22
CA GLY A 47 11.00 4.84 -15.51
C GLY A 47 10.97 3.34 -15.32
N GLY A 48 10.38 2.64 -16.29
CA GLY A 48 10.31 1.19 -16.20
C GLY A 48 11.65 0.52 -16.42
N ARG A 49 12.62 1.28 -16.88
CA ARG A 49 13.96 0.77 -17.13
C ARG A 49 14.84 0.93 -15.91
N ASN A 50 14.25 1.36 -14.80
CA ASN A 50 14.97 1.56 -13.55
C ASN A 50 14.92 0.32 -12.69
N PRO A 51 16.03 0.04 -11.98
CA PRO A 51 16.13 -1.12 -11.09
C PRO A 51 15.25 -0.99 -9.85
N THR A 52 15.11 -2.08 -9.11
CA THR A 52 14.30 -2.09 -7.90
C THR A 52 15.17 -2.14 -6.65
N TRP A 53 16.32 -2.79 -6.77
CA TRP A 53 17.25 -2.90 -5.65
C TRP A 53 18.00 -1.60 -5.42
N ASN A 54 17.77 -0.63 -6.29
CA ASN A 54 18.41 0.67 -6.18
C ASN A 54 18.30 1.22 -4.76
N ASP A 55 17.10 1.16 -4.21
CA ASP A 55 16.86 1.65 -2.85
C ASP A 55 15.41 1.39 -2.43
N LYS A 56 15.14 1.53 -1.14
CA LYS A 56 13.81 1.32 -0.60
C LYS A 56 13.32 2.53 0.17
N LEU A 57 12.00 2.69 0.26
CA LEU A 57 11.41 3.82 0.98
C LEU A 57 10.70 3.35 2.24
N LYS A 58 10.91 4.07 3.34
CA LYS A 58 10.29 3.74 4.61
C LYS A 58 9.48 4.91 5.14
N TRP A 59 8.36 4.60 5.80
CA TRP A 59 7.50 5.63 6.36
C TRP A 59 6.83 5.14 7.64
N ARG A 60 6.74 6.01 8.64
CA ARG A 60 6.12 5.65 9.91
C ARG A 60 4.61 5.52 9.75
N ALA A 61 4.07 4.37 10.17
CA ALA A 61 2.64 4.12 10.08
C ALA A 61 2.05 3.82 11.45
N GLU A 62 0.87 4.37 11.72
CA GLU A 62 0.20 4.16 12.99
C GLU A 62 -1.28 3.83 12.78
N PHE A 63 -1.90 3.27 13.81
CA PHE A 63 -3.31 2.90 13.74
C PHE A 63 -4.16 4.07 13.23
N PRO A 64 -5.30 3.74 12.62
CA PRO A 64 -6.22 4.75 12.08
C PRO A 64 -6.91 5.55 13.18
N GLY A 65 -6.88 5.04 14.40
CA GLY A 65 -7.51 5.72 15.51
C GLY A 65 -9.02 5.70 15.43
N SER A 66 -9.58 6.66 14.69
CA SER A 66 -11.03 6.75 14.54
C SER A 66 -11.63 5.39 14.17
N GLY A 67 -12.94 5.27 14.29
CA GLY A 67 -13.61 4.03 13.97
C GLY A 67 -14.39 4.11 12.68
N ALA A 68 -13.79 4.73 11.66
CA ALA A 68 -14.45 4.88 10.36
C ALA A 68 -14.68 3.52 9.71
N ASP A 69 -15.55 3.51 8.70
CA ASP A 69 -15.86 2.27 7.99
C ASP A 69 -14.59 1.54 7.56
N TYR A 70 -14.74 0.29 7.15
CA TYR A 70 -13.60 -0.50 6.71
C TYR A 70 -14.07 -1.71 5.90
N LYS A 71 -13.11 -2.55 5.50
CA LYS A 71 -13.41 -3.74 4.73
C LYS A 71 -14.00 -3.38 3.37
N LEU A 72 -13.14 -3.19 2.38
CA LEU A 72 -13.57 -2.84 1.03
C LEU A 72 -12.57 -3.32 0.00
N ILE A 73 -12.08 -4.54 0.18
CA ILE A 73 -11.12 -5.12 -0.75
C ILE A 73 -11.81 -5.63 -2.01
N VAL A 74 -13.11 -5.89 -1.91
CA VAL A 74 -13.88 -6.37 -3.04
C VAL A 74 -14.36 -5.21 -3.92
N LYS A 75 -14.46 -4.04 -3.31
CA LYS A 75 -14.91 -2.85 -4.03
C LYS A 75 -13.73 -1.94 -4.37
N VAL A 76 -12.85 -2.42 -5.24
CA VAL A 76 -11.68 -1.66 -5.65
C VAL A 76 -11.22 -2.06 -7.04
N MET A 77 -12.11 -1.96 -8.02
CA MET A 77 -11.80 -2.32 -9.39
C MET A 77 -12.42 -1.33 -10.37
N ASP A 78 -12.09 -1.48 -11.65
CA ASP A 78 -12.61 -0.59 -12.69
C ASP A 78 -13.84 -1.21 -13.36
N HIS A 79 -13.75 -2.50 -13.66
CA HIS A 79 -14.85 -3.22 -14.30
C HIS A 79 -14.50 -4.68 -14.52
N ASP A 80 -15.41 -5.56 -14.12
CA ASP A 80 -15.20 -7.00 -14.28
C ASP A 80 -16.37 -7.65 -15.02
N THR A 81 -16.55 -7.26 -16.28
CA THR A 81 -17.63 -7.80 -17.09
C THR A 81 -17.53 -9.32 -17.21
N PHE A 82 -16.30 -9.81 -17.29
CA PHE A 82 -16.06 -11.24 -17.40
C PHE A 82 -15.54 -11.82 -16.09
N SER A 83 -14.45 -11.25 -15.59
CA SER A 83 -13.85 -11.70 -14.34
C SER A 83 -12.72 -10.77 -13.92
N SER A 84 -11.59 -10.89 -14.60
CA SER A 84 -10.42 -10.06 -14.30
C SER A 84 -9.30 -10.31 -15.30
N ASP A 85 -8.35 -9.39 -15.35
CA ASP A 85 -7.22 -9.51 -16.27
C ASP A 85 -5.91 -9.66 -15.51
N ASP A 86 -5.63 -8.70 -14.64
CA ASP A 86 -4.40 -8.72 -13.85
C ASP A 86 -4.34 -7.52 -12.90
N PHE A 87 -3.80 -7.74 -11.70
CA PHE A 87 -3.68 -6.68 -10.72
C PHE A 87 -3.00 -5.46 -11.31
N ILE A 88 -3.53 -4.28 -11.03
CA ILE A 88 -2.98 -3.03 -11.53
C ILE A 88 -1.97 -2.44 -10.56
N GLY A 89 -2.45 -2.06 -9.38
CA GLY A 89 -1.58 -1.48 -8.37
C GLY A 89 -2.34 -0.72 -7.30
N GLU A 90 -1.61 -0.01 -6.45
CA GLU A 90 -2.24 0.77 -5.38
C GLU A 90 -1.52 2.10 -5.20
N ALA A 91 -2.29 3.15 -4.96
CA ALA A 91 -1.74 4.48 -4.75
C ALA A 91 -2.57 5.28 -3.76
N THR A 92 -1.91 5.79 -2.71
CA THR A 92 -2.60 6.58 -1.69
C THR A 92 -4.11 6.35 -1.74
N VAL A 93 -4.54 5.16 -1.35
CA VAL A 93 -5.95 4.81 -1.34
C VAL A 93 -6.30 3.89 -0.17
N HIS A 94 -7.56 3.92 0.24
CA HIS A 94 -8.02 3.10 1.35
C HIS A 94 -7.32 1.74 1.34
N VAL A 95 -6.35 1.57 2.25
CA VAL A 95 -5.61 0.32 2.34
C VAL A 95 -5.23 0.02 3.79
N LYS A 96 -5.88 0.72 4.73
CA LYS A 96 -5.63 0.52 6.15
C LYS A 96 -5.88 -0.93 6.55
N GLU A 97 -6.75 -1.60 5.79
CA GLU A 97 -7.08 -2.99 6.08
C GLU A 97 -5.85 -3.88 5.94
N LEU A 98 -4.89 -3.44 5.13
CA LEU A 98 -3.67 -4.21 4.90
C LEU A 98 -2.72 -4.06 6.09
N LEU A 99 -2.45 -2.81 6.47
CA LEU A 99 -1.55 -2.54 7.59
C LEU A 99 -2.19 -2.97 8.91
N GLU A 100 -3.47 -2.68 9.07
CA GLU A 100 -4.20 -3.03 10.28
C GLU A 100 -4.10 -4.54 10.54
N MET A 101 -4.05 -5.32 9.47
CA MET A 101 -3.97 -6.77 9.58
C MET A 101 -2.55 -7.20 9.93
N GLY A 102 -1.61 -6.26 9.86
CA GLY A 102 -0.23 -6.57 10.18
C GLY A 102 -0.02 -6.86 11.65
N VAL A 103 -0.52 -5.97 12.51
CA VAL A 103 -0.39 -6.13 13.95
C VAL A 103 -0.96 -7.47 14.40
N GLU A 104 -1.85 -8.04 13.59
CA GLU A 104 -2.47 -9.31 13.91
C GLU A 104 -1.42 -10.35 14.28
N LYS A 105 -0.49 -10.61 13.36
CA LYS A 105 0.56 -11.59 13.58
C LYS A 105 1.93 -10.91 13.54
N GLY A 106 1.94 -9.60 13.38
CA GLY A 106 3.19 -8.86 13.33
C GLY A 106 3.53 -8.38 11.94
N THR A 107 2.90 -8.99 10.94
CA THR A 107 3.15 -8.62 9.55
C THR A 107 1.90 -8.83 8.70
N ALA A 108 1.83 -8.12 7.58
CA ALA A 108 0.69 -8.24 6.68
C ALA A 108 1.11 -8.02 5.23
N GLU A 109 0.26 -8.45 4.30
CA GLU A 109 0.54 -8.31 2.88
C GLU A 109 -0.74 -8.17 2.08
N LEU A 110 -0.75 -7.25 1.12
CA LEU A 110 -1.92 -7.02 0.28
C LEU A 110 -2.44 -8.33 -0.30
N ARG A 111 -3.74 -8.39 -0.55
CA ARG A 111 -4.36 -9.58 -1.10
C ARG A 111 -4.34 -9.56 -2.62
N PRO A 112 -4.44 -10.74 -3.25
CA PRO A 112 -4.43 -10.88 -4.71
C PRO A 112 -5.71 -10.32 -5.34
N THR A 113 -5.73 -9.02 -5.58
CA THR A 113 -6.89 -8.36 -6.19
C THR A 113 -6.47 -7.11 -6.94
N LYS A 114 -7.12 -6.87 -8.08
CA LYS A 114 -6.82 -5.70 -8.90
C LYS A 114 -7.44 -4.45 -8.29
N TYR A 115 -6.68 -3.79 -7.40
CA TYR A 115 -7.16 -2.58 -6.76
C TYR A 115 -7.50 -1.50 -7.78
N ASN A 116 -7.84 -0.31 -7.28
CA ASN A 116 -8.19 0.80 -8.16
C ASN A 116 -7.11 1.87 -8.14
N ILE A 117 -6.14 1.75 -9.03
CA ILE A 117 -5.05 2.72 -9.11
C ILE A 117 -5.02 3.41 -10.47
N VAL A 118 -5.71 2.82 -11.45
CA VAL A 118 -5.76 3.38 -12.78
C VAL A 118 -6.17 4.84 -12.76
N ASP A 119 -5.73 5.60 -13.76
CA ASP A 119 -6.05 7.02 -13.84
C ASP A 119 -7.55 7.25 -13.70
N SER A 120 -7.94 8.19 -12.85
CA SER A 120 -9.34 8.50 -12.63
C SER A 120 -10.07 7.31 -12.03
N ASP A 121 -9.95 7.14 -10.72
CA ASP A 121 -10.59 6.04 -10.02
C ASP A 121 -10.90 6.41 -8.57
N LEU A 122 -9.93 7.02 -7.90
CA LEU A 122 -10.09 7.43 -6.51
C LEU A 122 -9.91 8.94 -6.37
N SER A 123 -8.70 9.41 -6.63
CA SER A 123 -8.39 10.84 -6.53
C SER A 123 -7.35 11.25 -7.57
N PHE A 124 -6.13 10.75 -7.40
CA PHE A 124 -5.04 11.07 -8.32
C PHE A 124 -4.11 9.87 -8.49
N VAL A 125 -4.64 8.68 -8.25
CA VAL A 125 -3.85 7.46 -8.38
C VAL A 125 -3.15 7.39 -9.73
N GLY A 126 -2.25 6.43 -9.88
CA GLY A 126 -1.54 6.26 -11.12
C GLY A 126 -1.04 4.85 -11.34
N GLU A 127 0.26 4.63 -11.13
CA GLU A 127 0.86 3.32 -11.31
C GLU A 127 1.93 3.06 -10.25
N LEU A 128 1.87 1.88 -9.64
CA LEU A 128 2.84 1.52 -8.61
C LEU A 128 3.23 0.04 -8.73
N LEU A 129 4.33 -0.32 -8.08
CA LEU A 129 4.80 -1.71 -8.10
C LEU A 129 4.08 -2.55 -7.06
N ILE A 130 3.90 -3.83 -7.37
CA ILE A 130 3.22 -4.74 -6.46
C ILE A 130 4.22 -5.44 -5.54
N GLY A 131 3.88 -5.51 -4.26
CA GLY A 131 4.75 -6.15 -3.29
C GLY A 131 4.89 -5.35 -2.01
N VAL A 132 4.56 -4.06 -2.09
CA VAL A 132 4.66 -3.18 -0.93
C VAL A 132 3.73 -3.65 0.20
N SER A 133 4.27 -4.44 1.11
CA SER A 133 3.50 -4.95 2.23
C SER A 133 3.80 -4.18 3.51
N TYR A 134 2.99 -4.40 4.53
CA TYR A 134 3.17 -3.73 5.81
C TYR A 134 3.60 -4.70 6.89
N SER A 135 4.59 -4.30 7.69
CA SER A 135 5.10 -5.15 8.76
C SER A 135 5.44 -4.32 9.99
N LEU A 136 5.29 -4.92 11.17
CA LEU A 136 5.57 -4.24 12.42
C LEU A 136 7.08 -4.08 12.63
N LEU A 137 7.56 -2.85 12.52
CA LEU A 137 8.98 -2.56 12.69
C LEU A 137 9.22 -1.67 13.90
N GLN A 138 8.94 -0.38 13.74
CA GLN A 138 9.12 0.58 14.82
C GLN A 138 8.25 0.22 16.02
N ASP A 139 7.08 -0.36 15.75
CA ASP A 139 6.16 -0.76 16.80
C ASP A 139 5.92 0.38 17.78
N ARG A 140 5.93 1.61 17.26
CA ARG A 140 5.72 2.79 18.09
C ARG A 140 4.44 2.66 18.91
N GLY A 141 4.59 2.65 20.22
CA GLY A 141 3.44 2.52 21.10
C GLY A 141 2.92 3.86 21.58
N MET A 142 3.85 4.78 21.86
CA MET A 142 3.48 6.12 22.33
C MET A 142 2.46 6.76 21.40
N ASP A 143 1.34 7.19 21.96
CA ASP A 143 0.28 7.83 21.17
C ASP A 143 -0.88 8.25 22.06
N GLY A 144 -1.98 8.65 21.43
CA GLY A 144 -3.14 9.08 22.19
C GLY A 144 -4.43 8.46 21.68
N GLU A 145 -5.52 8.69 22.40
CA GLU A 145 -6.82 8.14 22.02
C GLU A 145 -6.76 6.62 21.88
N GLN A 146 -7.88 6.01 21.53
CA GLN A 146 -7.96 4.56 21.38
C GLN A 146 -9.36 4.13 20.99
N PHE A 147 -9.48 2.91 20.47
CA PHE A 147 -10.77 2.37 20.06
C PHE A 147 -10.74 0.85 20.01
N GLY A 148 -11.91 0.25 19.91
CA GLY A 148 -12.00 -1.20 19.87
C GLY A 148 -13.21 -1.69 19.09
N GLY A 149 -13.67 -2.89 19.41
CA GLY A 149 -14.83 -3.45 18.73
C GLY A 149 -15.03 -4.93 19.04
N TRP A 150 -16.22 -5.43 18.75
CA TRP A 150 -16.54 -6.83 19.00
C TRP A 150 -17.61 -7.33 18.04
N LYS A 151 -18.05 -8.57 18.23
CA LYS A 151 -19.07 -9.15 17.38
C LYS A 151 -19.50 -10.52 17.92
N HIS A 152 -20.36 -11.20 17.17
CA HIS A 152 -20.86 -12.51 17.58
C HIS A 152 -21.27 -13.34 16.36
N SER A 153 -21.91 -14.48 16.61
CA SER A 153 -22.35 -15.36 15.53
C SER A 153 -23.28 -16.44 16.07
N ASN A 154 -23.73 -17.33 15.19
CA ASN A 154 -24.63 -18.40 15.56
C ASN A 154 -24.04 -19.76 15.18
N VAL A 155 -24.85 -20.80 15.29
CA VAL A 155 -24.41 -22.15 14.96
C VAL A 155 -25.59 -23.03 14.55
N ASP A 156 -25.33 -24.02 13.71
CA ASP A 156 -26.36 -24.93 13.24
C ASP A 156 -25.89 -26.38 13.32
N HIS A 157 -26.76 -27.30 12.91
CA HIS A 157 -26.44 -28.72 12.93
C HIS A 157 -27.08 -29.45 11.75
N HIS A 158 -26.97 -30.77 11.76
CA HIS A 158 -27.55 -31.58 10.69
C HIS A 158 -28.02 -32.93 11.23
N HIS A 159 -29.19 -32.93 11.87
CA HIS A 159 -29.75 -34.15 12.43
C HIS A 159 -30.11 -35.14 11.32
N HIS A 160 -30.22 -36.41 11.69
CA HIS A 160 -30.56 -37.46 10.73
C HIS A 160 -31.67 -38.35 11.27
N HIS A 161 -32.62 -37.74 11.99
CA HIS A 161 -33.73 -38.48 12.56
C HIS A 161 -33.26 -39.42 13.68
N HIS A 162 -32.65 -40.53 13.29
CA HIS A 162 -32.15 -41.50 14.25
C HIS A 162 -30.63 -41.41 14.38
N MET A 1 -12.75 3.84 19.35
CA MET A 1 -11.62 4.34 18.57
C MET A 1 -10.88 3.19 17.90
N ALA A 2 -10.82 3.22 16.58
CA ALA A 2 -10.14 2.18 15.82
C ALA A 2 -8.67 2.56 15.56
N VAL A 3 -8.23 3.63 16.22
CA VAL A 3 -6.86 4.10 16.06
C VAL A 3 -5.86 2.96 16.29
N GLY A 4 -5.24 2.51 15.21
CA GLY A 4 -4.27 1.43 15.31
C GLY A 4 -3.28 1.42 14.16
N ILE A 5 -2.34 0.48 14.19
CA ILE A 5 -1.34 0.38 13.15
C ILE A 5 -1.69 -0.72 12.14
N LEU A 6 -1.34 -0.51 10.88
CA LEU A 6 -1.63 -1.47 9.83
C LEU A 6 -0.35 -2.14 9.35
N GLU A 7 -0.48 -3.33 8.78
CA GLU A 7 0.67 -4.08 8.27
C GLU A 7 0.64 -4.16 6.75
N VAL A 8 1.76 -3.84 6.12
CA VAL A 8 1.86 -3.87 4.66
C VAL A 8 2.97 -4.82 4.21
N SER A 9 2.78 -5.43 3.04
CA SER A 9 3.75 -6.37 2.50
C SER A 9 4.57 -5.72 1.39
N LEU A 10 5.90 -5.76 1.53
CA LEU A 10 6.79 -5.17 0.55
C LEU A 10 6.93 -6.08 -0.67
N ILE A 11 5.80 -6.37 -1.32
CA ILE A 11 5.80 -7.22 -2.51
C ILE A 11 6.27 -6.45 -3.74
N SER A 12 5.40 -5.60 -4.26
CA SER A 12 5.71 -4.80 -5.44
C SER A 12 4.95 -3.49 -5.43
N GLY A 13 5.22 -2.65 -6.42
CA GLY A 13 4.55 -1.36 -6.52
C GLY A 13 5.17 -0.45 -7.55
N LYS A 14 4.34 0.37 -8.20
CA LYS A 14 4.81 1.29 -9.22
C LYS A 14 4.75 2.73 -8.73
N GLY A 15 5.85 3.45 -8.86
CA GLY A 15 5.90 4.83 -8.42
C GLY A 15 5.19 5.76 -9.38
N LEU A 16 3.89 5.94 -9.17
CA LEU A 16 3.10 6.82 -10.04
C LEU A 16 3.61 8.26 -9.96
N LYS A 17 4.31 8.58 -8.88
CA LYS A 17 4.85 9.92 -8.69
C LYS A 17 6.38 9.89 -8.71
N ARG A 18 6.96 10.93 -9.30
CA ARG A 18 8.42 11.03 -9.38
C ARG A 18 8.96 12.03 -8.37
N SER A 19 10.28 12.16 -8.31
CA SER A 19 10.93 13.09 -7.38
C SER A 19 12.03 13.88 -8.08
N ASP A 20 12.79 14.63 -7.28
CA ASP A 20 13.88 15.43 -7.82
C ASP A 20 15.21 14.70 -7.69
N PHE A 21 15.16 13.37 -7.76
CA PHE A 21 16.36 12.55 -7.65
C PHE A 21 17.01 12.71 -6.27
N LEU A 22 16.93 11.67 -5.46
CA LEU A 22 17.50 11.69 -4.12
C LEU A 22 18.67 10.72 -4.00
N GLY A 23 18.35 9.43 -3.93
CA GLY A 23 19.37 8.41 -3.83
C GLY A 23 18.83 7.07 -3.38
N LYS A 24 19.49 6.45 -2.41
CA LYS A 24 19.06 5.15 -1.90
C LYS A 24 18.04 5.33 -0.78
N ILE A 25 16.93 5.98 -1.09
CA ILE A 25 15.88 6.20 -0.11
C ILE A 25 14.62 5.40 -0.44
N ASP A 26 14.40 5.18 -1.73
CA ASP A 26 13.24 4.41 -2.18
C ASP A 26 13.42 2.92 -1.92
N PRO A 27 14.51 2.35 -2.47
CA PRO A 27 14.82 0.93 -2.30
C PRO A 27 15.26 0.60 -0.89
N TYR A 28 15.45 1.63 -0.07
CA TYR A 28 15.87 1.44 1.31
C TYR A 28 14.98 0.43 2.02
N VAL A 29 15.56 -0.28 2.99
CA VAL A 29 14.82 -1.29 3.74
C VAL A 29 14.87 -0.99 5.24
N GLU A 30 13.90 -1.52 5.97
CA GLU A 30 13.83 -1.31 7.41
C GLU A 30 14.79 -2.25 8.15
N ILE A 31 16.02 -1.79 8.34
CA ILE A 31 17.03 -2.57 9.02
C ILE A 31 17.82 -1.73 10.02
N GLN A 32 17.67 -2.04 11.30
CA GLN A 32 18.36 -1.31 12.35
C GLN A 32 18.47 -2.15 13.63
N TYR A 33 19.55 -1.95 14.37
CA TYR A 33 19.77 -2.68 15.60
C TYR A 33 19.43 -1.83 16.83
N LYS A 34 18.59 -0.83 16.61
CA LYS A 34 18.17 0.07 17.69
C LYS A 34 16.76 -0.25 18.15
N GLY A 35 16.19 0.63 18.97
CA GLY A 35 14.85 0.42 19.47
C GLY A 35 13.79 0.70 18.43
N GLN A 36 13.99 1.76 17.65
CA GLN A 36 13.04 2.13 16.61
C GLN A 36 13.57 1.75 15.22
N THR A 37 12.68 1.77 14.23
CA THR A 37 13.05 1.42 12.87
C THR A 37 12.33 2.30 11.86
N ARG A 38 12.89 2.41 10.66
CA ARG A 38 12.29 3.22 9.61
C ARG A 38 11.76 2.34 8.48
N LYS A 39 10.61 2.73 7.92
CA LYS A 39 10.00 1.99 6.84
C LYS A 39 10.52 2.46 5.48
N SER A 40 10.54 1.55 4.50
CA SER A 40 11.01 1.87 3.17
C SER A 40 10.16 2.98 2.55
N SER A 41 10.82 4.06 2.13
CA SER A 41 10.12 5.18 1.52
C SER A 41 9.44 4.76 0.23
N VAL A 42 8.94 5.74 -0.52
CA VAL A 42 8.25 5.47 -1.78
C VAL A 42 9.08 4.55 -2.66
N ALA A 43 8.45 4.02 -3.71
CA ALA A 43 9.14 3.12 -4.64
C ALA A 43 9.92 3.90 -5.69
N LYS A 44 10.90 3.25 -6.29
CA LYS A 44 11.73 3.89 -7.32
C LYS A 44 11.26 3.49 -8.71
N GLU A 45 9.97 3.65 -8.97
CA GLU A 45 9.40 3.30 -10.27
C GLU A 45 9.53 1.80 -10.54
N ASP A 46 8.42 1.09 -10.38
CA ASP A 46 8.40 -0.35 -10.60
C ASP A 46 9.53 -1.03 -9.84
N GLY A 47 9.25 -1.42 -8.59
CA GLY A 47 10.25 -2.07 -7.78
C GLY A 47 9.79 -3.44 -7.28
N GLY A 48 8.94 -4.09 -8.06
CA GLY A 48 8.44 -5.40 -7.68
C GLY A 48 9.49 -6.49 -7.82
N ARG A 49 10.59 -6.17 -8.49
CA ARG A 49 11.67 -7.12 -8.69
C ARG A 49 12.14 -7.69 -7.36
N ASN A 50 11.95 -6.91 -6.28
CA ASN A 50 12.36 -7.35 -4.95
C ASN A 50 11.34 -8.30 -4.34
N PRO A 51 11.79 -9.12 -3.38
CA PRO A 51 10.92 -10.10 -2.71
C PRO A 51 9.91 -9.43 -1.79
N THR A 52 9.15 -10.24 -1.07
CA THR A 52 8.13 -9.72 -0.15
C THR A 52 8.58 -9.88 1.30
N TRP A 53 9.35 -10.92 1.57
CA TRP A 53 9.84 -11.19 2.92
C TRP A 53 10.97 -10.23 3.28
N ASN A 54 11.38 -9.40 2.32
CA ASN A 54 12.45 -8.45 2.53
C ASN A 54 12.19 -7.62 3.79
N ASP A 55 10.97 -7.11 3.91
CA ASP A 55 10.59 -6.29 5.06
C ASP A 55 9.11 -5.90 4.98
N LYS A 56 8.58 -5.39 6.09
CA LYS A 56 7.19 -4.97 6.14
C LYS A 56 7.08 -3.50 6.54
N LEU A 57 5.98 -2.87 6.15
CA LEU A 57 5.76 -1.46 6.47
C LEU A 57 4.58 -1.30 7.42
N LYS A 58 4.69 -0.33 8.33
CA LYS A 58 3.62 -0.07 9.30
C LYS A 58 3.30 1.42 9.36
N TRP A 59 2.02 1.74 9.53
CA TRP A 59 1.58 3.12 9.60
C TRP A 59 0.41 3.27 10.57
N ARG A 60 0.22 4.48 11.09
CA ARG A 60 -0.87 4.74 12.02
C ARG A 60 -2.06 5.38 11.31
N ALA A 61 -3.24 4.80 11.52
CA ALA A 61 -4.46 5.30 10.88
C ALA A 61 -5.60 5.36 11.89
N GLU A 62 -6.50 6.32 11.69
CA GLU A 62 -7.65 6.48 12.59
C GLU A 62 -8.95 6.52 11.79
N PHE A 63 -10.07 6.29 12.49
CA PHE A 63 -11.38 6.28 11.86
C PHE A 63 -11.57 7.55 11.00
N PRO A 64 -12.39 7.43 9.96
CA PRO A 64 -12.68 8.55 9.05
C PRO A 64 -13.52 9.63 9.72
N GLY A 65 -14.16 9.28 10.82
CA GLY A 65 -14.99 10.24 11.53
C GLY A 65 -16.41 10.28 11.01
N SER A 66 -17.05 9.11 10.95
CA SER A 66 -18.42 9.02 10.46
C SER A 66 -18.51 9.43 8.99
N GLY A 67 -19.59 9.02 8.33
CA GLY A 67 -19.77 9.36 6.93
C GLY A 67 -19.62 8.16 6.02
N ALA A 68 -20.69 7.38 5.90
CA ALA A 68 -20.68 6.18 5.05
C ALA A 68 -20.45 6.56 3.60
N ASP A 69 -20.78 7.79 3.24
CA ASP A 69 -20.62 8.27 1.88
C ASP A 69 -21.51 7.48 0.91
N TYR A 70 -21.57 7.94 -0.33
CA TYR A 70 -22.38 7.28 -1.34
C TYR A 70 -21.92 5.83 -1.55
N LYS A 71 -22.51 5.17 -2.55
CA LYS A 71 -22.17 3.79 -2.85
C LYS A 71 -22.40 3.48 -4.32
N LEU A 72 -22.21 2.22 -4.70
CA LEU A 72 -22.40 1.80 -6.08
C LEU A 72 -22.24 0.28 -6.21
N ILE A 73 -21.10 -0.23 -5.74
CA ILE A 73 -20.83 -1.66 -5.80
C ILE A 73 -20.71 -2.13 -7.25
N VAL A 74 -20.57 -1.18 -8.16
CA VAL A 74 -20.44 -1.50 -9.58
C VAL A 74 -19.06 -1.11 -10.11
N LYS A 75 -18.29 -0.41 -9.28
CA LYS A 75 -16.95 0.02 -9.66
C LYS A 75 -15.89 -0.65 -8.77
N VAL A 76 -15.97 -1.97 -8.67
CA VAL A 76 -15.02 -2.72 -7.86
C VAL A 76 -14.23 -3.70 -8.72
N MET A 77 -13.96 -3.31 -9.96
CA MET A 77 -13.20 -4.15 -10.88
C MET A 77 -12.92 -3.42 -12.19
N ASP A 78 -12.47 -4.16 -13.19
CA ASP A 78 -12.16 -3.57 -14.49
C ASP A 78 -13.25 -3.90 -15.51
N HIS A 79 -13.39 -5.19 -15.82
CA HIS A 79 -14.39 -5.63 -16.78
C HIS A 79 -14.50 -7.16 -16.77
N ASP A 80 -14.33 -7.75 -15.60
CA ASP A 80 -14.42 -9.20 -15.46
C ASP A 80 -13.50 -9.90 -16.45
N THR A 81 -12.40 -9.23 -16.80
CA THR A 81 -11.44 -9.78 -17.75
C THR A 81 -10.80 -11.05 -17.21
N PHE A 82 -10.58 -12.02 -18.09
CA PHE A 82 -9.98 -13.29 -17.70
C PHE A 82 -10.94 -14.11 -16.84
N SER A 83 -11.08 -13.70 -15.58
CA SER A 83 -11.97 -14.40 -14.66
C SER A 83 -12.04 -13.67 -13.32
N SER A 84 -13.12 -13.90 -12.59
CA SER A 84 -13.32 -13.26 -11.29
C SER A 84 -12.14 -13.55 -10.36
N ASP A 85 -11.57 -14.74 -10.49
CA ASP A 85 -10.44 -15.15 -9.66
C ASP A 85 -9.20 -14.31 -10.00
N ASP A 86 -9.14 -13.81 -11.22
CA ASP A 86 -8.02 -13.00 -11.65
C ASP A 86 -8.04 -11.63 -10.99
N PHE A 87 -7.21 -11.46 -9.96
CA PHE A 87 -7.14 -10.21 -9.24
C PHE A 87 -5.95 -9.38 -9.70
N ILE A 88 -6.11 -8.05 -9.71
CA ILE A 88 -5.05 -7.15 -10.13
C ILE A 88 -4.34 -6.55 -8.93
N GLY A 89 -5.03 -5.67 -8.21
CA GLY A 89 -4.45 -5.04 -7.05
C GLY A 89 -5.37 -4.01 -6.42
N GLU A 90 -4.93 -3.40 -5.33
CA GLU A 90 -5.72 -2.39 -4.64
C GLU A 90 -4.82 -1.33 -4.00
N ALA A 91 -5.24 -0.07 -4.10
CA ALA A 91 -4.47 1.03 -3.52
C ALA A 91 -5.17 1.60 -2.29
N THR A 92 -4.48 2.50 -1.58
CA THR A 92 -5.04 3.11 -0.38
C THR A 92 -6.09 4.15 -0.74
N VAL A 93 -7.22 3.69 -1.26
CA VAL A 93 -8.32 4.57 -1.64
C VAL A 93 -9.67 3.93 -1.37
N HIS A 94 -10.61 4.72 -0.86
CA HIS A 94 -11.95 4.22 -0.57
C HIS A 94 -11.88 2.93 0.24
N VAL A 95 -10.80 2.78 1.01
CA VAL A 95 -10.62 1.59 1.83
C VAL A 95 -10.67 1.94 3.31
N LYS A 96 -11.25 3.09 3.64
CA LYS A 96 -11.36 3.54 5.01
C LYS A 96 -12.28 2.62 5.81
N GLU A 97 -13.15 1.90 5.10
CA GLU A 97 -14.09 0.99 5.73
C GLU A 97 -13.38 -0.24 6.29
N LEU A 98 -12.24 -0.57 5.68
CA LEU A 98 -11.46 -1.72 6.12
C LEU A 98 -10.80 -1.46 7.46
N LEU A 99 -10.16 -0.29 7.59
CA LEU A 99 -9.49 0.09 8.82
C LEU A 99 -10.51 0.39 9.92
N GLU A 100 -11.64 0.98 9.53
CA GLU A 100 -12.68 1.33 10.48
C GLU A 100 -13.38 0.07 11.00
N MET A 101 -13.47 -0.93 10.14
CA MET A 101 -14.11 -2.19 10.52
C MET A 101 -13.27 -2.96 11.52
N GLY A 102 -12.04 -2.50 11.73
CA GLY A 102 -11.15 -3.16 12.66
C GLY A 102 -11.65 -3.09 14.10
N VAL A 103 -11.95 -1.88 14.55
CA VAL A 103 -12.43 -1.67 15.91
C VAL A 103 -13.64 -2.56 16.21
N GLU A 104 -14.32 -2.99 15.16
CA GLU A 104 -15.49 -3.85 15.30
C GLU A 104 -15.18 -5.03 16.20
N LYS A 105 -14.07 -5.72 15.92
CA LYS A 105 -13.66 -6.87 16.71
C LYS A 105 -12.20 -6.74 17.14
N GLY A 106 -11.60 -5.59 16.85
CA GLY A 106 -10.21 -5.36 17.22
C GLY A 106 -9.27 -5.48 16.04
N THR A 107 -9.74 -6.15 14.98
CA THR A 107 -8.93 -6.33 13.78
C THR A 107 -9.80 -6.37 12.53
N ALA A 108 -9.18 -6.13 11.38
CA ALA A 108 -9.91 -6.14 10.11
C ALA A 108 -9.02 -6.66 8.98
N GLU A 109 -9.66 -7.07 7.88
CA GLU A 109 -8.93 -7.59 6.74
C GLU A 109 -9.71 -7.35 5.44
N LEU A 110 -9.02 -6.83 4.44
CA LEU A 110 -9.64 -6.55 3.14
C LEU A 110 -10.38 -7.78 2.63
N ARG A 111 -11.57 -7.56 2.08
CA ARG A 111 -12.38 -8.65 1.55
C ARG A 111 -11.86 -9.10 0.20
N PRO A 112 -12.20 -10.35 -0.19
CA PRO A 112 -11.76 -10.92 -1.46
C PRO A 112 -12.44 -10.27 -2.66
N THR A 113 -11.81 -9.22 -3.19
CA THR A 113 -12.36 -8.51 -4.33
C THR A 113 -11.27 -7.80 -5.12
N LYS A 114 -11.33 -7.90 -6.44
CA LYS A 114 -10.34 -7.26 -7.31
C LYS A 114 -10.72 -5.82 -7.62
N TYR A 115 -10.31 -4.90 -6.76
CA TYR A 115 -10.61 -3.49 -6.94
C TYR A 115 -10.10 -2.98 -8.29
N ASN A 116 -10.32 -1.70 -8.56
CA ASN A 116 -9.88 -1.11 -9.81
C ASN A 116 -8.55 -0.37 -9.63
N ILE A 117 -7.46 -1.09 -9.85
CA ILE A 117 -6.13 -0.51 -9.71
C ILE A 117 -5.40 -0.48 -11.05
N VAL A 118 -4.34 0.33 -11.12
CA VAL A 118 -3.55 0.45 -12.35
C VAL A 118 -4.40 1.00 -13.48
N ASP A 119 -4.17 2.26 -13.84
CA ASP A 119 -4.91 2.90 -14.93
C ASP A 119 -6.40 2.91 -14.63
N SER A 120 -6.81 3.79 -13.72
CA SER A 120 -8.22 3.90 -13.35
C SER A 120 -8.61 5.36 -13.11
N ASP A 121 -9.84 5.69 -13.47
CA ASP A 121 -10.33 7.06 -13.31
C ASP A 121 -11.10 7.20 -11.99
N LEU A 122 -10.77 6.35 -11.03
CA LEU A 122 -11.44 6.38 -9.73
C LEU A 122 -10.80 7.42 -8.82
N SER A 123 -9.48 7.33 -8.65
CA SER A 123 -8.76 8.26 -7.80
C SER A 123 -7.26 8.23 -8.11
N PHE A 124 -6.94 8.00 -9.38
CA PHE A 124 -5.55 7.94 -9.82
C PHE A 124 -4.81 6.81 -9.11
N VAL A 125 -5.41 5.63 -9.10
CA VAL A 125 -4.81 4.46 -8.46
C VAL A 125 -3.42 4.18 -9.03
N GLY A 126 -2.78 3.12 -8.53
CA GLY A 126 -1.46 2.76 -9.01
C GLY A 126 -1.21 1.27 -8.93
N GLU A 127 -0.24 0.87 -8.12
CA GLU A 127 0.10 -0.54 -7.98
C GLU A 127 0.37 -0.88 -6.52
N LEU A 128 -0.19 -2.00 -6.06
CA LEU A 128 0.00 -2.45 -4.68
C LEU A 128 -0.31 -3.93 -4.55
N LEU A 129 0.10 -4.51 -3.42
CA LEU A 129 -0.14 -5.93 -3.16
C LEU A 129 -1.39 -6.13 -2.33
N ILE A 130 -2.08 -7.24 -2.56
CA ILE A 130 -3.29 -7.56 -1.82
C ILE A 130 -2.99 -8.38 -0.57
N GLY A 131 -3.34 -7.83 0.59
CA GLY A 131 -3.09 -8.52 1.84
C GLY A 131 -2.90 -7.56 3.01
N VAL A 132 -2.63 -6.29 2.69
CA VAL A 132 -2.42 -5.29 3.72
C VAL A 132 -3.67 -5.10 4.57
N SER A 133 -3.72 -5.81 5.69
CA SER A 133 -4.86 -5.74 6.59
C SER A 133 -4.66 -4.65 7.63
N TYR A 134 -5.71 -4.32 8.37
CA TYR A 134 -5.65 -3.30 9.40
C TYR A 134 -6.11 -3.84 10.75
N SER A 135 -5.24 -3.76 11.74
CA SER A 135 -5.55 -4.25 13.08
C SER A 135 -5.29 -3.16 14.12
N LEU A 136 -5.91 -3.32 15.29
CA LEU A 136 -5.76 -2.36 16.37
C LEU A 136 -4.46 -2.61 17.14
N LEU A 137 -3.57 -1.62 17.12
CA LEU A 137 -2.29 -1.74 17.82
C LEU A 137 -1.47 -0.46 17.65
N GLN A 138 -0.36 -0.39 18.38
CA GLN A 138 0.51 0.79 18.32
C GLN A 138 1.95 0.37 18.01
N ASP A 139 2.63 1.18 17.20
CA ASP A 139 4.02 0.90 16.82
C ASP A 139 4.92 0.93 18.05
N ARG A 140 5.14 -0.24 18.64
CA ARG A 140 5.99 -0.35 19.82
C ARG A 140 6.75 -1.68 19.83
N GLY A 141 8.01 -1.63 19.39
CA GLY A 141 8.82 -2.83 19.34
C GLY A 141 10.14 -2.61 18.63
N MET A 142 10.65 -3.66 18.00
CA MET A 142 11.91 -3.58 17.28
C MET A 142 11.87 -4.42 16.01
N ASP A 143 13.01 -4.51 15.32
CA ASP A 143 13.10 -5.28 14.09
C ASP A 143 14.35 -6.15 14.08
N GLY A 144 14.65 -6.73 12.92
CA GLY A 144 15.81 -7.58 12.80
C GLY A 144 16.87 -6.99 11.90
N GLU A 145 17.62 -7.85 11.21
CA GLU A 145 18.68 -7.41 10.31
C GLU A 145 18.44 -7.94 8.90
N GLN A 146 19.06 -7.27 7.92
CA GLN A 146 18.91 -7.68 6.53
C GLN A 146 19.70 -6.75 5.61
N PHE A 147 19.49 -6.90 4.31
CA PHE A 147 20.18 -6.07 3.32
C PHE A 147 19.19 -5.20 2.56
N GLY A 148 19.73 -4.26 1.78
CA GLY A 148 18.88 -3.36 1.01
C GLY A 148 19.05 -3.55 -0.48
N GLY A 149 18.88 -2.47 -1.24
CA GLY A 149 19.03 -2.54 -2.68
C GLY A 149 19.69 -1.30 -3.27
N TRP A 150 19.32 -0.97 -4.49
CA TRP A 150 19.89 0.19 -5.17
C TRP A 150 18.81 1.00 -5.88
N LYS A 151 19.15 2.20 -6.33
CA LYS A 151 18.20 3.05 -7.03
C LYS A 151 18.63 3.27 -8.47
N HIS A 152 17.66 3.20 -9.38
CA HIS A 152 17.94 3.38 -10.80
C HIS A 152 16.66 3.27 -11.63
N SER A 153 16.31 4.34 -12.33
CA SER A 153 15.10 4.37 -13.15
C SER A 153 15.20 5.44 -14.23
N ASN A 154 15.04 6.69 -13.80
CA ASN A 154 15.10 7.82 -14.73
C ASN A 154 14.17 7.61 -15.91
N VAL A 155 12.91 8.04 -15.76
CA VAL A 155 11.92 7.89 -16.81
C VAL A 155 10.77 8.87 -16.63
N ASP A 156 10.32 9.46 -17.72
CA ASP A 156 9.21 10.42 -17.68
C ASP A 156 7.88 9.70 -17.55
N HIS A 157 6.78 10.45 -17.70
CA HIS A 157 5.45 9.88 -17.60
C HIS A 157 5.03 9.26 -18.94
N HIS A 158 4.69 10.11 -19.90
CA HIS A 158 4.26 9.64 -21.21
C HIS A 158 4.06 10.81 -22.17
N HIS A 159 3.05 11.63 -21.91
CA HIS A 159 2.75 12.77 -22.75
C HIS A 159 1.54 13.54 -22.21
N HIS A 160 1.05 14.49 -23.00
CA HIS A 160 -0.10 15.30 -22.61
C HIS A 160 -1.40 14.63 -23.02
N HIS A 161 -1.42 14.08 -24.23
CA HIS A 161 -2.60 13.41 -24.75
C HIS A 161 -3.78 14.37 -24.83
N HIS A 162 -4.00 14.95 -26.01
CA HIS A 162 -5.09 15.89 -26.21
C HIS A 162 -5.06 17.00 -25.16
N MET A 1 -7.88 -3.71 12.05
CA MET A 1 -7.65 -3.78 13.49
C MET A 1 -6.29 -4.41 13.79
N ALA A 2 -5.23 -3.80 13.26
CA ALA A 2 -3.88 -4.29 13.47
C ALA A 2 -2.86 -3.15 13.36
N VAL A 3 -1.89 -3.17 14.26
CA VAL A 3 -0.85 -2.14 14.28
C VAL A 3 0.51 -2.73 13.92
N GLY A 4 1.03 -2.37 12.75
CA GLY A 4 2.31 -2.87 12.31
C GLY A 4 2.93 -2.00 11.23
N ILE A 5 4.03 -2.49 10.64
CA ILE A 5 4.71 -1.75 9.59
C ILE A 5 4.39 -2.33 8.21
N LEU A 6 4.18 -1.45 7.24
CA LEU A 6 3.87 -1.87 5.88
C LEU A 6 5.13 -1.93 5.03
N GLU A 7 5.08 -2.73 3.97
CA GLU A 7 6.21 -2.88 3.07
C GLU A 7 5.78 -2.76 1.62
N VAL A 8 6.52 -1.99 0.84
CA VAL A 8 6.22 -1.79 -0.57
C VAL A 8 7.36 -2.27 -1.45
N SER A 9 7.01 -2.75 -2.64
CA SER A 9 8.01 -3.26 -3.58
C SER A 9 8.43 -2.17 -4.56
N LEU A 10 9.74 -1.97 -4.69
CA LEU A 10 10.27 -0.96 -5.59
C LEU A 10 10.21 -1.42 -7.04
N ILE A 11 9.00 -1.69 -7.51
CA ILE A 11 8.79 -2.14 -8.88
C ILE A 11 8.47 -0.97 -9.81
N SER A 12 7.27 -0.40 -9.65
CA SER A 12 6.85 0.73 -10.47
C SER A 12 5.96 1.67 -9.66
N GLY A 13 5.56 2.77 -10.29
CA GLY A 13 4.71 3.74 -9.62
C GLY A 13 4.89 5.14 -10.18
N LYS A 14 3.78 5.86 -10.31
CA LYS A 14 3.80 7.22 -10.84
C LYS A 14 3.55 8.24 -9.73
N GLY A 15 4.49 9.16 -9.55
CA GLY A 15 4.34 10.18 -8.53
C GLY A 15 3.61 11.41 -9.03
N LEU A 16 2.29 11.44 -8.83
CA LEU A 16 1.49 12.57 -9.27
C LEU A 16 0.85 13.29 -8.08
N LYS A 17 1.50 13.18 -6.92
CA LYS A 17 0.99 13.81 -5.70
C LYS A 17 2.12 14.52 -4.96
N ARG A 18 1.79 15.66 -4.34
CA ARG A 18 2.77 16.44 -3.60
C ARG A 18 3.84 17.01 -4.54
N SER A 19 3.97 18.33 -4.53
CA SER A 19 4.94 19.00 -5.39
C SER A 19 4.90 20.51 -5.19
N ASP A 20 6.05 21.10 -4.90
CA ASP A 20 6.14 22.55 -4.69
C ASP A 20 7.26 23.15 -5.54
N PHE A 21 7.62 22.46 -6.61
CA PHE A 21 8.68 22.92 -7.49
C PHE A 21 10.03 22.93 -6.79
N LEU A 22 10.99 22.20 -7.35
CA LEU A 22 12.32 22.12 -6.77
C LEU A 22 13.37 21.85 -7.84
N GLY A 23 13.22 20.72 -8.53
CA GLY A 23 14.17 20.37 -9.59
C GLY A 23 13.91 18.99 -10.14
N LYS A 24 14.14 17.97 -9.33
CA LYS A 24 13.93 16.58 -9.76
C LYS A 24 13.12 15.82 -8.72
N ILE A 25 12.66 16.51 -7.69
CA ILE A 25 11.87 15.90 -6.64
C ILE A 25 12.75 15.17 -5.64
N ASP A 26 14.07 15.23 -5.86
CA ASP A 26 15.02 14.57 -4.98
C ASP A 26 14.98 13.06 -5.16
N PRO A 27 15.31 12.60 -6.38
CA PRO A 27 15.31 11.16 -6.71
C PRO A 27 16.44 10.42 -6.01
N TYR A 28 16.14 9.85 -4.86
CA TYR A 28 17.13 9.10 -4.09
C TYR A 28 16.81 7.61 -4.09
N VAL A 29 17.85 6.79 -4.21
CA VAL A 29 17.68 5.34 -4.24
C VAL A 29 18.65 4.66 -3.27
N GLU A 30 18.55 3.34 -3.17
CA GLU A 30 19.41 2.58 -2.28
C GLU A 30 20.58 1.96 -3.05
N ILE A 31 21.64 2.75 -3.23
CA ILE A 31 22.82 2.28 -3.95
C ILE A 31 24.10 2.72 -3.26
N GLN A 32 24.78 1.77 -2.63
CA GLN A 32 26.03 2.05 -1.93
C GLN A 32 26.87 0.80 -1.77
N TYR A 33 28.19 0.98 -1.73
CA TYR A 33 29.11 -0.15 -1.58
C TYR A 33 29.64 -0.23 -0.16
N LYS A 34 28.95 0.42 0.76
CA LYS A 34 29.36 0.42 2.16
C LYS A 34 28.54 -0.58 2.97
N GLY A 35 28.65 -0.50 4.29
CA GLY A 35 27.91 -1.41 5.16
C GLY A 35 26.43 -1.12 5.16
N GLN A 36 26.04 0.04 5.69
CA GLN A 36 24.63 0.42 5.75
C GLN A 36 24.19 1.06 4.45
N THR A 37 22.88 1.18 4.27
CA THR A 37 22.32 1.77 3.06
C THR A 37 21.07 2.59 3.38
N ARG A 38 20.73 3.52 2.49
CA ARG A 38 19.56 4.36 2.68
C ARG A 38 18.40 3.88 1.81
N LYS A 39 17.19 4.26 2.19
CA LYS A 39 15.99 3.86 1.44
C LYS A 39 15.66 4.89 0.37
N SER A 40 15.10 4.41 -0.74
CA SER A 40 14.73 5.28 -1.85
C SER A 40 13.69 6.32 -1.42
N SER A 41 13.66 7.45 -2.11
CA SER A 41 12.72 8.52 -1.78
C SER A 41 11.64 8.63 -2.87
N VAL A 42 10.82 9.67 -2.77
CA VAL A 42 9.76 9.90 -3.74
C VAL A 42 10.30 9.91 -5.16
N ALA A 43 9.47 9.49 -6.11
CA ALA A 43 9.87 9.46 -7.51
C ALA A 43 9.50 10.75 -8.23
N LYS A 44 10.07 10.95 -9.41
CA LYS A 44 9.80 12.15 -10.19
C LYS A 44 8.82 11.87 -11.32
N GLU A 45 8.95 10.69 -11.93
CA GLU A 45 8.07 10.30 -13.03
C GLU A 45 8.23 8.81 -13.33
N ASP A 46 7.30 8.00 -12.81
CA ASP A 46 7.34 6.56 -13.03
C ASP A 46 8.54 5.93 -12.33
N GLY A 47 9.71 6.07 -12.95
CA GLY A 47 10.92 5.52 -12.37
C GLY A 47 10.77 4.05 -12.03
N GLY A 48 9.86 3.37 -12.71
CA GLY A 48 9.63 1.96 -12.45
C GLY A 48 10.75 1.09 -12.99
N ARG A 49 11.62 1.67 -13.81
CA ARG A 49 12.73 0.95 -14.39
C ARG A 49 13.56 0.25 -13.31
N ASN A 50 13.52 0.80 -12.09
CA ASN A 50 14.26 0.24 -10.97
C ASN A 50 13.65 -1.09 -10.54
N PRO A 51 14.53 -2.05 -10.19
CA PRO A 51 14.11 -3.38 -9.74
C PRO A 51 13.44 -3.34 -8.37
N THR A 52 12.66 -4.38 -8.07
CA THR A 52 11.96 -4.46 -6.79
C THR A 52 12.95 -4.60 -5.63
N TRP A 53 14.05 -5.29 -5.90
CA TRP A 53 15.08 -5.49 -4.87
C TRP A 53 15.89 -4.22 -4.66
N ASN A 54 15.63 -3.21 -5.47
CA ASN A 54 16.33 -1.94 -5.38
C ASN A 54 16.30 -1.41 -3.94
N ASP A 55 15.12 -1.39 -3.34
CA ASP A 55 14.95 -0.92 -1.98
C ASP A 55 13.54 -1.19 -1.48
N LYS A 56 13.34 -1.06 -0.17
CA LYS A 56 12.04 -1.28 0.43
C LYS A 56 11.60 -0.06 1.24
N LEU A 57 10.29 0.16 1.31
CA LEU A 57 9.74 1.28 2.05
C LEU A 57 8.93 0.80 3.25
N LYS A 58 9.17 1.42 4.41
CA LYS A 58 8.46 1.07 5.62
C LYS A 58 7.61 2.23 6.13
N TRP A 59 6.42 1.91 6.64
CA TRP A 59 5.52 2.94 7.15
C TRP A 59 4.73 2.41 8.33
N ARG A 60 4.54 3.26 9.34
CA ARG A 60 3.79 2.87 10.54
C ARG A 60 2.29 2.83 10.25
N ALA A 61 1.67 1.69 10.55
CA ALA A 61 0.24 1.52 10.32
C ALA A 61 -0.47 1.14 11.62
N GLU A 62 -1.65 1.71 11.82
CA GLU A 62 -2.44 1.44 13.02
C GLU A 62 -3.85 1.02 12.66
N PHE A 63 -4.55 0.38 13.60
CA PHE A 63 -5.92 -0.07 13.37
C PHE A 63 -6.78 1.06 12.83
N PRO A 64 -7.83 0.69 12.09
CA PRO A 64 -8.76 1.65 11.49
C PRO A 64 -9.62 2.36 12.54
N GLY A 65 -9.68 1.79 13.73
CA GLY A 65 -10.45 2.38 14.81
C GLY A 65 -11.86 1.80 14.89
N SER A 66 -12.78 2.39 14.13
CA SER A 66 -14.16 1.93 14.13
C SER A 66 -14.24 0.42 13.94
N GLY A 67 -15.40 -0.16 14.22
CA GLY A 67 -15.57 -1.59 14.07
C GLY A 67 -16.01 -1.98 12.67
N ALA A 68 -17.21 -1.57 12.28
CA ALA A 68 -17.73 -1.87 10.96
C ALA A 68 -16.81 -1.34 9.86
N ASP A 69 -17.13 -1.66 8.62
CA ASP A 69 -16.33 -1.22 7.49
C ASP A 69 -16.91 -1.75 6.17
N TYR A 70 -16.36 -1.28 5.06
CA TYR A 70 -16.82 -1.70 3.74
C TYR A 70 -16.76 -3.23 3.61
N LYS A 71 -17.21 -3.72 2.46
CA LYS A 71 -17.21 -5.16 2.20
C LYS A 71 -17.00 -5.44 0.71
N LEU A 72 -17.26 -6.68 0.31
CA LEU A 72 -17.11 -7.08 -1.09
C LEU A 72 -15.65 -7.00 -1.52
N ILE A 73 -14.98 -8.15 -1.53
CA ILE A 73 -13.58 -8.22 -1.93
C ILE A 73 -13.44 -8.68 -3.37
N VAL A 74 -14.17 -9.73 -3.72
CA VAL A 74 -14.12 -10.27 -5.08
C VAL A 74 -14.47 -9.21 -6.10
N LYS A 75 -15.22 -8.20 -5.68
CA LYS A 75 -15.62 -7.12 -6.56
C LYS A 75 -14.86 -5.83 -6.23
N VAL A 76 -13.56 -5.84 -6.50
CA VAL A 76 -12.72 -4.68 -6.23
C VAL A 76 -12.26 -4.02 -7.52
N MET A 77 -12.53 -4.68 -8.65
CA MET A 77 -12.16 -4.15 -9.96
C MET A 77 -13.01 -2.93 -10.32
N ASP A 78 -12.90 -2.50 -11.57
CA ASP A 78 -13.67 -1.35 -12.04
C ASP A 78 -14.91 -1.79 -12.81
N HIS A 79 -14.70 -2.63 -13.82
CA HIS A 79 -15.80 -3.14 -14.64
C HIS A 79 -15.34 -4.30 -15.52
N ASP A 80 -14.34 -5.03 -15.04
CA ASP A 80 -13.82 -6.17 -15.79
C ASP A 80 -13.45 -5.76 -17.22
N THR A 81 -13.07 -4.50 -17.39
CA THR A 81 -12.70 -3.99 -18.70
C THR A 81 -11.20 -4.11 -18.93
N PHE A 82 -10.82 -4.35 -20.18
CA PHE A 82 -9.41 -4.48 -20.54
C PHE A 82 -8.82 -5.76 -19.97
N SER A 83 -8.57 -5.75 -18.66
CA SER A 83 -8.00 -6.91 -17.98
C SER A 83 -8.95 -7.45 -16.92
N SER A 84 -9.60 -8.56 -17.24
CA SER A 84 -10.56 -9.18 -16.32
C SER A 84 -9.86 -10.16 -15.39
N ASP A 85 -8.74 -10.71 -15.84
CA ASP A 85 -7.97 -11.66 -15.05
C ASP A 85 -6.62 -11.06 -14.63
N ASP A 86 -6.13 -10.12 -15.42
CA ASP A 86 -4.86 -9.46 -15.13
C ASP A 86 -5.04 -8.37 -14.07
N PHE A 87 -4.24 -8.45 -13.01
CA PHE A 87 -4.30 -7.48 -11.93
C PHE A 87 -3.68 -6.16 -12.35
N ILE A 88 -4.24 -5.06 -11.86
CA ILE A 88 -3.73 -3.73 -12.18
C ILE A 88 -2.81 -3.21 -11.09
N GLY A 89 -3.39 -2.91 -9.92
CA GLY A 89 -2.59 -2.42 -8.81
C GLY A 89 -3.46 -1.95 -7.65
N GLU A 90 -2.83 -1.34 -6.65
CA GLU A 90 -3.53 -0.86 -5.48
C GLU A 90 -3.08 0.56 -5.12
N ALA A 91 -4.04 1.40 -4.74
CA ALA A 91 -3.74 2.77 -4.36
C ALA A 91 -4.29 3.10 -2.98
N THR A 92 -3.96 4.29 -2.48
CA THR A 92 -4.42 4.72 -1.16
C THR A 92 -5.94 4.82 -1.12
N VAL A 93 -6.59 3.69 -0.85
CA VAL A 93 -8.05 3.65 -0.77
C VAL A 93 -8.51 2.68 0.30
N HIS A 94 -9.75 2.87 0.77
CA HIS A 94 -10.31 2.00 1.80
C HIS A 94 -9.93 0.55 1.57
N VAL A 95 -8.97 0.06 2.35
CA VAL A 95 -8.51 -1.32 2.22
C VAL A 95 -7.98 -1.84 3.55
N LYS A 96 -8.50 -1.29 4.65
CA LYS A 96 -8.08 -1.71 5.99
C LYS A 96 -8.33 -3.20 6.20
N GLU A 97 -9.24 -3.75 5.40
CA GLU A 97 -9.57 -5.17 5.51
C GLU A 97 -8.31 -6.03 5.40
N LEU A 98 -7.30 -5.51 4.73
CA LEU A 98 -6.04 -6.22 4.56
C LEU A 98 -5.22 -6.20 5.85
N LEU A 99 -4.99 -5.01 6.37
CA LEU A 99 -4.22 -4.85 7.60
C LEU A 99 -4.98 -5.43 8.80
N GLU A 100 -6.31 -5.38 8.73
CA GLU A 100 -7.14 -5.90 9.81
C GLU A 100 -7.01 -7.42 9.90
N MET A 101 -6.81 -8.06 8.76
CA MET A 101 -6.67 -9.52 8.71
C MET A 101 -5.27 -9.95 9.12
N GLY A 102 -4.36 -8.97 9.23
CA GLY A 102 -3.00 -9.27 9.63
C GLY A 102 -2.89 -9.73 11.06
N VAL A 103 -3.47 -8.95 11.98
CA VAL A 103 -3.44 -9.29 13.40
C VAL A 103 -3.99 -10.68 13.65
N GLU A 104 -4.79 -11.17 12.70
CA GLU A 104 -5.38 -12.50 12.82
C GLU A 104 -4.33 -13.55 13.13
N LYS A 105 -3.32 -13.66 12.26
CA LYS A 105 -2.24 -14.61 12.44
C LYS A 105 -0.90 -13.90 12.59
N GLY A 106 -0.94 -12.58 12.63
CA GLY A 106 0.27 -11.79 12.76
C GLY A 106 0.71 -11.16 11.46
N THR A 107 0.17 -11.66 10.35
CA THR A 107 0.50 -11.13 9.04
C THR A 107 -0.67 -11.27 8.07
N ALA A 108 -0.71 -10.40 7.07
CA ALA A 108 -1.78 -10.43 6.08
C ALA A 108 -1.23 -10.15 4.69
N GLU A 109 -2.03 -10.48 3.66
CA GLU A 109 -1.63 -10.25 2.28
C GLU A 109 -2.84 -10.05 1.39
N LEU A 110 -2.74 -9.10 0.47
CA LEU A 110 -3.84 -8.79 -0.44
C LEU A 110 -4.35 -10.06 -1.11
N ARG A 111 -5.67 -10.15 -1.23
CA ARG A 111 -6.30 -11.32 -1.85
C ARG A 111 -6.11 -11.31 -3.36
N PRO A 112 -6.23 -12.49 -4.00
CA PRO A 112 -6.06 -12.64 -5.44
C PRO A 112 -7.20 -11.98 -6.22
N THR A 113 -7.15 -10.67 -6.36
CA THR A 113 -8.18 -9.92 -7.08
C THR A 113 -7.64 -8.61 -7.61
N LYS A 114 -8.16 -8.17 -8.75
CA LYS A 114 -7.73 -6.91 -9.36
C LYS A 114 -8.33 -5.72 -8.62
N TYR A 115 -7.54 -5.10 -7.76
CA TYR A 115 -7.99 -3.94 -7.00
C TYR A 115 -8.47 -2.83 -7.92
N ASN A 116 -8.87 -1.72 -7.33
CA ASN A 116 -9.36 -0.58 -8.11
C ASN A 116 -8.34 0.55 -8.12
N ILE A 117 -7.46 0.53 -9.13
CA ILE A 117 -6.44 1.56 -9.26
C ILE A 117 -6.43 2.17 -10.66
N VAL A 118 -7.49 1.90 -11.41
CA VAL A 118 -7.62 2.42 -12.76
C VAL A 118 -8.11 3.86 -12.75
N ASP A 119 -7.33 4.75 -13.33
CA ASP A 119 -7.68 6.17 -13.39
C ASP A 119 -9.09 6.36 -13.95
N SER A 120 -9.93 7.03 -13.19
CA SER A 120 -11.31 7.27 -13.60
C SER A 120 -12.04 8.15 -12.59
N ASP A 121 -12.39 7.57 -11.45
CA ASP A 121 -13.09 8.29 -10.40
C ASP A 121 -13.36 7.40 -9.20
N LEU A 122 -12.43 6.49 -8.93
CA LEU A 122 -12.57 5.57 -7.81
C LEU A 122 -12.21 6.25 -6.49
N SER A 123 -10.96 6.67 -6.36
CA SER A 123 -10.51 7.33 -5.15
C SER A 123 -9.16 8.01 -5.37
N PHE A 124 -9.05 8.76 -6.47
CA PHE A 124 -7.81 9.44 -6.81
C PHE A 124 -6.65 8.47 -6.93
N VAL A 125 -6.97 7.22 -7.27
CA VAL A 125 -5.96 6.17 -7.43
C VAL A 125 -4.91 6.59 -8.45
N GLY A 126 -3.91 5.73 -8.64
CA GLY A 126 -2.86 6.02 -9.59
C GLY A 126 -2.24 4.76 -10.16
N GLU A 127 -1.00 4.49 -9.78
CA GLU A 127 -0.28 3.31 -10.26
C GLU A 127 0.61 2.73 -9.18
N LEU A 128 0.55 1.40 -9.02
CA LEU A 128 1.35 0.73 -8.01
C LEU A 128 1.56 -0.74 -8.38
N LEU A 129 2.50 -1.39 -7.71
CA LEU A 129 2.78 -2.81 -7.96
C LEU A 129 1.94 -3.70 -7.07
N ILE A 130 1.62 -4.90 -7.55
CA ILE A 130 0.82 -5.85 -6.79
C ILE A 130 1.71 -6.77 -5.96
N GLY A 131 1.55 -6.70 -4.64
CA GLY A 131 2.34 -7.53 -3.75
C GLY A 131 2.55 -6.90 -2.39
N VAL A 132 2.28 -5.60 -2.30
CA VAL A 132 2.44 -4.87 -1.04
C VAL A 132 1.54 -5.45 0.04
N SER A 133 2.10 -6.36 0.84
CA SER A 133 1.34 -6.99 1.91
C SER A 133 1.59 -6.29 3.25
N TYR A 134 0.78 -6.62 4.25
CA TYR A 134 0.92 -6.01 5.57
C TYR A 134 1.26 -7.06 6.62
N SER A 135 2.07 -6.68 7.59
CA SER A 135 2.48 -7.58 8.66
C SER A 135 2.63 -6.83 9.99
N LEU A 136 2.51 -7.57 11.09
CA LEU A 136 2.63 -6.98 12.42
C LEU A 136 4.10 -6.78 12.79
N LEU A 137 4.55 -5.53 12.76
CA LEU A 137 5.93 -5.20 13.09
C LEU A 137 5.97 -4.14 14.20
N GLN A 138 5.39 -2.98 13.92
CA GLN A 138 5.37 -1.89 14.88
C GLN A 138 6.78 -1.39 15.19
N ASP A 139 7.12 -0.23 14.65
CA ASP A 139 8.45 0.35 14.86
C ASP A 139 8.52 1.05 16.21
N ARG A 140 8.39 0.27 17.28
CA ARG A 140 8.44 0.81 18.63
C ARG A 140 9.80 1.45 18.90
N GLY A 141 10.04 1.79 20.17
CA GLY A 141 11.29 2.41 20.54
C GLY A 141 12.50 1.62 20.04
N MET A 142 13.65 2.28 19.99
CA MET A 142 14.88 1.65 19.54
C MET A 142 14.74 1.19 18.08
N ASP A 143 14.92 2.13 17.16
CA ASP A 143 14.82 1.83 15.73
C ASP A 143 15.18 3.06 14.90
N GLY A 144 14.92 2.97 13.60
CA GLY A 144 15.24 4.08 12.71
C GLY A 144 14.05 4.47 11.85
N GLU A 145 12.87 4.56 12.45
CA GLU A 145 11.66 4.92 11.73
C GLU A 145 10.64 5.57 12.66
N GLN A 146 9.61 6.17 12.08
CA GLN A 146 8.57 6.83 12.85
C GLN A 146 7.52 7.45 11.94
N PHE A 147 6.25 7.22 12.27
CA PHE A 147 5.15 7.75 11.48
C PHE A 147 3.81 7.43 12.13
N GLY A 148 2.72 7.71 11.41
CA GLY A 148 1.40 7.45 11.93
C GLY A 148 0.33 8.33 11.31
N GLY A 149 -0.91 8.18 11.75
CA GLY A 149 -2.00 8.98 11.22
C GLY A 149 -2.97 8.15 10.41
N TRP A 150 -4.14 7.88 10.98
CA TRP A 150 -5.17 7.10 10.29
C TRP A 150 -6.53 7.33 10.92
N LYS A 151 -7.57 6.83 10.25
CA LYS A 151 -8.93 6.97 10.75
C LYS A 151 -9.91 6.17 9.90
N HIS A 152 -11.16 6.10 10.34
CA HIS A 152 -12.19 5.35 9.62
C HIS A 152 -13.54 5.48 10.33
N SER A 153 -14.61 5.10 9.63
CA SER A 153 -15.95 5.18 10.18
C SER A 153 -16.97 4.61 9.19
N ASN A 154 -17.91 3.82 9.72
CA ASN A 154 -18.94 3.21 8.90
C ASN A 154 -19.93 2.43 9.76
N VAL A 155 -20.86 1.74 9.10
CA VAL A 155 -21.86 0.95 9.80
C VAL A 155 -22.52 -0.07 8.86
N ASP A 156 -22.57 -1.32 9.29
CA ASP A 156 -23.18 -2.38 8.50
C ASP A 156 -23.15 -3.71 9.25
N HIS A 157 -23.75 -4.73 8.66
CA HIS A 157 -23.81 -6.05 9.27
C HIS A 157 -23.62 -7.15 8.22
N HIS A 158 -22.58 -7.96 8.40
CA HIS A 158 -22.30 -9.04 7.47
C HIS A 158 -22.83 -10.37 8.00
N HIS A 159 -24.09 -10.67 7.68
CA HIS A 159 -24.72 -11.91 8.13
C HIS A 159 -24.07 -13.12 7.47
N HIS A 160 -23.66 -14.08 8.28
CA HIS A 160 -23.03 -15.29 7.77
C HIS A 160 -24.02 -16.45 7.71
N HIS A 161 -25.05 -16.27 6.89
CA HIS A 161 -26.07 -17.30 6.74
C HIS A 161 -25.56 -18.47 5.90
N HIS A 162 -25.35 -19.61 6.54
CA HIS A 162 -24.86 -20.80 5.85
C HIS A 162 -23.54 -20.50 5.14
N MET A 1 -3.61 -8.08 10.91
CA MET A 1 -3.25 -8.73 12.17
C MET A 1 -1.92 -9.45 12.05
N ALA A 2 -0.92 -8.76 11.51
CA ALA A 2 0.42 -9.33 11.35
C ALA A 2 1.49 -8.25 11.46
N VAL A 3 2.58 -8.58 12.13
CA VAL A 3 3.69 -7.65 12.31
C VAL A 3 4.93 -8.11 11.55
N GLY A 4 5.25 -7.42 10.47
CA GLY A 4 6.42 -7.77 9.68
C GLY A 4 6.87 -6.64 8.78
N ILE A 5 7.90 -6.90 7.98
CA ILE A 5 8.44 -5.89 7.07
C ILE A 5 7.81 -6.01 5.69
N LEU A 6 7.50 -4.87 5.08
CA LEU A 6 6.90 -4.86 3.76
C LEU A 6 7.94 -4.58 2.68
N GLU A 7 7.66 -5.00 1.46
CA GLU A 7 8.57 -4.80 0.34
C GLU A 7 7.84 -4.27 -0.89
N VAL A 8 8.48 -3.36 -1.61
CA VAL A 8 7.89 -2.78 -2.81
C VAL A 8 8.83 -2.90 -4.00
N SER A 9 8.25 -3.07 -5.19
CA SER A 9 9.03 -3.19 -6.41
C SER A 9 9.17 -1.85 -7.12
N LEU A 10 10.41 -1.45 -7.38
CA LEU A 10 10.68 -0.18 -8.04
C LEU A 10 10.42 -0.28 -9.54
N ILE A 11 9.19 -0.62 -9.89
CA ILE A 11 8.79 -0.75 -11.29
C ILE A 11 8.01 0.47 -11.77
N SER A 12 6.96 0.82 -11.03
CA SER A 12 6.13 1.96 -11.37
C SER A 12 5.63 2.67 -10.12
N GLY A 13 4.93 3.78 -10.31
CA GLY A 13 4.41 4.53 -9.18
C GLY A 13 4.36 6.02 -9.45
N LYS A 14 3.18 6.52 -9.80
CA LYS A 14 3.00 7.94 -10.09
C LYS A 14 2.21 8.62 -8.97
N GLY A 15 2.71 9.77 -8.52
CA GLY A 15 2.04 10.51 -7.47
C GLY A 15 1.36 11.76 -7.99
N LEU A 16 0.15 11.60 -8.52
CA LEU A 16 -0.61 12.73 -9.05
C LEU A 16 -0.92 13.74 -7.95
N LYS A 17 -0.91 13.28 -6.71
CA LYS A 17 -1.19 14.13 -5.57
C LYS A 17 -0.03 14.10 -4.57
N ARG A 18 0.04 15.13 -3.73
CA ARG A 18 1.09 15.21 -2.72
C ARG A 18 0.67 16.13 -1.57
N SER A 19 1.62 16.43 -0.69
CA SER A 19 1.35 17.28 0.46
C SER A 19 2.61 17.50 1.29
N ASP A 20 3.45 16.48 1.35
CA ASP A 20 4.70 16.56 2.10
C ASP A 20 5.90 16.67 1.17
N PHE A 21 7.07 16.28 1.67
CA PHE A 21 8.30 16.35 0.88
C PHE A 21 8.63 17.78 0.51
N LEU A 22 9.69 18.32 1.10
CA LEU A 22 10.12 19.68 0.83
C LEU A 22 10.29 19.91 -0.67
N GLY A 23 10.62 18.84 -1.40
CA GLY A 23 10.80 18.95 -2.83
C GLY A 23 11.69 17.85 -3.39
N LYS A 24 12.73 18.23 -4.11
CA LYS A 24 13.65 17.27 -4.70
C LYS A 24 14.80 16.97 -3.74
N ILE A 25 14.45 16.63 -2.51
CA ILE A 25 15.46 16.31 -1.50
C ILE A 25 15.17 14.98 -0.83
N ASP A 26 13.96 14.84 -0.30
CA ASP A 26 13.55 13.61 0.37
C ASP A 26 13.41 12.48 -0.65
N PRO A 27 12.49 12.65 -1.61
CA PRO A 27 12.23 11.66 -2.65
C PRO A 27 13.40 11.52 -3.63
N TYR A 28 14.47 10.88 -3.18
CA TYR A 28 15.65 10.69 -4.02
C TYR A 28 15.82 9.22 -4.40
N VAL A 29 16.39 8.98 -5.58
CA VAL A 29 16.61 7.62 -6.06
C VAL A 29 17.95 7.07 -5.56
N GLU A 30 18.07 5.75 -5.54
CA GLU A 30 19.30 5.10 -5.09
C GLU A 30 20.35 5.13 -6.18
N ILE A 31 21.16 6.18 -6.20
CA ILE A 31 22.22 6.33 -7.19
C ILE A 31 23.53 6.80 -6.55
N GLN A 32 24.54 5.93 -6.58
CA GLN A 32 25.84 6.26 -6.00
C GLN A 32 26.93 5.39 -6.61
N TYR A 33 28.18 5.82 -6.42
CA TYR A 33 29.32 5.08 -6.95
C TYR A 33 30.47 5.05 -5.95
N LYS A 34 30.15 5.29 -4.68
CA LYS A 34 31.15 5.29 -3.63
C LYS A 34 31.12 3.98 -2.85
N GLY A 35 30.11 3.82 -2.00
CA GLY A 35 29.99 2.61 -1.20
C GLY A 35 28.60 2.45 -0.61
N GLN A 36 28.08 3.52 -0.03
CA GLN A 36 26.76 3.49 0.59
C GLN A 36 25.69 3.92 -0.40
N THR A 37 24.43 3.58 -0.10
CA THR A 37 23.32 3.95 -0.97
C THR A 37 22.08 4.25 -0.15
N ARG A 38 21.15 5.00 -0.75
CA ARG A 38 19.91 5.37 -0.08
C ARG A 38 18.73 4.59 -0.65
N LYS A 39 17.58 4.70 0.00
CA LYS A 39 16.37 4.02 -0.44
C LYS A 39 15.47 4.95 -1.21
N SER A 40 14.96 4.50 -2.35
CA SER A 40 14.08 5.31 -3.19
C SER A 40 12.66 5.31 -2.63
N SER A 41 11.71 5.79 -3.43
CA SER A 41 10.32 5.85 -3.02
C SER A 41 9.39 5.47 -4.18
N VAL A 42 8.09 5.70 -3.99
CA VAL A 42 7.11 5.38 -5.01
C VAL A 42 6.69 6.63 -5.78
N ALA A 43 6.88 7.80 -5.15
CA ALA A 43 6.53 9.07 -5.77
C ALA A 43 7.72 9.67 -6.51
N LYS A 44 7.95 9.20 -7.74
CA LYS A 44 9.06 9.69 -8.55
C LYS A 44 9.11 8.97 -9.89
N GLU A 45 8.94 7.66 -9.86
CA GLU A 45 8.97 6.85 -11.08
C GLU A 45 8.02 7.42 -12.14
N ASP A 46 6.77 7.62 -11.74
CA ASP A 46 5.76 8.17 -12.65
C ASP A 46 5.72 7.37 -13.95
N GLY A 47 6.16 6.13 -13.89
CA GLY A 47 6.17 5.28 -15.07
C GLY A 47 6.69 3.89 -14.78
N GLY A 48 6.09 2.88 -15.42
CA GLY A 48 6.52 1.51 -15.22
C GLY A 48 7.84 1.21 -15.90
N ARG A 49 8.27 2.11 -16.77
CA ARG A 49 9.53 1.93 -17.50
C ARG A 49 10.68 1.70 -16.53
N ASN A 50 10.60 2.32 -15.36
CA ASN A 50 11.64 2.16 -14.34
C ASN A 50 11.84 0.70 -13.97
N PRO A 51 13.09 0.24 -14.03
CA PRO A 51 13.44 -1.14 -13.71
C PRO A 51 13.30 -1.44 -12.21
N THR A 52 12.85 -2.65 -11.90
CA THR A 52 12.67 -3.06 -10.51
C THR A 52 14.02 -3.23 -9.82
N TRP A 53 15.06 -3.47 -10.60
CA TRP A 53 16.40 -3.65 -10.06
C TRP A 53 16.97 -2.33 -9.55
N ASN A 54 16.26 -1.24 -9.82
CA ASN A 54 16.69 0.09 -9.39
C ASN A 54 16.99 0.11 -7.90
N ASP A 55 16.03 -0.34 -7.11
CA ASP A 55 16.18 -0.38 -5.66
C ASP A 55 14.96 -1.00 -4.99
N LYS A 56 15.08 -1.31 -3.71
CA LYS A 56 13.98 -1.91 -2.96
C LYS A 56 13.60 -1.04 -1.76
N LEU A 57 12.41 -1.28 -1.22
CA LEU A 57 11.93 -0.51 -0.08
C LEU A 57 11.51 -1.45 1.06
N LYS A 58 11.75 -1.00 2.29
CA LYS A 58 11.39 -1.79 3.47
C LYS A 58 10.81 -0.91 4.56
N TRP A 59 9.74 -1.36 5.18
CA TRP A 59 9.09 -0.62 6.25
C TRP A 59 8.50 -1.55 7.29
N ARG A 60 8.45 -1.09 8.54
CA ARG A 60 7.92 -1.88 9.64
C ARG A 60 6.39 -1.81 9.67
N ALA A 61 5.75 -2.98 9.61
CA ALA A 61 4.29 -3.05 9.63
C ALA A 61 3.80 -3.80 10.87
N GLU A 62 2.67 -3.35 11.42
CA GLU A 62 2.10 -3.98 12.60
C GLU A 62 0.60 -4.18 12.43
N PHE A 63 0.03 -5.06 13.24
CA PHE A 63 -1.40 -5.34 13.19
C PHE A 63 -2.21 -4.06 13.23
N PRO A 64 -3.42 -4.10 12.67
CA PRO A 64 -4.33 -2.94 12.63
C PRO A 64 -4.87 -2.59 14.01
N GLY A 65 -4.78 -3.54 14.94
CA GLY A 65 -5.26 -3.30 16.29
C GLY A 65 -6.69 -3.80 16.49
N SER A 66 -7.06 -4.83 15.74
CA SER A 66 -8.40 -5.39 15.83
C SER A 66 -8.58 -6.52 14.83
N GLY A 67 -9.79 -7.07 14.76
CA GLY A 67 -10.07 -8.15 13.84
C GLY A 67 -11.08 -7.75 12.77
N ALA A 68 -10.81 -6.63 12.11
CA ALA A 68 -11.69 -6.13 11.06
C ALA A 68 -11.66 -7.05 9.85
N ASP A 69 -12.52 -8.07 9.86
CA ASP A 69 -12.58 -9.03 8.76
C ASP A 69 -12.71 -8.30 7.42
N TYR A 70 -12.51 -9.03 6.33
CA TYR A 70 -12.60 -8.46 4.99
C TYR A 70 -13.99 -7.87 4.74
N LYS A 71 -14.22 -7.44 3.51
CA LYS A 71 -15.50 -6.85 3.14
C LYS A 71 -15.52 -6.49 1.66
N LEU A 72 -16.27 -7.25 0.87
CA LEU A 72 -16.37 -7.01 -0.56
C LEU A 72 -14.98 -6.96 -1.21
N ILE A 73 -14.53 -8.12 -1.69
CA ILE A 73 -13.23 -8.21 -2.33
C ILE A 73 -13.38 -8.46 -3.84
N VAL A 74 -14.54 -8.96 -4.24
CA VAL A 74 -14.80 -9.23 -5.64
C VAL A 74 -15.31 -7.98 -6.37
N LYS A 75 -15.86 -7.05 -5.60
CA LYS A 75 -16.37 -5.80 -6.17
C LYS A 75 -15.40 -4.65 -5.90
N VAL A 76 -14.29 -4.62 -6.63
CA VAL A 76 -13.30 -3.58 -6.47
C VAL A 76 -12.49 -3.38 -7.75
N MET A 77 -13.19 -3.32 -8.88
CA MET A 77 -12.54 -3.13 -10.17
C MET A 77 -12.81 -1.74 -10.71
N ASP A 78 -12.29 -1.47 -11.91
CA ASP A 78 -12.48 -0.16 -12.55
C ASP A 78 -13.25 -0.29 -13.85
N HIS A 79 -14.36 -1.02 -13.80
CA HIS A 79 -15.19 -1.23 -14.98
C HIS A 79 -14.38 -1.84 -16.12
N ASP A 80 -14.97 -1.88 -17.31
CA ASP A 80 -14.30 -2.44 -18.48
C ASP A 80 -13.93 -3.90 -18.24
N THR A 81 -14.94 -4.77 -18.18
CA THR A 81 -14.72 -6.18 -17.96
C THR A 81 -15.08 -7.00 -19.19
N PHE A 82 -15.02 -6.36 -20.36
CA PHE A 82 -15.35 -7.03 -21.62
C PHE A 82 -14.10 -7.63 -22.26
N SER A 83 -13.20 -6.76 -22.70
CA SER A 83 -11.97 -7.20 -23.35
C SER A 83 -10.99 -7.74 -22.31
N SER A 84 -11.08 -7.22 -21.08
CA SER A 84 -10.20 -7.65 -20.01
C SER A 84 -8.73 -7.51 -20.42
N ASP A 85 -8.46 -6.56 -21.30
CA ASP A 85 -7.10 -6.32 -21.78
C ASP A 85 -6.50 -5.09 -21.11
N ASP A 86 -7.35 -4.14 -20.76
CA ASP A 86 -6.89 -2.90 -20.12
C ASP A 86 -6.18 -3.21 -18.81
N PHE A 87 -5.29 -2.31 -18.40
CA PHE A 87 -4.54 -2.49 -17.16
C PHE A 87 -4.59 -1.23 -16.31
N ILE A 88 -4.74 -1.42 -14.99
CA ILE A 88 -4.81 -0.30 -14.06
C ILE A 88 -3.65 -0.34 -13.07
N GLY A 89 -3.75 -1.23 -12.09
CA GLY A 89 -2.70 -1.36 -11.09
C GLY A 89 -3.25 -1.39 -9.67
N GLU A 90 -2.36 -1.27 -8.70
CA GLU A 90 -2.76 -1.29 -7.30
C GLU A 90 -1.84 -0.41 -6.45
N ALA A 91 -2.44 0.33 -5.52
CA ALA A 91 -1.67 1.21 -4.64
C ALA A 91 -1.74 0.74 -3.20
N THR A 92 -0.94 1.37 -2.34
CA THR A 92 -0.90 1.02 -0.93
C THR A 92 -2.15 1.51 -0.20
N VAL A 93 -3.29 0.91 -0.52
CA VAL A 93 -4.55 1.28 0.10
C VAL A 93 -5.46 0.07 0.29
N HIS A 94 -6.13 0.00 1.44
CA HIS A 94 -7.03 -1.10 1.74
C HIS A 94 -6.35 -2.44 1.48
N VAL A 95 -5.03 -2.46 1.60
CA VAL A 95 -4.25 -3.67 1.37
C VAL A 95 -3.93 -4.37 2.69
N LYS A 96 -4.67 -4.02 3.73
CA LYS A 96 -4.45 -4.61 5.05
C LYS A 96 -4.75 -6.12 5.02
N GLU A 97 -5.58 -6.54 4.08
CA GLU A 97 -5.93 -7.94 3.95
C GLU A 97 -4.72 -8.77 3.51
N LEU A 98 -3.79 -8.12 2.83
CA LEU A 98 -2.59 -8.80 2.35
C LEU A 98 -1.59 -9.00 3.49
N LEU A 99 -1.39 -7.95 4.29
CA LEU A 99 -0.47 -8.01 5.41
C LEU A 99 -1.04 -8.84 6.55
N GLU A 100 -2.37 -8.79 6.71
CA GLU A 100 -3.05 -9.53 7.76
C GLU A 100 -3.04 -11.02 7.47
N MET A 101 -3.08 -11.36 6.18
CA MET A 101 -3.08 -12.76 5.76
C MET A 101 -1.68 -13.36 5.88
N GLY A 102 -0.70 -12.50 6.10
CA GLY A 102 0.68 -12.97 6.23
C GLY A 102 0.89 -13.82 7.47
N VAL A 103 0.43 -13.32 8.61
CA VAL A 103 0.57 -14.04 9.87
C VAL A 103 -0.07 -15.42 9.79
N GLU A 104 -0.97 -15.60 8.84
CA GLU A 104 -1.66 -16.87 8.65
C GLU A 104 -0.65 -18.02 8.58
N LYS A 105 0.27 -17.94 7.63
CA LYS A 105 1.29 -18.96 7.45
C LYS A 105 2.69 -18.37 7.60
N GLY A 106 2.76 -17.09 7.93
CA GLY A 106 4.04 -16.43 8.10
C GLY A 106 4.37 -15.50 6.95
N THR A 107 3.64 -15.66 5.85
CA THR A 107 3.86 -14.83 4.66
C THR A 107 2.58 -14.65 3.86
N ALA A 108 2.54 -13.63 3.02
CA ALA A 108 1.37 -13.35 2.20
C ALA A 108 1.76 -12.68 0.90
N GLU A 109 0.91 -12.79 -0.11
CA GLU A 109 1.17 -12.18 -1.41
C GLU A 109 -0.14 -11.86 -2.13
N LEU A 110 -0.22 -10.66 -2.69
CA LEU A 110 -1.40 -10.22 -3.41
C LEU A 110 -1.83 -11.25 -4.44
N ARG A 111 -3.15 -11.38 -4.64
CA ARG A 111 -3.69 -12.34 -5.59
C ARG A 111 -3.79 -11.71 -6.98
N PRO A 112 -3.89 -12.57 -8.01
CA PRO A 112 -3.99 -12.13 -9.40
C PRO A 112 -5.34 -11.48 -9.70
N THR A 113 -5.42 -10.17 -9.43
CA THR A 113 -6.65 -9.43 -9.67
C THR A 113 -6.36 -7.94 -9.88
N LYS A 114 -7.09 -7.33 -10.80
CA LYS A 114 -6.91 -5.90 -11.09
C LYS A 114 -7.86 -5.05 -10.24
N TYR A 115 -7.32 -4.49 -9.16
CA TYR A 115 -8.11 -3.66 -8.27
C TYR A 115 -8.30 -2.25 -8.85
N ASN A 116 -9.10 -1.44 -8.18
CA ASN A 116 -9.37 -0.08 -8.63
C ASN A 116 -8.26 0.87 -8.18
N ILE A 117 -7.47 1.34 -9.13
CA ILE A 117 -6.37 2.26 -8.84
C ILE A 117 -6.49 3.54 -9.65
N VAL A 118 -7.50 3.58 -10.53
CA VAL A 118 -7.72 4.76 -11.37
C VAL A 118 -7.83 6.03 -10.53
N ASP A 119 -8.62 5.95 -9.46
CA ASP A 119 -8.81 7.09 -8.57
C ASP A 119 -9.77 6.75 -7.44
N SER A 120 -9.76 7.55 -6.38
CA SER A 120 -10.63 7.33 -5.23
C SER A 120 -10.24 6.04 -4.51
N ASP A 121 -9.83 6.18 -3.25
CA ASP A 121 -9.44 5.02 -2.45
C ASP A 121 -9.01 5.46 -1.05
N LEU A 122 -7.78 5.95 -0.94
CA LEU A 122 -7.25 6.40 0.34
C LEU A 122 -5.82 6.92 0.19
N SER A 123 -5.51 7.45 -0.99
CA SER A 123 -4.18 7.97 -1.27
C SER A 123 -4.08 8.47 -2.71
N PHE A 124 -5.18 8.99 -3.23
CA PHE A 124 -5.22 9.50 -4.60
C PHE A 124 -4.59 8.49 -5.57
N VAL A 125 -5.09 7.26 -5.53
CA VAL A 125 -4.58 6.21 -6.41
C VAL A 125 -4.51 6.68 -7.86
N GLY A 126 -3.63 6.05 -8.63
CA GLY A 126 -3.50 6.43 -10.03
C GLY A 126 -2.84 5.33 -10.86
N GLU A 127 -1.64 4.92 -10.43
CA GLU A 127 -0.91 3.87 -11.14
C GLU A 127 0.26 3.37 -10.31
N LEU A 128 0.44 2.05 -10.27
CA LEU A 128 1.51 1.44 -9.50
C LEU A 128 1.77 0.01 -9.97
N LEU A 129 2.91 -0.54 -9.57
CA LEU A 129 3.27 -1.90 -9.95
C LEU A 129 2.54 -2.92 -9.08
N ILE A 130 2.23 -4.07 -9.66
CA ILE A 130 1.54 -5.13 -8.94
C ILE A 130 2.50 -6.25 -8.56
N GLY A 131 2.58 -6.55 -7.26
CA GLY A 131 3.46 -7.59 -6.79
C GLY A 131 3.93 -7.38 -5.37
N VAL A 132 3.67 -6.18 -4.85
CA VAL A 132 4.08 -5.84 -3.49
C VAL A 132 3.45 -6.80 -2.48
N SER A 133 4.22 -7.82 -2.09
CA SER A 133 3.74 -8.81 -1.13
C SER A 133 4.22 -8.48 0.28
N TYR A 134 3.67 -9.16 1.27
CA TYR A 134 4.03 -8.94 2.66
C TYR A 134 4.49 -10.25 3.31
N SER A 135 5.44 -10.14 4.24
CA SER A 135 5.97 -11.31 4.93
C SER A 135 6.35 -10.96 6.37
N LEU A 136 6.31 -11.95 7.25
CA LEU A 136 6.65 -11.75 8.65
C LEU A 136 8.15 -11.62 8.83
N LEU A 137 8.62 -10.38 9.02
CA LEU A 137 10.04 -10.12 9.21
C LEU A 137 10.28 -9.31 10.47
N GLN A 138 11.54 -9.02 10.76
CA GLN A 138 11.91 -8.25 11.93
C GLN A 138 13.40 -7.92 11.93
N ASP A 139 13.81 -7.07 11.00
CA ASP A 139 15.21 -6.67 10.89
C ASP A 139 15.34 -5.17 10.64
N ARG A 140 15.07 -4.39 11.68
CA ARG A 140 15.15 -2.94 11.58
C ARG A 140 15.69 -2.32 12.87
N GLY A 141 16.39 -3.14 13.65
CA GLY A 141 16.95 -2.66 14.91
C GLY A 141 15.88 -2.40 15.96
N MET A 142 15.29 -1.22 15.91
CA MET A 142 14.24 -0.85 16.87
C MET A 142 13.15 -1.91 16.91
N ASP A 143 12.31 -1.94 15.88
CA ASP A 143 11.22 -2.90 15.81
C ASP A 143 10.28 -2.76 17.00
N GLY A 144 10.04 -1.51 17.41
CA GLY A 144 9.16 -1.25 18.53
C GLY A 144 7.71 -1.42 18.17
N GLU A 145 6.82 -0.99 19.07
CA GLU A 145 5.38 -1.11 18.85
C GLU A 145 4.67 0.20 19.18
N GLN A 146 3.39 0.28 18.83
CA GLN A 146 2.60 1.48 19.09
C GLN A 146 1.18 1.31 18.59
N PHE A 147 0.24 2.01 19.22
CA PHE A 147 -1.16 1.93 18.84
C PHE A 147 -1.98 3.00 19.56
N GLY A 148 -3.11 3.38 18.97
CA GLY A 148 -3.96 4.39 19.56
C GLY A 148 -5.40 3.96 19.65
N GLY A 149 -6.29 4.72 19.02
CA GLY A 149 -7.70 4.39 19.04
C GLY A 149 -8.57 5.54 18.56
N TRP A 150 -9.88 5.33 18.56
CA TRP A 150 -10.82 6.35 18.13
C TRP A 150 -12.06 6.38 19.03
N LYS A 151 -13.06 7.15 18.61
CA LYS A 151 -14.29 7.27 19.39
C LYS A 151 -15.43 7.77 18.51
N HIS A 152 -16.62 7.91 19.10
CA HIS A 152 -17.79 8.38 18.38
C HIS A 152 -18.71 9.18 19.30
N SER A 153 -19.40 8.49 20.19
CA SER A 153 -20.32 9.15 21.12
C SER A 153 -21.46 9.81 20.37
N ASN A 154 -22.64 9.20 20.43
CA ASN A 154 -23.81 9.74 19.76
C ASN A 154 -25.06 9.56 20.61
N VAL A 155 -26.13 10.27 20.25
CA VAL A 155 -27.39 10.19 20.99
C VAL A 155 -28.58 10.32 20.05
N ASP A 156 -29.33 9.23 19.89
CA ASP A 156 -30.49 9.23 19.03
C ASP A 156 -31.17 7.86 19.04
N HIS A 157 -32.49 7.85 18.85
CA HIS A 157 -33.26 6.61 18.84
C HIS A 157 -34.01 6.45 17.53
N HIS A 158 -35.09 7.22 17.38
CA HIS A 158 -35.91 7.17 16.17
C HIS A 158 -37.06 8.16 16.24
N HIS A 159 -38.07 7.83 17.04
CA HIS A 159 -39.23 8.69 17.21
C HIS A 159 -40.18 8.13 18.26
N HIS A 160 -41.32 8.80 18.44
CA HIS A 160 -42.31 8.36 19.42
C HIS A 160 -43.70 8.27 18.78
N HIS A 161 -43.89 7.28 17.93
CA HIS A 161 -45.17 7.08 17.25
C HIS A 161 -46.22 6.58 18.23
N HIS A 162 -47.38 6.22 17.70
CA HIS A 162 -48.48 5.72 18.53
C HIS A 162 -48.13 4.35 19.13
N MET A 1 -14.43 5.69 10.29
CA MET A 1 -13.80 6.33 11.45
C MET A 1 -13.11 5.28 12.34
N ALA A 2 -11.89 4.93 11.97
CA ALA A 2 -11.12 3.95 12.73
C ALA A 2 -9.66 4.39 12.87
N VAL A 3 -9.08 4.11 14.03
CA VAL A 3 -7.68 4.46 14.29
C VAL A 3 -6.86 3.24 14.67
N GLY A 4 -5.70 3.10 14.05
CA GLY A 4 -4.83 1.96 14.34
C GLY A 4 -3.73 1.80 13.31
N ILE A 5 -2.96 0.73 13.45
CA ILE A 5 -1.86 0.46 12.52
C ILE A 5 -2.32 -0.46 11.39
N LEU A 6 -1.78 -0.21 10.19
CA LEU A 6 -2.13 -1.02 9.02
C LEU A 6 -0.94 -1.84 8.55
N GLU A 7 -1.21 -2.94 7.87
CA GLU A 7 -0.16 -3.82 7.37
C GLU A 7 -0.22 -3.91 5.84
N VAL A 8 0.95 -3.82 5.21
CA VAL A 8 1.04 -3.88 3.76
C VAL A 8 2.02 -4.97 3.32
N SER A 9 1.75 -5.56 2.16
CA SER A 9 2.60 -6.62 1.63
C SER A 9 3.57 -6.06 0.58
N LEU A 10 4.86 -6.28 0.82
CA LEU A 10 5.89 -5.81 -0.10
C LEU A 10 5.99 -6.70 -1.32
N ILE A 11 4.89 -6.80 -2.06
CA ILE A 11 4.86 -7.63 -3.27
C ILE A 11 5.47 -6.90 -4.46
N SER A 12 4.72 -5.94 -5.00
CA SER A 12 5.17 -5.16 -6.14
C SER A 12 4.45 -3.82 -6.22
N GLY A 13 4.86 -2.99 -7.17
CA GLY A 13 4.25 -1.69 -7.33
C GLY A 13 4.94 -0.84 -8.38
N LYS A 14 4.86 0.49 -8.21
CA LYS A 14 5.50 1.41 -9.14
C LYS A 14 5.74 2.76 -8.49
N GLY A 15 6.93 3.31 -8.68
CA GLY A 15 7.27 4.59 -8.10
C GLY A 15 6.66 5.75 -8.87
N LEU A 16 5.34 5.85 -8.83
CA LEU A 16 4.62 6.92 -9.53
C LEU A 16 4.93 8.28 -8.90
N LYS A 17 5.37 8.27 -7.64
CA LYS A 17 5.70 9.50 -6.93
C LYS A 17 7.16 9.47 -6.46
N ARG A 18 7.81 10.62 -6.51
CA ARG A 18 9.20 10.73 -6.08
C ARG A 18 9.34 11.73 -4.94
N SER A 19 10.03 11.32 -3.88
CA SER A 19 10.24 12.19 -2.73
C SER A 19 10.85 13.52 -3.14
N ASP A 20 12.13 13.50 -3.47
CA ASP A 20 12.84 14.70 -3.88
C ASP A 20 14.30 14.39 -4.22
N PHE A 21 14.54 14.01 -5.47
CA PHE A 21 15.90 13.68 -5.91
C PHE A 21 16.46 12.52 -5.10
N LEU A 22 16.22 11.29 -5.57
CA LEU A 22 16.70 10.11 -4.89
C LEU A 22 16.16 10.04 -3.46
N GLY A 23 15.17 9.17 -3.25
CA GLY A 23 14.58 9.02 -1.93
C GLY A 23 15.62 8.77 -0.86
N LYS A 24 16.51 7.81 -1.11
CA LYS A 24 17.56 7.49 -0.16
C LYS A 24 16.97 6.91 1.13
N ILE A 25 17.30 5.66 1.43
CA ILE A 25 16.80 5.01 2.63
C ILE A 25 15.32 4.65 2.48
N ASP A 26 14.49 5.68 2.31
CA ASP A 26 13.05 5.47 2.16
C ASP A 26 12.76 4.39 1.13
N PRO A 27 13.21 4.63 -0.12
CA PRO A 27 13.01 3.69 -1.23
C PRO A 27 13.84 2.42 -1.07
N TYR A 28 14.72 2.42 -0.08
CA TYR A 28 15.58 1.27 0.17
C TYR A 28 14.78 0.12 0.79
N VAL A 29 15.21 -1.11 0.52
CA VAL A 29 14.54 -2.29 1.04
C VAL A 29 15.09 -2.68 2.41
N GLU A 30 14.31 -3.42 3.18
CA GLU A 30 14.73 -3.85 4.51
C GLU A 30 15.67 -5.05 4.41
N ILE A 31 16.96 -4.78 4.32
CA ILE A 31 17.96 -5.84 4.23
C ILE A 31 19.14 -5.57 5.15
N GLN A 32 19.33 -6.46 6.13
CA GLN A 32 20.42 -6.32 7.09
C GLN A 32 20.75 -7.65 7.74
N TYR A 33 21.92 -7.74 8.35
CA TYR A 33 22.36 -8.96 9.01
C TYR A 33 23.09 -8.64 10.31
N LYS A 34 22.86 -7.46 10.84
CA LYS A 34 23.49 -7.02 12.08
C LYS A 34 22.53 -7.16 13.26
N GLY A 35 21.57 -6.24 13.35
CA GLY A 35 20.60 -6.28 14.43
C GLY A 35 19.39 -5.42 14.15
N GLN A 36 19.61 -4.25 13.56
CA GLN A 36 18.52 -3.33 13.24
C GLN A 36 18.17 -3.41 11.75
N THR A 37 16.97 -2.93 11.41
CA THR A 37 16.51 -2.95 10.04
C THR A 37 15.70 -1.70 9.71
N ARG A 38 15.61 -1.37 8.43
CA ARG A 38 14.86 -0.21 7.98
C ARG A 38 13.71 -0.61 7.06
N LYS A 39 12.58 0.05 7.21
CA LYS A 39 11.41 -0.24 6.39
C LYS A 39 11.41 0.62 5.12
N SER A 40 10.88 0.05 4.03
CA SER A 40 10.84 0.76 2.76
C SER A 40 9.52 1.52 2.62
N SER A 41 9.62 2.81 2.32
CA SER A 41 8.44 3.66 2.16
C SER A 41 8.19 3.97 0.69
N VAL A 42 6.92 3.96 0.29
CA VAL A 42 6.55 4.24 -1.09
C VAL A 42 7.21 3.27 -2.05
N ALA A 43 6.71 3.22 -3.29
CA ALA A 43 7.25 2.33 -4.30
C ALA A 43 8.63 2.78 -4.75
N LYS A 44 9.60 1.87 -4.69
CA LYS A 44 10.96 2.18 -5.09
C LYS A 44 11.19 1.83 -6.56
N GLU A 45 10.39 2.43 -7.43
CA GLU A 45 10.50 2.19 -8.86
C GLU A 45 10.27 0.72 -9.19
N ASP A 46 9.05 0.39 -9.60
CA ASP A 46 8.70 -0.98 -9.94
C ASP A 46 8.73 -1.87 -8.71
N GLY A 47 9.93 -2.29 -8.31
CA GLY A 47 10.08 -3.14 -7.15
C GLY A 47 9.69 -4.57 -7.43
N GLY A 48 10.03 -5.05 -8.62
CA GLY A 48 9.71 -6.42 -9.00
C GLY A 48 10.58 -7.43 -8.27
N ARG A 49 11.79 -7.02 -7.91
CA ARG A 49 12.72 -7.90 -7.22
C ARG A 49 12.50 -7.83 -5.70
N ASN A 50 11.45 -7.14 -5.29
CA ASN A 50 11.13 -7.00 -3.88
C ASN A 50 9.89 -7.80 -3.50
N PRO A 51 10.09 -9.10 -3.21
CA PRO A 51 9.00 -10.00 -2.83
C PRO A 51 8.41 -9.67 -1.46
N THR A 52 7.15 -10.04 -1.26
CA THR A 52 6.47 -9.78 0.01
C THR A 52 7.23 -10.40 1.18
N TRP A 53 7.94 -11.49 0.90
CA TRP A 53 8.71 -12.19 1.93
C TRP A 53 9.94 -11.38 2.31
N ASN A 54 10.21 -10.31 1.56
CA ASN A 54 11.37 -9.46 1.83
C ASN A 54 11.18 -8.69 3.13
N ASP A 55 10.01 -8.09 3.29
CA ASP A 55 9.71 -7.31 4.50
C ASP A 55 8.28 -6.79 4.47
N LYS A 56 7.81 -6.30 5.61
CA LYS A 56 6.46 -5.76 5.71
C LYS A 56 6.49 -4.28 6.04
N LEU A 57 5.36 -3.61 5.82
CA LEU A 57 5.25 -2.17 6.09
C LEU A 57 4.11 -1.89 7.07
N LYS A 58 4.39 -1.06 8.07
CA LYS A 58 3.39 -0.69 9.07
C LYS A 58 3.35 0.82 9.28
N TRP A 59 2.14 1.36 9.38
CA TRP A 59 1.96 2.80 9.58
C TRP A 59 0.71 3.08 10.41
N ARG A 60 0.69 4.23 11.06
CA ARG A 60 -0.46 4.62 11.88
C ARG A 60 -1.42 5.50 11.09
N ALA A 61 -2.70 5.10 11.06
CA ALA A 61 -3.72 5.85 10.35
C ALA A 61 -4.88 6.22 11.27
N GLU A 62 -5.31 7.48 11.19
CA GLU A 62 -6.41 7.95 12.03
C GLU A 62 -7.71 8.01 11.22
N PHE A 63 -8.83 8.05 11.93
CA PHE A 63 -10.14 8.11 11.29
C PHE A 63 -10.18 9.19 10.22
N PRO A 64 -10.70 8.84 9.03
CA PRO A 64 -10.80 9.77 7.90
C PRO A 64 -11.84 10.85 8.14
N GLY A 65 -12.89 10.51 8.89
CA GLY A 65 -13.94 11.47 9.18
C GLY A 65 -14.94 11.58 8.05
N SER A 66 -14.91 12.68 7.32
CA SER A 66 -15.83 12.91 6.22
C SER A 66 -17.27 12.69 6.66
N GLY A 67 -18.18 12.65 5.68
CA GLY A 67 -19.58 12.45 5.99
C GLY A 67 -20.49 12.87 4.85
N ALA A 68 -20.05 12.60 3.63
CA ALA A 68 -20.84 12.95 2.45
C ALA A 68 -21.73 11.79 2.02
N ASP A 69 -21.14 10.79 1.38
CA ASP A 69 -21.89 9.63 0.93
C ASP A 69 -20.97 8.63 0.22
N TYR A 70 -21.55 7.55 -0.27
CA TYR A 70 -20.77 6.52 -0.97
C TYR A 70 -21.69 5.60 -1.77
N LYS A 71 -21.56 5.64 -3.09
CA LYS A 71 -22.38 4.81 -3.97
C LYS A 71 -22.00 5.01 -5.42
N LEU A 72 -21.41 3.98 -6.03
CA LEU A 72 -20.99 4.05 -7.43
C LEU A 72 -21.38 2.78 -8.18
N ILE A 73 -20.65 1.70 -7.93
CA ILE A 73 -20.92 0.43 -8.58
C ILE A 73 -20.72 0.52 -10.08
N VAL A 74 -20.04 1.58 -10.52
CA VAL A 74 -19.77 1.79 -11.93
C VAL A 74 -18.27 1.81 -12.21
N LYS A 75 -17.48 1.79 -11.15
CA LYS A 75 -16.03 1.81 -11.29
C LYS A 75 -15.40 0.65 -10.50
N VAL A 76 -16.01 -0.52 -10.61
CA VAL A 76 -15.50 -1.71 -9.92
C VAL A 76 -14.43 -2.42 -10.74
N MET A 77 -14.03 -1.79 -11.84
CA MET A 77 -13.01 -2.35 -12.72
C MET A 77 -12.57 -1.34 -13.77
N ASP A 78 -11.83 -1.81 -14.77
CA ASP A 78 -11.35 -0.94 -15.83
C ASP A 78 -11.53 -1.60 -17.20
N HIS A 79 -11.23 -2.88 -17.28
CA HIS A 79 -11.37 -3.63 -18.53
C HIS A 79 -12.11 -4.94 -18.30
N ASP A 80 -13.16 -5.16 -19.10
CA ASP A 80 -13.94 -6.38 -18.98
C ASP A 80 -14.99 -6.46 -20.10
N THR A 81 -15.35 -7.68 -20.47
CA THR A 81 -16.33 -7.89 -21.54
C THR A 81 -17.75 -7.95 -20.97
N PHE A 82 -18.07 -7.01 -20.10
CA PHE A 82 -19.40 -6.96 -19.49
C PHE A 82 -19.65 -8.21 -18.63
N SER A 83 -18.56 -8.84 -18.20
CA SER A 83 -18.66 -10.04 -17.38
C SER A 83 -17.47 -10.14 -16.42
N SER A 84 -16.32 -10.50 -16.96
CA SER A 84 -15.11 -10.64 -16.14
C SER A 84 -13.92 -11.05 -17.01
N ASP A 85 -12.79 -10.37 -16.81
CA ASP A 85 -11.59 -10.66 -17.57
C ASP A 85 -10.48 -11.18 -16.66
N ASP A 86 -10.12 -10.38 -15.65
CA ASP A 86 -9.08 -10.76 -14.70
C ASP A 86 -8.90 -9.68 -13.64
N PHE A 87 -7.85 -9.82 -12.84
CA PHE A 87 -7.56 -8.86 -11.78
C PHE A 87 -6.31 -8.05 -12.10
N ILE A 88 -6.33 -6.78 -11.73
CA ILE A 88 -5.19 -5.90 -11.99
C ILE A 88 -4.54 -5.46 -10.68
N GLY A 89 -5.24 -4.63 -9.91
CA GLY A 89 -4.72 -4.15 -8.65
C GLY A 89 -5.54 -3.02 -8.07
N GLU A 90 -5.09 -2.47 -6.95
CA GLU A 90 -5.79 -1.37 -6.30
C GLU A 90 -4.86 -0.61 -5.36
N ALA A 91 -4.98 0.71 -5.35
CA ALA A 91 -4.15 1.54 -4.49
C ALA A 91 -4.99 2.20 -3.40
N THR A 92 -4.32 2.89 -2.48
CA THR A 92 -5.00 3.57 -1.38
C THR A 92 -5.84 4.74 -1.89
N VAL A 93 -6.95 4.42 -2.55
CA VAL A 93 -7.83 5.44 -3.10
C VAL A 93 -9.30 5.00 -3.00
N HIS A 94 -10.16 5.93 -2.61
CA HIS A 94 -11.58 5.64 -2.48
C HIS A 94 -11.81 4.34 -1.72
N VAL A 95 -10.87 4.00 -0.85
CA VAL A 95 -10.98 2.77 -0.06
C VAL A 95 -10.93 3.07 1.43
N LYS A 96 -11.29 4.30 1.79
CA LYS A 96 -11.29 4.71 3.19
C LYS A 96 -12.29 3.90 4.00
N GLU A 97 -13.31 3.39 3.32
CA GLU A 97 -14.34 2.59 3.97
C GLU A 97 -13.76 1.31 4.56
N LEU A 98 -12.69 0.81 3.93
CA LEU A 98 -12.04 -0.41 4.40
C LEU A 98 -11.46 -0.22 5.80
N LEU A 99 -10.64 0.81 5.96
CA LEU A 99 -10.02 1.10 7.25
C LEU A 99 -11.06 1.61 8.24
N GLU A 100 -12.09 2.29 7.73
CA GLU A 100 -13.15 2.82 8.58
C GLU A 100 -13.99 1.70 9.18
N MET A 101 -14.14 0.61 8.43
CA MET A 101 -14.91 -0.54 8.89
C MET A 101 -14.13 -1.34 9.92
N GLY A 102 -12.85 -1.02 10.06
CA GLY A 102 -12.02 -1.72 11.02
C GLY A 102 -12.47 -1.51 12.45
N VAL A 103 -12.90 -0.29 12.76
CA VAL A 103 -13.36 0.05 14.10
C VAL A 103 -14.65 -0.69 14.44
N GLU A 104 -15.35 -1.15 13.41
CA GLU A 104 -16.60 -1.87 13.60
C GLU A 104 -16.42 -3.02 14.59
N LYS A 105 -15.50 -3.93 14.28
CA LYS A 105 -15.22 -5.07 15.13
C LYS A 105 -13.77 -5.06 15.61
N GLY A 106 -13.03 -4.02 15.23
CA GLY A 106 -11.64 -3.91 15.62
C GLY A 106 -10.69 -4.21 14.48
N THR A 107 -11.20 -4.85 13.45
CA THR A 107 -10.38 -5.20 12.29
C THR A 107 -11.19 -5.09 11.00
N ALA A 108 -10.48 -4.95 9.88
CA ALA A 108 -11.13 -4.84 8.57
C ALA A 108 -10.27 -5.46 7.49
N GLU A 109 -10.91 -5.85 6.38
CA GLU A 109 -10.20 -6.46 5.27
C GLU A 109 -10.93 -6.19 3.95
N LEU A 110 -10.19 -5.68 2.96
CA LEU A 110 -10.77 -5.39 1.66
C LEU A 110 -11.40 -6.63 1.04
N ARG A 111 -12.42 -6.42 0.22
CA ARG A 111 -13.11 -7.54 -0.43
C ARG A 111 -12.45 -7.87 -1.76
N PRO A 112 -12.65 -9.12 -2.22
CA PRO A 112 -12.08 -9.60 -3.48
C PRO A 112 -12.72 -8.95 -4.70
N THR A 113 -12.08 -7.90 -5.21
CA THR A 113 -12.59 -7.19 -6.37
C THR A 113 -11.47 -6.48 -7.12
N LYS A 114 -11.49 -6.58 -8.45
CA LYS A 114 -10.47 -5.94 -9.27
C LYS A 114 -10.89 -4.52 -9.65
N TYR A 115 -10.52 -3.56 -8.81
CA TYR A 115 -10.85 -2.16 -9.05
C TYR A 115 -10.04 -1.61 -10.20
N ASN A 116 -10.10 -0.29 -10.38
CA ASN A 116 -9.37 0.37 -11.45
C ASN A 116 -8.09 1.02 -10.92
N ILE A 117 -6.96 0.38 -11.20
CA ILE A 117 -5.67 0.89 -10.76
C ILE A 117 -4.80 1.30 -11.94
N VAL A 118 -5.41 1.33 -13.12
CA VAL A 118 -4.68 1.70 -14.34
C VAL A 118 -5.26 2.98 -14.94
N ASP A 119 -6.55 3.23 -14.68
CA ASP A 119 -7.22 4.41 -15.20
C ASP A 119 -6.43 5.68 -14.84
N SER A 120 -6.18 5.87 -13.56
CA SER A 120 -5.45 7.04 -13.09
C SER A 120 -6.22 8.33 -13.40
N ASP A 121 -7.52 8.30 -13.13
CA ASP A 121 -8.37 9.47 -13.38
C ASP A 121 -9.00 9.95 -12.08
N LEU A 122 -9.52 9.02 -11.29
CA LEU A 122 -10.16 9.36 -10.02
C LEU A 122 -9.25 10.23 -9.17
N SER A 123 -8.10 9.69 -8.79
CA SER A 123 -7.14 10.42 -7.97
C SER A 123 -5.73 10.27 -8.52
N PHE A 124 -5.14 9.09 -8.31
CA PHE A 124 -3.79 8.81 -8.78
C PHE A 124 -3.37 7.39 -8.42
N VAL A 125 -3.73 6.44 -9.27
CA VAL A 125 -3.39 5.04 -9.05
C VAL A 125 -2.23 4.60 -9.94
N GLY A 126 -1.82 3.34 -9.80
CA GLY A 126 -0.73 2.82 -10.60
C GLY A 126 -0.59 1.32 -10.48
N GLU A 127 0.16 0.87 -9.47
CA GLU A 127 0.37 -0.55 -9.25
C GLU A 127 0.48 -0.86 -7.76
N LEU A 128 -0.23 -1.91 -7.33
CA LEU A 128 -0.22 -2.31 -5.93
C LEU A 128 -0.68 -3.75 -5.77
N LEU A 129 -0.45 -4.32 -4.59
CA LEU A 129 -0.84 -5.69 -4.32
C LEU A 129 -2.13 -5.74 -3.50
N ILE A 130 -2.94 -6.77 -3.74
CA ILE A 130 -4.19 -6.93 -3.03
C ILE A 130 -4.02 -7.77 -1.77
N GLY A 131 -4.60 -7.32 -0.67
CA GLY A 131 -4.49 -8.04 0.58
C GLY A 131 -4.22 -7.13 1.76
N VAL A 132 -3.73 -5.92 1.48
CA VAL A 132 -3.43 -4.95 2.51
C VAL A 132 -4.68 -4.57 3.30
N SER A 133 -4.89 -5.25 4.41
CA SER A 133 -6.06 -5.00 5.26
C SER A 133 -5.72 -3.99 6.35
N TYR A 134 -6.75 -3.50 7.03
CA TYR A 134 -6.57 -2.53 8.11
C TYR A 134 -7.16 -3.05 9.42
N SER A 135 -6.30 -3.25 10.41
CA SER A 135 -6.73 -3.74 11.71
C SER A 135 -6.18 -2.86 12.83
N LEU A 136 -7.06 -2.45 13.73
CA LEU A 136 -6.68 -1.61 14.86
C LEU A 136 -5.48 -2.20 15.60
N LEU A 137 -4.72 -1.34 16.27
CA LEU A 137 -3.55 -1.79 17.03
C LEU A 137 -3.16 -0.75 18.07
N GLN A 138 -2.69 0.41 17.61
CA GLN A 138 -2.28 1.48 18.51
C GLN A 138 -1.16 1.01 19.44
N ASP A 139 0.08 1.14 18.98
CA ASP A 139 1.24 0.74 19.76
C ASP A 139 2.47 1.57 19.40
N ARG A 140 2.23 2.81 18.94
CA ARG A 140 3.32 3.70 18.56
C ARG A 140 2.83 5.14 18.51
N GLY A 141 3.69 6.03 18.02
CA GLY A 141 3.34 7.44 17.93
C GLY A 141 3.07 7.88 16.51
N MET A 142 3.56 9.06 16.15
CA MET A 142 3.38 9.60 14.82
C MET A 142 4.56 9.24 13.91
N ASP A 143 4.27 8.60 12.78
CA ASP A 143 5.31 8.21 11.85
C ASP A 143 6.26 7.20 12.48
N GLY A 144 6.12 5.93 12.08
CA GLY A 144 6.97 4.89 12.62
C GLY A 144 8.45 5.23 12.51
N GLU A 145 9.27 4.48 13.23
CA GLU A 145 10.71 4.71 13.21
C GLU A 145 11.42 3.65 12.36
N GLN A 146 11.52 2.44 12.90
CA GLN A 146 12.18 1.35 12.19
C GLN A 146 12.15 0.07 13.03
N PHE A 147 12.01 -1.07 12.36
CA PHE A 147 11.97 -2.36 13.04
C PHE A 147 11.82 -3.50 12.04
N GLY A 148 11.90 -4.73 12.53
CA GLY A 148 11.78 -5.89 11.66
C GLY A 148 13.07 -6.67 11.55
N GLY A 149 13.23 -7.40 10.45
CA GLY A 149 14.43 -8.18 10.25
C GLY A 149 14.30 -9.17 9.11
N TRP A 150 15.22 -9.12 8.16
CA TRP A 150 15.19 -10.02 7.01
C TRP A 150 16.53 -10.01 6.29
N LYS A 151 16.64 -10.82 5.25
CA LYS A 151 17.86 -10.92 4.46
C LYS A 151 17.56 -10.96 2.97
N HIS A 152 18.33 -10.21 2.19
CA HIS A 152 18.15 -10.17 0.74
C HIS A 152 19.18 -9.25 0.08
N SER A 153 18.98 -8.97 -1.20
CA SER A 153 19.90 -8.12 -1.94
C SER A 153 19.28 -7.67 -3.27
N ASN A 154 18.86 -6.41 -3.32
CA ASN A 154 18.24 -5.86 -4.52
C ASN A 154 18.07 -4.35 -4.41
N VAL A 155 18.36 -3.64 -5.49
CA VAL A 155 18.25 -2.19 -5.52
C VAL A 155 17.79 -1.69 -6.89
N ASP A 156 17.06 -0.59 -6.90
CA ASP A 156 16.57 -0.01 -8.15
C ASP A 156 16.10 1.43 -7.92
N HIS A 157 16.55 2.33 -8.79
CA HIS A 157 16.16 3.74 -8.69
C HIS A 157 16.80 4.55 -9.82
N HIS A 158 15.99 4.90 -10.82
CA HIS A 158 16.47 5.68 -11.95
C HIS A 158 15.60 6.90 -12.18
N HIS A 159 14.28 6.71 -12.12
CA HIS A 159 13.34 7.79 -12.32
C HIS A 159 13.49 8.40 -13.72
N HIS A 160 12.61 8.00 -14.63
CA HIS A 160 12.65 8.49 -15.99
C HIS A 160 12.59 10.02 -16.02
N HIS A 161 11.97 10.60 -14.99
CA HIS A 161 11.84 12.04 -14.89
C HIS A 161 11.00 12.60 -16.04
N HIS A 162 10.51 13.82 -15.88
CA HIS A 162 9.70 14.46 -16.91
C HIS A 162 10.56 15.17 -17.94
N MET A 1 -7.14 -3.01 11.77
CA MET A 1 -7.00 -3.18 13.20
C MET A 1 -5.77 -4.04 13.51
N ALA A 2 -4.62 -3.62 13.01
CA ALA A 2 -3.37 -4.35 13.25
C ALA A 2 -2.18 -3.41 13.19
N VAL A 3 -1.23 -3.61 14.10
CA VAL A 3 -0.03 -2.78 14.16
C VAL A 3 1.22 -3.61 13.86
N GLY A 4 1.88 -3.31 12.75
CA GLY A 4 3.09 -4.03 12.39
C GLY A 4 3.83 -3.37 11.23
N ILE A 5 4.95 -3.96 10.84
CA ILE A 5 5.75 -3.43 9.74
C ILE A 5 5.20 -3.88 8.39
N LEU A 6 5.26 -2.98 7.41
CA LEU A 6 4.77 -3.29 6.07
C LEU A 6 5.93 -3.52 5.10
N GLU A 7 5.66 -4.24 4.01
CA GLU A 7 6.67 -4.53 3.02
C GLU A 7 6.17 -4.20 1.61
N VAL A 8 6.98 -3.48 0.85
CA VAL A 8 6.62 -3.11 -0.52
C VAL A 8 7.71 -3.51 -1.51
N SER A 9 7.30 -3.78 -2.74
CA SER A 9 8.24 -4.18 -3.79
C SER A 9 8.60 -2.99 -4.67
N LEU A 10 9.90 -2.84 -4.95
CA LEU A 10 10.39 -1.75 -5.78
C LEU A 10 10.40 -2.15 -7.25
N ILE A 11 9.23 -2.49 -7.79
CA ILE A 11 9.11 -2.89 -9.18
C ILE A 11 9.03 -1.67 -10.09
N SER A 12 7.91 -0.95 -10.01
CA SER A 12 7.70 0.23 -10.84
C SER A 12 6.87 1.27 -10.09
N GLY A 13 6.69 2.42 -10.72
CA GLY A 13 5.90 3.49 -10.10
C GLY A 13 6.07 4.81 -10.81
N LYS A 14 4.96 5.48 -11.10
CA LYS A 14 4.99 6.76 -11.78
C LYS A 14 4.59 7.89 -10.83
N GLY A 15 5.38 8.96 -10.84
CA GLY A 15 5.10 10.09 -9.97
C GLY A 15 3.76 10.73 -10.27
N LEU A 16 2.73 10.33 -9.54
CA LEU A 16 1.39 10.87 -9.73
C LEU A 16 1.31 12.32 -9.25
N LYS A 17 2.24 12.70 -8.37
CA LYS A 17 2.27 14.06 -7.84
C LYS A 17 3.63 14.69 -8.09
N ARG A 18 3.66 16.03 -8.12
CA ARG A 18 4.90 16.76 -8.35
C ARG A 18 5.29 17.57 -7.11
N SER A 19 6.53 18.04 -7.09
CA SER A 19 7.03 18.82 -5.97
C SER A 19 7.73 20.08 -6.45
N ASP A 20 8.95 19.91 -6.97
CA ASP A 20 9.73 21.03 -7.48
C ASP A 20 11.06 20.55 -8.03
N PHE A 21 11.38 20.96 -9.26
CA PHE A 21 12.63 20.57 -9.91
C PHE A 21 12.68 19.06 -10.12
N LEU A 22 12.62 18.65 -11.38
CA LEU A 22 12.65 17.23 -11.72
C LEU A 22 13.99 16.86 -12.35
N GLY A 23 14.89 16.31 -11.54
CA GLY A 23 16.20 15.92 -12.04
C GLY A 23 17.10 15.40 -10.94
N LYS A 24 17.59 16.30 -10.10
CA LYS A 24 18.47 15.93 -9.00
C LYS A 24 17.67 15.62 -7.74
N ILE A 25 16.62 16.39 -7.50
CA ILE A 25 15.78 16.19 -6.33
C ILE A 25 14.46 15.51 -6.71
N ASP A 26 14.49 14.17 -6.74
CA ASP A 26 13.31 13.40 -7.09
C ASP A 26 13.62 11.91 -7.06
N PRO A 27 14.56 11.48 -7.92
CA PRO A 27 14.97 10.08 -8.01
C PRO A 27 15.73 9.61 -6.77
N TYR A 28 15.00 9.11 -5.79
CA TYR A 28 15.61 8.63 -4.56
C TYR A 28 15.49 7.10 -4.45
N VAL A 29 16.62 6.46 -4.17
CA VAL A 29 16.66 5.01 -4.05
C VAL A 29 17.37 4.58 -2.77
N GLU A 30 17.08 3.37 -2.30
CA GLU A 30 17.69 2.85 -1.09
C GLU A 30 19.08 2.31 -1.37
N ILE A 31 20.08 3.18 -1.26
CA ILE A 31 21.47 2.79 -1.50
C ILE A 31 22.39 3.36 -0.44
N GLN A 32 23.01 2.48 0.34
CA GLN A 32 23.92 2.89 1.40
C GLN A 32 24.88 1.76 1.77
N TYR A 33 26.13 2.12 2.03
CA TYR A 33 27.15 1.13 2.39
C TYR A 33 27.12 0.85 3.89
N LYS A 34 26.57 1.79 4.65
CA LYS A 34 26.48 1.65 6.10
C LYS A 34 25.64 0.45 6.47
N GLY A 35 25.30 0.34 7.75
CA GLY A 35 24.49 -0.77 8.23
C GLY A 35 23.01 -0.53 8.00
N GLN A 36 22.61 0.73 8.01
CA GLN A 36 21.21 1.09 7.82
C GLN A 36 20.97 1.63 6.41
N THR A 37 19.70 1.70 6.01
CA THR A 37 19.34 2.19 4.69
C THR A 37 18.06 3.00 4.73
N ARG A 38 17.87 3.86 3.74
CA ARG A 38 16.68 4.70 3.67
C ARG A 38 15.68 4.15 2.65
N LYS A 39 14.45 4.61 2.74
CA LYS A 39 13.40 4.17 1.82
C LYS A 39 13.33 5.07 0.59
N SER A 40 13.19 4.46 -0.58
CA SER A 40 13.12 5.21 -1.83
C SER A 40 11.93 6.16 -1.82
N SER A 41 12.19 7.44 -2.03
CA SER A 41 11.14 8.46 -2.05
C SER A 41 10.12 8.16 -3.13
N VAL A 42 9.20 9.11 -3.35
CA VAL A 42 8.18 8.96 -4.37
C VAL A 42 8.78 8.57 -5.71
N ALA A 43 7.94 8.10 -6.62
CA ALA A 43 8.39 7.70 -7.95
C ALA A 43 8.41 8.88 -8.90
N LYS A 44 9.20 8.77 -9.96
CA LYS A 44 9.32 9.83 -10.96
C LYS A 44 9.77 9.27 -12.30
N GLU A 45 9.19 9.80 -13.37
CA GLU A 45 9.54 9.35 -14.72
C GLU A 45 9.29 7.85 -14.89
N ASP A 46 8.44 7.31 -14.01
CA ASP A 46 8.12 5.89 -14.06
C ASP A 46 9.28 5.05 -13.54
N GLY A 47 10.38 5.06 -14.28
CA GLY A 47 11.55 4.30 -13.89
C GLY A 47 11.21 2.85 -13.58
N GLY A 48 10.16 2.34 -14.21
CA GLY A 48 9.76 0.96 -13.99
C GLY A 48 10.71 -0.03 -14.63
N ARG A 49 11.58 0.46 -15.49
CA ARG A 49 12.55 -0.40 -16.17
C ARG A 49 13.49 -1.06 -15.17
N ASN A 50 13.54 -0.51 -13.96
CA ASN A 50 14.40 -1.04 -12.92
C ASN A 50 13.83 -2.32 -12.34
N PRO A 51 14.72 -3.17 -11.79
CA PRO A 51 14.32 -4.45 -11.21
C PRO A 51 13.54 -4.29 -9.91
N THR A 52 13.16 -5.40 -9.30
CA THR A 52 12.41 -5.37 -8.05
C THR A 52 13.28 -5.78 -6.86
N TRP A 53 14.31 -6.58 -7.15
CA TRP A 53 15.23 -7.04 -6.12
C TRP A 53 16.17 -5.93 -5.68
N ASN A 54 16.11 -4.80 -6.38
CA ASN A 54 16.97 -3.66 -6.06
C ASN A 54 16.88 -3.31 -4.58
N ASP A 55 15.65 -3.24 -4.07
CA ASP A 55 15.43 -2.91 -2.67
C ASP A 55 13.95 -3.00 -2.32
N LYS A 56 13.66 -3.03 -1.03
CA LYS A 56 12.28 -3.12 -0.56
C LYS A 56 11.96 -1.97 0.41
N LEU A 57 10.74 -1.45 0.32
CA LEU A 57 10.32 -0.36 1.19
C LEU A 57 9.47 -0.88 2.34
N LYS A 58 9.85 -0.49 3.56
CA LYS A 58 9.12 -0.92 4.76
C LYS A 58 8.88 0.26 5.69
N TRP A 59 7.79 0.20 6.45
CA TRP A 59 7.46 1.25 7.40
C TRP A 59 6.50 0.74 8.47
N ARG A 60 6.46 1.43 9.61
CA ARG A 60 5.59 1.05 10.71
C ARG A 60 4.21 1.65 10.53
N ALA A 61 3.18 0.83 10.78
CA ALA A 61 1.81 1.29 10.66
C ALA A 61 0.93 0.72 11.78
N GLU A 62 0.14 1.59 12.41
CA GLU A 62 -0.73 1.16 13.49
C GLU A 62 -2.17 1.02 13.00
N PHE A 63 -2.98 0.31 13.79
CA PHE A 63 -4.38 0.09 13.44
C PHE A 63 -5.06 1.40 13.06
N PRO A 64 -6.10 1.31 12.21
CA PRO A 64 -6.85 2.47 11.74
C PRO A 64 -7.69 3.10 12.86
N GLY A 65 -7.92 2.33 13.91
CA GLY A 65 -8.72 2.82 15.02
C GLY A 65 -10.17 2.40 14.94
N SER A 66 -10.42 1.28 14.26
CA SER A 66 -11.78 0.78 14.11
C SER A 66 -12.64 1.76 13.30
N GLY A 67 -13.72 1.25 12.73
CA GLY A 67 -14.60 2.09 11.95
C GLY A 67 -14.77 1.59 10.52
N ALA A 68 -14.63 0.28 10.34
CA ALA A 68 -14.77 -0.33 9.02
C ALA A 68 -16.17 -0.12 8.47
N ASP A 69 -16.37 -0.52 7.21
CA ASP A 69 -17.67 -0.39 6.57
C ASP A 69 -17.66 -1.02 5.18
N TYR A 70 -18.84 -1.18 4.59
CA TYR A 70 -18.96 -1.78 3.27
C TYR A 70 -18.12 -1.03 2.25
N LYS A 71 -17.66 -1.74 1.23
CA LYS A 71 -16.85 -1.14 0.18
C LYS A 71 -16.50 -2.17 -0.90
N LEU A 72 -17.15 -2.06 -2.04
CA LEU A 72 -16.91 -2.98 -3.16
C LEU A 72 -16.20 -2.27 -4.30
N ILE A 73 -15.31 -1.35 -3.97
CA ILE A 73 -14.56 -0.60 -4.97
C ILE A 73 -15.49 0.32 -5.78
N VAL A 74 -16.73 0.45 -5.31
CA VAL A 74 -17.71 1.30 -5.98
C VAL A 74 -17.79 0.97 -7.48
N LYS A 75 -17.45 -0.27 -7.82
CA LYS A 75 -17.49 -0.71 -9.21
C LYS A 75 -16.65 0.21 -10.10
N VAL A 76 -15.69 0.89 -9.49
CA VAL A 76 -14.83 1.81 -10.22
C VAL A 76 -13.78 1.04 -11.03
N MET A 77 -13.65 -0.25 -10.75
CA MET A 77 -12.68 -1.09 -11.45
C MET A 77 -12.99 -1.13 -12.93
N ASP A 78 -12.31 -2.04 -13.65
CA ASP A 78 -12.52 -2.19 -15.09
C ASP A 78 -13.54 -3.27 -15.37
N HIS A 79 -14.36 -3.06 -16.41
CA HIS A 79 -15.38 -4.02 -16.79
C HIS A 79 -14.77 -5.39 -17.06
N ASP A 80 -15.01 -6.32 -16.15
CA ASP A 80 -14.47 -7.68 -16.29
C ASP A 80 -14.96 -8.58 -15.16
N THR A 81 -16.23 -8.42 -14.79
CA THR A 81 -16.82 -9.21 -13.72
C THR A 81 -16.84 -10.70 -14.07
N PHE A 82 -17.16 -11.53 -13.09
CA PHE A 82 -17.21 -12.97 -13.30
C PHE A 82 -15.86 -13.51 -13.76
N SER A 83 -14.80 -12.75 -13.47
CA SER A 83 -13.45 -13.14 -13.86
C SER A 83 -12.45 -12.75 -12.79
N SER A 84 -12.24 -11.44 -12.63
CA SER A 84 -11.31 -10.94 -11.63
C SER A 84 -9.92 -11.55 -11.83
N ASP A 85 -9.41 -11.46 -13.05
CA ASP A 85 -8.09 -12.01 -13.38
C ASP A 85 -7.13 -10.90 -13.76
N ASP A 86 -7.65 -9.84 -14.36
CA ASP A 86 -6.84 -8.71 -14.77
C ASP A 86 -6.73 -7.67 -13.66
N PHE A 87 -5.57 -7.59 -13.04
CA PHE A 87 -5.34 -6.64 -11.96
C PHE A 87 -4.44 -5.49 -12.42
N ILE A 88 -4.69 -4.30 -11.88
CA ILE A 88 -3.91 -3.13 -12.24
C ILE A 88 -2.89 -2.79 -11.15
N GLY A 89 -3.38 -2.39 -9.99
CA GLY A 89 -2.51 -2.05 -8.89
C GLY A 89 -3.23 -1.35 -7.76
N GLU A 90 -2.47 -0.81 -6.80
CA GLU A 90 -3.05 -0.11 -5.66
C GLU A 90 -2.20 1.08 -5.26
N ALA A 91 -2.86 2.19 -4.95
CA ALA A 91 -2.16 3.41 -4.56
C ALA A 91 -2.52 3.80 -3.13
N THR A 92 -1.87 4.85 -2.63
CA THR A 92 -2.11 5.32 -1.27
C THR A 92 -3.57 5.71 -1.07
N VAL A 93 -4.40 4.72 -0.77
CA VAL A 93 -5.82 4.95 -0.55
C VAL A 93 -6.39 4.00 0.49
N HIS A 94 -7.49 4.40 1.13
CA HIS A 94 -8.12 3.58 2.15
C HIS A 94 -8.00 2.09 1.81
N VAL A 95 -7.15 1.39 2.55
CA VAL A 95 -6.94 -0.03 2.33
C VAL A 95 -6.65 -0.76 3.64
N LYS A 96 -7.14 -0.20 4.74
CA LYS A 96 -6.93 -0.79 6.06
C LYS A 96 -7.47 -2.23 6.11
N GLU A 97 -8.37 -2.54 5.18
CA GLU A 97 -8.95 -3.88 5.12
C GLU A 97 -7.87 -4.94 4.99
N LEU A 98 -6.73 -4.55 4.46
CA LEU A 98 -5.60 -5.46 4.27
C LEU A 98 -4.82 -5.63 5.57
N LEU A 99 -4.39 -4.52 6.15
CA LEU A 99 -3.64 -4.55 7.40
C LEU A 99 -4.50 -5.06 8.55
N GLU A 100 -5.80 -4.77 8.47
CA GLU A 100 -6.73 -5.21 9.51
C GLU A 100 -6.89 -6.72 9.50
N MET A 101 -6.77 -7.32 8.32
CA MET A 101 -6.90 -8.77 8.17
C MET A 101 -5.61 -9.47 8.61
N GLY A 102 -4.56 -8.69 8.81
CA GLY A 102 -3.29 -9.26 9.23
C GLY A 102 -3.33 -9.79 10.65
N VAL A 103 -3.76 -8.95 11.59
CA VAL A 103 -3.85 -9.34 12.98
C VAL A 103 -4.67 -10.62 13.15
N GLU A 104 -5.52 -10.89 12.17
CA GLU A 104 -6.37 -12.09 12.21
C GLU A 104 -5.53 -13.33 12.50
N LYS A 105 -4.54 -13.60 11.66
CA LYS A 105 -3.67 -14.75 11.82
C LYS A 105 -2.22 -14.32 12.05
N GLY A 106 -2.01 -13.01 12.11
CA GLY A 106 -0.66 -12.50 12.32
C GLY A 106 -0.09 -11.86 11.07
N THR A 107 -0.63 -12.24 9.92
CA THR A 107 -0.15 -11.71 8.65
C THR A 107 -1.30 -11.55 7.66
N ALA A 108 -1.17 -10.59 6.75
CA ALA A 108 -2.19 -10.33 5.75
C ALA A 108 -1.59 -10.30 4.34
N GLU A 109 -2.42 -10.52 3.34
CA GLU A 109 -1.97 -10.52 1.95
C GLU A 109 -3.12 -10.15 1.01
N LEU A 110 -2.95 -9.05 0.29
CA LEU A 110 -3.97 -8.59 -0.65
C LEU A 110 -4.44 -9.73 -1.55
N ARG A 111 -5.75 -9.93 -1.61
CA ARG A 111 -6.33 -10.99 -2.43
C ARG A 111 -6.28 -10.61 -3.91
N PRO A 112 -6.34 -11.63 -4.78
CA PRO A 112 -6.32 -11.43 -6.23
C PRO A 112 -7.59 -10.77 -6.75
N THR A 113 -7.56 -9.45 -6.90
CA THR A 113 -8.71 -8.71 -7.39
C THR A 113 -8.28 -7.39 -8.03
N LYS A 114 -9.02 -6.96 -9.04
CA LYS A 114 -8.72 -5.71 -9.73
C LYS A 114 -8.96 -4.51 -8.82
N TYR A 115 -7.92 -4.13 -8.07
CA TYR A 115 -8.01 -3.00 -7.16
C TYR A 115 -8.38 -1.72 -7.91
N ASN A 116 -8.37 -0.60 -7.20
CA ASN A 116 -8.71 0.69 -7.80
C ASN A 116 -7.48 1.60 -7.86
N ILE A 117 -6.86 1.66 -9.03
CA ILE A 117 -5.68 2.49 -9.22
C ILE A 117 -5.62 3.05 -10.65
N VAL A 118 -4.85 4.12 -10.83
CA VAL A 118 -4.70 4.74 -12.13
C VAL A 118 -6.01 5.38 -12.59
N ASP A 119 -6.46 6.39 -11.86
CA ASP A 119 -7.69 7.09 -12.19
C ASP A 119 -8.02 8.15 -11.13
N SER A 120 -8.33 7.70 -9.93
CA SER A 120 -8.67 8.61 -8.83
C SER A 120 -9.03 7.82 -7.58
N ASP A 121 -10.28 7.37 -7.51
CA ASP A 121 -10.76 6.62 -6.36
C ASP A 121 -10.85 7.51 -5.12
N LEU A 122 -9.70 7.86 -4.57
CA LEU A 122 -9.64 8.71 -3.39
C LEU A 122 -9.60 10.19 -3.77
N SER A 123 -8.91 10.48 -4.87
CA SER A 123 -8.78 11.86 -5.33
C SER A 123 -7.95 11.92 -6.61
N PHE A 124 -6.90 11.12 -6.65
CA PHE A 124 -6.01 11.08 -7.82
C PHE A 124 -4.87 10.08 -7.60
N VAL A 125 -5.23 8.81 -7.51
CA VAL A 125 -4.23 7.75 -7.31
C VAL A 125 -3.15 7.80 -8.39
N GLY A 126 -2.19 6.88 -8.29
CA GLY A 126 -1.12 6.84 -9.25
C GLY A 126 -0.86 5.44 -9.77
N GLU A 127 0.41 5.04 -9.77
CA GLU A 127 0.80 3.71 -10.24
C GLU A 127 1.68 3.00 -9.21
N LEU A 128 1.36 1.73 -8.95
CA LEU A 128 2.13 0.95 -8.00
C LEU A 128 2.13 -0.53 -8.39
N LEU A 129 3.01 -1.30 -7.76
CA LEU A 129 3.12 -2.73 -8.04
C LEU A 129 2.21 -3.53 -7.10
N ILE A 130 1.71 -4.66 -7.61
CA ILE A 130 0.84 -5.52 -6.83
C ILE A 130 1.64 -6.58 -6.06
N GLY A 131 1.28 -6.78 -4.80
CA GLY A 131 1.98 -7.76 -3.99
C GLY A 131 2.33 -7.22 -2.61
N VAL A 132 2.24 -5.91 -2.45
CA VAL A 132 2.56 -5.27 -1.17
C VAL A 132 1.64 -5.78 -0.07
N SER A 133 2.11 -6.77 0.68
CA SER A 133 1.33 -7.34 1.77
C SER A 133 1.77 -6.77 3.11
N TYR A 134 0.96 -7.00 4.14
CA TYR A 134 1.27 -6.50 5.48
C TYR A 134 1.36 -7.65 6.47
N SER A 135 2.27 -7.51 7.44
CA SER A 135 2.46 -8.53 8.46
C SER A 135 2.74 -7.91 9.82
N LEU A 136 2.43 -8.64 10.87
CA LEU A 136 2.65 -8.15 12.24
C LEU A 136 4.11 -8.28 12.63
N LEU A 137 4.81 -7.15 12.66
CA LEU A 137 6.23 -7.13 13.02
C LEU A 137 6.49 -6.15 14.15
N GLN A 138 6.03 -4.91 13.97
CA GLN A 138 6.21 -3.88 14.99
C GLN A 138 7.65 -3.38 15.01
N ASP A 139 8.58 -4.28 15.26
CA ASP A 139 10.00 -3.94 15.30
C ASP A 139 10.24 -2.75 16.23
N ARG A 140 9.68 -2.82 17.43
CA ARG A 140 9.84 -1.76 18.41
C ARG A 140 11.30 -1.38 18.59
N GLY A 141 11.57 -0.09 18.78
CA GLY A 141 12.93 0.38 18.95
C GLY A 141 13.09 1.83 18.58
N MET A 142 12.35 2.28 17.57
CA MET A 142 12.40 3.67 17.11
C MET A 142 11.36 3.93 16.04
N ASP A 143 10.46 4.86 16.32
CA ASP A 143 9.41 5.21 15.38
C ASP A 143 8.50 6.31 15.95
N GLY A 144 7.46 6.65 15.20
CA GLY A 144 6.53 7.68 15.66
C GLY A 144 5.54 8.08 14.58
N GLU A 145 4.72 9.09 14.88
CA GLU A 145 3.73 9.56 13.92
C GLU A 145 2.72 8.47 13.61
N GLN A 146 1.57 8.88 13.07
CA GLN A 146 0.51 7.93 12.72
C GLN A 146 -0.09 7.29 13.97
N PHE A 147 -1.41 7.15 13.98
CA PHE A 147 -2.10 6.56 15.12
C PHE A 147 -3.56 6.26 14.77
N GLY A 148 -4.19 7.18 14.06
CA GLY A 148 -5.57 6.98 13.66
C GLY A 148 -6.29 8.29 13.40
N GLY A 149 -7.54 8.21 12.95
CA GLY A 149 -8.31 9.40 12.66
C GLY A 149 -9.49 9.56 13.59
N TRP A 150 -10.67 9.82 13.02
CA TRP A 150 -11.88 10.00 13.80
C TRP A 150 -12.97 9.02 13.36
N LYS A 151 -12.62 8.16 12.40
CA LYS A 151 -13.56 7.17 11.88
C LYS A 151 -14.10 6.30 13.02
N HIS A 152 -15.36 5.87 12.88
CA HIS A 152 -15.98 5.03 13.89
C HIS A 152 -17.25 4.39 13.35
N SER A 153 -17.49 3.13 13.70
CA SER A 153 -18.66 2.41 13.25
C SER A 153 -18.77 1.05 13.94
N ASN A 154 -19.77 0.27 13.54
CA ASN A 154 -19.99 -1.05 14.11
C ASN A 154 -20.64 -1.99 13.11
N VAL A 155 -19.82 -2.66 12.31
CA VAL A 155 -20.32 -3.59 11.30
C VAL A 155 -20.04 -5.03 11.69
N ASP A 156 -20.55 -5.96 10.90
CA ASP A 156 -20.35 -7.38 11.16
C ASP A 156 -19.10 -7.90 10.44
N HIS A 157 -18.72 -9.14 10.75
CA HIS A 157 -17.54 -9.75 10.14
C HIS A 157 -17.69 -11.26 10.07
N HIS A 158 -18.23 -11.76 8.97
CA HIS A 158 -18.43 -13.20 8.78
C HIS A 158 -17.75 -13.68 7.50
N HIS A 159 -17.83 -12.86 6.46
CA HIS A 159 -17.22 -13.22 5.18
C HIS A 159 -17.83 -14.49 4.61
N HIS A 160 -17.44 -14.83 3.39
CA HIS A 160 -17.95 -16.05 2.74
C HIS A 160 -16.88 -17.13 2.71
N HIS A 161 -16.25 -17.37 3.85
CA HIS A 161 -15.21 -18.38 3.95
C HIS A 161 -14.02 -18.04 3.05
N HIS A 162 -13.10 -18.99 2.91
CA HIS A 162 -11.92 -18.79 2.09
C HIS A 162 -11.43 -20.11 1.52
#